data_4U39
#
_entry.id   4U39
#
_cell.length_a   167.360
_cell.length_b   167.360
_cell.length_c   528.640
_cell.angle_alpha   90.00
_cell.angle_beta   90.00
_cell.angle_gamma   120.00
#
_symmetry.space_group_name_H-M   'P 65 2 2'
#
loop_
_entity.id
_entity.type
_entity.pdbx_description
1 polymer 'Cell division protein FtsZ'
2 polymer 'Cell division factor'
3 non-polymer 'PHOSPHATE ION'
#
loop_
_entity_poly.entity_id
_entity_poly.type
_entity_poly.pdbx_seq_one_letter_code
_entity_poly.pdbx_strand_id
1 'polypeptide(L)'
;MASIKVIGVGGGGNNAVNRMIENEVQGVEYIAVNTDAQALNLSKAEVKMQIGAKLTRGLGAGANPEVGKKAAEESKEQIE
EALKGADMVFVTAGMGGGTGTGAAPVIAQIAKDLGALTVGVVTRPFTFEGRKRQLQAAGGISAMKEAVDTLIVIPNDRIL
EIVDKNTPMLEAFREADNVLRQGVQGISDLIATPGLINLDFADVKTIMSNKGSALMGIGIATGENRAAEAAKKAISSPLL
EAAIDGAQGVLMNITGGTNLSLYEVQEAADIVASASDQDVNMIFGSVINENLKDEIVVTVIATGF
;
A,B,C,D,E,F,G,H,I
2 'polypeptide(L)' MGSSHHHHHHSSGLVPRGSHMKVHRMPKGVVLVGKAWEIRAKLKEYGRTFQYVKDWISKP J,K,L,M,N,O,P,Q,R
#
loop_
_chem_comp.id
_chem_comp.type
_chem_comp.name
_chem_comp.formula
PO4 non-polymer 'PHOSPHATE ION' 'O4 P -3'
#
# COMPACT_ATOMS: atom_id res chain seq x y z
N SER A 3 -43.89 23.46 -14.79
CA SER A 3 -43.26 23.72 -16.09
C SER A 3 -42.66 22.50 -16.76
N ILE A 4 -43.48 21.73 -17.45
CA ILE A 4 -42.95 20.54 -18.10
C ILE A 4 -43.14 20.69 -19.60
N LYS A 5 -42.03 20.60 -20.32
CA LYS A 5 -42.04 20.80 -21.77
C LYS A 5 -41.88 19.46 -22.50
N VAL A 6 -42.71 19.26 -23.52
CA VAL A 6 -42.64 18.08 -24.36
C VAL A 6 -41.99 18.53 -25.66
N ILE A 7 -40.82 18.02 -26.02
CA ILE A 7 -40.22 18.48 -27.27
C ILE A 7 -40.25 17.40 -28.34
N GLY A 8 -40.95 17.67 -29.44
CA GLY A 8 -40.96 16.73 -30.53
C GLY A 8 -39.79 17.07 -31.43
N VAL A 9 -38.86 16.14 -31.52
CA VAL A 9 -37.68 16.37 -32.32
C VAL A 9 -37.72 15.52 -33.56
N GLY A 10 -37.61 16.23 -34.68
CA GLY A 10 -37.61 15.60 -35.98
C GLY A 10 -39.03 15.16 -36.28
N GLY A 11 -39.17 14.36 -37.33
CA GLY A 11 -40.47 13.92 -37.79
C GLY A 11 -41.19 13.01 -36.82
N GLY A 12 -40.47 12.10 -36.18
CA GLY A 12 -41.11 11.16 -35.29
C GLY A 12 -41.82 11.87 -34.14
N GLY A 13 -41.09 12.80 -33.53
CA GLY A 13 -41.60 13.63 -32.46
C GLY A 13 -42.65 14.65 -32.90
N ASN A 14 -42.48 15.17 -34.12
CA ASN A 14 -43.37 16.15 -34.69
C ASN A 14 -44.77 15.63 -34.65
N ASN A 15 -44.91 14.35 -35.05
CA ASN A 15 -46.20 13.68 -35.05
C ASN A 15 -46.72 13.41 -33.67
N ALA A 16 -45.83 12.98 -32.79
CA ALA A 16 -46.26 12.67 -31.45
C ALA A 16 -46.81 13.95 -30.86
N VAL A 17 -46.03 15.01 -30.94
CA VAL A 17 -46.46 16.25 -30.36
C VAL A 17 -47.75 16.67 -31.02
N ASN A 18 -47.88 16.50 -32.34
CA ASN A 18 -49.18 16.77 -32.94
C ASN A 18 -50.28 15.96 -32.30
N ARG A 19 -50.02 14.67 -32.16
CA ARG A 19 -51.00 13.75 -31.61
C ARG A 19 -51.36 14.12 -30.20
N MET A 20 -50.37 14.60 -29.46
CA MET A 20 -50.60 14.97 -28.09
C MET A 20 -51.53 16.14 -28.07
N ILE A 21 -51.20 17.12 -28.88
CA ILE A 21 -52.00 18.32 -29.02
C ILE A 21 -53.38 17.95 -29.50
N GLU A 22 -53.43 17.04 -30.47
CA GLU A 22 -54.70 16.58 -30.97
C GLU A 22 -55.51 15.94 -29.86
N ASN A 23 -54.82 15.31 -28.92
CA ASN A 23 -55.53 14.67 -27.82
C ASN A 23 -55.70 15.59 -26.64
N GLU A 24 -55.43 16.87 -26.86
CA GLU A 24 -55.59 17.92 -25.86
C GLU A 24 -54.92 17.54 -24.55
N VAL A 25 -53.74 16.94 -24.66
CA VAL A 25 -52.95 16.64 -23.49
C VAL A 25 -52.59 17.93 -22.80
N GLN A 26 -53.02 18.09 -21.57
CA GLN A 26 -52.83 19.39 -20.92
C GLN A 26 -51.56 19.43 -20.07
N GLY A 27 -51.24 20.66 -19.68
CA GLY A 27 -50.22 20.94 -18.69
C GLY A 27 -48.80 20.95 -19.19
N VAL A 28 -48.62 20.78 -20.49
CA VAL A 28 -47.26 20.81 -21.01
C VAL A 28 -47.10 21.92 -22.05
N GLU A 29 -45.88 22.46 -22.16
CA GLU A 29 -45.61 23.37 -23.26
C GLU A 29 -44.98 22.53 -24.35
N TYR A 30 -45.52 22.60 -25.56
CA TYR A 30 -44.97 21.83 -26.64
C TYR A 30 -43.93 22.62 -27.47
N ILE A 31 -42.87 21.94 -27.86
CA ILE A 31 -41.90 22.55 -28.74
C ILE A 31 -41.67 21.55 -29.84
N ALA A 32 -41.90 21.95 -31.08
CA ALA A 32 -41.62 21.05 -32.20
C ALA A 32 -40.31 21.50 -32.82
N VAL A 33 -39.35 20.58 -32.88
CA VAL A 33 -38.04 20.95 -33.35
C VAL A 33 -37.70 20.18 -34.60
N ASN A 34 -37.34 20.87 -35.66
CA ASN A 34 -37.05 20.12 -36.85
C ASN A 34 -36.06 20.80 -37.75
N THR A 35 -35.35 20.02 -38.53
CA THR A 35 -34.37 20.61 -39.42
C THR A 35 -35.10 20.92 -40.71
N ASP A 36 -36.21 20.20 -40.89
CA ASP A 36 -37.09 20.28 -42.05
C ASP A 36 -38.16 21.34 -41.83
N ALA A 37 -37.99 22.47 -42.49
CA ALA A 37 -38.91 23.56 -42.32
C ALA A 37 -40.29 23.19 -42.83
N GLN A 38 -40.37 22.41 -43.91
CA GLN A 38 -41.67 22.07 -44.44
C GLN A 38 -42.43 21.20 -43.45
N ALA A 39 -41.78 20.17 -42.94
CA ALA A 39 -42.45 19.23 -42.06
C ALA A 39 -42.81 19.95 -40.80
N LEU A 40 -41.88 20.78 -40.32
CA LEU A 40 -42.05 21.57 -39.09
C LEU A 40 -43.26 22.49 -39.13
N ASN A 41 -43.56 23.04 -40.30
CA ASN A 41 -44.71 23.92 -40.41
C ASN A 41 -46.02 23.16 -40.27
N LEU A 42 -45.93 21.84 -40.22
CA LEU A 42 -47.10 21.02 -39.98
C LEU A 42 -47.32 20.79 -38.51
N SER A 43 -46.34 21.15 -37.69
CA SER A 43 -46.52 20.94 -36.26
C SER A 43 -47.58 21.85 -35.68
N LYS A 44 -48.44 21.26 -34.88
CA LYS A 44 -49.44 22.03 -34.20
C LYS A 44 -48.88 22.70 -32.96
N ALA A 45 -47.57 22.62 -32.78
CA ALA A 45 -46.89 23.22 -31.63
C ALA A 45 -46.96 24.72 -31.74
N GLU A 46 -47.07 25.40 -30.60
CA GLU A 46 -47.05 26.85 -30.58
C GLU A 46 -45.63 27.30 -30.85
N VAL A 47 -44.68 26.55 -30.30
CA VAL A 47 -43.27 26.79 -30.54
C VAL A 47 -42.70 25.87 -31.64
N LYS A 48 -42.32 26.45 -32.78
CA LYS A 48 -41.73 25.63 -33.83
C LYS A 48 -40.29 26.10 -33.93
N MET A 49 -39.39 25.21 -33.61
CA MET A 49 -38.02 25.60 -33.63
C MET A 49 -37.35 24.94 -34.78
N GLN A 50 -36.97 25.74 -35.76
CA GLN A 50 -36.23 25.14 -36.86
C GLN A 50 -34.79 25.08 -36.45
N ILE A 51 -34.22 23.89 -36.48
CA ILE A 51 -32.83 23.82 -36.14
C ILE A 51 -32.02 23.50 -37.39
N GLY A 52 -30.74 23.87 -37.35
CA GLY A 52 -29.84 23.64 -38.45
C GLY A 52 -30.29 24.41 -39.66
N ALA A 53 -30.90 25.56 -39.41
CA ALA A 53 -31.35 26.41 -40.49
C ALA A 53 -30.17 26.76 -41.35
N LYS A 54 -29.04 27.04 -40.72
CA LYS A 54 -27.85 27.36 -41.47
C LYS A 54 -27.31 26.13 -42.21
N LEU A 55 -27.35 24.97 -41.53
CA LEU A 55 -26.83 23.72 -42.08
C LEU A 55 -27.74 23.12 -43.12
N THR A 56 -29.02 22.99 -42.81
CA THR A 56 -29.90 22.25 -43.71
C THR A 56 -30.78 23.16 -44.55
N ARG A 57 -30.81 24.45 -44.24
CA ARG A 57 -31.60 25.39 -45.02
C ARG A 57 -33.07 25.00 -45.12
N GLY A 58 -33.60 24.40 -44.07
CA GLY A 58 -35.00 24.05 -43.99
C GLY A 58 -35.26 22.75 -44.72
N LEU A 59 -34.21 22.14 -45.21
CA LEU A 59 -34.42 20.96 -46.03
C LEU A 59 -34.32 19.70 -45.26
N GLY A 60 -34.07 19.79 -43.95
CA GLY A 60 -34.02 18.58 -43.14
C GLY A 60 -32.65 17.93 -43.10
N ALA A 61 -32.56 16.80 -42.42
CA ALA A 61 -31.27 16.16 -42.16
C ALA A 61 -31.08 14.96 -43.02
N GLY A 62 -32.04 14.68 -43.88
CA GLY A 62 -31.89 13.55 -44.76
C GLY A 62 -31.60 12.24 -44.06
N ALA A 63 -32.26 11.98 -42.95
CA ALA A 63 -32.00 10.72 -42.26
C ALA A 63 -30.51 10.57 -41.95
N ASN A 64 -29.83 11.68 -41.78
CA ASN A 64 -28.46 11.60 -41.34
C ASN A 64 -28.39 12.17 -39.95
N PRO A 65 -28.25 11.27 -38.96
CA PRO A 65 -28.26 11.66 -37.56
C PRO A 65 -27.14 12.66 -37.34
N GLU A 66 -26.03 12.51 -38.06
CA GLU A 66 -24.95 13.47 -37.90
C GLU A 66 -25.42 14.86 -38.29
N VAL A 67 -26.27 14.96 -39.29
CA VAL A 67 -26.80 16.28 -39.63
C VAL A 67 -27.77 16.79 -38.56
N GLY A 68 -28.67 15.93 -38.11
CA GLY A 68 -29.62 16.31 -37.08
C GLY A 68 -28.87 16.81 -35.86
N LYS A 69 -27.79 16.11 -35.54
CA LYS A 69 -26.89 16.44 -34.45
C LYS A 69 -26.26 17.80 -34.69
N LYS A 70 -25.60 17.97 -35.83
CA LYS A 70 -24.92 19.22 -36.12
C LYS A 70 -25.95 20.32 -36.23
N ALA A 71 -27.15 19.93 -36.62
CA ALA A 71 -28.25 20.88 -36.66
C ALA A 71 -28.52 21.37 -35.26
N ALA A 72 -28.64 20.42 -34.35
CA ALA A 72 -28.99 20.74 -32.98
C ALA A 72 -27.84 21.48 -32.29
N GLU A 73 -26.63 21.05 -32.54
CA GLU A 73 -25.48 21.77 -32.03
C GLU A 73 -25.45 23.24 -32.53
N GLU A 74 -25.77 23.44 -33.81
CA GLU A 74 -25.90 24.80 -34.38
C GLU A 74 -26.92 25.64 -33.65
N SER A 75 -28.01 25.00 -33.26
CA SER A 75 -29.08 25.69 -32.60
C SER A 75 -29.03 25.41 -31.11
N LYS A 76 -27.81 25.18 -30.62
CA LYS A 76 -27.61 24.86 -29.22
C LYS A 76 -28.10 26.01 -28.34
N GLU A 77 -27.88 27.25 -28.76
CA GLU A 77 -28.32 28.37 -27.93
C GLU A 77 -29.83 28.62 -28.02
N GLN A 78 -30.43 28.45 -29.20
CA GLN A 78 -31.88 28.65 -29.38
C GLN A 78 -32.67 27.63 -28.56
N ILE A 79 -32.12 26.43 -28.45
CA ILE A 79 -32.76 25.39 -27.69
C ILE A 79 -32.76 25.68 -26.20
N GLU A 80 -31.59 25.94 -25.61
CA GLU A 80 -31.54 26.25 -24.18
C GLU A 80 -32.48 27.38 -23.84
N GLU A 81 -32.56 28.39 -24.70
CA GLU A 81 -33.47 29.48 -24.42
C GLU A 81 -34.88 28.95 -24.31
N ALA A 82 -35.24 28.05 -25.21
CA ALA A 82 -36.58 27.51 -25.23
C ALA A 82 -36.84 26.55 -24.09
N LEU A 83 -35.77 25.94 -23.58
CA LEU A 83 -35.92 24.95 -22.53
C LEU A 83 -35.74 25.48 -21.12
N LYS A 84 -35.05 26.62 -20.97
CA LYS A 84 -34.86 27.25 -19.67
C LYS A 84 -36.18 27.41 -18.95
N GLY A 85 -36.18 27.03 -17.67
CA GLY A 85 -37.37 27.16 -16.86
C GLY A 85 -38.13 25.86 -16.79
N ALA A 86 -37.73 24.92 -17.63
CA ALA A 86 -38.39 23.62 -17.70
C ALA A 86 -38.03 22.84 -16.47
N ASP A 87 -39.04 22.37 -15.76
CA ASP A 87 -38.80 21.50 -14.64
C ASP A 87 -38.57 20.14 -15.22
N MET A 88 -39.33 19.83 -16.25
CA MET A 88 -39.20 18.53 -16.87
C MET A 88 -39.29 18.68 -18.39
N VAL A 89 -38.50 17.94 -19.12
CA VAL A 89 -38.55 18.03 -20.56
C VAL A 89 -38.75 16.65 -21.10
N PHE A 90 -39.87 16.42 -21.77
CA PHE A 90 -40.00 15.20 -22.54
C PHE A 90 -39.35 15.46 -23.90
N VAL A 91 -38.42 14.60 -24.26
CA VAL A 91 -37.80 14.68 -25.54
C VAL A 91 -38.33 13.50 -26.32
N THR A 92 -39.30 13.79 -27.19
CA THR A 92 -39.94 12.74 -27.93
C THR A 92 -39.45 12.81 -29.38
N ALA A 93 -39.13 11.65 -29.94
CA ALA A 93 -38.52 11.63 -31.27
C ALA A 93 -38.63 10.26 -31.88
N GLY A 94 -38.48 10.17 -33.20
CA GLY A 94 -38.40 8.90 -33.87
C GLY A 94 -36.95 8.59 -34.13
N MET A 95 -36.49 7.46 -33.66
CA MET A 95 -35.11 7.13 -33.89
C MET A 95 -34.99 6.39 -35.21
N GLY A 96 -33.86 6.61 -35.89
CA GLY A 96 -33.61 6.00 -37.17
C GLY A 96 -33.42 7.08 -38.21
N GLY A 97 -34.02 8.23 -37.92
CA GLY A 97 -34.05 9.35 -38.82
C GLY A 97 -32.74 10.09 -38.82
N GLY A 98 -32.79 11.38 -39.04
CA GLY A 98 -31.61 12.21 -38.98
C GLY A 98 -31.79 13.14 -37.82
N THR A 99 -32.88 13.88 -37.80
CA THR A 99 -33.10 14.89 -36.78
C THR A 99 -33.50 14.20 -35.50
N GLY A 100 -34.47 13.31 -35.58
CA GLY A 100 -34.87 12.61 -34.37
C GLY A 100 -33.61 11.98 -33.83
N THR A 101 -33.03 11.07 -34.60
CA THR A 101 -31.86 10.32 -34.14
C THR A 101 -30.69 11.20 -33.67
N GLY A 102 -30.44 12.28 -34.40
CA GLY A 102 -29.30 13.12 -34.15
C GLY A 102 -29.53 14.27 -33.20
N ALA A 103 -30.65 14.95 -33.30
CA ALA A 103 -30.85 16.16 -32.51
C ALA A 103 -31.40 15.83 -31.12
N ALA A 104 -32.23 14.81 -30.98
CA ALA A 104 -32.83 14.53 -29.67
C ALA A 104 -31.81 14.35 -28.55
N PRO A 105 -30.74 13.57 -28.77
CA PRO A 105 -29.74 13.53 -27.71
C PRO A 105 -29.18 14.91 -27.40
N VAL A 106 -28.91 15.72 -28.41
CA VAL A 106 -28.40 17.06 -28.14
C VAL A 106 -29.36 17.87 -27.27
N ILE A 107 -30.62 17.83 -27.66
CA ILE A 107 -31.69 18.53 -26.99
C ILE A 107 -31.94 17.99 -25.59
N ALA A 108 -32.10 16.68 -25.48
CA ALA A 108 -32.30 16.03 -24.19
C ALA A 108 -31.16 16.31 -23.24
N GLN A 109 -29.93 16.22 -23.75
CA GLN A 109 -28.75 16.52 -22.95
C GLN A 109 -28.73 17.95 -22.49
N ILE A 110 -29.19 18.86 -23.32
CA ILE A 110 -29.29 20.27 -22.93
C ILE A 110 -30.28 20.42 -21.81
N ALA A 111 -31.42 19.78 -21.97
CA ALA A 111 -32.45 19.78 -20.95
C ALA A 111 -31.90 19.17 -19.67
N LYS A 112 -31.15 18.08 -19.80
CA LYS A 112 -30.61 17.40 -18.63
C LYS A 112 -29.62 18.31 -17.92
N ASP A 113 -28.79 19.03 -18.69
CA ASP A 113 -27.86 20.01 -18.13
C ASP A 113 -28.58 21.20 -17.51
N LEU A 114 -29.72 21.54 -18.06
CA LEU A 114 -30.55 22.57 -17.51
C LEU A 114 -31.16 22.16 -16.18
N GLY A 115 -31.00 20.88 -15.85
CA GLY A 115 -31.47 20.38 -14.58
C GLY A 115 -32.89 19.85 -14.62
N ALA A 116 -33.51 19.95 -15.77
CA ALA A 116 -34.85 19.42 -15.95
C ALA A 116 -34.81 17.91 -15.95
N LEU A 117 -35.87 17.32 -15.40
CA LEU A 117 -36.04 15.88 -15.44
C LEU A 117 -36.25 15.55 -16.91
N THR A 118 -35.26 14.90 -17.52
CA THR A 118 -35.31 14.69 -18.94
C THR A 118 -35.70 13.28 -19.19
N VAL A 119 -36.87 13.14 -19.78
CA VAL A 119 -37.41 11.87 -20.15
C VAL A 119 -37.46 11.91 -21.65
N GLY A 120 -36.70 11.02 -22.28
CA GLY A 120 -36.81 10.85 -23.71
C GLY A 120 -37.88 9.79 -23.96
N VAL A 121 -38.80 10.04 -24.87
CA VAL A 121 -39.71 8.97 -25.26
C VAL A 121 -39.66 8.83 -26.78
N VAL A 122 -39.04 7.74 -27.23
CA VAL A 122 -38.74 7.56 -28.63
C VAL A 122 -39.21 6.21 -29.16
N THR A 123 -39.44 6.15 -30.45
CA THR A 123 -39.74 4.88 -31.06
C THR A 123 -38.47 4.40 -31.73
N ARG A 124 -38.26 3.09 -31.69
CA ARG A 124 -37.23 2.42 -32.46
C ARG A 124 -37.95 2.01 -33.72
N PRO A 125 -37.34 2.31 -34.88
CA PRO A 125 -37.99 2.20 -36.20
C PRO A 125 -38.53 0.79 -36.39
N PHE A 126 -39.55 0.63 -37.22
CA PHE A 126 -40.04 -0.68 -37.53
C PHE A 126 -38.87 -1.41 -38.14
N THR A 127 -38.89 -2.72 -38.09
CA THR A 127 -37.82 -3.44 -38.71
C THR A 127 -37.87 -3.14 -40.16
N PHE A 128 -39.09 -3.05 -40.70
CA PHE A 128 -39.24 -2.92 -42.13
C PHE A 128 -38.59 -1.67 -42.73
N GLU A 129 -38.42 -0.64 -41.90
CA GLU A 129 -37.80 0.62 -42.32
C GLU A 129 -36.37 0.33 -42.77
N GLY A 130 -35.89 -0.88 -42.50
CA GLY A 130 -34.64 -1.31 -43.08
C GLY A 130 -33.42 -1.18 -42.20
N ARG A 131 -32.27 -1.51 -42.76
CA ARG A 131 -31.03 -1.52 -42.02
C ARG A 131 -30.61 -0.14 -41.56
N LYS A 132 -30.64 0.83 -42.46
CA LYS A 132 -30.19 2.18 -42.11
C LYS A 132 -31.01 2.72 -40.96
N ARG A 133 -32.32 2.55 -41.04
CA ARG A 133 -33.14 3.05 -39.96
C ARG A 133 -32.79 2.35 -38.68
N GLN A 134 -32.65 1.03 -38.74
CA GLN A 134 -32.33 0.27 -37.56
C GLN A 134 -30.99 0.59 -36.97
N LEU A 135 -29.97 0.64 -37.81
CA LEU A 135 -28.64 0.97 -37.32
C LEU A 135 -28.60 2.35 -36.70
N GLN A 136 -29.14 3.34 -37.41
CA GLN A 136 -29.00 4.72 -36.96
C GLN A 136 -29.69 4.97 -35.61
N ALA A 137 -30.84 4.33 -35.40
CA ALA A 137 -31.62 4.45 -34.18
C ALA A 137 -30.90 3.80 -33.04
N ALA A 138 -30.34 2.64 -33.36
CA ALA A 138 -29.59 1.89 -32.38
C ALA A 138 -28.48 2.81 -31.90
N GLY A 139 -27.74 3.36 -32.84
CA GLY A 139 -26.68 4.31 -32.55
C GLY A 139 -27.26 5.51 -31.84
N GLY A 140 -28.48 5.85 -32.25
CA GLY A 140 -29.24 6.94 -31.68
C GLY A 140 -29.88 6.66 -30.34
N ILE A 141 -30.46 5.49 -30.19
CA ILE A 141 -31.02 5.20 -28.91
C ILE A 141 -29.88 5.12 -27.91
N SER A 142 -28.75 4.57 -28.34
CA SER A 142 -27.58 4.52 -27.46
C SER A 142 -27.24 5.88 -26.92
N ALA A 143 -27.24 6.87 -27.81
CA ALA A 143 -26.99 8.28 -27.48
C ALA A 143 -28.14 8.96 -26.68
N MET A 144 -29.38 8.50 -26.84
CA MET A 144 -30.44 9.10 -26.03
C MET A 144 -30.24 8.70 -24.59
N LYS A 145 -29.88 7.44 -24.38
CA LYS A 145 -29.66 6.87 -23.03
C LYS A 145 -28.65 7.68 -22.22
N GLU A 146 -27.55 8.08 -22.87
CA GLU A 146 -26.52 8.88 -22.23
C GLU A 146 -27.04 10.29 -21.92
N ALA A 147 -28.06 10.73 -22.65
CA ALA A 147 -28.51 12.10 -22.55
C ALA A 147 -29.81 12.34 -21.77
N VAL A 148 -30.45 11.30 -21.31
CA VAL A 148 -31.68 11.53 -20.58
C VAL A 148 -31.57 10.93 -19.22
N ASP A 149 -32.56 11.22 -18.38
CA ASP A 149 -32.64 10.57 -17.09
C ASP A 149 -33.32 9.22 -17.30
N THR A 150 -34.45 9.25 -17.98
CA THR A 150 -35.15 8.04 -18.32
C THR A 150 -35.48 8.05 -19.81
N LEU A 151 -35.22 6.94 -20.47
CA LEU A 151 -35.50 6.83 -21.89
C LEU A 151 -36.51 5.72 -22.13
N ILE A 152 -37.74 6.10 -22.43
CA ILE A 152 -38.76 5.11 -22.73
C ILE A 152 -38.60 4.80 -24.19
N VAL A 153 -38.23 3.57 -24.54
CA VAL A 153 -38.10 3.27 -25.95
C VAL A 153 -39.19 2.36 -26.38
N ILE A 154 -39.97 2.83 -27.36
CA ILE A 154 -41.13 2.12 -27.88
C ILE A 154 -40.77 1.40 -29.17
N PRO A 155 -40.72 0.05 -29.12
CA PRO A 155 -40.31 -0.75 -30.28
C PRO A 155 -41.44 -0.74 -31.27
N ASN A 156 -41.29 -0.05 -32.38
CA ASN A 156 -42.39 0.02 -33.31
C ASN A 156 -42.75 -1.34 -33.81
N ASP A 157 -41.76 -2.20 -33.96
CA ASP A 157 -42.01 -3.54 -34.47
C ASP A 157 -43.12 -4.22 -33.70
N ARG A 158 -43.20 -3.87 -32.42
CA ARG A 158 -44.23 -4.39 -31.55
C ARG A 158 -45.58 -3.75 -31.82
N ILE A 159 -45.62 -2.64 -32.57
CA ILE A 159 -46.90 -2.08 -32.96
C ILE A 159 -47.61 -3.08 -33.85
N LEU A 160 -46.84 -3.81 -34.65
CA LEU A 160 -47.42 -4.71 -35.63
C LEU A 160 -48.07 -5.94 -35.02
N GLU A 161 -47.62 -6.29 -33.82
CA GLU A 161 -48.23 -7.38 -33.08
C GLU A 161 -49.58 -6.98 -32.57
N ILE A 162 -49.69 -5.69 -32.25
CA ILE A 162 -50.85 -5.14 -31.58
C ILE A 162 -51.98 -4.87 -32.56
N VAL A 163 -51.67 -4.17 -33.65
CA VAL A 163 -52.67 -3.83 -34.66
C VAL A 163 -53.07 -5.07 -35.41
N ASP A 164 -54.21 -5.01 -36.10
CA ASP A 164 -54.64 -6.12 -36.91
C ASP A 164 -53.55 -6.38 -37.96
N LYS A 165 -53.35 -7.65 -38.34
CA LYS A 165 -52.25 -8.04 -39.22
C LYS A 165 -52.34 -7.36 -40.58
N ASN A 166 -53.54 -6.87 -40.89
CA ASN A 166 -53.80 -6.22 -42.18
C ASN A 166 -53.89 -4.68 -42.17
N THR A 167 -53.64 -4.02 -41.04
CA THR A 167 -53.69 -2.56 -41.05
C THR A 167 -52.54 -2.05 -41.93
N PRO A 168 -52.86 -1.17 -42.89
CA PRO A 168 -51.88 -0.67 -43.87
C PRO A 168 -50.75 0.04 -43.16
N MET A 169 -49.57 0.04 -43.75
CA MET A 169 -48.39 0.67 -43.19
C MET A 169 -48.61 2.06 -42.69
N LEU A 170 -49.39 2.83 -43.43
CA LEU A 170 -49.64 4.20 -43.01
C LEU A 170 -50.23 4.20 -41.63
N GLU A 171 -51.18 3.31 -41.36
CA GLU A 171 -51.80 3.23 -40.02
C GLU A 171 -50.85 2.66 -38.98
N ALA A 172 -49.93 1.80 -39.40
CA ALA A 172 -48.92 1.29 -38.51
C ALA A 172 -48.02 2.43 -38.01
N PHE A 173 -47.55 3.29 -38.92
CA PHE A 173 -46.78 4.46 -38.52
C PHE A 173 -47.62 5.35 -37.62
N ARG A 174 -48.88 5.52 -37.98
CA ARG A 174 -49.75 6.41 -37.25
C ARG A 174 -49.84 5.94 -35.82
N GLU A 175 -49.98 4.64 -35.65
CA GLU A 175 -50.13 4.08 -34.32
C GLU A 175 -48.84 4.27 -33.54
N ALA A 176 -47.70 4.23 -34.22
CA ALA A 176 -46.46 4.50 -33.53
C ALA A 176 -46.52 5.89 -32.95
N ASP A 177 -47.01 6.85 -33.72
CA ASP A 177 -47.13 8.20 -33.24
C ASP A 177 -48.00 8.29 -32.00
N ASN A 178 -49.13 7.59 -32.01
CA ASN A 178 -50.03 7.59 -30.89
C ASN A 178 -49.38 6.94 -29.70
N VAL A 179 -48.68 5.85 -29.94
CA VAL A 179 -47.99 5.18 -28.87
C VAL A 179 -46.96 6.10 -28.26
N LEU A 180 -46.21 6.80 -29.08
CA LEU A 180 -45.32 7.84 -28.58
C LEU A 180 -46.12 8.86 -27.74
N ARG A 181 -47.28 9.28 -28.25
CA ARG A 181 -48.11 10.21 -27.50
C ARG A 181 -48.59 9.55 -26.24
N GLN A 182 -48.99 8.29 -26.34
CA GLN A 182 -49.44 7.52 -25.18
C GLN A 182 -48.33 7.43 -24.13
N GLY A 183 -47.09 7.36 -24.59
CA GLY A 183 -45.94 7.31 -23.71
C GLY A 183 -45.77 8.56 -22.90
N VAL A 184 -45.78 9.70 -23.57
CA VAL A 184 -45.66 10.96 -22.85
C VAL A 184 -46.92 11.32 -22.02
N GLN A 185 -48.11 11.11 -22.56
CA GLN A 185 -49.30 11.47 -21.82
C GLN A 185 -49.38 10.60 -20.57
N GLY A 186 -48.95 9.34 -20.71
CA GLY A 186 -48.96 8.40 -19.59
C GLY A 186 -48.34 8.97 -18.32
N ILE A 187 -47.27 9.74 -18.53
CA ILE A 187 -46.58 10.45 -17.48
C ILE A 187 -47.08 11.90 -17.29
N SER A 188 -47.18 12.66 -18.38
CA SER A 188 -47.48 14.08 -18.23
C SER A 188 -48.81 14.30 -17.55
N ASP A 189 -49.75 13.37 -17.73
CA ASP A 189 -51.07 13.44 -17.09
C ASP A 189 -50.98 13.29 -15.55
N LEU A 190 -49.85 12.76 -15.08
CA LEU A 190 -49.59 12.58 -13.65
C LEU A 190 -48.88 13.81 -13.07
N ILE A 191 -48.61 14.81 -13.91
CA ILE A 191 -47.98 16.04 -13.46
C ILE A 191 -48.70 17.25 -14.13
N ALA A 192 -49.99 17.41 -13.77
CA ALA A 192 -50.82 18.50 -14.28
C ALA A 192 -51.76 19.06 -13.21
N LEU A 199 -46.51 17.83 -6.69
CA LEU A 199 -45.84 16.52 -6.77
C LEU A 199 -44.32 16.65 -6.90
N ASP A 200 -43.60 16.26 -5.85
CA ASP A 200 -42.15 16.34 -5.85
C ASP A 200 -41.59 15.54 -7.00
N PHE A 201 -40.84 16.25 -7.84
CA PHE A 201 -40.21 15.59 -8.96
C PHE A 201 -39.19 14.58 -8.50
N ALA A 202 -38.76 14.67 -7.25
CA ALA A 202 -37.76 13.72 -6.81
C ALA A 202 -38.43 12.40 -6.53
N ASP A 203 -39.75 12.38 -6.59
CA ASP A 203 -40.48 11.15 -6.57
C ASP A 203 -40.25 10.57 -7.95
N VAL A 204 -40.97 11.11 -8.94
CA VAL A 204 -40.71 10.84 -10.35
C VAL A 204 -39.22 10.75 -10.73
N LYS A 205 -38.38 11.61 -10.15
CA LYS A 205 -36.94 11.57 -10.46
C LYS A 205 -36.35 10.26 -10.02
N THR A 206 -36.72 9.82 -8.81
CA THR A 206 -36.25 8.56 -8.23
C THR A 206 -36.70 7.38 -9.10
N ILE A 207 -37.79 7.59 -9.83
CA ILE A 207 -38.32 6.64 -10.80
C ILE A 207 -37.65 6.81 -12.21
N MET A 208 -37.22 8.03 -12.53
CA MET A 208 -36.41 8.28 -13.71
C MET A 208 -34.91 8.00 -13.46
N LYS A 211 -32.12 5.15 -13.41
CA LYS A 211 -32.15 5.29 -14.86
C LYS A 211 -32.17 3.94 -15.57
N GLY A 212 -31.20 3.77 -16.47
CA GLY A 212 -31.22 2.66 -17.39
C GLY A 212 -32.30 2.97 -18.41
N SER A 213 -32.57 2.00 -19.28
CA SER A 213 -33.66 2.21 -20.22
C SER A 213 -35.00 1.86 -19.57
N ALA A 214 -36.08 2.22 -20.25
CA ALA A 214 -37.44 1.95 -19.78
C ALA A 214 -38.26 1.38 -20.90
N LEU A 215 -39.23 0.57 -20.55
CA LEU A 215 -40.09 -0.05 -21.53
C LEU A 215 -41.47 0.23 -20.99
N MET A 216 -42.41 0.50 -21.88
CA MET A 216 -43.75 0.77 -21.43
C MET A 216 -44.73 -0.16 -22.10
N GLY A 217 -45.92 -0.26 -21.53
CA GLY A 217 -46.97 -1.08 -22.09
C GLY A 217 -48.28 -0.33 -21.97
N ILE A 218 -49.20 -0.65 -22.85
CA ILE A 218 -50.50 -0.03 -22.82
C ILE A 218 -51.56 -1.08 -23.04
N GLY A 219 -52.69 -0.91 -22.38
CA GLY A 219 -53.82 -1.76 -22.68
C GLY A 219 -54.98 -0.81 -22.78
N ILE A 220 -55.89 -1.09 -23.70
CA ILE A 220 -57.10 -0.31 -23.77
C ILE A 220 -58.19 -1.34 -23.76
N ALA A 221 -59.24 -1.10 -22.98
CA ALA A 221 -60.35 -2.02 -22.99
C ALA A 221 -61.64 -1.32 -22.64
N THR A 222 -62.74 -1.91 -23.09
CA THR A 222 -64.06 -1.43 -22.77
C THR A 222 -64.90 -2.58 -22.24
N GLY A 223 -66.01 -2.26 -21.59
CA GLY A 223 -66.94 -3.29 -21.16
C GLY A 223 -67.13 -3.41 -19.65
N GLU A 224 -67.57 -4.59 -19.21
CA GLU A 224 -67.87 -4.84 -17.79
C GLU A 224 -66.60 -5.13 -17.01
N ASN A 225 -65.82 -6.09 -17.50
CA ASN A 225 -64.48 -6.33 -16.98
C ASN A 225 -63.45 -5.66 -17.88
N ARG A 226 -63.24 -4.36 -17.70
CA ARG A 226 -62.33 -3.59 -18.56
C ARG A 226 -61.03 -3.21 -17.87
N ALA A 227 -61.16 -2.77 -16.61
CA ALA A 227 -60.03 -2.30 -15.82
C ALA A 227 -58.99 -3.40 -15.70
N ALA A 228 -59.47 -4.61 -15.49
CA ALA A 228 -58.60 -5.76 -15.44
C ALA A 228 -58.14 -6.13 -16.85
N GLU A 229 -59.07 -6.04 -17.80
CA GLU A 229 -58.78 -6.38 -19.19
C GLU A 229 -57.67 -5.45 -19.67
N ALA A 230 -57.85 -4.17 -19.38
CA ALA A 230 -56.91 -3.11 -19.73
C ALA A 230 -55.53 -3.30 -19.10
N ALA A 231 -55.53 -3.52 -17.79
CA ALA A 231 -54.31 -3.75 -17.04
C ALA A 231 -53.61 -5.05 -17.43
N LYS A 232 -54.38 -6.10 -17.70
CA LYS A 232 -53.77 -7.33 -18.17
C LYS A 232 -53.13 -7.09 -19.52
N LYS A 233 -53.86 -6.41 -20.41
CA LYS A 233 -53.34 -6.08 -21.73
C LYS A 233 -52.16 -5.12 -21.66
N ALA A 234 -52.20 -4.20 -20.70
CA ALA A 234 -51.07 -3.31 -20.43
C ALA A 234 -49.77 -4.00 -19.95
N ILE A 235 -49.90 -4.91 -18.99
CA ILE A 235 -48.72 -5.52 -18.41
C ILE A 235 -48.14 -6.56 -19.36
N SER A 236 -48.99 -7.05 -20.26
CA SER A 236 -48.61 -8.10 -21.20
C SER A 236 -48.31 -7.57 -22.59
N SER A 237 -48.67 -6.32 -22.80
CA SER A 237 -48.53 -5.64 -24.10
C SER A 237 -47.18 -5.82 -24.77
N PRO A 238 -47.19 -6.00 -26.10
CA PRO A 238 -46.00 -6.13 -26.95
C PRO A 238 -45.05 -4.95 -26.86
N LEU A 239 -45.56 -3.76 -26.57
CA LEU A 239 -44.69 -2.60 -26.40
C LEU A 239 -43.81 -2.84 -25.16
N LEU A 240 -44.33 -3.60 -24.21
CA LEU A 240 -43.62 -3.94 -22.98
C LEU A 240 -42.88 -5.26 -23.13
N GLU A 241 -41.62 -5.17 -23.53
CA GLU A 241 -40.89 -6.36 -23.99
C GLU A 241 -40.32 -7.27 -22.90
N ALA A 242 -40.14 -6.75 -21.69
CA ALA A 242 -39.60 -7.59 -20.64
C ALA A 242 -40.60 -7.71 -19.50
N ALA A 243 -40.31 -8.63 -18.58
CA ALA A 243 -41.17 -8.91 -17.45
C ALA A 243 -41.05 -7.80 -16.43
N ILE A 244 -42.19 -7.33 -15.94
CA ILE A 244 -42.22 -6.21 -14.99
C ILE A 244 -41.54 -6.54 -13.64
N ASP A 245 -41.45 -7.83 -13.28
CA ASP A 245 -40.76 -8.21 -12.04
C ASP A 245 -39.31 -7.78 -12.12
N GLY A 246 -38.86 -7.51 -13.34
CA GLY A 246 -37.51 -7.11 -13.57
C GLY A 246 -37.35 -5.63 -13.32
N ALA A 247 -38.48 -4.95 -13.14
CA ALA A 247 -38.46 -3.51 -12.97
C ALA A 247 -38.10 -3.11 -11.54
N GLN A 248 -37.22 -2.11 -11.43
CA GLN A 248 -36.89 -1.52 -10.14
C GLN A 248 -37.95 -0.45 -9.79
N GLY A 249 -38.47 0.21 -10.81
CA GLY A 249 -39.48 1.23 -10.63
C GLY A 249 -40.59 1.07 -11.64
N VAL A 250 -41.83 1.33 -11.24
CA VAL A 250 -42.90 1.28 -12.22
C VAL A 250 -43.89 2.44 -12.09
N LEU A 251 -44.17 3.13 -13.20
CA LEU A 251 -45.17 4.18 -13.16
C LEU A 251 -46.40 3.59 -13.78
N MET A 252 -47.53 3.78 -13.13
CA MET A 252 -48.74 3.27 -13.70
C MET A 252 -49.78 4.36 -13.86
N ASN A 253 -50.33 4.49 -15.06
CA ASN A 253 -51.37 5.46 -15.32
C ASN A 253 -52.67 4.78 -15.72
N ILE A 254 -53.72 5.01 -14.95
CA ILE A 254 -55.04 4.55 -15.32
C ILE A 254 -55.92 5.71 -15.77
N THR A 255 -56.48 5.61 -16.97
CA THR A 255 -57.32 6.68 -17.45
C THR A 255 -58.63 6.10 -17.91
N GLY A 256 -59.73 6.76 -17.56
CA GLY A 256 -61.03 6.27 -17.96
C GLY A 256 -62.04 7.40 -17.95
N GLY A 257 -63.31 7.08 -18.21
CA GLY A 257 -64.32 8.11 -18.25
C GLY A 257 -64.68 8.55 -16.85
N THR A 258 -65.72 9.35 -16.73
CA THR A 258 -66.20 9.79 -15.41
C THR A 258 -66.77 8.59 -14.65
N ASN A 259 -66.95 7.49 -15.37
CA ASN A 259 -67.39 6.24 -14.79
C ASN A 259 -66.24 5.38 -14.21
N LEU A 260 -65.04 5.97 -14.10
CA LEU A 260 -63.91 5.25 -13.54
C LEU A 260 -64.14 5.13 -12.05
N SER A 261 -64.22 3.88 -11.60
CA SER A 261 -64.49 3.53 -10.22
C SER A 261 -63.23 3.04 -9.57
N LEU A 262 -63.10 3.28 -8.27
CA LEU A 262 -61.94 2.78 -7.54
C LEU A 262 -61.88 1.28 -7.54
N TYR A 263 -63.03 0.65 -7.75
CA TYR A 263 -63.05 -0.79 -7.86
C TYR A 263 -62.26 -1.13 -9.13
N GLU A 264 -62.51 -0.39 -10.19
CA GLU A 264 -61.77 -0.59 -11.43
C GLU A 264 -60.31 -0.22 -11.28
N VAL A 265 -60.08 0.93 -10.66
CA VAL A 265 -58.72 1.45 -10.49
C VAL A 265 -57.78 0.51 -9.76
N GLN A 266 -58.20 0.08 -8.57
CA GLN A 266 -57.37 -0.80 -7.76
C GLN A 266 -57.28 -2.17 -8.39
N GLU A 267 -58.37 -2.62 -8.99
CA GLU A 267 -58.37 -3.93 -9.63
C GLU A 267 -57.30 -3.97 -10.71
N ALA A 268 -57.17 -2.89 -11.47
CA ALA A 268 -56.05 -2.73 -12.41
C ALA A 268 -54.70 -2.60 -11.66
N ALA A 269 -54.70 -1.78 -10.62
CA ALA A 269 -53.51 -1.58 -9.80
C ALA A 269 -53.05 -2.90 -9.20
N ASP A 270 -54.00 -3.72 -8.76
CA ASP A 270 -53.65 -5.02 -8.19
C ASP A 270 -52.99 -5.90 -9.24
N ILE A 271 -53.49 -5.85 -10.48
CA ILE A 271 -52.93 -6.62 -11.60
C ILE A 271 -51.53 -6.16 -12.01
N VAL A 272 -51.34 -4.86 -12.06
CA VAL A 272 -50.00 -4.35 -12.32
C VAL A 272 -49.10 -4.66 -11.11
N ALA A 273 -49.62 -4.45 -9.90
CA ALA A 273 -48.80 -4.61 -8.69
C ALA A 273 -48.32 -6.03 -8.42
N SER A 274 -49.20 -7.00 -8.64
CA SER A 274 -48.86 -8.39 -8.42
C SER A 274 -47.74 -8.79 -9.37
N ALA A 275 -47.81 -8.27 -10.59
CA ALA A 275 -46.83 -8.55 -11.62
C ALA A 275 -45.50 -7.84 -11.40
N SER A 276 -45.50 -6.79 -10.60
CA SER A 276 -44.25 -6.11 -10.26
C SER A 276 -43.69 -6.75 -9.01
N ASP A 277 -42.44 -6.42 -8.71
CA ASP A 277 -41.87 -6.80 -7.43
C ASP A 277 -42.68 -6.19 -6.30
N GLN A 278 -42.70 -6.87 -5.16
CA GLN A 278 -43.40 -6.40 -3.97
C GLN A 278 -42.82 -5.09 -3.41
N ASP A 279 -41.50 -4.97 -3.39
CA ASP A 279 -40.85 -3.81 -2.75
C ASP A 279 -40.55 -2.74 -3.80
N VAL A 280 -41.18 -2.88 -4.97
CA VAL A 280 -41.04 -1.93 -6.07
C VAL A 280 -41.45 -0.52 -5.64
N ASN A 281 -40.76 0.47 -6.18
CA ASN A 281 -41.18 1.84 -6.04
C ASN A 281 -42.19 2.03 -7.13
N MET A 282 -43.26 2.77 -6.85
CA MET A 282 -44.30 2.95 -7.83
C MET A 282 -44.92 4.34 -7.82
N ILE A 283 -45.11 4.91 -8.99
CA ILE A 283 -45.88 6.14 -9.12
C ILE A 283 -47.14 5.71 -9.82
N PHE A 284 -48.29 5.94 -9.19
CA PHE A 284 -49.49 5.41 -9.75
C PHE A 284 -50.47 6.55 -9.73
N GLY A 285 -51.22 6.65 -10.81
CA GLY A 285 -52.23 7.67 -10.89
C GLY A 285 -53.37 7.11 -11.68
N SER A 286 -54.54 7.68 -11.45
CA SER A 286 -55.64 7.37 -12.31
C SER A 286 -56.08 8.75 -12.73
N VAL A 287 -56.42 8.90 -13.99
CA VAL A 287 -56.87 10.19 -14.48
C VAL A 287 -58.18 9.98 -15.21
N ILE A 288 -59.06 10.95 -15.04
CA ILE A 288 -60.36 10.90 -15.69
C ILE A 288 -60.32 11.71 -16.98
N ASN A 289 -60.69 11.07 -18.06
CA ASN A 289 -60.68 11.72 -19.34
C ASN A 289 -62.12 11.81 -19.81
N GLU A 290 -62.71 13.01 -19.74
CA GLU A 290 -64.14 13.15 -19.99
C GLU A 290 -64.53 12.70 -21.39
N ASN A 291 -63.54 12.69 -22.28
CA ASN A 291 -63.71 12.34 -23.68
C ASN A 291 -63.79 10.82 -23.85
N LEU A 292 -63.47 10.08 -22.78
CA LEU A 292 -63.68 8.65 -22.77
C LEU A 292 -65.09 8.31 -22.33
N LYS A 293 -65.55 7.16 -22.78
CA LYS A 293 -66.86 6.70 -22.38
C LYS A 293 -66.65 5.44 -21.58
N ASP A 294 -66.55 4.34 -22.30
CA ASP A 294 -66.42 3.05 -21.69
C ASP A 294 -65.02 2.53 -21.97
N GLU A 295 -64.21 3.38 -22.59
CA GLU A 295 -62.84 3.00 -22.83
C GLU A 295 -62.03 3.23 -21.55
N ILE A 296 -61.08 2.35 -21.28
CA ILE A 296 -60.11 2.60 -20.23
C ILE A 296 -58.69 2.25 -20.71
N VAL A 297 -57.74 3.12 -20.36
CA VAL A 297 -56.36 2.98 -20.81
C VAL A 297 -55.32 2.90 -19.71
N VAL A 298 -54.62 1.79 -19.63
CA VAL A 298 -53.63 1.61 -18.59
C VAL A 298 -52.30 1.86 -19.22
N THR A 299 -51.55 2.82 -18.72
CA THR A 299 -50.23 3.00 -19.27
C THR A 299 -49.27 2.52 -18.20
N VAL A 300 -48.40 1.60 -18.53
CA VAL A 300 -47.48 1.13 -17.52
C VAL A 300 -46.09 1.33 -18.01
N ILE A 301 -45.26 1.99 -17.21
CA ILE A 301 -43.89 2.25 -17.61
C ILE A 301 -42.92 1.69 -16.57
N ALA A 302 -42.07 0.77 -16.99
CA ALA A 302 -41.21 0.08 -16.04
C ALA A 302 -39.76 0.48 -16.28
N THR A 303 -39.01 0.71 -15.20
CA THR A 303 -37.63 1.17 -15.33
C THR A 303 -36.57 0.31 -14.61
N GLY A 304 -36.08 -0.74 -15.27
CA GLY A 304 -35.09 -1.64 -14.71
C GLY A 304 -35.23 -2.96 -15.44
N SER B 3 -28.86 -34.88 -34.74
CA SER B 3 -27.54 -35.13 -34.18
C SER B 3 -26.69 -33.85 -34.21
N ILE B 4 -25.88 -33.70 -35.26
CA ILE B 4 -24.97 -32.55 -35.34
C ILE B 4 -25.19 -31.71 -36.60
N LYS B 5 -25.34 -30.40 -36.39
CA LYS B 5 -25.61 -29.45 -37.48
C LYS B 5 -24.43 -28.48 -37.74
N VAL B 6 -24.12 -28.23 -39.00
CA VAL B 6 -23.08 -27.24 -39.28
C VAL B 6 -23.72 -25.98 -39.86
N ILE B 7 -23.51 -24.85 -39.21
CA ILE B 7 -24.10 -23.64 -39.67
C ILE B 7 -23.07 -22.72 -40.29
N GLY B 8 -23.22 -22.51 -41.59
CA GLY B 8 -22.38 -21.57 -42.30
C GLY B 8 -23.12 -20.27 -42.24
N VAL B 9 -22.49 -19.24 -41.68
CA VAL B 9 -23.13 -17.94 -41.59
C VAL B 9 -22.41 -16.89 -42.40
N GLY B 10 -23.18 -16.21 -43.25
CA GLY B 10 -22.64 -15.15 -44.08
C GLY B 10 -21.82 -15.71 -45.21
N GLY B 11 -21.12 -14.82 -45.92
CA GLY B 11 -20.46 -15.21 -47.15
C GLY B 11 -19.39 -16.25 -46.87
N GLY B 12 -18.60 -16.00 -45.84
CA GLY B 12 -17.55 -16.93 -45.50
C GLY B 12 -18.08 -18.29 -45.07
N GLY B 13 -19.11 -18.29 -44.21
CA GLY B 13 -19.70 -19.53 -43.70
C GLY B 13 -20.40 -20.29 -44.79
N ASN B 14 -21.01 -19.52 -45.68
CA ASN B 14 -21.76 -20.04 -46.81
C ASN B 14 -20.89 -20.91 -47.71
N ASN B 15 -19.72 -20.36 -48.06
CA ASN B 15 -18.72 -21.03 -48.92
C ASN B 15 -18.14 -22.27 -48.23
N ALA B 16 -17.94 -22.13 -46.92
CA ALA B 16 -17.41 -23.20 -46.12
C ALA B 16 -18.33 -24.41 -46.16
N VAL B 17 -19.61 -24.18 -45.85
CA VAL B 17 -20.61 -25.24 -45.88
C VAL B 17 -20.70 -25.86 -47.27
N ASN B 18 -20.59 -25.04 -48.30
CA ASN B 18 -20.42 -25.58 -49.64
C ASN B 18 -19.20 -26.47 -49.78
N ARG B 19 -18.06 -25.99 -49.30
CA ARG B 19 -16.80 -26.71 -49.40
C ARG B 19 -16.86 -28.03 -48.68
N MET B 20 -17.55 -28.01 -47.56
CA MET B 20 -17.80 -29.22 -46.81
C MET B 20 -18.66 -30.16 -47.60
N ILE B 21 -19.69 -29.63 -48.27
CA ILE B 21 -20.53 -30.45 -49.14
C ILE B 21 -19.75 -30.87 -50.39
N GLU B 22 -18.94 -29.97 -50.94
CA GLU B 22 -18.08 -30.34 -52.06
C GLU B 22 -17.10 -31.47 -51.71
N ASN B 23 -16.62 -31.47 -50.47
CA ASN B 23 -15.73 -32.51 -49.98
C ASN B 23 -16.47 -33.64 -49.28
N GLU B 24 -17.78 -33.67 -49.47
CA GLU B 24 -18.63 -34.75 -48.99
C GLU B 24 -18.36 -35.11 -47.53
N VAL B 25 -18.27 -34.09 -46.69
CA VAL B 25 -18.15 -34.29 -45.24
C VAL B 25 -19.45 -34.93 -44.76
N GLN B 26 -19.38 -36.14 -44.22
CA GLN B 26 -20.63 -36.81 -43.97
C GLN B 26 -21.07 -36.67 -42.50
N GLY B 27 -22.28 -37.11 -42.21
CA GLY B 27 -22.73 -37.25 -40.83
C GLY B 27 -23.17 -35.99 -40.13
N VAL B 28 -23.20 -34.88 -40.85
CA VAL B 28 -23.62 -33.60 -40.29
C VAL B 28 -24.80 -33.05 -41.09
N GLU B 29 -25.67 -32.28 -40.45
CA GLU B 29 -26.68 -31.56 -41.20
C GLU B 29 -26.18 -30.15 -41.49
N TYR B 30 -26.23 -29.74 -42.74
CA TYR B 30 -25.76 -28.41 -43.08
C TYR B 30 -26.91 -27.41 -43.01
N ILE B 31 -26.63 -26.25 -42.43
CA ILE B 31 -27.60 -25.19 -42.39
C ILE B 31 -26.85 -23.97 -42.86
N ALA B 32 -27.31 -23.38 -43.96
CA ALA B 32 -26.69 -22.19 -44.51
C ALA B 32 -27.51 -20.99 -44.13
N VAL B 33 -26.84 -20.02 -43.49
CA VAL B 33 -27.52 -18.83 -42.98
C VAL B 33 -26.91 -17.56 -43.53
N ASN B 34 -27.78 -16.73 -44.09
CA ASN B 34 -27.27 -15.51 -44.69
C ASN B 34 -28.39 -14.48 -44.68
N THR B 35 -28.02 -13.21 -44.69
CA THR B 35 -29.01 -12.17 -44.79
C THR B 35 -29.14 -11.82 -46.25
N ASP B 36 -28.07 -12.12 -46.99
CA ASP B 36 -28.00 -11.86 -48.43
C ASP B 36 -28.55 -13.09 -49.16
N ALA B 37 -29.79 -12.97 -49.61
CA ALA B 37 -30.47 -14.08 -50.24
C ALA B 37 -29.77 -14.45 -51.55
N GLN B 38 -29.16 -13.49 -52.23
CA GLN B 38 -28.49 -13.84 -53.49
C GLN B 38 -27.46 -14.89 -53.16
N ALA B 39 -26.61 -14.57 -52.19
CA ALA B 39 -25.52 -15.45 -51.81
C ALA B 39 -26.05 -16.76 -51.20
N LEU B 40 -27.09 -16.69 -50.38
CA LEU B 40 -27.70 -17.88 -49.75
C LEU B 40 -28.16 -18.86 -50.81
N ASN B 41 -28.58 -18.33 -51.96
CA ASN B 41 -29.04 -19.17 -53.04
C ASN B 41 -27.93 -19.91 -53.74
N LEU B 42 -26.69 -19.57 -53.44
CA LEU B 42 -25.59 -20.36 -53.99
C LEU B 42 -25.19 -21.47 -53.01
N SER B 43 -25.72 -21.44 -51.78
CA SER B 43 -25.38 -22.50 -50.83
C SER B 43 -25.91 -23.84 -51.27
N LYS B 44 -25.08 -24.87 -51.11
CA LYS B 44 -25.49 -26.22 -51.44
C LYS B 44 -26.20 -26.85 -50.25
N ALA B 45 -26.34 -26.11 -49.16
CA ALA B 45 -26.90 -26.70 -47.94
C ALA B 45 -28.35 -27.04 -48.20
N GLU B 46 -28.86 -28.09 -47.59
CA GLU B 46 -30.23 -28.50 -47.87
C GLU B 46 -31.19 -27.47 -47.30
N VAL B 47 -30.91 -27.05 -46.08
CA VAL B 47 -31.71 -26.02 -45.44
C VAL B 47 -30.98 -24.66 -45.48
N LYS B 48 -31.59 -23.74 -46.23
CA LYS B 48 -31.02 -22.42 -46.47
C LYS B 48 -31.88 -21.53 -45.63
N MET B 49 -31.26 -20.82 -44.71
CA MET B 49 -31.98 -20.00 -43.79
C MET B 49 -31.69 -18.53 -44.06
N GLN B 50 -32.65 -17.83 -44.64
CA GLN B 50 -32.47 -16.41 -44.85
C GLN B 50 -32.86 -15.71 -43.59
N ILE B 51 -31.94 -14.91 -43.04
CA ILE B 51 -32.27 -14.18 -41.83
C ILE B 51 -32.35 -12.68 -42.06
N GLY B 52 -33.13 -12.01 -41.22
CA GLY B 52 -33.26 -10.57 -41.29
C GLY B 52 -33.90 -10.16 -42.58
N ALA B 53 -34.79 -11.02 -43.06
CA ALA B 53 -35.53 -10.73 -44.29
C ALA B 53 -36.30 -9.42 -44.17
N LYS B 54 -36.91 -9.21 -43.00
CA LYS B 54 -37.64 -7.97 -42.74
C LYS B 54 -36.69 -6.78 -42.69
N LEU B 55 -35.53 -7.03 -42.11
CA LEU B 55 -34.52 -6.02 -41.94
C LEU B 55 -33.73 -5.76 -43.22
N THR B 56 -33.26 -6.82 -43.86
CA THR B 56 -32.31 -6.62 -44.95
C THR B 56 -32.95 -6.83 -46.32
N ARG B 57 -34.14 -7.43 -46.34
CA ARG B 57 -34.86 -7.65 -47.59
C ARG B 57 -34.03 -8.42 -48.57
N GLY B 58 -33.27 -9.39 -48.07
CA GLY B 58 -32.50 -10.29 -48.89
C GLY B 58 -31.25 -9.61 -49.35
N LEU B 59 -31.04 -8.37 -48.95
CA LEU B 59 -29.95 -7.60 -49.52
C LEU B 59 -28.65 -7.69 -48.71
N GLY B 60 -28.62 -8.53 -47.69
CA GLY B 60 -27.38 -8.64 -46.95
C GLY B 60 -27.26 -7.69 -45.78
N ALA B 61 -26.08 -7.70 -45.15
CA ALA B 61 -25.87 -6.90 -43.96
C ALA B 61 -25.04 -5.67 -44.24
N GLY B 62 -24.67 -5.47 -45.49
CA GLY B 62 -23.82 -4.35 -45.84
C GLY B 62 -22.51 -4.33 -45.05
N ALA B 63 -21.92 -5.49 -44.79
CA ALA B 63 -20.66 -5.57 -44.07
C ALA B 63 -20.72 -4.86 -42.73
N ASN B 64 -21.93 -4.72 -42.20
CA ASN B 64 -22.18 -4.11 -40.92
C ASN B 64 -22.71 -5.17 -39.99
N PRO B 65 -21.88 -5.57 -39.03
CA PRO B 65 -22.20 -6.64 -38.09
C PRO B 65 -23.48 -6.35 -37.30
N GLU B 66 -23.75 -5.09 -37.01
CA GLU B 66 -24.96 -4.77 -36.27
C GLU B 66 -26.20 -5.21 -37.01
N VAL B 67 -26.15 -5.11 -38.35
CA VAL B 67 -27.26 -5.59 -39.18
C VAL B 67 -27.37 -7.10 -39.10
N GLY B 68 -26.25 -7.76 -39.28
CA GLY B 68 -26.23 -9.20 -39.18
C GLY B 68 -26.74 -9.63 -37.82
N LYS B 69 -26.29 -8.92 -36.79
CA LYS B 69 -26.72 -9.22 -35.43
C LYS B 69 -28.21 -9.04 -35.38
N LYS B 70 -28.68 -7.87 -35.83
CA LYS B 70 -30.10 -7.55 -35.79
C LYS B 70 -30.88 -8.48 -36.69
N ALA B 71 -30.23 -8.90 -37.76
CA ALA B 71 -30.82 -9.89 -38.63
C ALA B 71 -31.06 -11.21 -37.92
N ALA B 72 -30.01 -11.72 -37.29
CA ALA B 72 -30.09 -13.03 -36.65
C ALA B 72 -31.07 -12.95 -35.48
N GLU B 73 -31.01 -11.84 -34.76
CA GLU B 73 -31.94 -11.60 -33.70
C GLU B 73 -33.39 -11.65 -34.18
N GLU B 74 -33.65 -11.05 -35.33
CA GLU B 74 -34.97 -11.14 -35.93
C GLU B 74 -35.37 -12.58 -36.16
N SER B 75 -34.43 -13.38 -36.65
CA SER B 75 -34.78 -14.74 -37.02
C SER B 75 -34.47 -15.70 -35.89
N LYS B 76 -34.43 -15.16 -34.68
CA LYS B 76 -34.08 -15.95 -33.52
C LYS B 76 -35.04 -17.13 -33.37
N GLU B 77 -36.32 -16.92 -33.63
CA GLU B 77 -37.28 -18.02 -33.55
C GLU B 77 -37.07 -19.04 -34.68
N GLN B 78 -36.76 -18.56 -35.89
CA GLN B 78 -36.51 -19.47 -37.02
C GLN B 78 -35.25 -20.31 -36.80
N ILE B 79 -34.26 -19.70 -36.16
CA ILE B 79 -33.00 -20.37 -35.84
C ILE B 79 -33.19 -21.48 -34.77
N GLU B 80 -33.83 -21.15 -33.65
CA GLU B 80 -34.12 -22.14 -32.62
C GLU B 80 -34.87 -23.36 -33.14
N GLU B 81 -35.86 -23.15 -34.00
CA GLU B 81 -36.59 -24.28 -34.56
C GLU B 81 -35.69 -25.20 -35.41
N ALA B 82 -34.74 -24.62 -36.15
CA ALA B 82 -33.82 -25.41 -36.98
C ALA B 82 -32.69 -26.08 -36.21
N LEU B 83 -32.31 -25.51 -35.08
CA LEU B 83 -31.23 -26.03 -34.25
C LEU B 83 -31.71 -26.95 -33.13
N LYS B 84 -32.98 -26.84 -32.76
CA LYS B 84 -33.57 -27.68 -31.72
C LYS B 84 -33.26 -29.14 -32.02
N GLY B 85 -32.78 -29.84 -31.00
CA GLY B 85 -32.45 -31.25 -31.13
C GLY B 85 -30.98 -31.44 -31.42
N ALA B 86 -30.28 -30.35 -31.70
CA ALA B 86 -28.86 -30.47 -32.02
C ALA B 86 -28.05 -30.84 -30.79
N ASP B 87 -27.29 -31.91 -30.90
CA ASP B 87 -26.41 -32.30 -29.83
C ASP B 87 -25.17 -31.41 -29.92
N MET B 88 -24.74 -31.16 -31.14
CA MET B 88 -23.57 -30.33 -31.36
C MET B 88 -23.79 -29.41 -32.57
N VAL B 89 -23.30 -28.17 -32.46
CA VAL B 89 -23.47 -27.22 -33.54
C VAL B 89 -22.15 -26.56 -33.92
N PHE B 90 -21.76 -26.75 -35.17
CA PHE B 90 -20.69 -25.94 -35.68
C PHE B 90 -21.30 -24.66 -36.25
N VAL B 91 -20.75 -23.54 -35.81
CA VAL B 91 -21.05 -22.26 -36.38
C VAL B 91 -19.80 -21.81 -37.13
N THR B 92 -19.83 -21.94 -38.44
CA THR B 92 -18.67 -21.54 -39.20
C THR B 92 -19.05 -20.28 -39.92
N ALA B 93 -18.17 -19.29 -39.89
CA ALA B 93 -18.46 -18.00 -40.49
C ALA B 93 -17.19 -17.23 -40.65
N GLY B 94 -17.19 -16.24 -41.54
CA GLY B 94 -16.05 -15.37 -41.65
C GLY B 94 -16.29 -14.13 -40.83
N MET B 95 -15.35 -13.82 -39.95
CA MET B 95 -15.50 -12.63 -39.13
C MET B 95 -14.91 -11.47 -39.91
N GLY B 96 -15.50 -10.30 -39.76
CA GLY B 96 -15.04 -9.11 -40.46
C GLY B 96 -16.20 -8.62 -41.29
N GLY B 97 -17.10 -9.53 -41.61
CA GLY B 97 -18.23 -9.18 -42.44
C GLY B 97 -19.29 -8.53 -41.58
N GLY B 98 -20.54 -8.66 -42.00
CA GLY B 98 -21.66 -8.16 -41.25
C GLY B 98 -22.46 -9.34 -40.76
N THR B 99 -22.79 -10.25 -41.66
CA THR B 99 -23.67 -11.35 -41.30
C THR B 99 -22.88 -12.35 -40.48
N GLY B 100 -21.67 -12.69 -40.94
CA GLY B 100 -20.82 -13.61 -40.20
C GLY B 100 -20.57 -13.01 -38.82
N THR B 101 -19.97 -11.83 -38.84
CA THR B 101 -19.60 -11.13 -37.63
C THR B 101 -20.76 -10.92 -36.65
N GLY B 102 -21.92 -10.55 -37.18
CA GLY B 102 -23.06 -10.26 -36.34
C GLY B 102 -23.93 -11.47 -36.08
N ALA B 103 -24.24 -12.24 -37.12
CA ALA B 103 -25.22 -13.32 -36.91
C ALA B 103 -24.61 -14.54 -36.22
N ALA B 104 -23.35 -14.86 -36.57
CA ALA B 104 -22.73 -16.05 -36.03
C ALA B 104 -22.70 -16.04 -34.48
N PRO B 105 -22.32 -14.91 -33.87
CA PRO B 105 -22.39 -14.93 -32.41
C PRO B 105 -23.81 -15.16 -31.95
N VAL B 106 -24.75 -14.47 -32.58
CA VAL B 106 -26.15 -14.58 -32.17
C VAL B 106 -26.65 -16.00 -32.34
N ILE B 107 -26.30 -16.60 -33.47
CA ILE B 107 -26.72 -17.97 -33.77
C ILE B 107 -26.08 -18.95 -32.81
N ALA B 108 -24.76 -18.85 -32.65
CA ALA B 108 -24.00 -19.75 -31.78
C ALA B 108 -24.54 -19.74 -30.37
N GLN B 109 -24.73 -18.54 -29.83
CA GLN B 109 -25.29 -18.36 -28.52
C GLN B 109 -26.66 -18.98 -28.43
N ILE B 110 -27.42 -18.92 -29.52
CA ILE B 110 -28.73 -19.56 -29.55
C ILE B 110 -28.54 -21.07 -29.42
N ALA B 111 -27.54 -21.59 -30.11
CA ALA B 111 -27.19 -23.00 -30.03
C ALA B 111 -26.69 -23.40 -28.65
N LYS B 112 -25.83 -22.59 -28.08
CA LYS B 112 -25.25 -22.93 -26.79
C LYS B 112 -26.32 -23.00 -25.72
N ASP B 113 -27.23 -22.03 -25.76
CA ASP B 113 -28.35 -21.94 -24.83
C ASP B 113 -29.32 -23.10 -25.01
N LEU B 114 -29.41 -23.58 -26.24
CA LEU B 114 -30.15 -24.79 -26.58
C LEU B 114 -29.44 -26.05 -26.12
N GLY B 115 -28.21 -25.88 -25.63
CA GLY B 115 -27.47 -26.98 -25.04
C GLY B 115 -26.63 -27.76 -26.01
N ALA B 116 -26.67 -27.40 -27.27
CA ALA B 116 -25.81 -28.07 -28.24
C ALA B 116 -24.39 -27.64 -27.98
N LEU B 117 -23.48 -28.58 -28.17
CA LEU B 117 -22.05 -28.30 -28.03
C LEU B 117 -21.73 -27.34 -29.16
N THR B 118 -21.38 -26.11 -28.80
CA THR B 118 -21.27 -25.10 -29.82
C THR B 118 -19.84 -24.78 -30.16
N VAL B 119 -19.45 -25.10 -31.38
CA VAL B 119 -18.08 -24.84 -31.78
C VAL B 119 -18.12 -23.84 -32.88
N GLY B 120 -17.48 -22.72 -32.66
CA GLY B 120 -17.30 -21.76 -33.73
C GLY B 120 -16.02 -22.06 -34.43
N VAL B 121 -16.05 -22.03 -35.75
CA VAL B 121 -14.83 -22.11 -36.53
C VAL B 121 -14.90 -20.90 -37.44
N VAL B 122 -14.06 -19.89 -37.24
CA VAL B 122 -14.24 -18.64 -37.99
C VAL B 122 -12.95 -18.23 -38.65
N THR B 123 -13.03 -17.38 -39.66
CA THR B 123 -11.82 -16.82 -40.24
C THR B 123 -11.57 -15.39 -39.78
N ARG B 124 -10.32 -15.05 -39.49
CA ARG B 124 -9.96 -13.66 -39.29
C ARG B 124 -9.52 -13.17 -40.65
N PRO B 125 -10.11 -12.07 -41.11
CA PRO B 125 -9.93 -11.54 -42.46
C PRO B 125 -8.47 -11.25 -42.79
N PHE B 126 -8.17 -11.23 -44.08
CA PHE B 126 -6.85 -10.85 -44.56
C PHE B 126 -6.56 -9.43 -44.12
N THR B 127 -5.28 -9.11 -43.98
CA THR B 127 -4.93 -7.74 -43.67
C THR B 127 -5.35 -6.85 -44.83
N PHE B 128 -5.22 -7.32 -46.06
CA PHE B 128 -5.60 -6.49 -47.21
C PHE B 128 -7.09 -6.13 -47.20
N GLU B 129 -7.89 -6.89 -46.46
CA GLU B 129 -9.31 -6.56 -46.36
C GLU B 129 -9.52 -5.22 -45.66
N GLY B 130 -8.45 -4.70 -45.07
CA GLY B 130 -8.46 -3.36 -44.50
C GLY B 130 -8.68 -3.25 -43.00
N ARG B 131 -8.56 -2.04 -42.48
CA ARG B 131 -8.64 -1.83 -41.03
C ARG B 131 -10.05 -2.11 -40.51
N LYS B 132 -11.08 -1.64 -41.21
CA LYS B 132 -12.45 -1.85 -40.77
C LYS B 132 -12.73 -3.34 -40.61
N ARG B 133 -12.31 -4.13 -41.59
CA ARG B 133 -12.54 -5.57 -41.55
C ARG B 133 -11.91 -6.23 -40.35
N GLN B 134 -10.68 -5.83 -40.04
CA GLN B 134 -9.97 -6.41 -38.92
C GLN B 134 -10.72 -6.13 -37.61
N LEU B 135 -11.11 -4.87 -37.41
CA LEU B 135 -11.81 -4.46 -36.19
C LEU B 135 -13.13 -5.20 -36.05
N GLN B 136 -13.92 -5.24 -37.12
CA GLN B 136 -15.25 -5.83 -37.03
C GLN B 136 -15.12 -7.31 -36.67
N ALA B 137 -14.07 -7.93 -37.20
CA ALA B 137 -13.81 -9.34 -36.93
C ALA B 137 -13.51 -9.55 -35.48
N ALA B 138 -12.72 -8.65 -34.92
CA ALA B 138 -12.33 -8.73 -33.52
C ALA B 138 -13.56 -8.78 -32.65
N GLY B 139 -14.48 -7.85 -32.94
CA GLY B 139 -15.73 -7.74 -32.21
C GLY B 139 -16.56 -8.99 -32.32
N GLY B 140 -16.58 -9.57 -33.51
CA GLY B 140 -17.31 -10.79 -33.72
C GLY B 140 -16.64 -11.93 -33.00
N ILE B 141 -15.32 -11.96 -33.07
CA ILE B 141 -14.56 -13.01 -32.40
C ILE B 141 -14.77 -12.98 -30.90
N SER B 142 -14.69 -11.78 -30.33
CA SER B 142 -14.97 -11.60 -28.92
C SER B 142 -16.36 -12.13 -28.59
N ALA B 143 -17.32 -11.73 -29.41
CA ALA B 143 -18.70 -12.12 -29.20
C ALA B 143 -18.89 -13.58 -29.51
N MET B 144 -18.08 -14.10 -30.43
CA MET B 144 -18.12 -15.52 -30.77
C MET B 144 -17.63 -16.31 -29.57
N LYS B 145 -16.50 -15.86 -29.01
CA LYS B 145 -15.88 -16.50 -27.88
C LYS B 145 -16.87 -16.62 -26.73
N GLU B 146 -17.66 -15.56 -26.52
CA GLU B 146 -18.67 -15.55 -25.48
C GLU B 146 -19.79 -16.52 -25.79
N ALA B 147 -19.98 -16.77 -27.08
CA ALA B 147 -21.17 -17.45 -27.52
C ALA B 147 -20.97 -18.93 -27.82
N VAL B 148 -19.72 -19.38 -27.79
CA VAL B 148 -19.43 -20.77 -28.10
C VAL B 148 -18.79 -21.49 -26.92
N ASP B 149 -18.64 -22.80 -27.06
CA ASP B 149 -17.87 -23.57 -26.11
C ASP B 149 -16.39 -23.41 -26.45
N THR B 150 -16.07 -23.66 -27.71
CA THR B 150 -14.71 -23.52 -28.20
C THR B 150 -14.71 -22.72 -29.49
N LEU B 151 -13.79 -21.77 -29.58
CA LEU B 151 -13.72 -20.96 -30.78
C LEU B 151 -12.43 -21.16 -31.53
N ILE B 152 -12.53 -21.78 -32.68
CA ILE B 152 -11.36 -21.90 -33.53
C ILE B 152 -11.30 -20.70 -34.51
N VAL B 153 -10.30 -19.85 -34.34
CA VAL B 153 -10.12 -18.71 -35.22
C VAL B 153 -8.97 -18.97 -36.15
N ILE B 154 -9.27 -19.04 -37.44
CA ILE B 154 -8.27 -19.31 -38.44
C ILE B 154 -7.88 -18.02 -39.11
N PRO B 155 -6.66 -17.55 -38.86
CA PRO B 155 -6.20 -16.31 -39.50
C PRO B 155 -5.94 -16.46 -41.02
N ASN B 156 -6.74 -15.77 -41.81
CA ASN B 156 -6.59 -15.82 -43.26
C ASN B 156 -5.21 -15.34 -43.69
N ASP B 157 -4.66 -14.40 -42.94
CA ASP B 157 -3.34 -13.84 -43.24
C ASP B 157 -2.26 -14.92 -43.34
N ARG B 158 -2.40 -15.97 -42.54
CA ARG B 158 -1.43 -17.06 -42.56
C ARG B 158 -1.56 -17.95 -43.79
N ILE B 159 -2.67 -17.80 -44.51
CA ILE B 159 -2.82 -18.50 -45.78
C ILE B 159 -1.79 -17.98 -46.81
N LEU B 160 -1.51 -16.68 -46.81
CA LEU B 160 -0.61 -16.10 -47.82
C LEU B 160 0.84 -16.61 -47.66
N GLU B 161 1.16 -17.05 -46.46
CA GLU B 161 2.43 -17.69 -46.17
C GLU B 161 2.42 -19.10 -46.78
N ILE B 162 1.24 -19.71 -46.84
CA ILE B 162 1.13 -21.11 -47.26
C ILE B 162 1.06 -21.20 -48.77
N VAL B 163 0.22 -20.38 -49.39
CA VAL B 163 0.08 -20.38 -50.86
C VAL B 163 1.32 -19.80 -51.55
N ASP B 164 1.45 -20.09 -52.83
CA ASP B 164 2.52 -19.53 -53.63
C ASP B 164 2.34 -18.01 -53.53
N LYS B 165 3.45 -17.30 -53.49
CA LYS B 165 3.39 -15.86 -53.28
C LYS B 165 2.65 -15.11 -54.38
N ASN B 166 2.51 -15.77 -55.53
CA ASN B 166 1.84 -15.14 -56.68
C ASN B 166 0.43 -15.65 -56.97
N THR B 167 -0.11 -16.53 -56.12
CA THR B 167 -1.47 -17.01 -56.36
C THR B 167 -2.40 -15.81 -56.29
N PRO B 168 -3.34 -15.72 -57.24
CA PRO B 168 -4.30 -14.62 -57.27
C PRO B 168 -5.13 -14.58 -55.99
N MET B 169 -5.55 -13.38 -55.60
CA MET B 169 -6.30 -13.17 -54.37
C MET B 169 -7.48 -14.12 -54.24
N LEU B 170 -8.19 -14.30 -55.35
CA LEU B 170 -9.38 -15.13 -55.37
C LEU B 170 -9.13 -16.54 -54.82
N GLU B 171 -7.97 -17.09 -55.15
CA GLU B 171 -7.62 -18.42 -54.69
C GLU B 171 -7.23 -18.42 -53.22
N ALA B 172 -6.68 -17.32 -52.76
CA ALA B 172 -6.33 -17.19 -51.36
C ALA B 172 -7.60 -17.34 -50.55
N PHE B 173 -8.63 -16.64 -50.99
CA PHE B 173 -9.96 -16.75 -50.42
C PHE B 173 -10.46 -18.16 -50.54
N ARG B 174 -10.25 -18.73 -51.73
CA ARG B 174 -10.80 -20.04 -52.06
C ARG B 174 -10.29 -21.05 -51.07
N GLU B 175 -9.01 -20.90 -50.69
CA GLU B 175 -8.41 -21.77 -49.68
C GLU B 175 -8.96 -21.47 -48.29
N ALA B 176 -9.26 -20.20 -48.03
CA ALA B 176 -9.82 -19.81 -46.75
C ALA B 176 -11.13 -20.56 -46.48
N ASP B 177 -11.99 -20.65 -47.49
CA ASP B 177 -13.20 -21.45 -47.31
C ASP B 177 -12.83 -22.91 -47.02
N ASN B 178 -11.80 -23.39 -47.71
CA ASN B 178 -11.36 -24.77 -47.54
C ASN B 178 -10.81 -25.08 -46.14
N VAL B 179 -9.99 -24.17 -45.62
CA VAL B 179 -9.40 -24.33 -44.30
C VAL B 179 -10.46 -24.36 -43.23
N LEU B 180 -11.41 -23.44 -43.40
CA LEU B 180 -12.61 -23.35 -42.57
C LEU B 180 -13.32 -24.68 -42.56
N ARG B 181 -13.37 -25.27 -43.75
CA ARG B 181 -13.92 -26.60 -43.94
C ARG B 181 -13.03 -27.62 -43.25
N GLN B 182 -11.70 -27.48 -43.39
CA GLN B 182 -10.76 -28.42 -42.75
C GLN B 182 -10.94 -28.43 -41.23
N GLY B 183 -11.19 -27.26 -40.65
CA GLY B 183 -11.42 -27.11 -39.24
C GLY B 183 -12.69 -27.82 -38.78
N VAL B 184 -13.79 -27.60 -39.49
CA VAL B 184 -15.07 -28.21 -39.12
C VAL B 184 -15.03 -29.71 -39.40
N GLN B 185 -14.50 -30.08 -40.56
CA GLN B 185 -14.41 -31.50 -40.89
C GLN B 185 -13.43 -32.16 -39.92
N GLY B 186 -12.37 -31.43 -39.57
CA GLY B 186 -11.38 -31.91 -38.63
C GLY B 186 -12.02 -32.46 -37.37
N ILE B 187 -13.03 -31.76 -36.87
CA ILE B 187 -13.72 -32.23 -35.69
C ILE B 187 -14.92 -33.10 -36.02
N SER B 188 -15.72 -32.66 -36.97
CA SER B 188 -16.99 -33.34 -37.23
C SER B 188 -16.84 -34.82 -37.58
N ASP B 189 -15.78 -35.13 -38.32
CA ASP B 189 -15.52 -36.46 -38.85
C ASP B 189 -15.30 -37.50 -37.73
N LEU B 190 -14.94 -37.00 -36.56
CA LEU B 190 -14.65 -37.86 -35.41
C LEU B 190 -15.96 -38.12 -34.70
N ILE B 191 -17.02 -37.55 -35.27
CA ILE B 191 -18.35 -37.65 -34.68
C ILE B 191 -19.35 -38.09 -35.79
N ALA B 192 -19.17 -39.33 -36.25
CA ALA B 192 -20.04 -39.95 -37.26
C ALA B 192 -20.24 -41.40 -36.81
N THR B 193 -19.15 -41.99 -36.32
CA THR B 193 -19.17 -43.31 -35.68
C THR B 193 -17.83 -43.55 -34.97
N PHE B 201 -17.49 -38.83 -28.00
CA PHE B 201 -18.58 -38.84 -27.04
C PHE B 201 -18.65 -37.53 -26.19
N ALA B 202 -18.90 -37.65 -24.88
CA ALA B 202 -19.00 -36.46 -24.03
C ALA B 202 -17.63 -35.94 -23.52
N ASP B 203 -16.57 -36.63 -23.91
CA ASP B 203 -15.20 -36.23 -23.58
C ASP B 203 -14.83 -35.01 -24.39
N VAL B 204 -15.14 -35.07 -25.69
CA VAL B 204 -15.09 -33.92 -26.60
C VAL B 204 -15.56 -32.64 -25.92
N LYS B 205 -16.66 -32.75 -25.18
CA LYS B 205 -17.22 -31.62 -24.48
C LYS B 205 -16.26 -31.06 -23.44
N THR B 206 -15.80 -31.95 -22.55
CA THR B 206 -14.91 -31.59 -21.42
C THR B 206 -13.49 -31.13 -21.83
N ILE B 207 -13.00 -31.61 -22.97
CA ILE B 207 -11.67 -31.23 -23.48
C ILE B 207 -11.68 -30.00 -24.40
N MET B 208 -12.82 -29.75 -25.07
CA MET B 208 -12.94 -28.59 -25.97
C MET B 208 -13.30 -27.23 -25.33
N SER B 209 -13.98 -27.23 -24.19
CA SER B 209 -14.43 -25.96 -23.59
C SER B 209 -13.46 -25.34 -22.59
N GLY B 212 -11.47 -22.37 -23.03
CA GLY B 212 -10.87 -21.19 -23.62
C GLY B 212 -11.09 -21.15 -25.12
N SER B 213 -10.41 -20.24 -25.82
CA SER B 213 -10.48 -20.19 -27.28
C SER B 213 -9.49 -21.21 -27.86
N ALA B 214 -9.64 -21.54 -29.14
CA ALA B 214 -8.84 -22.62 -29.74
C ALA B 214 -8.20 -22.23 -31.07
N LEU B 215 -7.15 -22.97 -31.41
CA LEU B 215 -6.41 -22.70 -32.62
C LEU B 215 -6.19 -24.02 -33.35
N MET B 216 -6.24 -23.99 -34.68
CA MET B 216 -6.03 -25.20 -35.45
C MET B 216 -4.81 -25.06 -36.32
N GLY B 217 -4.27 -26.21 -36.71
CA GLY B 217 -3.18 -26.26 -37.65
C GLY B 217 -3.48 -27.43 -38.56
N ILE B 218 -3.11 -27.30 -39.84
CA ILE B 218 -3.38 -28.36 -40.78
C ILE B 218 -2.14 -28.64 -41.59
N GLY B 219 -1.90 -29.93 -41.78
CA GLY B 219 -0.83 -30.39 -42.64
C GLY B 219 -1.36 -31.55 -43.45
N ILE B 220 -0.97 -31.57 -44.72
CA ILE B 220 -1.30 -32.65 -45.60
C ILE B 220 0.00 -33.01 -46.30
N ALA B 221 0.23 -34.30 -46.51
CA ALA B 221 1.38 -34.72 -47.32
C ALA B 221 1.14 -36.07 -48.00
N THR B 222 1.83 -36.28 -49.11
CA THR B 222 1.77 -37.54 -49.84
C THR B 222 3.18 -38.03 -50.12
N ALA B 227 4.31 -38.98 -44.38
CA ALA B 227 3.13 -39.04 -43.53
C ALA B 227 3.35 -38.18 -42.29
N ALA B 228 4.56 -38.29 -41.76
CA ALA B 228 4.94 -37.49 -40.62
C ALA B 228 5.05 -36.04 -41.08
N GLU B 229 5.36 -35.83 -42.35
CA GLU B 229 5.52 -34.47 -42.88
C GLU B 229 4.29 -33.63 -42.56
N ALA B 230 3.11 -34.23 -42.71
CA ALA B 230 1.86 -33.55 -42.42
C ALA B 230 1.81 -33.11 -40.95
N ALA B 231 2.07 -34.03 -40.04
CA ALA B 231 2.14 -33.69 -38.62
C ALA B 231 3.25 -32.65 -38.33
N LYS B 232 4.38 -32.77 -39.01
CA LYS B 232 5.43 -31.78 -38.84
C LYS B 232 4.88 -30.46 -39.32
N LYS B 233 4.20 -30.53 -40.45
CA LYS B 233 3.53 -29.37 -41.05
C LYS B 233 2.40 -28.87 -40.16
N ALA B 234 1.66 -29.80 -39.53
CA ALA B 234 0.55 -29.43 -38.65
C ALA B 234 0.95 -28.56 -37.45
N ILE B 235 2.02 -28.93 -36.73
CA ILE B 235 2.38 -28.15 -35.55
C ILE B 235 3.03 -26.82 -35.95
N SER B 236 3.62 -26.80 -37.14
CA SER B 236 4.34 -25.64 -37.64
C SER B 236 3.47 -24.80 -38.56
N SER B 237 2.30 -25.37 -38.90
CA SER B 237 1.31 -24.73 -39.77
C SER B 237 1.08 -23.31 -39.29
N PRO B 238 1.33 -22.33 -40.17
CA PRO B 238 1.19 -20.90 -39.83
C PRO B 238 -0.17 -20.57 -39.22
N LEU B 239 -1.18 -21.39 -39.50
CA LEU B 239 -2.51 -21.24 -38.92
C LEU B 239 -2.51 -21.52 -37.41
N LEU B 240 -1.64 -22.41 -36.96
CA LEU B 240 -1.48 -22.70 -35.53
C LEU B 240 -0.37 -21.80 -35.00
N GLU B 241 -0.76 -20.62 -34.55
CA GLU B 241 0.17 -19.52 -34.34
C GLU B 241 1.02 -19.62 -33.08
N ALA B 242 0.68 -20.55 -32.21
CA ALA B 242 1.49 -20.73 -31.03
C ALA B 242 1.99 -22.16 -30.90
N ALA B 243 2.78 -22.40 -29.86
CA ALA B 243 3.28 -23.72 -29.50
C ALA B 243 2.22 -24.48 -28.73
N ILE B 244 2.02 -25.74 -29.09
CA ILE B 244 1.00 -26.57 -28.46
C ILE B 244 1.23 -26.79 -26.94
N ASP B 245 2.46 -26.62 -26.46
CA ASP B 245 2.71 -26.72 -25.01
C ASP B 245 1.89 -25.68 -24.24
N GLY B 246 1.36 -24.71 -24.97
CA GLY B 246 0.51 -23.70 -24.39
C GLY B 246 -0.91 -24.20 -24.32
N ALA B 247 -1.18 -25.35 -24.96
CA ALA B 247 -2.51 -25.95 -24.95
C ALA B 247 -2.77 -26.83 -23.73
N GLN B 248 -3.94 -26.67 -23.13
CA GLN B 248 -4.39 -27.58 -22.07
C GLN B 248 -4.98 -28.81 -22.73
N GLY B 249 -5.53 -28.60 -23.91
CA GLY B 249 -6.10 -29.68 -24.70
C GLY B 249 -5.72 -29.59 -26.16
N VAL B 250 -5.49 -30.74 -26.79
CA VAL B 250 -5.27 -30.75 -28.22
C VAL B 250 -6.01 -31.92 -28.86
N LEU B 251 -6.78 -31.61 -29.91
CA LEU B 251 -7.55 -32.60 -30.64
C LEU B 251 -6.83 -32.83 -31.95
N MET B 252 -6.64 -34.09 -32.31
CA MET B 252 -5.88 -34.38 -33.51
C MET B 252 -6.63 -35.22 -34.54
N ASN B 253 -6.59 -34.76 -35.80
CA ASN B 253 -7.26 -35.51 -36.86
C ASN B 253 -6.27 -36.07 -37.86
N ILE B 254 -6.25 -37.40 -37.88
CA ILE B 254 -5.50 -38.18 -38.83
C ILE B 254 -6.48 -38.75 -39.82
N THR B 255 -6.33 -38.32 -41.06
CA THR B 255 -7.23 -38.78 -42.07
C THR B 255 -6.41 -39.12 -43.31
N GLY B 256 -6.69 -40.28 -43.90
CA GLY B 256 -5.98 -40.74 -45.08
C GLY B 256 -6.78 -41.80 -45.82
N GLY B 257 -6.18 -42.41 -46.82
CA GLY B 257 -6.84 -43.43 -47.62
C GLY B 257 -6.98 -44.73 -46.84
N THR B 258 -7.28 -45.82 -47.53
CA THR B 258 -7.39 -47.13 -46.87
C THR B 258 -6.01 -47.58 -46.36
N ASN B 259 -4.98 -46.89 -46.82
CA ASN B 259 -3.61 -47.16 -46.44
C ASN B 259 -3.19 -46.56 -45.11
N LEU B 260 -4.13 -46.12 -44.29
CA LEU B 260 -3.75 -45.64 -42.97
C LEU B 260 -3.40 -46.87 -42.14
N SER B 261 -2.12 -46.96 -41.79
CA SER B 261 -1.59 -48.03 -40.97
C SER B 261 -1.33 -47.40 -39.62
N LEU B 262 -1.46 -48.16 -38.54
CA LEU B 262 -1.23 -47.60 -37.21
C LEU B 262 0.19 -47.07 -37.05
N TYR B 263 1.11 -47.51 -37.90
CA TYR B 263 2.47 -47.04 -37.85
C TYR B 263 2.52 -45.55 -38.17
N GLU B 264 1.76 -45.17 -39.18
CA GLU B 264 1.65 -43.78 -39.60
C GLU B 264 0.96 -42.89 -38.58
N VAL B 265 -0.16 -43.38 -38.05
CA VAL B 265 -0.96 -42.63 -37.10
C VAL B 265 -0.17 -42.26 -35.81
N GLN B 266 0.38 -43.27 -35.13
CA GLN B 266 1.13 -42.99 -33.90
C GLN B 266 2.42 -42.22 -34.20
N GLU B 267 3.03 -42.47 -35.36
CA GLU B 267 4.23 -41.74 -35.75
C GLU B 267 3.95 -40.26 -35.84
N ALA B 268 2.83 -39.93 -36.48
CA ALA B 268 2.34 -38.56 -36.54
C ALA B 268 1.93 -38.11 -35.14
N ALA B 269 1.20 -38.95 -34.43
CA ALA B 269 0.70 -38.63 -33.08
C ALA B 269 1.82 -38.30 -32.09
N ASP B 270 2.91 -39.05 -32.17
CA ASP B 270 4.07 -38.81 -31.34
C ASP B 270 4.62 -37.40 -31.60
N ILE B 271 4.57 -36.96 -32.86
CA ILE B 271 5.09 -35.63 -33.19
C ILE B 271 4.26 -34.55 -32.50
N VAL B 272 2.94 -34.69 -32.60
CA VAL B 272 2.03 -33.75 -31.96
C VAL B 272 2.20 -33.89 -30.45
N ALA B 273 2.34 -35.13 -29.98
CA ALA B 273 2.51 -35.38 -28.55
C ALA B 273 3.81 -34.82 -27.98
N SER B 274 4.91 -34.93 -28.73
CA SER B 274 6.19 -34.38 -28.27
C SER B 274 6.03 -32.89 -28.13
N ALA B 275 5.35 -32.31 -29.11
CA ALA B 275 5.10 -30.89 -29.14
C ALA B 275 4.02 -30.49 -28.14
N SER B 276 3.17 -31.43 -27.74
CA SER B 276 2.11 -31.12 -26.79
C SER B 276 2.64 -31.26 -25.38
N ASP B 277 1.90 -30.69 -24.42
CA ASP B 277 2.27 -30.79 -23.01
C ASP B 277 2.21 -32.24 -22.59
N GLN B 278 3.07 -32.60 -21.64
CA GLN B 278 3.06 -33.95 -21.09
C GLN B 278 1.71 -34.19 -20.43
N ASP B 279 1.18 -33.14 -19.81
CA ASP B 279 -0.05 -33.21 -19.04
C ASP B 279 -1.24 -32.79 -19.89
N VAL B 280 -1.05 -32.74 -21.20
CA VAL B 280 -2.10 -32.38 -22.15
C VAL B 280 -3.32 -33.31 -22.05
N ASN B 281 -4.52 -32.77 -22.22
CA ASN B 281 -5.71 -33.60 -22.46
C ASN B 281 -5.75 -33.78 -23.98
N MET B 282 -6.04 -34.98 -24.48
CA MET B 282 -6.05 -35.17 -25.94
C MET B 282 -7.18 -36.05 -26.48
N ILE B 283 -7.75 -35.56 -27.57
CA ILE B 283 -8.72 -36.31 -28.36
C ILE B 283 -8.03 -36.57 -29.68
N PHE B 284 -7.97 -37.83 -30.08
CA PHE B 284 -7.23 -38.21 -31.28
C PHE B 284 -8.08 -39.19 -32.02
N GLY B 285 -8.14 -39.00 -33.33
CA GLY B 285 -8.91 -39.91 -34.13
C GLY B 285 -8.24 -40.13 -35.46
N SER B 286 -8.60 -41.26 -36.03
CA SER B 286 -8.20 -41.59 -37.37
C SER B 286 -9.46 -41.90 -38.15
N VAL B 287 -9.52 -41.39 -39.37
CA VAL B 287 -10.66 -41.66 -40.26
C VAL B 287 -10.12 -41.99 -41.63
N ILE B 288 -10.73 -43.00 -42.24
CA ILE B 288 -10.35 -43.39 -43.58
C ILE B 288 -11.30 -42.72 -44.55
N ASN B 289 -10.73 -41.99 -45.49
CA ASN B 289 -11.53 -41.39 -46.54
C ASN B 289 -11.11 -42.09 -47.83
N GLU B 290 -11.94 -43.02 -48.27
CA GLU B 290 -11.61 -43.89 -49.39
C GLU B 290 -11.43 -43.08 -50.66
N ASN B 291 -11.94 -41.85 -50.66
CA ASN B 291 -11.82 -40.96 -51.81
C ASN B 291 -10.39 -40.41 -51.88
N LEU B 292 -9.67 -40.54 -50.77
CA LEU B 292 -8.25 -40.21 -50.73
C LEU B 292 -7.46 -41.45 -51.15
N LYS B 293 -6.23 -41.27 -51.64
CA LYS B 293 -5.43 -42.41 -52.05
C LYS B 293 -4.24 -42.64 -51.13
N ASP B 294 -3.12 -42.01 -51.45
CA ASP B 294 -1.88 -42.19 -50.69
C ASP B 294 -1.53 -40.91 -49.92
N GLU B 295 -2.39 -39.91 -50.02
CA GLU B 295 -2.21 -38.67 -49.28
C GLU B 295 -2.76 -38.80 -47.85
N ILE B 296 -2.14 -38.09 -46.91
CA ILE B 296 -2.68 -37.95 -45.55
C ILE B 296 -2.66 -36.50 -45.06
N VAL B 297 -3.75 -36.12 -44.41
CA VAL B 297 -3.95 -34.78 -43.91
C VAL B 297 -4.05 -34.84 -42.39
N VAL B 298 -3.13 -34.15 -41.74
CA VAL B 298 -3.09 -34.15 -40.30
C VAL B 298 -3.70 -32.84 -39.82
N THR B 299 -4.79 -32.94 -39.06
CA THR B 299 -5.40 -31.75 -38.47
C THR B 299 -5.21 -31.76 -36.95
N VAL B 300 -4.64 -30.66 -36.44
CA VAL B 300 -4.35 -30.49 -35.03
C VAL B 300 -5.12 -29.29 -34.52
N ILE B 301 -5.84 -29.49 -33.42
CA ILE B 301 -6.62 -28.43 -32.79
C ILE B 301 -6.30 -28.30 -31.30
N ALA B 302 -5.88 -27.11 -30.89
CA ALA B 302 -5.40 -26.87 -29.52
C ALA B 302 -6.30 -25.94 -28.73
N THR B 303 -6.64 -26.37 -27.52
CA THR B 303 -7.57 -25.63 -26.67
C THR B 303 -7.03 -25.32 -25.25
N GLY B 304 -6.33 -24.19 -25.09
CA GLY B 304 -5.80 -23.80 -23.79
C GLY B 304 -4.60 -22.88 -23.82
N SER C 3 23.11 40.91 10.86
CA SER C 3 22.77 40.90 12.30
C SER C 3 21.34 40.46 12.58
N ILE C 4 21.15 39.18 12.81
CA ILE C 4 19.82 38.68 13.05
C ILE C 4 19.74 37.94 14.38
N LYS C 5 18.81 38.40 15.23
CA LYS C 5 18.68 37.94 16.60
C LYS C 5 17.44 37.08 16.75
N VAL C 6 17.58 35.95 17.43
CA VAL C 6 16.48 35.05 17.70
C VAL C 6 16.12 35.21 19.17
N ILE C 7 14.95 35.73 19.46
CA ILE C 7 14.67 35.96 20.84
C ILE C 7 13.70 34.96 21.40
N GLY C 8 14.16 34.16 22.34
CA GLY C 8 13.27 33.22 22.97
C GLY C 8 12.58 33.94 24.10
N VAL C 9 11.26 33.89 24.10
CA VAL C 9 10.49 34.55 25.15
C VAL C 9 9.74 33.50 25.95
N GLY C 10 9.93 33.53 27.26
CA GLY C 10 9.20 32.62 28.11
C GLY C 10 9.68 31.22 27.85
N GLY C 11 9.00 30.23 28.41
CA GLY C 11 9.49 28.88 28.34
C GLY C 11 9.48 28.30 26.94
N GLY C 12 8.40 28.52 26.22
CA GLY C 12 8.26 27.90 24.91
C GLY C 12 9.41 28.31 24.02
N GLY C 13 9.74 29.59 24.07
CA GLY C 13 10.85 30.13 23.34
C GLY C 13 12.15 29.67 23.93
N ASN C 14 12.18 29.56 25.25
CA ASN C 14 13.40 29.19 25.91
C ASN C 14 13.93 27.86 25.44
N ASN C 15 13.06 26.88 25.41
CA ASN C 15 13.42 25.54 24.98
C ASN C 15 13.76 25.52 23.48
N ALA C 16 13.01 26.30 22.71
CA ALA C 16 13.24 26.40 21.29
C ALA C 16 14.64 26.94 21.06
N VAL C 17 14.93 28.07 21.69
CA VAL C 17 16.24 28.69 21.59
C VAL C 17 17.34 27.74 22.06
N ASN C 18 17.09 26.98 23.11
CA ASN C 18 18.02 25.89 23.43
C ASN C 18 18.14 24.93 22.30
N ARG C 19 17.00 24.50 21.78
CA ARG C 19 16.98 23.46 20.77
C ARG C 19 17.72 23.90 19.55
N MET C 20 17.63 25.18 19.25
CA MET C 20 18.38 25.77 18.17
C MET C 20 19.87 25.75 18.47
N ILE C 21 20.22 26.08 19.71
CA ILE C 21 21.59 26.05 20.18
C ILE C 21 22.11 24.62 20.22
N GLU C 22 21.28 23.71 20.69
CA GLU C 22 21.64 22.30 20.70
C GLU C 22 21.92 21.83 19.29
N ASN C 23 21.24 22.44 18.34
CA ASN C 23 21.39 22.13 16.92
C ASN C 23 22.41 22.99 16.19
N GLU C 24 23.20 23.73 16.94
CA GLU C 24 24.23 24.56 16.35
C GLU C 24 23.71 25.37 15.18
N VAL C 25 22.49 25.86 15.28
CA VAL C 25 21.95 26.70 14.20
C VAL C 25 22.77 27.98 14.11
N GLN C 26 23.47 28.17 13.01
CA GLN C 26 24.46 29.22 12.99
C GLN C 26 23.83 30.50 12.46
N GLY C 27 24.58 31.59 12.54
CA GLY C 27 24.19 32.82 11.88
C GLY C 27 23.17 33.64 12.64
N VAL C 28 22.78 33.20 13.82
CA VAL C 28 21.92 34.04 14.66
C VAL C 28 22.47 34.22 16.06
N GLU C 29 22.20 35.39 16.61
CA GLU C 29 22.45 35.68 18.01
C GLU C 29 21.17 35.36 18.76
N TYR C 30 21.31 34.50 19.75
CA TYR C 30 20.19 34.11 20.55
C TYR C 30 20.14 35.00 21.76
N ILE C 31 18.94 35.43 22.12
CA ILE C 31 18.70 36.18 23.34
C ILE C 31 17.55 35.48 24.02
N ALA C 32 17.77 34.92 25.20
CA ALA C 32 16.68 34.27 25.92
C ALA C 32 16.05 35.29 26.85
N VAL C 33 14.73 35.38 26.80
CA VAL C 33 14.03 36.35 27.61
C VAL C 33 13.07 35.62 28.49
N ASN C 34 13.10 35.89 29.78
CA ASN C 34 12.20 35.17 30.63
C ASN C 34 11.84 35.96 31.88
N THR C 35 10.67 35.71 32.47
CA THR C 35 10.32 36.36 33.72
C THR C 35 10.74 35.47 34.86
N ASP C 36 10.81 34.19 34.51
CA ASP C 36 11.16 33.12 35.42
C ASP C 36 12.66 32.98 35.40
N ALA C 37 13.31 33.48 36.45
CA ALA C 37 14.77 33.49 36.48
C ALA C 37 15.32 32.08 36.51
N GLN C 38 14.58 31.15 37.09
CA GLN C 38 15.02 29.76 37.17
C GLN C 38 15.18 29.15 35.79
N ALA C 39 14.12 29.23 34.99
CA ALA C 39 14.12 28.63 33.66
C ALA C 39 15.13 29.35 32.82
N LEU C 40 15.16 30.67 33.00
CA LEU C 40 16.05 31.55 32.26
C LEU C 40 17.47 31.10 32.43
N ASN C 41 17.81 30.64 33.64
CA ASN C 41 19.16 30.16 33.92
C ASN C 41 19.44 28.84 33.26
N LEU C 42 18.40 28.20 32.72
CA LEU C 42 18.63 26.99 31.96
C LEU C 42 18.84 27.30 30.49
N SER C 43 18.68 28.56 30.09
CA SER C 43 18.86 28.89 28.69
C SER C 43 20.28 28.67 28.31
N LYS C 44 20.53 28.15 27.12
CA LYS C 44 21.89 28.06 26.65
C LYS C 44 22.30 29.34 25.91
N ALA C 45 21.41 30.33 25.82
CA ALA C 45 21.70 31.53 25.03
C ALA C 45 22.80 32.37 25.67
N GLU C 46 23.65 32.96 24.84
CA GLU C 46 24.82 33.67 25.33
C GLU C 46 24.35 34.87 26.11
N VAL C 47 23.33 35.54 25.59
CA VAL C 47 22.65 36.59 26.34
C VAL C 47 21.30 36.12 26.90
N LYS C 48 21.18 36.16 28.22
CA LYS C 48 19.96 35.76 28.89
C LYS C 48 19.38 37.01 29.48
N MET C 49 18.17 37.34 29.08
CA MET C 49 17.55 38.55 29.57
C MET C 49 16.37 38.27 30.46
N GLN C 50 16.54 38.54 31.74
CA GLN C 50 15.41 38.44 32.66
C GLN C 50 14.62 39.68 32.59
N ILE C 51 13.34 39.55 32.31
CA ILE C 51 12.53 40.74 32.28
C ILE C 51 11.58 40.71 33.46
N GLY C 52 11.09 41.88 33.84
CA GLY C 52 10.12 41.97 34.91
C GLY C 52 10.64 41.48 36.25
N ALA C 53 11.94 41.69 36.46
CA ALA C 53 12.55 41.36 37.74
C ALA C 53 11.89 42.12 38.85
N LYS C 54 11.62 43.39 38.61
CA LYS C 54 10.99 44.22 39.62
C LYS C 54 9.58 43.72 39.87
N LEU C 55 8.89 43.36 38.79
CA LEU C 55 7.54 42.88 38.89
C LEU C 55 7.45 41.45 39.40
N THR C 56 8.23 40.56 38.82
CA THR C 56 8.07 39.13 39.07
C THR C 56 9.13 38.57 40.02
N ARG C 57 10.22 39.31 40.18
CA ARG C 57 11.30 38.91 41.05
C ARG C 57 11.85 37.56 40.64
N GLY C 58 11.90 37.34 39.33
CA GLY C 58 12.55 36.18 38.78
C GLY C 58 11.68 34.97 38.96
N LEU C 59 10.47 35.20 39.47
CA LEU C 59 9.57 34.10 39.78
C LEU C 59 8.64 33.79 38.64
N GLY C 60 8.82 34.45 37.51
CA GLY C 60 8.01 34.09 36.37
C GLY C 60 6.72 34.84 36.41
N ALA C 61 5.90 34.60 35.40
CA ALA C 61 4.69 35.39 35.21
C ALA C 61 3.43 34.61 35.58
N GLY C 62 3.62 33.41 36.07
CA GLY C 62 2.49 32.59 36.47
C GLY C 62 1.45 32.34 35.40
N ALA C 63 1.90 32.15 34.17
CA ALA C 63 1.02 31.89 33.04
C ALA C 63 0.00 33.01 32.92
N ASN C 64 0.36 34.18 33.43
CA ASN C 64 -0.49 35.31 33.24
C ASN C 64 0.21 36.29 32.36
N PRO C 65 -0.26 36.36 31.12
CA PRO C 65 0.35 37.16 30.07
C PRO C 65 0.43 38.62 30.47
N GLU C 66 -0.56 39.08 31.22
CA GLU C 66 -0.62 40.48 31.64
C GLU C 66 0.65 40.77 32.43
N VAL C 67 1.06 39.77 33.20
CA VAL C 67 2.33 39.88 33.89
C VAL C 67 3.46 39.82 32.87
N GLY C 68 3.38 38.89 31.94
CA GLY C 68 4.40 38.76 30.94
C GLY C 68 4.58 40.05 30.17
N LYS C 69 3.45 40.67 29.87
CA LYS C 69 3.46 41.95 29.17
C LYS C 69 4.11 43.02 30.04
N LYS C 70 3.64 43.14 31.29
CA LYS C 70 4.10 44.21 32.19
C LYS C 70 5.55 44.00 32.48
N ALA C 71 5.94 42.74 32.51
CA ALA C 71 7.34 42.37 32.68
C ALA C 71 8.14 42.92 31.53
N ALA C 72 7.63 42.70 30.33
CA ALA C 72 8.32 43.11 29.11
C ALA C 72 8.34 44.61 29.06
N GLU C 73 7.20 45.21 29.39
CA GLU C 73 7.09 46.64 29.52
C GLU C 73 8.08 47.23 30.52
N GLU C 74 8.20 46.58 31.68
CA GLU C 74 9.17 47.00 32.67
C GLU C 74 10.54 47.06 32.06
N SER C 75 10.85 46.02 31.30
CA SER C 75 12.16 45.90 30.70
C SER C 75 12.12 46.38 29.27
N LYS C 76 11.27 47.35 28.96
CA LYS C 76 11.20 47.82 27.58
C LYS C 76 12.55 48.34 27.19
N GLU C 77 13.16 49.06 28.11
CA GLU C 77 14.48 49.64 27.89
C GLU C 77 15.58 48.57 27.83
N GLN C 78 15.52 47.56 28.70
CA GLN C 78 16.53 46.50 28.73
C GLN C 78 16.53 45.71 27.41
N ILE C 79 15.33 45.53 26.88
CA ILE C 79 15.11 44.77 25.65
C ILE C 79 15.62 45.49 24.39
N GLU C 80 15.23 46.75 24.18
CA GLU C 80 15.72 47.51 23.03
C GLU C 80 17.24 47.52 22.92
N GLU C 81 17.91 47.64 24.06
CA GLU C 81 19.35 47.65 24.07
C GLU C 81 19.89 46.37 23.47
N ALA C 82 19.21 45.26 23.71
CA ALA C 82 19.62 43.97 23.12
C ALA C 82 19.31 43.89 21.63
N LEU C 83 18.28 44.61 21.23
CA LEU C 83 17.79 44.53 19.87
C LEU C 83 18.34 45.61 18.97
N LYS C 84 18.94 46.65 19.55
CA LYS C 84 19.60 47.67 18.73
C LYS C 84 20.53 46.95 17.76
N GLY C 85 20.41 47.27 16.48
CA GLY C 85 21.31 46.71 15.50
C GLY C 85 20.78 45.46 14.84
N ALA C 86 19.71 44.91 15.38
CA ALA C 86 19.16 43.71 14.80
C ALA C 86 18.50 44.09 13.49
N ASP C 87 18.90 43.43 12.41
CA ASP C 87 18.28 43.65 11.12
C ASP C 87 16.99 42.87 11.09
N MET C 88 17.05 41.69 11.69
CA MET C 88 15.90 40.82 11.75
C MET C 88 15.86 40.17 13.11
N VAL C 89 14.68 40.02 13.67
CA VAL C 89 14.53 39.42 14.97
C VAL C 89 13.52 38.29 14.92
N PHE C 90 13.94 37.09 15.25
CA PHE C 90 12.96 36.07 15.45
C PHE C 90 12.53 36.14 16.90
N VAL C 91 11.23 36.30 17.09
CA VAL C 91 10.64 36.25 18.39
C VAL C 91 9.92 34.92 18.49
N THR C 92 10.55 34.01 19.19
CA THR C 92 9.99 32.70 19.33
C THR C 92 9.48 32.56 20.75
N ALA C 93 8.31 31.96 20.90
CA ALA C 93 7.65 31.92 22.20
C ALA C 93 6.61 30.82 22.23
N GLY C 94 6.22 30.39 23.41
CA GLY C 94 5.11 29.48 23.47
C GLY C 94 3.89 30.30 23.80
N MET C 95 2.89 30.26 22.94
CA MET C 95 1.72 31.03 23.27
C MET C 95 0.88 30.17 24.20
N GLY C 96 0.23 30.84 25.13
CA GLY C 96 -0.59 30.22 26.14
C GLY C 96 -0.08 30.58 27.52
N GLY C 97 1.21 30.83 27.59
CA GLY C 97 1.85 31.09 28.86
C GLY C 97 1.68 32.51 29.33
N GLY C 98 2.62 32.99 30.13
CA GLY C 98 2.57 34.35 30.59
C GLY C 98 3.67 35.09 29.88
N THR C 99 4.89 34.58 29.93
CA THR C 99 5.98 35.39 29.44
C THR C 99 5.94 35.41 27.94
N GLY C 100 5.89 34.24 27.30
CA GLY C 100 5.83 34.17 25.86
C GLY C 100 4.61 34.95 25.41
N THR C 101 3.44 34.52 25.88
CA THR C 101 2.17 35.11 25.49
C THR C 101 2.10 36.63 25.67
N GLY C 102 2.62 37.11 26.79
CA GLY C 102 2.52 38.51 27.14
C GLY C 102 3.72 39.33 26.71
N ALA C 103 4.91 38.77 26.87
CA ALA C 103 6.12 39.54 26.59
C ALA C 103 6.55 39.52 25.13
N ALA C 104 6.36 38.40 24.46
CA ALA C 104 6.86 38.29 23.11
C ALA C 104 6.29 39.39 22.24
N PRO C 105 4.97 39.63 22.30
CA PRO C 105 4.50 40.76 21.51
C PRO C 105 5.10 42.10 21.92
N VAL C 106 5.29 42.37 23.21
CA VAL C 106 5.93 43.63 23.58
C VAL C 106 7.31 43.70 22.99
N ILE C 107 8.02 42.58 23.11
CA ILE C 107 9.40 42.43 22.61
C ILE C 107 9.47 42.53 21.09
N ALA C 108 8.62 41.75 20.43
CA ALA C 108 8.55 41.70 18.98
C ALA C 108 8.26 43.09 18.46
N GLN C 109 7.29 43.74 19.09
CA GLN C 109 6.93 45.10 18.73
C GLN C 109 8.08 46.06 18.91
N ILE C 110 8.92 45.81 19.90
CA ILE C 110 10.12 46.59 20.09
C ILE C 110 11.07 46.41 18.94
N ALA C 111 11.27 45.18 18.51
CA ALA C 111 12.12 44.90 17.38
C ALA C 111 11.56 45.55 16.12
N LYS C 112 10.25 45.49 15.94
CA LYS C 112 9.65 46.07 14.76
C LYS C 112 9.82 47.60 14.76
N ASP C 113 9.61 48.21 15.91
CA ASP C 113 9.80 49.65 16.08
C ASP C 113 11.26 50.04 15.92
N LEU C 114 12.15 49.11 16.23
CA LEU C 114 13.57 49.31 15.94
C LEU C 114 13.82 49.23 14.44
N GLY C 115 12.78 48.86 13.70
CA GLY C 115 12.85 48.86 12.26
C GLY C 115 13.33 47.54 11.71
N ALA C 116 13.65 46.60 12.61
CA ALA C 116 14.07 45.26 12.18
C ALA C 116 12.93 44.43 11.59
N LEU C 117 13.28 43.59 10.63
CA LEU C 117 12.33 42.62 10.09
C LEU C 117 11.96 41.66 11.21
N THR C 118 10.73 41.75 11.68
CA THR C 118 10.35 41.01 12.86
C THR C 118 9.53 39.80 12.49
N VAL C 119 10.08 38.63 12.76
CA VAL C 119 9.37 37.42 12.48
C VAL C 119 9.09 36.75 13.78
N GLY C 120 7.81 36.58 14.10
CA GLY C 120 7.44 35.79 15.26
C GLY C 120 7.21 34.33 14.89
N VAL C 121 7.79 33.42 15.66
CA VAL C 121 7.50 32.03 15.46
C VAL C 121 7.08 31.42 16.78
N VAL C 122 5.81 31.10 16.91
CA VAL C 122 5.29 30.67 18.19
C VAL C 122 4.54 29.39 17.99
N THR C 123 4.30 28.69 19.07
CA THR C 123 3.41 27.53 19.04
C THR C 123 2.08 27.99 19.60
N ARG C 124 1.03 27.36 19.11
CA ARG C 124 -0.30 27.46 19.69
C ARG C 124 -0.39 26.20 20.53
N PRO C 125 -0.59 26.40 21.82
CA PRO C 125 -0.45 25.35 22.82
C PRO C 125 -1.24 24.16 22.37
N PHE C 126 -0.89 23.00 22.89
CA PHE C 126 -1.67 21.83 22.65
C PHE C 126 -3.05 22.14 23.17
N THR C 127 -4.05 21.48 22.64
CA THR C 127 -5.38 21.65 23.17
C THR C 127 -5.45 21.20 24.58
N PHE C 128 -4.79 20.09 24.89
CA PHE C 128 -4.88 19.51 26.22
C PHE C 128 -4.40 20.43 27.33
N GLU C 129 -3.62 21.45 26.96
CA GLU C 129 -3.14 22.45 27.90
C GLU C 129 -4.32 23.20 28.48
N GLY C 130 -5.51 22.93 27.95
CA GLY C 130 -6.72 23.42 28.57
C GLY C 130 -7.22 24.71 27.99
N ARG C 131 -8.35 25.14 28.53
CA ARG C 131 -9.04 26.29 28.01
C ARG C 131 -8.23 27.58 28.23
N LYS C 132 -7.63 27.75 29.42
CA LYS C 132 -6.83 28.94 29.71
C LYS C 132 -5.67 29.06 28.76
N ARG C 133 -4.94 27.98 28.56
CA ARG C 133 -3.82 28.06 27.65
C ARG C 133 -4.33 28.43 26.25
N GLN C 134 -5.41 27.80 25.82
CA GLN C 134 -5.96 28.10 24.51
C GLN C 134 -6.43 29.53 24.35
N LEU C 135 -7.18 30.02 25.32
CA LEU C 135 -7.67 31.39 25.24
C LEU C 135 -6.51 32.36 25.24
N GLN C 136 -5.57 32.16 26.15
CA GLN C 136 -4.48 33.12 26.29
C GLN C 136 -3.65 33.14 25.03
N ALA C 137 -3.46 31.95 24.47
CA ALA C 137 -2.69 31.78 23.26
C ALA C 137 -3.34 32.52 22.10
N ALA C 138 -4.67 32.46 22.03
CA ALA C 138 -5.35 33.16 20.98
C ALA C 138 -5.03 34.65 21.14
N GLY C 139 -5.22 35.15 22.34
CA GLY C 139 -4.99 36.55 22.64
C GLY C 139 -3.57 36.97 22.38
N GLY C 140 -2.65 36.07 22.69
CA GLY C 140 -1.25 36.38 22.51
C GLY C 140 -0.92 36.40 21.05
N ILE C 141 -1.47 35.45 20.33
CA ILE C 141 -1.24 35.37 18.91
C ILE C 141 -1.83 36.63 18.26
N SER C 142 -3.04 37.03 18.68
CA SER C 142 -3.65 38.26 18.18
C SER C 142 -2.71 39.42 18.31
N ALA C 143 -2.10 39.55 19.48
CA ALA C 143 -1.17 40.64 19.76
C ALA C 143 0.12 40.48 19.01
N MET C 144 0.51 39.24 18.72
CA MET C 144 1.73 38.96 17.98
C MET C 144 1.56 39.44 16.56
N LYS C 145 0.39 39.16 15.99
CA LYS C 145 0.10 39.58 14.63
C LYS C 145 0.28 41.07 14.46
N GLU C 146 -0.17 41.84 15.45
CA GLU C 146 0.00 43.27 15.39
C GLU C 146 1.47 43.66 15.48
N ALA C 147 2.25 42.80 16.11
CA ALA C 147 3.59 43.20 16.51
C ALA C 147 4.68 42.69 15.60
N VAL C 148 4.32 41.88 14.62
CA VAL C 148 5.34 41.38 13.72
C VAL C 148 5.05 41.76 12.30
N ASP C 149 6.03 41.56 11.44
CA ASP C 149 5.78 41.70 10.03
C ASP C 149 5.11 40.40 9.64
N THR C 150 5.74 39.30 10.03
CA THR C 150 5.18 37.98 9.79
C THR C 150 5.16 37.04 11.01
N LEU C 151 4.03 36.38 11.21
CA LEU C 151 3.89 35.49 12.35
C LEU C 151 3.61 34.04 12.00
N ILE C 152 4.59 33.17 12.22
CA ILE C 152 4.35 31.76 12.02
C ILE C 152 3.78 31.23 13.33
N VAL C 153 2.58 30.67 13.28
CA VAL C 153 1.97 30.06 14.44
C VAL C 153 1.97 28.58 14.20
N ILE C 154 2.63 27.82 15.05
CA ILE C 154 2.66 26.40 14.85
C ILE C 154 1.69 25.70 15.77
N PRO C 155 0.64 25.10 15.23
CA PRO C 155 -0.32 24.42 16.08
C PRO C 155 0.30 23.16 16.71
N ASN C 156 0.57 23.21 18.01
CA ASN C 156 1.18 22.08 18.70
C ASN C 156 0.31 20.86 18.59
N ASP C 157 -1.00 21.08 18.51
CA ASP C 157 -1.93 19.96 18.39
C ASP C 157 -1.59 19.06 17.23
N ARG C 158 -0.98 19.66 16.20
CA ARG C 158 -0.60 18.90 15.04
C ARG C 158 0.65 18.11 15.27
N ILE C 159 1.36 18.42 16.35
CA ILE C 159 2.50 17.60 16.70
C ILE C 159 1.98 16.20 17.05
N LEU C 160 0.78 16.18 17.64
CA LEU C 160 0.16 14.95 18.13
C LEU C 160 -0.35 14.00 17.04
N GLU C 161 -0.72 14.55 15.89
CA GLU C 161 -1.14 13.71 14.78
C GLU C 161 0.08 13.00 14.21
N ILE C 162 1.21 13.68 14.32
CA ILE C 162 2.45 13.27 13.67
C ILE C 162 3.19 12.21 14.51
N VAL C 163 3.37 12.47 15.79
CA VAL C 163 4.04 11.53 16.69
C VAL C 163 3.15 10.32 17.00
N ASP C 164 3.77 9.25 17.48
CA ASP C 164 3.07 8.01 17.82
C ASP C 164 1.99 8.29 18.84
N LYS C 165 0.88 7.57 18.72
CA LYS C 165 -0.30 7.84 19.57
C LYS C 165 0.05 7.63 21.03
N ASN C 166 1.12 6.88 21.27
CA ASN C 166 1.58 6.56 22.61
C ASN C 166 2.85 7.27 23.12
N THR C 167 3.41 8.22 22.36
CA THR C 167 4.53 8.99 22.88
C THR C 167 3.99 9.81 24.04
N PRO C 168 4.68 9.79 25.20
CA PRO C 168 4.30 10.50 26.43
C PRO C 168 4.28 12.00 26.18
N MET C 169 3.44 12.69 26.94
CA MET C 169 3.31 14.14 26.83
C MET C 169 4.64 14.88 26.84
N LEU C 170 5.53 14.42 27.71
CA LEU C 170 6.82 15.05 27.85
C LEU C 170 7.54 15.13 26.53
N GLU C 171 7.48 14.06 25.74
CA GLU C 171 8.18 14.07 24.45
C GLU C 171 7.45 14.93 23.43
N ALA C 172 6.12 14.98 23.54
CA ALA C 172 5.34 15.82 22.66
C ALA C 172 5.73 17.25 22.92
N PHE C 173 5.83 17.62 24.19
CA PHE C 173 6.34 18.93 24.51
C PHE C 173 7.71 19.10 23.94
N ARG C 174 8.54 18.08 24.08
CA ARG C 174 9.88 18.19 23.55
C ARG C 174 9.80 18.44 22.04
N GLU C 175 8.89 17.73 21.37
CA GLU C 175 8.82 17.82 19.92
C GLU C 175 8.32 19.18 19.48
N ALA C 176 7.41 19.77 20.26
CA ALA C 176 6.92 21.11 19.96
C ALA C 176 8.06 22.10 19.95
N ASP C 177 8.92 22.01 20.96
CA ASP C 177 10.09 22.86 21.05
C ASP C 177 10.92 22.67 19.78
N ASN C 178 11.02 21.43 19.33
CA ASN C 178 11.80 21.19 18.15
C ASN C 178 11.19 21.85 16.97
N VAL C 179 9.88 21.78 16.85
CA VAL C 179 9.23 22.36 15.71
C VAL C 179 9.46 23.83 15.72
N LEU C 180 9.33 24.43 16.89
CA LEU C 180 9.67 25.82 17.04
C LEU C 180 11.08 26.07 16.55
N ARG C 181 12.01 25.16 16.85
CA ARG C 181 13.38 25.31 16.36
C ARG C 181 13.41 25.22 14.84
N GLN C 182 12.72 24.20 14.30
CA GLN C 182 12.62 23.99 12.86
C GLN C 182 11.98 25.20 12.21
N GLY C 183 11.05 25.82 12.91
CA GLY C 183 10.39 26.99 12.38
C GLY C 183 11.35 28.14 12.15
N VAL C 184 12.13 28.46 13.15
CA VAL C 184 13.07 29.55 13.06
C VAL C 184 14.20 29.16 12.12
N GLN C 185 14.70 27.94 12.28
CA GLN C 185 15.83 27.51 11.49
C GLN C 185 15.41 27.44 10.03
N GLY C 186 14.16 27.08 9.79
CA GLY C 186 13.63 27.05 8.44
C GLY C 186 13.86 28.35 7.70
N ILE C 187 13.69 29.46 8.39
CA ILE C 187 13.94 30.77 7.79
C ILE C 187 15.36 31.27 8.06
N SER C 188 15.83 31.15 9.30
CA SER C 188 17.09 31.76 9.70
C SER C 188 18.27 31.27 8.89
N ASP C 189 18.22 29.98 8.53
CA ASP C 189 19.28 29.32 7.79
C ASP C 189 19.47 29.88 6.37
N LEU C 190 18.44 30.57 5.86
CA LEU C 190 18.51 31.13 4.51
C LEU C 190 19.18 32.51 4.56
N ILE C 191 19.57 32.92 5.77
CA ILE C 191 20.17 34.24 5.99
C ILE C 191 21.47 34.18 6.87
N ALA C 192 22.52 33.55 6.32
CA ALA C 192 23.83 33.46 7.00
C ALA C 192 24.98 33.57 6.00
N ALA C 202 18.18 41.50 1.20
CA ALA C 202 17.35 40.97 2.28
C ALA C 202 16.01 41.71 2.37
N ASP C 203 15.80 42.63 1.42
CA ASP C 203 14.51 43.31 1.26
C ASP C 203 13.51 42.37 0.61
N VAL C 204 13.95 41.73 -0.47
CA VAL C 204 13.21 40.66 -1.12
C VAL C 204 12.49 39.76 -0.11
N LYS C 205 13.23 39.32 0.90
CA LYS C 205 12.67 38.50 1.97
C LYS C 205 11.58 39.28 2.68
N THR C 206 11.88 40.55 2.97
CA THR C 206 10.99 41.42 3.72
C THR C 206 9.64 41.62 3.03
N ILE C 207 9.62 41.48 1.70
CA ILE C 207 8.41 41.70 0.92
C ILE C 207 7.47 40.49 0.96
N MET C 208 8.03 39.28 0.94
CA MET C 208 7.23 38.05 0.96
C MET C 208 6.71 37.80 2.38
N SER C 209 7.39 38.41 3.36
CA SER C 209 7.03 38.36 4.78
C SER C 209 6.33 39.62 5.34
N ASN C 210 5.12 39.92 4.88
CA ASN C 210 4.31 41.05 5.39
C ASN C 210 2.84 40.69 5.40
N LYS C 211 1.99 41.67 5.67
CA LYS C 211 0.53 41.48 5.62
C LYS C 211 0.07 40.40 6.60
N GLY C 212 -0.65 39.40 6.09
CA GLY C 212 -1.29 38.42 6.96
C GLY C 212 -0.37 37.49 7.74
N SER C 213 -0.97 36.52 8.42
CA SER C 213 -0.22 35.54 9.19
C SER C 213 0.30 34.46 8.26
N ALA C 214 1.15 33.57 8.78
CA ALA C 214 1.80 32.55 7.95
C ALA C 214 1.69 31.19 8.58
N LEU C 215 1.84 30.16 7.77
CA LEU C 215 1.73 28.82 8.31
C LEU C 215 2.86 28.01 7.75
N MET C 216 3.44 27.12 8.55
CA MET C 216 4.51 26.31 8.03
C MET C 216 4.28 24.83 8.13
N GLY C 217 4.99 24.09 7.29
CA GLY C 217 4.94 22.65 7.28
C GLY C 217 6.34 22.11 7.12
N ILE C 218 6.56 20.93 7.66
CA ILE C 218 7.87 20.33 7.60
C ILE C 218 7.86 18.84 7.33
N GLY C 219 8.81 18.38 6.54
CA GLY C 219 8.95 16.96 6.27
C GLY C 219 10.39 16.50 6.32
N ILE C 220 10.61 15.29 6.85
CA ILE C 220 11.94 14.69 6.95
C ILE C 220 11.86 13.31 6.33
N ALA C 221 12.89 12.92 5.58
CA ALA C 221 12.91 11.57 4.98
C ALA C 221 14.31 11.03 4.76
N THR C 222 14.41 9.72 4.63
CA THR C 222 15.70 9.09 4.37
C THR C 222 15.68 8.19 3.14
N ASN C 225 14.82 7.92 -3.05
CA ASN C 225 13.64 8.75 -3.24
C ASN C 225 13.22 9.38 -1.92
N ARG C 226 13.90 10.46 -1.54
CA ARG C 226 13.62 11.13 -0.28
C ARG C 226 13.01 12.53 -0.47
N ALA C 227 13.57 13.28 -1.42
CA ALA C 227 13.16 14.65 -1.64
C ALA C 227 11.68 14.73 -1.96
N ALA C 228 11.20 13.81 -2.77
CA ALA C 228 9.80 13.81 -3.10
C ALA C 228 8.95 13.47 -1.87
N GLU C 229 9.43 12.50 -1.09
CA GLU C 229 8.73 12.06 0.11
C GLU C 229 8.63 13.19 1.13
N ALA C 230 9.76 13.84 1.36
CA ALA C 230 9.87 14.91 2.35
C ALA C 230 9.02 16.15 2.04
N ALA C 231 9.20 16.70 0.85
CA ALA C 231 8.43 17.87 0.45
C ALA C 231 6.94 17.58 0.36
N LYS C 232 6.57 16.36 -0.06
CA LYS C 232 5.16 16.05 -0.07
C LYS C 232 4.64 16.09 1.36
N LYS C 233 5.42 15.52 2.29
CA LYS C 233 5.03 15.57 3.69
C LYS C 233 5.01 17.00 4.19
N ALA C 234 5.98 17.79 3.74
CA ALA C 234 6.04 19.19 4.11
C ALA C 234 4.78 19.96 3.70
N ILE C 235 4.31 19.76 2.48
CA ILE C 235 3.13 20.47 2.06
C ILE C 235 1.88 19.84 2.68
N SER C 236 1.99 18.58 3.05
CA SER C 236 0.86 17.84 3.61
C SER C 236 0.92 17.84 5.11
N SER C 237 2.05 18.32 5.64
CA SER C 237 2.33 18.33 7.07
C SER C 237 1.15 18.80 7.91
N PRO C 238 0.84 18.05 8.98
CA PRO C 238 -0.23 18.42 9.91
C PRO C 238 0.01 19.82 10.49
N LEU C 239 1.26 20.23 10.57
CA LEU C 239 1.60 21.59 10.97
C LEU C 239 1.12 22.59 9.91
N LEU C 240 1.08 22.16 8.64
CA LEU C 240 0.56 22.97 7.52
C LEU C 240 -0.93 22.68 7.25
N GLU C 241 -1.78 23.49 7.88
CA GLU C 241 -3.20 23.24 7.96
C GLU C 241 -4.01 23.64 6.73
N ALA C 242 -3.49 24.56 5.92
CA ALA C 242 -4.26 25.01 4.76
C ALA C 242 -3.59 24.77 3.41
N ALA C 243 -4.32 25.08 2.35
CA ALA C 243 -3.84 24.90 0.99
C ALA C 243 -2.86 26.01 0.63
N ILE C 244 -1.69 25.61 0.15
CA ILE C 244 -0.64 26.54 -0.21
C ILE C 244 -1.03 27.44 -1.37
N ASP C 245 -1.92 26.95 -2.23
CA ASP C 245 -2.32 27.70 -3.41
C ASP C 245 -3.04 28.98 -3.00
N GLY C 246 -3.45 29.02 -1.73
CA GLY C 246 -4.11 30.17 -1.18
C GLY C 246 -3.09 31.19 -0.73
N ALA C 247 -1.82 30.78 -0.70
CA ALA C 247 -0.73 31.64 -0.23
C ALA C 247 -0.26 32.63 -1.30
N GLN C 248 0.01 33.86 -0.86
CA GLN C 248 0.57 34.88 -1.74
C GLN C 248 2.08 34.75 -1.86
N GLY C 249 2.72 34.27 -0.78
CA GLY C 249 4.16 34.05 -0.76
C GLY C 249 4.53 32.74 -0.07
N VAL C 250 5.52 32.02 -0.60
CA VAL C 250 5.97 30.78 0.06
C VAL C 250 7.50 30.63 0.14
N LEU C 251 7.98 30.39 1.35
CA LEU C 251 9.39 30.22 1.62
C LEU C 251 9.57 28.76 1.83
N MET C 252 10.55 28.21 1.13
CA MET C 252 10.83 26.81 1.22
C MET C 252 12.28 26.61 1.59
N ASN C 253 12.51 25.72 2.54
CA ASN C 253 13.86 25.41 2.95
C ASN C 253 14.13 23.96 2.62
N ILE C 254 15.10 23.71 1.74
CA ILE C 254 15.59 22.37 1.52
C ILE C 254 16.94 22.22 2.14
N THR C 255 17.04 21.29 3.06
CA THR C 255 18.31 21.07 3.70
C THR C 255 18.64 19.59 3.78
N GLY C 256 19.90 19.26 3.49
CA GLY C 256 20.36 17.89 3.52
C GLY C 256 21.86 17.80 3.78
N GLY C 257 22.44 16.61 3.66
CA GLY C 257 23.86 16.45 3.86
C GLY C 257 24.61 17.01 2.67
N THR C 258 25.90 16.70 2.54
CA THR C 258 26.67 17.13 1.36
C THR C 258 26.21 16.35 0.13
N ASN C 259 25.43 15.30 0.39
CA ASN C 259 24.85 14.44 -0.62
C ASN C 259 23.54 14.99 -1.19
N LEU C 260 23.22 16.24 -0.88
CA LEU C 260 22.06 16.90 -1.46
C LEU C 260 22.34 17.24 -2.91
N SER C 261 21.54 16.65 -3.80
CA SER C 261 21.66 16.80 -5.25
C SER C 261 20.55 17.68 -5.79
N LEU C 262 20.85 18.39 -6.88
CA LEU C 262 19.87 19.26 -7.50
C LEU C 262 18.66 18.54 -8.05
N TYR C 263 18.77 17.23 -8.29
CA TYR C 263 17.58 16.50 -8.68
C TYR C 263 16.63 16.49 -7.49
N GLU C 264 17.21 16.24 -6.33
CA GLU C 264 16.44 16.21 -5.10
C GLU C 264 15.88 17.59 -4.82
N VAL C 265 16.73 18.61 -4.94
CA VAL C 265 16.33 19.99 -4.71
C VAL C 265 15.18 20.41 -5.60
N GLN C 266 15.30 20.20 -6.90
CA GLN C 266 14.26 20.61 -7.83
C GLN C 266 12.99 19.76 -7.70
N GLU C 267 13.16 18.48 -7.36
CA GLU C 267 12.04 17.55 -7.17
C GLU C 267 11.10 18.04 -6.09
N ALA C 268 11.70 18.44 -4.96
CA ALA C 268 11.00 19.05 -3.83
C ALA C 268 10.39 20.38 -4.22
N ALA C 269 11.19 21.17 -4.94
CA ALA C 269 10.75 22.45 -5.42
C ALA C 269 9.55 22.34 -6.33
N ASP C 270 9.59 21.37 -7.25
CA ASP C 270 8.46 21.15 -8.13
C ASP C 270 7.19 20.76 -7.38
N ILE C 271 7.32 19.99 -6.30
CA ILE C 271 6.14 19.60 -5.52
C ILE C 271 5.50 20.82 -4.85
N VAL C 272 6.33 21.64 -4.21
CA VAL C 272 5.86 22.83 -3.51
C VAL C 272 5.30 23.85 -4.49
N ALA C 273 5.99 24.04 -5.61
CA ALA C 273 5.56 24.99 -6.63
C ALA C 273 4.26 24.54 -7.28
N SER C 274 4.07 23.22 -7.39
CA SER C 274 2.85 22.64 -7.94
C SER C 274 1.65 23.04 -7.12
N ALA C 275 1.84 23.02 -5.80
CA ALA C 275 0.82 23.34 -4.82
C ALA C 275 0.52 24.83 -4.75
N SER C 276 1.52 25.64 -5.08
CA SER C 276 1.37 27.06 -4.95
C SER C 276 0.78 27.67 -6.18
N ASP C 277 0.43 28.94 -6.03
CA ASP C 277 -0.03 29.73 -7.13
C ASP C 277 1.04 29.74 -8.19
N GLN C 278 0.63 29.84 -9.45
CA GLN C 278 1.58 29.91 -10.54
C GLN C 278 2.42 31.20 -10.42
N ASP C 279 1.77 32.28 -10.03
CA ASP C 279 2.39 33.61 -10.00
C ASP C 279 2.92 33.92 -8.61
N VAL C 280 2.97 32.90 -7.78
CA VAL C 280 3.41 33.03 -6.39
C VAL C 280 4.80 33.67 -6.33
N ASN C 281 5.02 34.47 -5.30
CA ASN C 281 6.36 34.93 -4.97
C ASN C 281 6.99 33.94 -4.00
N MET C 282 8.24 33.58 -4.25
CA MET C 282 8.87 32.50 -3.48
C MET C 282 10.32 32.71 -3.05
N ILE C 283 10.60 32.35 -1.80
CA ILE C 283 11.97 32.34 -1.32
C ILE C 283 12.24 30.88 -1.19
N PHE C 284 13.32 30.42 -1.78
CA PHE C 284 13.58 29.00 -1.78
C PHE C 284 15.04 28.90 -1.59
N GLY C 285 15.45 28.08 -0.65
CA GLY C 285 16.85 27.93 -0.41
C GLY C 285 17.15 26.48 -0.13
N SER C 286 18.39 26.15 -0.41
CA SER C 286 18.88 24.84 -0.16
C SER C 286 20.04 25.06 0.76
N VAL C 287 20.12 24.26 1.81
CA VAL C 287 21.20 24.38 2.77
C VAL C 287 21.79 23.03 3.04
N ILE C 288 23.10 23.02 3.15
CA ILE C 288 23.79 21.77 3.40
C ILE C 288 24.10 21.67 4.88
N ASN C 289 23.62 20.61 5.52
CA ASN C 289 23.94 20.38 6.91
C ASN C 289 24.85 19.16 6.92
N GLU C 290 26.13 19.41 7.16
CA GLU C 290 27.17 18.39 7.05
C GLU C 290 26.93 17.29 8.08
N ASN C 291 26.12 17.62 9.09
CA ASN C 291 25.77 16.68 10.15
C ASN C 291 24.67 15.67 9.73
N GLU C 295 19.86 11.77 5.05
CA GLU C 295 18.61 12.43 5.48
C GLU C 295 18.37 13.79 4.80
N ILE C 296 17.08 14.11 4.60
CA ILE C 296 16.66 15.45 4.14
C ILE C 296 15.45 16.00 4.92
N VAL C 297 15.47 17.29 5.19
CA VAL C 297 14.35 17.92 5.83
C VAL C 297 13.88 19.11 4.99
N VAL C 298 12.60 19.12 4.65
CA VAL C 298 12.04 20.21 3.87
C VAL C 298 11.21 21.06 4.79
N THR C 299 11.52 22.35 4.88
CA THR C 299 10.69 23.28 5.68
C THR C 299 9.96 24.17 4.71
N VAL C 300 8.65 24.18 4.78
CA VAL C 300 7.86 24.97 3.84
C VAL C 300 7.04 25.95 4.67
N ILE C 301 7.08 27.22 4.28
CA ILE C 301 6.36 28.27 4.99
C ILE C 301 5.50 29.06 4.04
N ALA C 302 4.20 29.11 4.30
CA ALA C 302 3.29 29.77 3.38
C ALA C 302 2.64 30.98 4.04
N THR C 303 2.55 32.10 3.31
CA THR C 303 1.98 33.35 3.86
C THR C 303 0.73 33.85 3.09
N GLY C 304 -0.46 33.47 3.55
CA GLY C 304 -1.72 33.86 2.94
C GLY C 304 -2.80 32.86 3.30
N SER D 3 22.76 -64.64 -12.82
CA SER D 3 23.76 -64.52 -11.74
C SER D 3 24.17 -63.11 -11.34
N ILE D 4 23.62 -62.61 -10.23
CA ILE D 4 23.96 -61.26 -9.78
C ILE D 4 24.44 -61.28 -8.35
N LYS D 5 25.70 -60.87 -8.17
CA LYS D 5 26.35 -61.02 -6.89
C LYS D 5 26.43 -59.68 -6.23
N VAL D 6 26.10 -59.64 -4.94
CA VAL D 6 26.17 -58.42 -4.16
C VAL D 6 27.38 -58.50 -3.27
N ILE D 7 28.35 -57.62 -3.48
CA ILE D 7 29.55 -57.72 -2.71
C ILE D 7 29.62 -56.63 -1.67
N GLY D 8 29.62 -56.99 -0.40
CA GLY D 8 29.82 -56.00 0.63
C GLY D 8 31.30 -55.87 0.87
N VAL D 9 31.85 -54.69 0.61
CA VAL D 9 33.28 -54.46 0.77
C VAL D 9 33.57 -53.55 1.95
N GLY D 10 34.41 -54.05 2.84
CA GLY D 10 34.75 -53.30 4.01
C GLY D 10 33.58 -53.27 4.95
N GLY D 11 33.70 -52.44 5.98
CA GLY D 11 32.74 -52.38 7.06
C GLY D 11 31.40 -51.87 6.62
N GLY D 12 31.40 -50.83 5.79
CA GLY D 12 30.15 -50.23 5.36
C GLY D 12 29.30 -51.23 4.60
N GLY D 13 29.95 -51.92 3.68
CA GLY D 13 29.35 -52.96 2.87
C GLY D 13 28.99 -54.18 3.70
N ASN D 14 29.81 -54.45 4.70
CA ASN D 14 29.64 -55.57 5.59
C ASN D 14 28.26 -55.45 6.20
N ASN D 15 27.98 -54.28 6.71
CA ASN D 15 26.73 -54.00 7.37
C ASN D 15 25.55 -53.94 6.41
N ALA D 16 25.76 -53.39 5.23
CA ALA D 16 24.70 -53.33 4.24
C ALA D 16 24.26 -54.74 3.88
N VAL D 17 25.24 -55.55 3.48
CA VAL D 17 24.96 -56.93 3.06
C VAL D 17 24.27 -57.72 4.15
N ASN D 18 24.67 -57.53 5.41
CA ASN D 18 23.90 -58.14 6.48
C ASN D 18 22.48 -57.69 6.44
N ARG D 19 22.29 -56.37 6.30
CA ARG D 19 20.96 -55.76 6.31
C ARG D 19 20.16 -56.33 5.18
N MET D 20 20.81 -56.60 4.06
CA MET D 20 20.13 -57.26 2.96
C MET D 20 19.69 -58.67 3.34
N ILE D 21 20.60 -59.40 3.96
CA ILE D 21 20.34 -60.72 4.48
C ILE D 21 19.34 -60.67 5.65
N GLU D 22 19.49 -59.71 6.53
CA GLU D 22 18.49 -59.57 7.58
C GLU D 22 17.15 -59.25 6.95
N ASN D 23 17.19 -58.57 5.82
CA ASN D 23 15.98 -58.28 5.05
C ASN D 23 15.62 -59.27 3.99
N GLU D 24 16.25 -60.44 4.02
CA GLU D 24 15.91 -61.54 3.15
C GLU D 24 15.78 -61.11 1.70
N VAL D 25 16.68 -60.22 1.27
CA VAL D 25 16.73 -59.80 -0.11
C VAL D 25 17.09 -60.99 -0.96
N GLN D 26 16.21 -61.36 -1.86
CA GLN D 26 16.42 -62.59 -2.60
C GLN D 26 17.13 -62.33 -3.92
N GLY D 27 17.49 -63.42 -4.59
CA GLY D 27 17.95 -63.38 -5.97
C GLY D 27 19.37 -62.96 -6.20
N VAL D 28 20.09 -62.64 -5.13
CA VAL D 28 21.49 -62.31 -5.30
C VAL D 28 22.32 -63.22 -4.42
N GLU D 29 23.51 -63.55 -4.90
CA GLU D 29 24.48 -64.29 -4.12
C GLU D 29 25.31 -63.24 -3.45
N TYR D 30 25.48 -63.36 -2.14
CA TYR D 30 26.24 -62.37 -1.40
C TYR D 30 27.71 -62.73 -1.21
N ILE D 31 28.56 -61.73 -1.30
CA ILE D 31 29.96 -61.90 -0.99
C ILE D 31 30.42 -60.81 -0.04
N ALA D 32 30.85 -61.18 1.16
CA ALA D 32 31.33 -60.17 2.10
C ALA D 32 32.84 -60.09 2.03
N VAL D 33 33.37 -58.90 1.75
CA VAL D 33 34.79 -58.73 1.63
C VAL D 33 35.30 -57.75 2.63
N ASN D 34 36.32 -58.15 3.39
CA ASN D 34 36.94 -57.27 4.37
C ASN D 34 38.38 -57.67 4.56
N THR D 35 39.24 -56.68 4.79
CA THR D 35 40.61 -56.90 5.26
C THR D 35 40.56 -57.40 6.70
N ASP D 36 39.65 -56.78 7.44
CA ASP D 36 39.47 -56.96 8.87
C ASP D 36 38.73 -58.27 9.06
N ALA D 37 39.47 -59.29 9.45
CA ALA D 37 38.90 -60.59 9.63
C ALA D 37 37.89 -60.58 10.76
N GLN D 38 38.07 -59.73 11.75
CA GLN D 38 37.11 -59.71 12.85
C GLN D 38 35.74 -59.34 12.33
N ALA D 39 35.69 -58.25 11.57
CA ALA D 39 34.42 -57.68 11.10
C ALA D 39 33.76 -58.68 10.20
N LEU D 40 34.60 -59.28 9.39
CA LEU D 40 34.21 -60.24 8.39
C LEU D 40 33.43 -61.38 8.95
N ASN D 41 33.81 -61.81 10.15
CA ASN D 41 33.17 -62.98 10.75
C ASN D 41 31.80 -62.68 11.30
N LEU D 42 31.47 -61.40 11.37
CA LEU D 42 30.14 -61.01 11.78
C LEU D 42 29.23 -60.94 10.57
N SER D 43 29.84 -60.99 9.39
CA SER D 43 29.07 -60.95 8.16
C SER D 43 28.26 -62.19 8.00
N LYS D 44 26.99 -62.00 7.64
CA LYS D 44 26.06 -63.09 7.40
C LYS D 44 26.21 -63.64 6.00
N ALA D 45 27.19 -63.12 5.27
CA ALA D 45 27.35 -63.53 3.89
C ALA D 45 27.76 -64.99 3.88
N GLU D 46 27.27 -65.72 2.89
CA GLU D 46 27.56 -67.14 2.82
C GLU D 46 29.04 -67.29 2.47
N VAL D 47 29.48 -66.52 1.50
CA VAL D 47 30.90 -66.47 1.15
C VAL D 47 31.56 -65.22 1.73
N LYS D 48 32.42 -65.45 2.73
CA LYS D 48 33.08 -64.35 3.42
C LYS D 48 34.49 -64.32 2.90
N MET D 49 34.89 -63.24 2.24
CA MET D 49 36.18 -63.23 1.61
C MET D 49 37.18 -62.32 2.29
N GLN D 50 38.15 -62.90 2.99
CA GLN D 50 39.15 -62.03 3.56
C GLN D 50 40.15 -61.68 2.49
N ILE D 51 40.28 -60.39 2.20
CA ILE D 51 41.28 -59.96 1.26
C ILE D 51 42.45 -59.30 1.98
N GLY D 52 43.61 -59.35 1.35
CA GLY D 52 44.80 -58.77 1.93
C GLY D 52 45.15 -59.50 3.21
N ALA D 53 44.91 -60.79 3.20
CA ALA D 53 45.31 -61.61 4.34
C ALA D 53 46.83 -61.51 4.57
N LYS D 54 47.59 -61.47 3.48
CA LYS D 54 49.03 -61.33 3.61
C LYS D 54 49.37 -59.96 4.17
N LEU D 55 48.75 -58.95 3.58
CA LEU D 55 49.05 -57.57 3.88
C LEU D 55 48.56 -57.19 5.25
N THR D 56 47.32 -57.54 5.55
CA THR D 56 46.72 -57.01 6.75
C THR D 56 46.72 -57.98 7.89
N ARG D 57 46.89 -59.25 7.57
CA ARG D 57 46.91 -60.28 8.59
C ARG D 57 45.63 -60.24 9.41
N GLY D 58 44.49 -60.00 8.77
CA GLY D 58 43.21 -60.06 9.45
C GLY D 58 42.98 -58.83 10.30
N LEU D 59 43.90 -57.88 10.24
CA LEU D 59 43.82 -56.73 11.11
C LEU D 59 43.15 -55.55 10.46
N GLY D 60 42.71 -55.69 9.22
CA GLY D 60 42.01 -54.59 8.60
C GLY D 60 42.92 -53.65 7.87
N ALA D 61 42.34 -52.58 7.32
CA ALA D 61 43.09 -51.65 6.49
C ALA D 61 43.36 -50.33 7.22
N GLY D 62 42.92 -50.25 8.47
CA GLY D 62 43.17 -49.06 9.26
C GLY D 62 42.70 -47.76 8.66
N ALA D 63 41.56 -47.80 7.99
CA ALA D 63 41.02 -46.61 7.36
C ALA D 63 41.99 -45.97 6.37
N ASN D 64 42.92 -46.75 5.86
CA ASN D 64 43.82 -46.27 4.83
C ASN D 64 43.51 -46.99 3.55
N PRO D 65 42.90 -46.28 2.61
CA PRO D 65 42.48 -46.92 1.37
C PRO D 65 43.62 -47.58 0.62
N GLU D 66 44.84 -47.03 0.68
CA GLU D 66 45.94 -47.65 -0.05
C GLU D 66 46.18 -49.06 0.41
N VAL D 67 45.94 -49.30 1.69
CA VAL D 67 45.99 -50.66 2.22
C VAL D 67 44.81 -51.48 1.72
N GLY D 68 43.62 -50.92 1.75
CA GLY D 68 42.45 -51.60 1.21
C GLY D 68 42.65 -51.96 -0.27
N LYS D 69 43.21 -51.03 -1.02
CA LYS D 69 43.51 -51.25 -2.42
C LYS D 69 44.56 -52.36 -2.57
N LYS D 70 45.67 -52.27 -1.85
CA LYS D 70 46.73 -53.25 -2.00
C LYS D 70 46.27 -54.60 -1.49
N ALA D 71 45.41 -54.55 -0.46
CA ALA D 71 44.77 -55.75 0.07
C ALA D 71 43.94 -56.42 -1.00
N ALA D 72 43.19 -55.60 -1.74
CA ALA D 72 42.35 -56.10 -2.82
C ALA D 72 43.20 -56.57 -3.97
N GLU D 73 44.20 -55.79 -4.35
CA GLU D 73 45.09 -56.19 -5.44
C GLU D 73 45.71 -57.55 -5.15
N GLU D 74 46.12 -57.73 -3.90
CA GLU D 74 46.66 -59.00 -3.45
C GLU D 74 45.70 -60.15 -3.74
N SER D 75 44.44 -59.92 -3.42
CA SER D 75 43.44 -60.98 -3.57
C SER D 75 42.71 -60.79 -4.90
N LYS D 76 43.40 -60.20 -5.87
CA LYS D 76 42.79 -59.93 -7.16
C LYS D 76 42.34 -61.26 -7.76
N GLU D 77 43.18 -62.28 -7.63
CA GLU D 77 42.82 -63.60 -8.15
C GLU D 77 41.67 -64.19 -7.34
N GLN D 78 41.73 -64.08 -6.02
CA GLN D 78 40.70 -64.65 -5.16
C GLN D 78 39.35 -64.07 -5.49
N ILE D 79 39.36 -62.78 -5.84
CA ILE D 79 38.15 -62.06 -6.17
C ILE D 79 37.57 -62.45 -7.54
N GLU D 80 38.37 -62.40 -8.59
CA GLU D 80 37.87 -62.76 -9.93
C GLU D 80 37.18 -64.11 -9.95
N GLU D 81 37.76 -65.08 -9.26
CA GLU D 81 37.15 -66.40 -9.19
C GLU D 81 35.79 -66.43 -8.48
N ALA D 82 35.64 -65.61 -7.45
CA ALA D 82 34.38 -65.57 -6.73
C ALA D 82 33.30 -64.85 -7.53
N LEU D 83 33.76 -63.95 -8.40
CA LEU D 83 32.89 -63.14 -9.24
C LEU D 83 32.69 -63.77 -10.61
N LYS D 84 33.55 -64.74 -10.96
CA LYS D 84 33.42 -65.45 -12.22
C LYS D 84 32.01 -65.98 -12.41
N GLY D 85 31.43 -65.68 -13.57
CA GLY D 85 30.11 -66.16 -13.94
C GLY D 85 29.01 -65.18 -13.61
N ALA D 86 29.33 -64.17 -12.81
CA ALA D 86 28.35 -63.18 -12.39
C ALA D 86 28.02 -62.28 -13.56
N ASP D 87 26.73 -62.11 -13.81
CA ASP D 87 26.24 -61.23 -14.84
C ASP D 87 26.26 -59.78 -14.38
N MET D 88 25.92 -59.58 -13.13
CA MET D 88 25.92 -58.24 -12.58
C MET D 88 26.47 -58.30 -11.15
N VAL D 89 27.27 -57.32 -10.79
CA VAL D 89 27.82 -57.28 -9.47
C VAL D 89 27.48 -55.93 -8.88
N PHE D 90 26.77 -55.97 -7.76
CA PHE D 90 26.59 -54.79 -6.94
C PHE D 90 27.78 -54.69 -6.00
N VAL D 91 28.49 -53.57 -6.05
CA VAL D 91 29.59 -53.37 -5.14
C VAL D 91 29.12 -52.38 -4.12
N THR D 92 28.80 -52.88 -2.94
CA THR D 92 28.35 -51.98 -1.89
C THR D 92 29.52 -51.78 -0.93
N ALA D 93 29.70 -50.54 -0.50
CA ALA D 93 30.84 -50.23 0.33
C ALA D 93 30.55 -48.93 1.05
N GLY D 94 31.23 -48.69 2.15
CA GLY D 94 31.17 -47.40 2.78
C GLY D 94 32.40 -46.65 2.33
N MET D 95 32.24 -45.46 1.78
CA MET D 95 33.41 -44.69 1.37
C MET D 95 33.91 -43.88 2.56
N GLY D 96 35.23 -43.74 2.65
CA GLY D 96 35.86 -43.08 3.77
C GLY D 96 36.79 -44.04 4.49
N GLY D 97 36.50 -45.34 4.37
CA GLY D 97 37.25 -46.34 5.09
C GLY D 97 38.58 -46.65 4.44
N GLY D 98 39.12 -47.81 4.80
CA GLY D 98 40.40 -48.25 4.29
C GLY D 98 40.27 -49.51 3.44
N THR D 99 39.18 -50.23 3.67
CA THR D 99 38.83 -51.38 2.86
C THR D 99 37.79 -50.96 1.85
N GLY D 100 36.73 -50.31 2.33
CA GLY D 100 35.67 -49.87 1.43
C GLY D 100 36.26 -48.98 0.35
N THR D 101 36.79 -47.86 0.81
CA THR D 101 37.35 -46.85 -0.05
C THR D 101 38.40 -47.36 -1.04
N GLY D 102 39.22 -48.29 -0.58
CA GLY D 102 40.35 -48.79 -1.34
C GLY D 102 40.07 -50.03 -2.18
N ALA D 103 39.33 -50.97 -1.62
CA ALA D 103 39.14 -52.26 -2.28
C ALA D 103 37.99 -52.26 -3.24
N ALA D 104 36.89 -51.64 -2.83
CA ALA D 104 35.67 -51.70 -3.62
C ALA D 104 35.90 -51.28 -5.09
N PRO D 105 36.68 -50.20 -5.32
CA PRO D 105 37.00 -49.91 -6.71
C PRO D 105 37.74 -51.04 -7.40
N VAL D 106 38.73 -51.64 -6.74
CA VAL D 106 39.48 -52.73 -7.38
C VAL D 106 38.50 -53.84 -7.71
N ILE D 107 37.62 -54.09 -6.75
CA ILE D 107 36.60 -55.11 -6.89
C ILE D 107 35.62 -54.78 -8.01
N ALA D 108 35.07 -53.58 -7.97
CA ALA D 108 34.16 -53.15 -9.03
C ALA D 108 34.89 -53.19 -10.36
N GLN D 109 36.12 -52.72 -10.38
CA GLN D 109 36.86 -52.75 -11.62
C GLN D 109 37.01 -54.17 -12.15
N ILE D 110 37.10 -55.12 -11.22
CA ILE D 110 37.17 -56.54 -11.60
C ILE D 110 35.89 -57.05 -12.24
N ALA D 111 34.74 -56.72 -11.65
CA ALA D 111 33.44 -57.09 -12.20
C ALA D 111 33.21 -56.47 -13.58
N LYS D 112 33.59 -55.21 -13.73
CA LYS D 112 33.41 -54.53 -15.00
C LYS D 112 34.31 -55.22 -16.04
N ASP D 113 35.55 -55.52 -15.65
CA ASP D 113 36.49 -56.26 -16.50
C ASP D 113 36.07 -57.70 -16.74
N LEU D 114 35.36 -58.27 -15.78
CA LEU D 114 34.72 -59.56 -15.97
C LEU D 114 33.49 -59.46 -16.88
N GLY D 115 33.10 -58.23 -17.24
CA GLY D 115 32.01 -58.07 -18.18
C GLY D 115 30.66 -57.99 -17.51
N ALA D 116 30.69 -58.07 -16.19
CA ALA D 116 29.49 -57.91 -15.39
C ALA D 116 29.10 -56.44 -15.43
N LEU D 117 27.79 -56.22 -15.40
CA LEU D 117 27.23 -54.90 -15.21
C LEU D 117 27.56 -54.50 -13.78
N THR D 118 28.38 -53.49 -13.61
CA THR D 118 28.87 -53.21 -12.29
C THR D 118 28.19 -52.01 -11.72
N VAL D 119 27.46 -52.21 -10.64
CA VAL D 119 26.79 -51.11 -9.97
C VAL D 119 27.44 -50.87 -8.61
N GLY D 120 28.01 -49.68 -8.42
CA GLY D 120 28.47 -49.33 -7.09
C GLY D 120 27.33 -48.66 -6.36
N VAL D 121 27.05 -49.12 -5.15
CA VAL D 121 26.08 -48.47 -4.29
C VAL D 121 26.83 -48.26 -3.02
N VAL D 122 27.24 -47.03 -2.77
CA VAL D 122 28.14 -46.72 -1.66
C VAL D 122 27.59 -45.58 -0.85
N THR D 123 28.06 -45.43 0.37
CA THR D 123 27.72 -44.26 1.14
C THR D 123 28.89 -43.30 1.15
N ARG D 124 28.58 -42.01 1.16
CA ARG D 124 29.55 -40.98 1.42
C ARG D 124 29.43 -40.74 2.92
N PRO D 125 30.55 -40.69 3.63
CA PRO D 125 30.59 -40.61 5.09
C PRO D 125 29.84 -39.42 5.60
N PHE D 126 29.39 -39.54 6.85
CA PHE D 126 28.77 -38.43 7.54
C PHE D 126 29.77 -37.31 7.58
N THR D 127 29.28 -36.09 7.64
CA THR D 127 30.19 -35.01 7.79
C THR D 127 30.90 -35.16 9.12
N PHE D 128 30.18 -35.60 10.14
CA PHE D 128 30.82 -35.72 11.43
C PHE D 128 32.01 -36.69 11.42
N GLU D 129 32.05 -37.60 10.46
CA GLU D 129 33.17 -38.54 10.40
C GLU D 129 34.48 -37.79 10.19
N GLY D 130 34.39 -36.50 9.90
CA GLY D 130 35.60 -35.69 9.87
C GLY D 130 36.22 -35.52 8.50
N ARG D 131 37.31 -34.79 8.47
CA ARG D 131 37.91 -34.44 7.21
C ARG D 131 38.50 -35.65 6.50
N LYS D 132 39.26 -36.49 7.20
CA LYS D 132 39.91 -37.64 6.57
C LYS D 132 38.91 -38.59 5.96
N ARG D 133 37.85 -38.90 6.70
CA ARG D 133 36.80 -39.75 6.14
C ARG D 133 36.20 -39.08 4.93
N GLN D 134 35.98 -37.79 5.01
CA GLN D 134 35.42 -37.09 3.88
C GLN D 134 36.33 -37.10 2.67
N LEU D 135 37.60 -36.79 2.87
CA LEU D 135 38.53 -36.76 1.77
C LEU D 135 38.65 -38.12 1.18
N GLN D 136 38.87 -39.12 2.03
CA GLN D 136 39.18 -40.46 1.53
C GLN D 136 38.03 -40.97 0.69
N ALA D 137 36.81 -40.74 1.17
CA ALA D 137 35.60 -41.13 0.46
C ALA D 137 35.45 -40.44 -0.90
N ALA D 138 35.76 -39.15 -0.95
CA ALA D 138 35.70 -38.43 -2.18
C ALA D 138 36.67 -39.07 -3.16
N GLY D 139 37.89 -39.26 -2.71
CA GLY D 139 38.92 -39.90 -3.52
C GLY D 139 38.47 -41.28 -3.93
N GLY D 140 37.83 -41.98 -2.99
CA GLY D 140 37.33 -43.32 -3.23
C GLY D 140 36.17 -43.31 -4.20
N ILE D 141 35.27 -42.35 -4.02
CA ILE D 141 34.13 -42.26 -4.92
C ILE D 141 34.62 -41.92 -6.33
N SER D 142 35.55 -40.99 -6.43
CA SER D 142 36.14 -40.68 -7.71
C SER D 142 36.73 -41.94 -8.33
N ALA D 143 37.29 -42.81 -7.51
CA ALA D 143 37.77 -44.10 -7.97
C ALA D 143 36.65 -45.11 -8.26
N MET D 144 35.52 -45.04 -7.57
CA MET D 144 34.41 -45.95 -7.89
C MET D 144 33.80 -45.57 -9.25
N LYS D 145 33.65 -44.29 -9.52
CA LYS D 145 33.03 -43.82 -10.77
C LYS D 145 33.73 -44.42 -11.98
N GLU D 146 35.06 -44.52 -11.95
CA GLU D 146 35.79 -45.13 -13.06
C GLU D 146 35.62 -46.64 -13.21
N ALA D 147 35.27 -47.31 -12.11
CA ALA D 147 35.25 -48.76 -12.06
C ALA D 147 33.86 -49.36 -12.18
N VAL D 148 32.84 -48.52 -12.26
CA VAL D 148 31.51 -49.10 -12.38
C VAL D 148 30.82 -48.64 -13.65
N ASP D 149 29.73 -49.32 -13.97
CA ASP D 149 28.88 -48.88 -15.05
C ASP D 149 28.01 -47.78 -14.46
N THR D 150 27.39 -48.07 -13.33
CA THR D 150 26.66 -47.04 -12.63
C THR D 150 27.02 -47.01 -11.12
N LEU D 151 27.26 -45.81 -10.60
CA LEU D 151 27.62 -45.63 -9.19
C LEU D 151 26.62 -44.80 -8.44
N ILE D 152 25.85 -45.44 -7.58
CA ILE D 152 24.94 -44.70 -6.73
C ILE D 152 25.68 -44.26 -5.47
N VAL D 153 25.77 -42.96 -5.20
CA VAL D 153 26.39 -42.52 -3.95
C VAL D 153 25.37 -42.01 -2.98
N ILE D 154 25.27 -42.67 -1.84
CA ILE D 154 24.31 -42.28 -0.82
C ILE D 154 24.98 -41.42 0.26
N PRO D 155 24.66 -40.13 0.29
CA PRO D 155 25.22 -39.23 1.30
C PRO D 155 24.64 -39.50 2.68
N ASN D 156 25.47 -40.03 3.57
CA ASN D 156 25.02 -40.35 4.91
C ASN D 156 24.49 -39.13 5.62
N ASP D 157 25.00 -37.95 5.24
CA ASP D 157 24.52 -36.73 5.86
C ASP D 157 23.02 -36.62 5.76
N ARG D 158 22.48 -37.08 4.64
CA ARG D 158 21.07 -36.94 4.36
C ARG D 158 20.25 -37.81 5.24
N ILE D 159 20.88 -38.77 5.90
CA ILE D 159 20.17 -39.55 6.91
C ILE D 159 19.75 -38.61 8.05
N LEU D 160 20.62 -37.65 8.36
CA LEU D 160 20.41 -36.77 9.50
C LEU D 160 19.29 -35.78 9.30
N GLU D 161 19.03 -35.44 8.03
CA GLU D 161 17.93 -34.57 7.67
C GLU D 161 16.63 -35.34 7.87
N ILE D 162 16.71 -36.66 7.74
CA ILE D 162 15.53 -37.51 7.82
C ILE D 162 15.14 -37.91 9.26
N VAL D 163 16.11 -38.45 10.00
CA VAL D 163 15.91 -38.93 11.37
C VAL D 163 15.75 -37.80 12.37
N ASP D 164 15.24 -38.12 13.57
CA ASP D 164 15.07 -37.11 14.61
C ASP D 164 16.40 -36.45 14.93
N LYS D 165 16.37 -35.17 15.26
CA LYS D 165 17.58 -34.41 15.51
C LYS D 165 18.35 -34.99 16.68
N ASN D 166 17.66 -35.73 17.54
CA ASN D 166 18.29 -36.30 18.72
C ASN D 166 18.55 -37.80 18.66
N THR D 167 18.34 -38.45 17.51
CA THR D 167 18.65 -39.88 17.45
C THR D 167 20.15 -40.04 17.68
N PRO D 168 20.54 -40.99 18.55
CA PRO D 168 21.95 -41.21 18.87
C PRO D 168 22.75 -41.57 17.62
N MET D 169 24.03 -41.22 17.63
CA MET D 169 24.92 -41.46 16.50
C MET D 169 24.90 -42.90 15.99
N LEU D 170 24.76 -43.83 16.92
CA LEU D 170 24.77 -45.22 16.56
C LEU D 170 23.67 -45.57 15.55
N GLU D 171 22.47 -45.04 15.78
CA GLU D 171 21.33 -45.34 14.91
C GLU D 171 21.49 -44.64 13.57
N ALA D 172 22.13 -43.49 13.60
CA ALA D 172 22.43 -42.76 12.39
C ALA D 172 23.27 -43.64 11.49
N PHE D 173 24.28 -44.28 12.07
CA PHE D 173 25.07 -45.25 11.33
C PHE D 173 24.22 -46.41 10.86
N ARG D 174 23.36 -46.89 11.74
CA ARG D 174 22.55 -48.05 11.43
C ARG D 174 21.66 -47.78 10.24
N GLU D 175 21.08 -46.58 10.22
CA GLU D 175 20.16 -46.22 9.16
C GLU D 175 20.90 -46.07 7.84
N ALA D 176 22.14 -45.59 7.92
CA ALA D 176 22.99 -45.51 6.75
C ALA D 176 23.17 -46.87 6.13
N ASP D 177 23.35 -47.91 6.95
CA ASP D 177 23.44 -49.26 6.42
C ASP D 177 22.16 -49.63 5.69
N ASN D 178 21.03 -49.25 6.27
CA ASN D 178 19.77 -49.58 5.65
C ASN D 178 19.62 -48.91 4.29
N VAL D 179 19.94 -47.63 4.24
CA VAL D 179 19.84 -46.88 3.01
C VAL D 179 20.77 -47.47 2.00
N LEU D 180 21.96 -47.86 2.47
CA LEU D 180 22.82 -48.66 1.63
C LEU D 180 22.12 -49.92 1.16
N ARG D 181 21.38 -50.57 2.06
CA ARG D 181 20.63 -51.77 1.68
C ARG D 181 19.50 -51.40 0.72
N GLN D 182 18.78 -50.32 1.03
CA GLN D 182 17.67 -49.88 0.19
C GLN D 182 18.12 -49.58 -1.23
N GLY D 183 19.34 -49.07 -1.35
CA GLY D 183 19.92 -48.79 -2.63
C GLY D 183 20.11 -50.06 -3.41
N VAL D 184 20.70 -51.06 -2.78
CA VAL D 184 20.94 -52.29 -3.49
C VAL D 184 19.64 -53.05 -3.76
N GLN D 185 18.79 -53.14 -2.75
CA GLN D 185 17.54 -53.87 -2.87
C GLN D 185 16.60 -53.21 -3.88
N GLY D 186 16.64 -51.87 -3.94
CA GLY D 186 15.86 -51.12 -4.91
C GLY D 186 16.06 -51.60 -6.33
N ILE D 187 17.30 -51.94 -6.67
CA ILE D 187 17.59 -52.47 -7.99
C ILE D 187 17.58 -54.01 -8.06
N SER D 188 18.21 -54.69 -7.11
CA SER D 188 18.36 -56.14 -7.22
C SER D 188 17.00 -56.81 -7.26
N ASP D 189 16.02 -56.23 -6.57
CA ASP D 189 14.66 -56.77 -6.53
C ASP D 189 13.95 -56.75 -7.87
N LEU D 190 14.46 -55.93 -8.78
CA LEU D 190 13.89 -55.83 -10.11
C LEU D 190 14.52 -56.88 -11.05
N ILE D 191 15.42 -57.69 -10.50
CA ILE D 191 16.17 -58.69 -11.27
C ILE D 191 16.14 -60.07 -10.60
N PHE D 201 16.63 -60.36 -20.66
CA PHE D 201 15.92 -59.63 -19.61
C PHE D 201 16.80 -58.52 -19.00
N ALA D 202 18.05 -58.86 -18.66
CA ALA D 202 19.00 -57.91 -18.06
C ALA D 202 19.64 -57.04 -19.16
N ASP D 203 19.15 -57.20 -20.38
CA ASP D 203 19.59 -56.42 -21.53
C ASP D 203 19.13 -54.96 -21.42
N VAL D 204 17.86 -54.80 -21.07
CA VAL D 204 17.29 -53.49 -20.76
C VAL D 204 18.04 -52.83 -19.61
N LYS D 205 18.34 -53.61 -18.58
CA LYS D 205 19.02 -53.12 -17.40
C LYS D 205 20.38 -52.56 -17.78
N THR D 206 21.10 -53.30 -18.62
CA THR D 206 22.45 -52.92 -19.05
C THR D 206 22.44 -51.57 -19.78
N ILE D 207 21.27 -51.23 -20.35
CA ILE D 207 21.10 -49.98 -21.10
C ILE D 207 20.87 -48.78 -20.17
N MET D 208 20.13 -48.98 -19.07
CA MET D 208 19.89 -47.90 -18.11
C MET D 208 21.09 -47.66 -17.16
N SER D 209 21.92 -48.69 -16.96
CA SER D 209 23.13 -48.59 -16.13
C SER D 209 24.46 -48.38 -16.92
N SER D 213 27.87 -40.90 -12.98
CA SER D 213 27.26 -41.25 -11.70
C SER D 213 25.72 -41.18 -11.78
N ALA D 214 25.05 -41.75 -10.79
CA ALA D 214 23.60 -41.79 -10.74
C ALA D 214 23.19 -41.45 -9.32
N LEU D 215 21.96 -40.98 -9.13
CA LEU D 215 21.53 -40.65 -7.77
C LEU D 215 20.20 -41.27 -7.48
N MET D 216 20.00 -41.70 -6.23
CA MET D 216 18.74 -42.26 -5.81
C MET D 216 18.05 -41.44 -4.73
N GLY D 217 16.77 -41.75 -4.50
CA GLY D 217 15.96 -41.19 -3.44
C GLY D 217 15.02 -42.27 -2.92
N ILE D 218 14.59 -42.18 -1.68
CA ILE D 218 13.62 -43.16 -1.14
C ILE D 218 12.53 -42.47 -0.29
N GLY D 219 11.32 -43.03 -0.28
CA GLY D 219 10.27 -42.52 0.58
C GLY D 219 9.52 -43.57 1.39
N ARG D 226 -1.22 -42.26 0.54
CA ARG D 226 0.03 -42.70 1.16
C ARG D 226 1.06 -43.14 0.11
N ALA D 227 0.63 -43.92 -0.88
CA ALA D 227 1.52 -44.38 -1.94
C ALA D 227 2.09 -43.21 -2.75
N ALA D 228 1.25 -42.20 -2.98
CA ALA D 228 1.68 -41.03 -3.71
C ALA D 228 2.69 -40.20 -2.92
N GLU D 229 2.50 -40.14 -1.60
CA GLU D 229 3.38 -39.40 -0.70
C GLU D 229 4.80 -39.95 -0.75
N ALA D 230 4.89 -41.28 -0.71
CA ALA D 230 6.15 -42.00 -0.75
C ALA D 230 6.90 -41.69 -2.04
N ALA D 231 6.17 -41.80 -3.14
CA ALA D 231 6.69 -41.48 -4.46
C ALA D 231 7.08 -39.99 -4.60
N LYS D 232 6.31 -39.08 -4.01
CA LYS D 232 6.69 -37.67 -3.98
C LYS D 232 7.89 -37.47 -3.06
N LYS D 233 7.88 -38.13 -1.89
CA LYS D 233 8.97 -38.01 -0.92
C LYS D 233 10.27 -38.52 -1.51
N ALA D 234 10.20 -39.64 -2.23
CA ALA D 234 11.40 -40.25 -2.79
C ALA D 234 12.19 -39.32 -3.71
N ILE D 235 11.49 -38.64 -4.61
CA ILE D 235 12.16 -37.73 -5.55
C ILE D 235 12.54 -36.41 -4.89
N SER D 236 11.86 -36.12 -3.78
CA SER D 236 12.12 -34.90 -3.02
C SER D 236 13.02 -35.17 -1.82
N SER D 237 13.24 -36.46 -1.54
CA SER D 237 14.05 -36.93 -0.41
C SER D 237 15.38 -36.22 -0.31
N PRO D 238 15.98 -36.20 0.90
CA PRO D 238 17.31 -35.61 1.04
C PRO D 238 18.31 -36.29 0.08
N LEU D 239 18.03 -37.54 -0.27
CA LEU D 239 18.75 -38.27 -1.30
C LEU D 239 18.38 -37.78 -2.73
N ALA D 242 18.88 -34.49 -5.96
CA ALA D 242 18.75 -33.53 -7.05
C ALA D 242 17.60 -33.81 -8.04
N ALA D 243 17.45 -32.93 -9.03
CA ALA D 243 16.38 -32.99 -10.06
C ALA D 243 16.60 -34.05 -11.12
N ILE D 244 15.56 -34.82 -11.41
CA ILE D 244 15.62 -35.93 -12.39
C ILE D 244 15.92 -35.59 -13.86
N ASP D 245 15.59 -34.39 -14.29
CA ASP D 245 15.62 -34.06 -15.71
C ASP D 245 17.00 -34.20 -16.38
N GLN D 248 18.77 -39.72 -19.03
CA GLN D 248 18.35 -40.60 -20.11
C GLN D 248 17.62 -41.82 -19.55
N GLY D 249 17.98 -42.19 -18.33
CA GLY D 249 17.34 -43.33 -17.69
C GLY D 249 16.97 -43.13 -16.24
N VAL D 250 15.80 -43.63 -15.87
CA VAL D 250 15.35 -43.62 -14.49
C VAL D 250 14.71 -44.93 -14.09
N LEU D 251 15.20 -45.45 -12.97
CA LEU D 251 14.72 -46.71 -12.46
C LEU D 251 13.92 -46.47 -11.20
N MET D 252 12.72 -47.02 -11.16
CA MET D 252 11.87 -46.86 -9.99
C MET D 252 11.33 -48.18 -9.50
N ASN D 253 11.44 -48.39 -8.20
CA ASN D 253 10.95 -49.58 -7.54
C ASN D 253 9.80 -49.14 -6.66
N ILE D 254 8.61 -49.72 -6.91
CA ILE D 254 7.47 -49.56 -6.00
C ILE D 254 7.31 -50.84 -5.24
N THR D 255 7.46 -50.76 -3.93
CA THR D 255 7.29 -51.93 -3.13
C THR D 255 6.49 -51.71 -1.87
N GLY D 256 5.57 -52.65 -1.62
CA GLY D 256 4.68 -52.62 -0.48
C GLY D 256 4.21 -54.03 -0.22
N GLY D 257 3.27 -54.19 0.69
CA GLY D 257 2.80 -55.51 1.08
C GLY D 257 1.97 -56.21 0.03
N THR D 258 1.21 -57.21 0.48
CA THR D 258 0.23 -57.90 -0.36
C THR D 258 -0.96 -56.98 -0.68
N ASN D 259 -1.06 -55.89 0.08
CA ASN D 259 -2.10 -54.88 -0.08
C ASN D 259 -1.78 -53.82 -1.14
N LEU D 260 -0.73 -54.05 -1.92
CA LEU D 260 -0.32 -53.11 -2.96
C LEU D 260 -1.27 -53.21 -4.15
N SER D 261 -1.93 -52.10 -4.45
CA SER D 261 -2.89 -52.01 -5.54
C SER D 261 -2.28 -51.23 -6.70
N LEU D 262 -2.70 -51.56 -7.92
CA LEU D 262 -2.24 -50.84 -9.10
C LEU D 262 -2.67 -49.37 -9.11
N TYR D 263 -3.64 -49.03 -8.25
CA TYR D 263 -4.08 -47.65 -8.07
C TYR D 263 -2.98 -46.84 -7.42
N GLU D 264 -2.40 -47.45 -6.40
CA GLU D 264 -1.30 -46.91 -5.62
C GLU D 264 -0.04 -46.82 -6.46
N VAL D 265 0.24 -47.92 -7.14
CA VAL D 265 1.44 -48.04 -7.95
C VAL D 265 1.47 -46.98 -9.05
N GLN D 266 0.40 -46.88 -9.83
CA GLN D 266 0.37 -45.96 -10.97
C GLN D 266 0.35 -44.49 -10.55
N GLU D 267 -0.36 -44.15 -9.47
CA GLU D 267 -0.36 -42.78 -8.97
C GLU D 267 1.08 -42.41 -8.62
N ALA D 268 1.77 -43.37 -8.01
CA ALA D 268 3.17 -43.21 -7.69
C ALA D 268 3.99 -43.03 -8.97
N ALA D 269 3.72 -43.89 -9.94
CA ALA D 269 4.41 -43.85 -11.21
C ALA D 269 4.20 -42.53 -11.95
N ASP D 270 2.97 -42.01 -11.90
CA ASP D 270 2.65 -40.74 -12.53
C ASP D 270 3.50 -39.64 -11.93
N ILE D 271 3.77 -39.74 -10.64
CA ILE D 271 4.57 -38.73 -9.94
C ILE D 271 6.00 -38.70 -10.44
N VAL D 272 6.61 -39.87 -10.55
CA VAL D 272 7.98 -39.95 -11.02
C VAL D 272 8.05 -39.56 -12.50
N ALA D 273 7.07 -40.02 -13.29
CA ALA D 273 7.04 -39.72 -14.72
C ALA D 273 6.84 -38.23 -15.01
N SER D 274 5.96 -37.59 -14.23
CA SER D 274 5.73 -36.16 -14.34
C SER D 274 7.01 -35.42 -14.02
N ALA D 275 7.72 -35.94 -13.03
CA ALA D 275 8.98 -35.35 -12.62
C ALA D 275 10.12 -35.67 -13.59
N SER D 276 9.99 -36.77 -14.32
CA SER D 276 11.02 -37.18 -15.27
C SER D 276 10.77 -36.69 -16.69
N ASP D 277 11.78 -36.84 -17.53
CA ASP D 277 11.67 -36.52 -18.96
C ASP D 277 10.60 -37.39 -19.63
N GLN D 278 9.95 -36.85 -20.65
CA GLN D 278 8.94 -37.60 -21.42
C GLN D 278 9.52 -38.77 -22.22
N ASP D 279 10.67 -38.54 -22.86
CA ASP D 279 11.26 -39.50 -23.79
C ASP D 279 12.28 -40.36 -23.05
N VAL D 280 12.23 -40.26 -21.71
CA VAL D 280 13.14 -40.99 -20.82
C VAL D 280 13.02 -42.51 -20.97
N ASN D 281 14.15 -43.20 -20.84
CA ASN D 281 14.15 -44.65 -20.81
C ASN D 281 13.86 -45.06 -19.38
N MET D 282 12.96 -46.02 -19.16
CA MET D 282 12.60 -46.35 -17.78
C MET D 282 12.34 -47.80 -17.42
N ILE D 283 12.90 -48.18 -16.27
CA ILE D 283 12.66 -49.48 -15.70
C ILE D 283 11.86 -49.19 -14.46
N PHE D 284 10.77 -49.89 -14.28
CA PHE D 284 9.88 -49.57 -13.20
C PHE D 284 9.36 -50.89 -12.75
N GLY D 285 9.19 -51.06 -11.46
CA GLY D 285 8.64 -52.31 -11.01
C GLY D 285 7.78 -52.07 -9.81
N SER D 286 6.88 -53.01 -9.56
CA SER D 286 6.08 -53.00 -8.38
C SER D 286 6.45 -54.32 -7.71
N VAL D 287 6.70 -54.28 -6.42
CA VAL D 287 7.17 -55.47 -5.71
C VAL D 287 6.39 -55.69 -4.41
N ILE D 288 6.12 -56.96 -4.11
CA ILE D 288 5.37 -57.34 -2.90
C ILE D 288 6.27 -57.79 -1.75
N ASN D 289 6.19 -57.11 -0.61
CA ASN D 289 6.90 -57.58 0.58
C ASN D 289 5.89 -57.91 1.67
N GLU D 290 5.67 -59.19 1.92
CA GLU D 290 4.61 -59.63 2.81
C GLU D 290 4.79 -59.15 4.24
N ASN D 291 6.03 -58.80 4.59
CA ASN D 291 6.37 -58.31 5.92
C ASN D 291 5.97 -56.85 6.12
N LEU D 292 5.56 -56.19 5.04
CA LEU D 292 5.12 -54.81 5.14
C LEU D 292 3.68 -54.67 5.61
N LYS D 293 3.37 -53.51 6.18
CA LYS D 293 2.02 -53.22 6.66
C LYS D 293 1.38 -52.12 5.82
N ASP D 294 1.51 -50.88 6.27
CA ASP D 294 0.88 -49.74 5.61
C ASP D 294 1.94 -48.92 4.93
N GLU D 295 3.17 -49.38 5.10
CA GLU D 295 4.30 -48.72 4.48
C GLU D 295 4.46 -49.22 3.06
N ILE D 296 4.86 -48.30 2.18
CA ILE D 296 5.40 -48.68 0.89
C ILE D 296 6.63 -47.80 0.68
N VAL D 297 7.65 -48.39 0.05
CA VAL D 297 8.91 -47.70 -0.13
C VAL D 297 9.11 -47.44 -1.60
N VAL D 298 9.39 -46.19 -1.92
CA VAL D 298 9.63 -45.86 -3.31
C VAL D 298 11.11 -45.58 -3.49
N THR D 299 11.76 -46.36 -4.35
CA THR D 299 13.16 -46.13 -4.64
C THR D 299 13.27 -45.59 -6.05
N VAL D 300 13.91 -44.44 -6.20
CA VAL D 300 13.99 -43.82 -7.51
C VAL D 300 15.47 -43.58 -7.87
N ILE D 301 15.92 -43.97 -9.05
CA ILE D 301 17.32 -43.80 -9.41
C ILE D 301 17.47 -43.19 -10.79
N ALA D 302 18.18 -42.07 -10.90
CA ALA D 302 18.26 -41.41 -12.19
C ALA D 302 19.66 -41.55 -12.73
N THR D 303 19.77 -41.81 -14.03
CA THR D 303 21.05 -42.02 -14.68
C THR D 303 21.27 -41.02 -15.84
N GLY D 304 21.83 -39.85 -15.48
CA GLY D 304 22.06 -38.78 -16.44
C GLY D 304 22.11 -37.46 -15.69
N SER E 3 -33.10 12.83 7.36
CA SER E 3 -34.14 13.84 7.51
C SER E 3 -33.60 15.05 8.29
N ILE E 4 -34.27 15.44 9.37
CA ILE E 4 -33.89 16.69 10.04
C ILE E 4 -33.42 16.52 11.48
N LYS E 5 -32.27 17.11 11.78
CA LYS E 5 -31.62 16.98 13.07
C LYS E 5 -31.73 18.28 13.85
N VAL E 6 -32.06 18.22 15.12
CA VAL E 6 -32.09 19.41 15.95
C VAL E 6 -30.92 19.39 16.90
N ILE E 7 -30.04 20.38 16.80
CA ILE E 7 -28.87 20.38 17.63
C ILE E 7 -28.94 21.40 18.74
N GLY E 8 -28.90 20.92 19.97
CA GLY E 8 -28.83 21.81 21.10
C GLY E 8 -27.36 22.07 21.37
N VAL E 9 -26.96 23.33 21.36
CA VAL E 9 -25.58 23.65 21.68
C VAL E 9 -25.54 24.46 22.96
N GLY E 10 -24.73 23.98 23.90
CA GLY E 10 -24.59 24.62 25.18
C GLY E 10 -25.84 24.39 25.99
N GLY E 11 -25.91 25.08 27.14
CA GLY E 11 -26.97 24.90 28.10
C GLY E 11 -28.28 25.35 27.54
N GLY E 12 -28.27 26.47 26.83
CA GLY E 12 -29.49 27.03 26.28
C GLY E 12 -30.11 26.04 25.32
N GLY E 13 -29.26 25.50 24.45
CA GLY E 13 -29.70 24.51 23.50
C GLY E 13 -30.12 23.22 24.17
N ASN E 14 -29.40 22.86 25.22
CA ASN E 14 -29.63 21.62 25.96
C ASN E 14 -31.03 21.57 26.52
N ASN E 15 -31.46 22.66 27.14
CA ASN E 15 -32.78 22.75 27.72
C ASN E 15 -33.83 22.72 26.63
N ALA E 16 -33.51 23.42 25.54
CA ALA E 16 -34.39 23.50 24.41
C ALA E 16 -34.66 22.09 23.90
N VAL E 17 -33.59 21.38 23.58
CA VAL E 17 -33.70 20.02 23.08
C VAL E 17 -34.44 19.14 24.08
N ASN E 18 -34.18 19.30 25.38
CA ASN E 18 -34.97 18.57 26.37
C ASN E 18 -36.45 18.91 26.28
N ARG E 19 -36.76 20.21 26.24
CA ARG E 19 -38.15 20.66 26.21
C ARG E 19 -38.85 20.14 24.98
N MET E 20 -38.10 20.06 23.89
CA MET E 20 -38.63 19.49 22.65
C MET E 20 -38.95 18.03 22.82
N ILE E 21 -38.03 17.30 23.44
CA ILE E 21 -38.22 15.89 23.77
C ILE E 21 -39.30 15.68 24.81
N GLU E 22 -39.33 16.55 25.80
CA GLU E 22 -40.39 16.51 26.79
C GLU E 22 -41.74 16.68 26.13
N ASN E 23 -41.80 17.51 25.12
CA ASN E 23 -43.03 17.77 24.38
C ASN E 23 -43.22 16.86 23.17
N GLU E 24 -42.43 15.80 23.14
CA GLU E 24 -42.52 14.75 22.13
C GLU E 24 -42.66 15.31 20.74
N VAL E 25 -41.86 16.32 20.45
CA VAL E 25 -41.77 16.82 19.11
C VAL E 25 -41.17 15.70 18.30
N GLN E 26 -41.88 15.25 17.27
CA GLN E 26 -41.47 14.11 16.46
C GLN E 26 -40.77 14.56 15.19
N GLY E 27 -40.25 13.58 14.45
CA GLY E 27 -39.73 13.77 13.11
C GLY E 27 -38.32 14.31 13.02
N VAL E 28 -37.71 14.54 14.17
CA VAL E 28 -36.34 15.06 14.22
C VAL E 28 -35.41 14.13 14.99
N GLU E 29 -34.12 14.14 14.63
CA GLU E 29 -33.12 13.49 15.47
C GLU E 29 -32.52 14.55 16.36
N TYR E 30 -32.51 14.28 17.65
CA TYR E 30 -31.94 15.26 18.57
C TYR E 30 -30.48 14.97 18.82
N ILE E 31 -29.69 16.03 18.80
CA ILE E 31 -28.28 15.96 19.10
C ILE E 31 -28.01 17.03 20.12
N ALA E 32 -27.59 16.61 21.30
CA ALA E 32 -27.28 17.57 22.35
C ALA E 32 -25.77 17.73 22.39
N VAL E 33 -25.33 18.97 22.19
CA VAL E 33 -23.91 19.24 22.14
C VAL E 33 -23.59 20.15 23.28
N ASN E 34 -22.62 19.72 24.07
CA ASN E 34 -22.23 20.54 25.17
C ASN E 34 -20.79 20.27 25.44
N THR E 35 -20.10 21.24 26.02
CA THR E 35 -18.72 21.02 26.42
C THR E 35 -18.72 20.56 27.87
N ASP E 36 -19.79 20.93 28.54
CA ASP E 36 -19.99 20.65 29.94
C ASP E 36 -20.60 19.28 29.97
N ALA E 37 -19.79 18.28 30.24
CA ALA E 37 -20.25 16.90 30.23
C ALA E 37 -21.29 16.66 31.33
N GLN E 38 -21.20 17.41 32.42
CA GLN E 38 -22.17 17.25 33.48
C GLN E 38 -23.55 17.60 32.96
N ALA E 39 -23.65 18.76 32.31
CA ALA E 39 -24.92 19.24 31.79
C ALA E 39 -25.36 18.33 30.66
N LEU E 40 -24.40 17.91 29.84
CA LEU E 40 -24.68 17.04 28.69
C LEU E 40 -25.36 15.72 29.09
N ASN E 41 -24.98 15.16 30.22
CA ASN E 41 -25.56 13.91 30.72
C ASN E 41 -26.98 14.08 31.23
N LEU E 42 -27.40 15.33 31.30
CA LEU E 42 -28.79 15.65 31.59
C LEU E 42 -29.60 15.77 30.28
N SER E 43 -28.93 15.67 29.14
CA SER E 43 -29.67 15.76 27.90
C SER E 43 -30.55 14.56 27.72
N LYS E 44 -31.79 14.78 27.31
CA LYS E 44 -32.68 13.65 27.04
C LYS E 44 -32.47 13.18 25.62
N ALA E 45 -31.46 13.75 24.97
CA ALA E 45 -31.16 13.42 23.58
C ALA E 45 -30.66 12.01 23.47
N GLU E 46 -30.99 11.40 22.34
CA GLU E 46 -30.58 10.05 22.11
C GLU E 46 -29.08 10.13 21.95
N VAL E 47 -28.64 11.10 21.17
CA VAL E 47 -27.21 11.38 20.99
C VAL E 47 -26.70 12.64 21.71
N LYS E 48 -25.74 12.43 22.62
CA LYS E 48 -25.17 13.51 23.41
C LYS E 48 -23.76 13.64 22.93
N MET E 49 -23.42 14.78 22.37
CA MET E 49 -22.10 14.93 21.83
C MET E 49 -21.33 15.90 22.67
N GLN E 50 -20.37 15.38 23.42
CA GLN E 50 -19.50 16.23 24.20
C GLN E 50 -18.39 16.72 23.32
N ILE E 51 -18.32 18.04 23.12
CA ILE E 51 -17.29 18.65 22.28
C ILE E 51 -16.25 19.37 23.15
N GLY E 52 -15.04 19.50 22.60
CA GLY E 52 -13.93 20.09 23.31
C GLY E 52 -13.53 19.28 24.52
N ALA E 53 -13.74 17.97 24.44
CA ALA E 53 -13.39 17.05 25.52
C ALA E 53 -11.91 17.17 25.81
N LYS E 54 -11.11 17.31 24.76
CA LYS E 54 -9.69 17.51 24.94
C LYS E 54 -9.43 18.89 25.55
N LEU E 55 -10.20 19.87 25.11
CA LEU E 55 -10.02 21.25 25.53
C LEU E 55 -10.55 21.52 26.93
N THR E 56 -11.78 21.11 27.18
CA THR E 56 -12.47 21.49 28.40
C THR E 56 -12.47 20.35 29.37
N ARG E 57 -12.11 19.16 28.90
CA ARG E 57 -12.04 18.00 29.77
C ARG E 57 -13.37 17.84 30.49
N GLY E 58 -14.43 18.19 29.79
CA GLY E 58 -15.75 18.00 30.31
C GLY E 58 -16.10 19.11 31.25
N LEU E 59 -15.25 20.11 31.39
CA LEU E 59 -15.55 21.12 32.41
C LEU E 59 -16.36 22.30 31.90
N GLY E 60 -16.75 22.26 30.63
CA GLY E 60 -17.57 23.30 30.04
C GLY E 60 -16.69 24.37 29.43
N ALA E 61 -17.31 25.41 28.91
CA ALA E 61 -16.52 26.43 28.24
C ALA E 61 -16.36 27.66 29.14
N GLY E 62 -16.94 27.58 30.34
CA GLY E 62 -16.83 28.68 31.25
C GLY E 62 -17.27 30.02 30.69
N ALA E 63 -18.35 30.03 29.92
CA ALA E 63 -18.90 31.26 29.38
C ALA E 63 -17.90 32.07 28.53
N ASN E 64 -16.90 31.40 27.98
CA ASN E 64 -16.02 32.07 27.03
C ASN E 64 -16.23 31.39 25.72
N PRO E 65 -16.87 32.09 24.79
CA PRO E 65 -17.27 31.58 23.48
C PRO E 65 -16.08 31.10 22.67
N GLU E 66 -14.92 31.71 22.88
CA GLU E 66 -13.73 31.26 22.17
C GLU E 66 -13.42 29.79 22.53
N VAL E 67 -13.68 29.39 23.78
CA VAL E 67 -13.56 27.97 24.16
C VAL E 67 -14.62 27.14 23.46
N GLY E 68 -15.86 27.66 23.45
CA GLY E 68 -16.97 27.02 22.76
C GLY E 68 -16.67 26.85 21.28
N LYS E 69 -16.12 27.88 20.67
CA LYS E 69 -15.72 27.78 19.28
C LYS E 69 -14.62 26.73 19.17
N LYS E 70 -13.56 26.88 19.96
CA LYS E 70 -12.42 25.97 19.85
C LYS E 70 -12.82 24.56 20.26
N ALA E 71 -13.81 24.48 21.13
CA ALA E 71 -14.40 23.20 21.52
C ALA E 71 -15.02 22.52 20.33
N ALA E 72 -15.81 23.27 19.58
CA ALA E 72 -16.49 22.76 18.40
C ALA E 72 -15.47 22.50 17.29
N GLU E 73 -14.52 23.42 17.15
CA GLU E 73 -13.44 23.23 16.21
C GLU E 73 -12.71 21.92 16.49
N GLU E 74 -12.47 21.65 17.77
CA GLU E 74 -11.87 20.38 18.16
C GLU E 74 -12.70 19.21 17.66
N SER E 75 -14.01 19.31 17.81
CA SER E 75 -14.87 18.21 17.45
C SER E 75 -15.52 18.42 16.08
N LYS E 76 -14.84 19.17 15.22
CA LYS E 76 -15.36 19.47 13.90
C LYS E 76 -15.61 18.15 13.17
N GLU E 77 -14.72 17.19 13.36
CA GLU E 77 -14.88 15.89 12.74
C GLU E 77 -16.05 15.09 13.32
N GLN E 78 -16.18 15.07 14.64
CA GLN E 78 -17.23 14.31 15.31
C GLN E 78 -18.60 14.84 14.95
N ILE E 79 -18.64 16.14 14.71
CA ILE E 79 -19.86 16.86 14.36
C ILE E 79 -20.35 16.59 12.92
N GLU E 80 -19.46 16.73 11.93
CA GLU E 80 -19.84 16.44 10.55
C GLU E 80 -20.39 15.05 10.38
N GLU E 81 -19.73 14.06 10.98
CA GLU E 81 -20.20 12.69 10.86
C GLU E 81 -21.58 12.58 11.48
N ALA E 82 -21.81 13.29 12.57
CA ALA E 82 -23.11 13.25 13.21
C ALA E 82 -24.14 13.97 12.39
N LEU E 83 -23.70 14.93 11.58
CA LEU E 83 -24.62 15.69 10.76
C LEU E 83 -24.78 15.16 9.33
N LYS E 84 -23.85 14.33 8.86
CA LYS E 84 -23.98 13.70 7.55
C LYS E 84 -25.33 13.03 7.43
N GLY E 85 -26.00 13.29 6.31
CA GLY E 85 -27.30 12.70 6.05
C GLY E 85 -28.44 13.64 6.41
N ALA E 86 -28.10 14.71 7.11
CA ALA E 86 -29.12 15.68 7.49
C ALA E 86 -29.45 16.55 6.31
N ASP E 87 -30.72 16.60 5.93
CA ASP E 87 -31.19 17.51 4.89
C ASP E 87 -31.37 18.88 5.54
N MET E 88 -31.81 18.88 6.77
CA MET E 88 -32.01 20.13 7.47
C MET E 88 -31.56 19.98 8.92
N VAL E 89 -30.90 21.02 9.43
CA VAL E 89 -30.37 21.02 10.78
C VAL E 89 -30.79 22.26 11.52
N PHE E 90 -31.49 22.08 12.63
CA PHE E 90 -31.68 23.18 13.56
C PHE E 90 -30.51 23.22 14.53
N VAL E 91 -29.85 24.36 14.62
CA VAL E 91 -28.83 24.54 15.64
C VAL E 91 -29.45 25.46 16.66
N THR E 92 -29.91 24.89 17.76
CA THR E 92 -30.57 25.72 18.73
C THR E 92 -29.59 25.91 19.87
N ALA E 93 -29.52 27.13 20.40
CA ALA E 93 -28.50 27.51 21.37
C ALA E 93 -28.89 28.72 22.20
N GLY E 94 -28.27 28.85 23.37
CA GLY E 94 -28.46 30.04 24.15
C GLY E 94 -27.28 30.93 23.82
N MET E 95 -27.58 32.16 23.41
CA MET E 95 -26.50 33.09 23.11
C MET E 95 -26.15 33.81 24.39
N GLY E 96 -24.86 34.11 24.53
CA GLY E 96 -24.36 34.77 25.71
C GLY E 96 -23.40 33.82 26.35
N GLY E 97 -23.57 32.54 26.03
CA GLY E 97 -22.77 31.53 26.69
C GLY E 97 -21.39 31.37 26.11
N GLY E 98 -20.82 30.20 26.34
CA GLY E 98 -19.53 29.86 25.84
C GLY E 98 -19.75 28.81 24.80
N THR E 99 -20.47 27.75 25.15
CA THR E 99 -20.56 26.64 24.22
C THR E 99 -21.48 27.08 23.11
N GLY E 100 -22.68 27.54 23.46
CA GLY E 100 -23.61 27.98 22.46
C GLY E 100 -22.98 29.05 21.57
N THR E 101 -22.65 30.21 22.15
CA THR E 101 -22.12 31.34 21.40
C THR E 101 -20.93 30.96 20.54
N GLY E 102 -20.11 30.06 21.03
CA GLY E 102 -18.93 29.73 20.28
C GLY E 102 -19.18 28.58 19.34
N ALA E 103 -19.84 27.54 19.85
CA ALA E 103 -19.96 26.31 19.07
C ALA E 103 -21.06 26.39 18.05
N ALA E 104 -22.17 27.00 18.41
CA ALA E 104 -23.32 27.02 17.51
C ALA E 104 -22.95 27.59 16.13
N PRO E 105 -22.19 28.70 16.07
CA PRO E 105 -21.75 29.11 14.74
C PRO E 105 -20.93 28.04 14.05
N VAL E 106 -20.04 27.40 14.77
CA VAL E 106 -19.22 26.35 14.16
C VAL E 106 -20.06 25.17 13.69
N ILE E 107 -20.97 24.72 14.55
CA ILE E 107 -21.80 23.56 14.25
C ILE E 107 -22.77 23.86 13.11
N ALA E 108 -23.46 25.00 13.17
CA ALA E 108 -24.36 25.42 12.08
C ALA E 108 -23.58 25.53 10.78
N GLN E 109 -22.43 26.20 10.82
CA GLN E 109 -21.60 26.34 9.63
C GLN E 109 -21.20 25.00 9.06
N ILE E 110 -21.03 24.01 9.93
CA ILE E 110 -20.75 22.65 9.48
C ILE E 110 -21.96 22.08 8.77
N ALA E 111 -23.13 22.29 9.37
CA ALA E 111 -24.36 21.81 8.76
C ALA E 111 -24.56 22.45 7.40
N LYS E 112 -24.28 23.76 7.32
CA LYS E 112 -24.48 24.50 6.10
C LYS E 112 -23.55 24.01 5.00
N ASP E 113 -22.29 23.75 5.36
CA ASP E 113 -21.29 23.21 4.45
C ASP E 113 -21.64 21.81 3.99
N LEU E 114 -22.42 21.14 4.82
CA LEU E 114 -23.01 19.86 4.48
C LEU E 114 -24.11 20.02 3.45
N GLY E 115 -24.49 21.27 3.22
CA GLY E 115 -25.44 21.62 2.18
C GLY E 115 -26.85 21.55 2.72
N ALA E 116 -26.96 21.13 3.96
CA ALA E 116 -28.23 21.02 4.64
C ALA E 116 -28.81 22.38 4.96
N LEU E 117 -30.14 22.50 4.84
CA LEU E 117 -30.81 23.73 5.23
C LEU E 117 -30.60 23.91 6.72
N THR E 118 -29.87 24.94 7.10
CA THR E 118 -29.50 25.12 8.48
C THR E 118 -30.25 26.30 9.11
N VAL E 119 -31.03 26.02 10.12
CA VAL E 119 -31.75 27.09 10.78
C VAL E 119 -31.32 27.19 12.22
N GLY E 120 -30.73 28.30 12.58
CA GLY E 120 -30.42 28.52 13.96
C GLY E 120 -31.64 29.13 14.58
N VAL E 121 -32.01 28.65 15.75
CA VAL E 121 -33.00 29.31 16.57
C VAL E 121 -32.30 29.50 17.88
N VAL E 122 -31.98 30.75 18.20
CA VAL E 122 -31.22 31.04 19.41
C VAL E 122 -31.93 32.09 20.25
N THR E 123 -31.59 32.14 21.53
CA THR E 123 -32.16 33.15 22.39
C THR E 123 -31.13 34.26 22.53
N ARG E 124 -31.60 35.49 22.72
CA ARG E 124 -30.73 36.55 23.14
C ARG E 124 -30.90 36.59 24.63
N PRO E 125 -29.80 36.54 25.41
CA PRO E 125 -29.83 36.45 26.87
C PRO E 125 -30.62 37.60 27.44
N PHE E 126 -31.16 37.44 28.64
CA PHE E 126 -31.90 38.51 29.27
C PHE E 126 -30.98 39.71 29.44
N THR E 127 -31.57 40.89 29.53
CA THR E 127 -30.78 42.05 29.83
C THR E 127 -30.19 41.79 31.20
N PHE E 128 -30.96 41.17 32.10
CA PHE E 128 -30.45 40.95 33.46
C PHE E 128 -29.22 40.07 33.60
N GLU E 129 -28.96 39.21 32.63
CA GLU E 129 -27.77 38.35 32.65
C GLU E 129 -26.45 39.16 32.59
N GLY E 130 -26.58 40.47 32.37
CA GLY E 130 -25.46 41.40 32.36
C GLY E 130 -25.04 41.85 30.96
N ARG E 131 -24.09 42.78 30.91
CA ARG E 131 -23.62 43.37 29.66
C ARG E 131 -22.75 42.37 28.90
N LYS E 132 -21.90 41.64 29.63
CA LYS E 132 -21.01 40.64 29.04
C LYS E 132 -21.80 39.64 28.23
N ARG E 133 -22.90 39.15 28.80
CA ARG E 133 -23.76 38.23 28.08
C ARG E 133 -24.29 38.87 26.83
N GLN E 134 -24.73 40.12 26.93
CA GLN E 134 -25.29 40.81 25.78
C GLN E 134 -24.27 40.91 24.66
N LEU E 135 -23.07 41.39 24.99
CA LEU E 135 -22.05 41.58 23.95
C LEU E 135 -21.69 40.24 23.34
N GLN E 136 -21.44 39.24 24.19
CA GLN E 136 -20.97 37.95 23.69
C GLN E 136 -22.02 37.34 22.81
N ALA E 137 -23.27 37.54 23.20
CA ALA E 137 -24.39 37.01 22.44
C ALA E 137 -24.43 37.70 21.06
N ALA E 138 -24.28 39.02 21.07
CA ALA E 138 -24.33 39.80 19.85
C ALA E 138 -23.27 39.24 18.93
N GLY E 139 -22.08 39.03 19.48
CA GLY E 139 -21.00 38.46 18.72
C GLY E 139 -21.39 37.10 18.20
N GLY E 140 -22.07 36.34 19.05
CA GLY E 140 -22.46 34.99 18.68
C GLY E 140 -23.52 34.99 17.63
N ILE E 141 -24.48 35.88 17.81
CA ILE E 141 -25.58 35.97 16.88
C ILE E 141 -25.05 36.36 15.51
N SER E 142 -24.12 37.31 15.48
CA SER E 142 -23.46 37.69 14.24
C SER E 142 -22.77 36.51 13.57
N ALA E 143 -22.01 35.73 14.33
CA ALA E 143 -21.33 34.59 13.76
C ALA E 143 -22.33 33.54 13.31
N MET E 144 -23.48 33.50 13.98
CA MET E 144 -24.51 32.55 13.60
C MET E 144 -25.07 32.93 12.25
N LYS E 145 -25.34 34.23 12.10
CA LYS E 145 -25.94 34.74 10.88
C LYS E 145 -25.07 34.37 9.70
N GLU E 146 -23.76 34.46 9.87
CA GLU E 146 -22.84 34.04 8.83
C GLU E 146 -22.88 32.54 8.62
N ALA E 147 -23.32 31.81 9.63
CA ALA E 147 -23.20 30.36 9.60
C ALA E 147 -24.49 29.63 9.29
N VAL E 148 -25.61 30.35 9.21
CA VAL E 148 -26.89 29.71 8.96
C VAL E 148 -27.57 30.19 7.69
N ASP E 149 -28.64 29.51 7.29
CA ASP E 149 -29.48 29.99 6.19
C ASP E 149 -30.47 31.00 6.76
N THR E 150 -31.19 30.61 7.81
CA THR E 150 -32.07 31.55 8.50
C THR E 150 -31.84 31.45 10.02
N LEU E 151 -31.72 32.59 10.69
CA LEU E 151 -31.52 32.62 12.13
C LEU E 151 -32.61 33.33 12.89
N ILE E 152 -33.42 32.57 13.61
CA ILE E 152 -34.41 33.18 14.45
C ILE E 152 -33.74 33.49 15.76
N VAL E 153 -33.73 34.75 16.16
CA VAL E 153 -33.15 35.11 17.45
C VAL E 153 -34.27 35.50 18.40
N ILE E 154 -34.38 34.81 19.53
CA ILE E 154 -35.46 35.08 20.46
C ILE E 154 -34.98 35.91 21.62
N PRO E 155 -35.42 37.18 21.67
CA PRO E 155 -34.96 38.05 22.75
C PRO E 155 -35.62 37.64 24.03
N ASN E 156 -34.84 37.02 24.92
CA ASN E 156 -35.36 36.55 26.19
C ASN E 156 -35.94 37.67 27.01
N ASP E 157 -35.48 38.89 26.80
CA ASP E 157 -36.06 40.03 27.49
C ASP E 157 -37.57 40.10 27.27
N ARG E 158 -38.01 39.71 26.08
CA ARG E 158 -39.42 39.79 25.73
C ARG E 158 -40.26 38.74 26.45
N ILE E 159 -39.58 37.74 27.00
CA ILE E 159 -40.23 36.75 27.84
C ILE E 159 -40.74 37.46 29.10
N LEU E 160 -40.01 38.50 29.53
CA LEU E 160 -40.36 39.22 30.74
C LEU E 160 -41.63 40.08 30.63
N GLU E 161 -41.95 40.53 29.42
CA GLU E 161 -43.17 41.30 29.16
C GLU E 161 -44.42 40.42 29.21
N ILE E 162 -44.24 39.15 28.90
CA ILE E 162 -45.37 38.22 28.82
C ILE E 162 -45.69 37.66 30.20
N VAL E 163 -44.68 37.14 30.88
CA VAL E 163 -44.85 36.55 32.21
C VAL E 163 -45.12 37.59 33.28
N ASP E 164 -45.69 37.14 34.40
CA ASP E 164 -45.97 38.00 35.54
C ASP E 164 -44.72 38.70 36.06
N LYS E 165 -44.91 39.86 36.64
CA LYS E 165 -43.81 40.64 37.19
C LYS E 165 -43.12 39.88 38.32
N ASN E 166 -43.84 38.94 38.93
CA ASN E 166 -43.29 38.20 40.06
C ASN E 166 -42.86 36.79 39.69
N THR E 167 -42.80 36.48 38.40
CA THR E 167 -42.25 35.18 38.03
C THR E 167 -40.81 35.18 38.47
N PRO E 168 -40.41 34.18 39.28
CA PRO E 168 -39.03 34.05 39.73
C PRO E 168 -38.13 33.85 38.52
N MET E 169 -36.88 34.28 38.62
CA MET E 169 -35.95 34.19 37.50
C MET E 169 -35.82 32.81 36.87
N LEU E 170 -35.79 31.79 37.71
CA LEU E 170 -35.64 30.42 37.24
C LEU E 170 -36.70 30.05 36.22
N GLU E 171 -37.94 30.47 36.45
CA GLU E 171 -39.04 30.17 35.52
C GLU E 171 -38.97 31.05 34.27
N ALA E 172 -38.45 32.25 34.41
CA ALA E 172 -38.24 33.09 33.25
C ALA E 172 -37.25 32.40 32.32
N PHE E 173 -36.20 31.82 32.87
CA PHE E 173 -35.29 30.99 32.10
C PHE E 173 -36.06 29.82 31.50
N ARG E 174 -36.91 29.23 32.35
CA ARG E 174 -37.67 28.08 31.94
C ARG E 174 -38.58 28.43 30.78
N GLU E 175 -39.21 29.60 30.81
CA GLU E 175 -40.08 29.98 29.70
C GLU E 175 -39.21 30.29 28.48
N ALA E 176 -38.02 30.80 28.72
CA ALA E 176 -37.08 31.10 27.66
C ALA E 176 -36.66 29.85 26.88
N ASP E 177 -36.32 28.80 27.62
CA ASP E 177 -35.98 27.54 26.96
C ASP E 177 -37.22 27.02 26.21
N ASN E 178 -38.40 27.18 26.81
CA ASN E 178 -39.65 26.75 26.18
C ASN E 178 -39.90 27.48 24.89
N VAL E 179 -39.64 28.78 24.88
CA VAL E 179 -39.80 29.57 23.68
C VAL E 179 -38.81 29.14 22.60
N LEU E 180 -37.59 28.87 23.05
CA LEU E 180 -36.58 28.26 22.18
C LEU E 180 -37.10 26.98 21.53
N ARG E 181 -37.87 26.19 22.28
CA ARG E 181 -38.51 24.98 21.75
C ARG E 181 -39.61 25.33 20.73
N GLN E 182 -40.47 26.30 21.10
CA GLN E 182 -41.58 26.72 20.26
C GLN E 182 -41.04 27.19 18.92
N GLY E 183 -39.86 27.79 18.97
CA GLY E 183 -39.20 28.25 17.77
C GLY E 183 -38.79 27.10 16.88
N VAL E 184 -38.15 26.11 17.45
CA VAL E 184 -37.68 25.01 16.65
C VAL E 184 -38.88 24.20 16.18
N GLN E 185 -39.81 23.97 17.10
CA GLN E 185 -41.01 23.20 16.79
C GLN E 185 -41.92 23.95 15.79
N GLY E 186 -41.96 25.28 15.92
CA GLY E 186 -42.73 26.14 15.03
C GLY E 186 -42.45 25.81 13.58
N ILE E 187 -41.19 25.54 13.27
CA ILE E 187 -40.77 25.11 11.94
C ILE E 187 -40.72 23.57 11.76
N SER E 188 -40.14 22.87 12.73
CA SER E 188 -39.88 21.43 12.60
C SER E 188 -41.16 20.61 12.48
N ASP E 189 -42.20 21.02 13.20
CA ASP E 189 -43.48 20.33 13.15
C ASP E 189 -44.11 20.41 11.75
N LEU E 190 -43.62 21.35 10.96
CA LEU E 190 -44.08 21.58 9.61
C LEU E 190 -43.32 20.67 8.67
N ILE E 191 -42.45 19.84 9.24
CA ILE E 191 -41.77 18.81 8.46
C ILE E 191 -41.88 17.49 9.27
N ALA E 192 -43.09 16.92 9.30
CA ALA E 192 -43.34 15.68 10.01
C ALA E 192 -44.54 14.96 9.43
N THR E 193 -45.31 15.65 8.59
CA THR E 193 -46.49 15.07 7.98
C THR E 193 -46.12 14.23 6.76
N PHE E 201 -41.22 20.86 -0.88
CA PHE E 201 -40.23 20.26 0.01
C PHE E 201 -38.91 21.05 0.01
N ALA E 202 -38.22 21.12 -1.14
CA ALA E 202 -37.00 21.90 -1.28
C ALA E 202 -37.34 23.35 -1.60
N ASP E 203 -38.65 23.63 -1.65
CA ASP E 203 -39.16 24.98 -1.80
C ASP E 203 -38.96 25.70 -0.47
N VAL E 204 -39.41 25.05 0.59
CA VAL E 204 -39.11 25.43 1.98
C VAL E 204 -37.66 25.88 2.12
N LYS E 205 -36.74 25.11 1.53
CA LYS E 205 -35.33 25.48 1.59
C LYS E 205 -35.12 26.80 0.88
N THR E 206 -35.63 26.91 -0.35
CA THR E 206 -35.47 28.09 -1.21
C THR E 206 -36.11 29.37 -0.65
N ILE E 207 -37.17 29.20 0.15
CA ILE E 207 -37.83 30.32 0.80
C ILE E 207 -37.13 30.65 2.12
N MET E 208 -36.60 29.63 2.79
CA MET E 208 -35.98 29.80 4.11
C MET E 208 -34.56 30.37 4.15
N SER E 209 -33.80 30.33 3.06
CA SER E 209 -32.41 30.83 3.12
C SER E 209 -32.27 32.32 2.81
N ASN E 210 -32.92 33.15 3.64
CA ASN E 210 -32.91 34.60 3.49
C ASN E 210 -31.93 35.25 4.46
N SER E 213 -31.60 37.29 8.03
CA SER E 213 -31.98 37.12 9.43
C SER E 213 -33.50 37.04 9.58
N ALA E 214 -33.99 36.55 10.72
CA ALA E 214 -35.44 36.40 10.93
C ALA E 214 -35.90 36.48 12.40
N LEU E 215 -37.17 36.83 12.62
CA LEU E 215 -37.71 36.92 13.97
C LEU E 215 -39.04 36.20 14.01
N MET E 216 -39.35 35.59 15.15
CA MET E 216 -40.63 34.91 15.28
C MET E 216 -41.49 35.55 16.35
N GLY E 217 -42.77 35.21 16.26
CA GLY E 217 -43.74 35.59 17.26
C GLY E 217 -44.63 34.38 17.43
N ILE E 218 -45.15 34.19 18.63
CA ILE E 218 -46.02 33.06 18.86
C ILE E 218 -47.21 33.49 19.69
N GLY E 219 -48.37 32.93 19.37
CA GLY E 219 -49.57 33.20 20.13
C GLY E 219 -50.34 31.95 20.46
N ILE E 220 -50.91 31.96 21.66
CA ILE E 220 -51.76 30.88 22.13
C ILE E 220 -53.05 31.49 22.68
N ALA E 221 -54.20 30.86 22.43
CA ALA E 221 -55.47 31.27 23.04
C ALA E 221 -56.44 30.11 23.15
N ARG E 226 -61.73 32.45 19.52
CA ARG E 226 -60.39 32.50 20.13
C ARG E 226 -59.29 32.02 19.18
N ALA E 227 -59.67 31.36 18.09
CA ALA E 227 -58.69 30.85 17.12
C ALA E 227 -58.01 32.00 16.36
N ALA E 228 -58.77 33.02 16.01
CA ALA E 228 -58.21 34.19 15.35
C ALA E 228 -57.34 34.98 16.34
N GLU E 229 -57.76 35.00 17.60
CA GLU E 229 -57.07 35.76 18.65
C GLU E 229 -55.61 35.36 18.75
N ALA E 230 -55.34 34.06 18.62
CA ALA E 230 -53.98 33.52 18.71
C ALA E 230 -52.99 34.08 17.67
N ALA E 231 -53.36 34.04 16.40
CA ALA E 231 -52.50 34.57 15.34
C ALA E 231 -52.23 36.05 15.55
N LYS E 232 -53.25 36.76 16.03
CA LYS E 232 -53.12 38.17 16.39
C LYS E 232 -52.16 38.31 17.57
N LYS E 233 -52.25 37.38 18.52
CA LYS E 233 -51.35 37.37 19.68
C LYS E 233 -49.92 37.18 19.21
N ALA E 234 -49.72 36.27 18.27
CA ALA E 234 -48.42 35.96 17.68
C ALA E 234 -47.75 37.16 17.04
N ILE E 235 -48.53 37.92 16.28
CA ILE E 235 -48.05 39.12 15.60
C ILE E 235 -47.89 40.26 16.61
N SER E 236 -48.54 40.13 17.76
CA SER E 236 -48.40 41.12 18.81
C SER E 236 -47.33 40.66 19.81
N SER E 237 -47.00 39.37 19.74
CA SER E 237 -45.97 38.73 20.57
C SER E 237 -44.58 39.34 20.38
N PRO E 238 -44.02 39.90 21.45
CA PRO E 238 -42.66 40.47 21.51
C PRO E 238 -41.55 39.45 21.16
N GLU E 241 -40.99 41.35 17.47
CA GLU E 241 -40.50 42.72 17.64
C GLU E 241 -40.63 43.65 16.42
N ALA E 242 -40.78 43.09 15.21
CA ALA E 242 -40.92 43.98 14.06
C ALA E 242 -42.19 43.76 13.23
N ALA E 243 -42.38 44.61 12.24
CA ALA E 243 -43.54 44.52 11.37
C ALA E 243 -43.33 43.41 10.35
N ILE E 244 -44.30 42.52 10.21
CA ILE E 244 -44.15 41.40 9.26
C ILE E 244 -44.07 41.86 7.79
N ASP E 245 -44.67 43.01 7.49
CA ASP E 245 -44.80 43.47 6.10
C ASP E 245 -43.47 43.71 5.39
N GLY E 246 -42.40 43.76 6.16
CA GLY E 246 -41.07 43.96 5.62
C GLY E 246 -40.46 42.65 5.16
N ALA E 247 -41.12 41.54 5.50
CA ALA E 247 -40.57 40.21 5.24
C ALA E 247 -40.74 39.78 3.79
N GLN E 248 -39.70 39.14 3.23
CA GLN E 248 -39.81 38.55 1.90
C GLN E 248 -40.53 37.21 2.01
N GLY E 249 -40.38 36.58 3.18
CA GLY E 249 -41.03 35.31 3.50
C GLY E 249 -41.59 35.25 4.91
N VAL E 250 -42.72 34.58 5.10
CA VAL E 250 -43.27 34.36 6.44
C VAL E 250 -43.63 32.89 6.55
N LEU E 251 -43.21 32.26 7.64
CA LEU E 251 -43.61 30.90 7.87
C LEU E 251 -44.65 30.88 8.97
N MET E 252 -45.78 30.23 8.72
CA MET E 252 -46.82 30.20 9.72
C MET E 252 -47.19 28.80 10.16
N ASN E 253 -47.25 28.61 11.47
CA ASN E 253 -47.60 27.32 12.03
C ASN E 253 -48.93 27.45 12.76
N ILE E 254 -49.92 26.71 12.28
CA ILE E 254 -51.18 26.57 12.97
C ILE E 254 -51.21 25.20 13.57
N THR E 255 -51.28 25.14 14.89
CA THR E 255 -51.37 23.84 15.52
C THR E 255 -52.42 23.91 16.61
N GLY E 256 -53.28 22.90 16.64
CA GLY E 256 -54.37 22.83 17.60
C GLY E 256 -54.84 21.41 17.80
N GLY E 257 -55.93 21.24 18.54
CA GLY E 257 -56.46 19.93 18.86
C GLY E 257 -57.11 19.26 17.66
N THR E 258 -57.85 18.18 17.89
CA THR E 258 -58.53 17.52 16.78
C THR E 258 -59.66 18.38 16.21
N ASN E 259 -60.06 19.38 17.00
CA ASN E 259 -61.12 20.32 16.66
C ASN E 259 -60.66 21.48 15.78
N LEU E 260 -59.46 21.37 15.23
CA LEU E 260 -58.95 22.42 14.38
C LEU E 260 -59.71 22.36 13.06
N SER E 261 -60.52 23.39 12.81
CA SER E 261 -61.37 23.47 11.62
C SER E 261 -60.77 24.47 10.64
N LEU E 262 -60.96 24.23 9.34
CA LEU E 262 -60.41 25.13 8.33
C LEU E 262 -60.94 26.54 8.39
N TYR E 263 -62.08 26.74 9.05
CA TYR E 263 -62.62 28.08 9.27
C TYR E 263 -61.69 28.79 10.26
N GLU E 264 -61.32 28.08 11.33
CA GLU E 264 -60.41 28.57 12.36
C GLU E 264 -59.01 28.78 11.78
N VAL E 265 -58.56 27.83 10.97
CA VAL E 265 -57.27 27.92 10.30
C VAL E 265 -57.14 29.14 9.40
N GLN E 266 -58.09 29.30 8.47
CA GLN E 266 -58.06 30.42 7.54
C GLN E 266 -58.30 31.74 8.28
N GLU E 267 -59.12 31.69 9.32
CA GLU E 267 -59.35 32.88 10.15
C GLU E 267 -58.02 33.38 10.71
N ALA E 268 -57.22 32.45 11.19
CA ALA E 268 -55.87 32.75 11.67
C ALA E 268 -54.96 33.23 10.54
N ALA E 269 -54.99 32.49 9.44
CA ALA E 269 -54.21 32.81 8.24
C ALA E 269 -54.57 34.18 7.69
N ASP E 270 -55.84 34.55 7.84
CA ASP E 270 -56.33 35.85 7.39
C ASP E 270 -55.55 36.99 8.07
N ILE E 271 -55.28 36.82 9.36
CA ILE E 271 -54.56 37.82 10.16
C ILE E 271 -53.07 37.93 9.85
N VAL E 272 -52.42 36.79 9.66
CA VAL E 272 -50.99 36.80 9.38
C VAL E 272 -50.77 37.46 8.01
N ALA E 273 -51.61 37.15 7.02
CA ALA E 273 -51.49 37.74 5.68
C ALA E 273 -51.88 39.23 5.60
N SER E 274 -52.92 39.64 6.32
CA SER E 274 -53.31 41.06 6.36
C SER E 274 -52.20 41.91 6.98
N ALA E 275 -51.56 41.38 8.01
CA ALA E 275 -50.43 42.03 8.67
C ALA E 275 -49.16 41.90 7.81
N SER E 276 -49.13 40.90 6.93
CA SER E 276 -47.99 40.65 6.04
C SER E 276 -48.07 41.37 4.68
N ASP E 277 -46.92 41.42 4.00
CA ASP E 277 -46.83 41.96 2.66
C ASP E 277 -47.68 41.11 1.74
N GLN E 278 -48.33 41.73 0.76
CA GLN E 278 -49.18 41.01 -0.18
C GLN E 278 -48.38 40.07 -1.08
N ASP E 279 -47.18 40.48 -1.47
CA ASP E 279 -46.41 39.72 -2.43
C ASP E 279 -45.48 38.75 -1.71
N VAL E 280 -45.74 38.57 -0.41
CA VAL E 280 -44.94 37.70 0.44
C VAL E 280 -44.94 36.25 -0.06
N ASN E 281 -43.79 35.60 0.08
CA ASN E 281 -43.70 34.17 -0.06
C ASN E 281 -44.05 33.67 1.30
N MET E 282 -44.83 32.60 1.37
CA MET E 282 -45.22 32.11 2.67
C MET E 282 -45.26 30.60 2.72
N ILE E 283 -44.74 30.05 3.82
CA ILE E 283 -44.88 28.63 4.05
C ILE E 283 -45.80 28.56 5.27
N PHE E 284 -46.86 27.77 5.12
CA PHE E 284 -47.90 27.74 6.12
C PHE E 284 -48.37 26.33 6.29
N GLY E 285 -48.57 25.93 7.54
CA GLY E 285 -49.06 24.61 7.79
C GLY E 285 -49.96 24.56 8.98
N SER E 286 -50.76 23.51 9.00
CA SER E 286 -51.59 23.28 10.14
C SER E 286 -51.20 21.89 10.59
N VAL E 287 -51.09 21.72 11.91
CA VAL E 287 -50.78 20.42 12.48
C VAL E 287 -51.70 20.14 13.64
N ILE E 288 -52.13 18.91 13.77
CA ILE E 288 -52.96 18.57 14.90
C ILE E 288 -52.11 17.95 16.00
N ASN E 289 -52.21 18.53 17.19
CA ASN E 289 -51.57 18.00 18.38
C ASN E 289 -52.72 17.56 19.27
N GLU E 290 -52.97 16.25 19.31
CA GLU E 290 -54.15 15.73 20.01
C GLU E 290 -54.09 16.04 21.50
N ASN E 291 -52.89 16.33 21.98
CA ASN E 291 -52.65 16.63 23.39
C ASN E 291 -53.12 18.05 23.70
N LEU E 292 -53.41 18.82 22.66
CA LEU E 292 -54.06 20.12 22.84
C LEU E 292 -55.56 19.84 22.93
N LYS E 293 -56.29 20.71 23.61
CA LYS E 293 -57.74 20.52 23.70
C LYS E 293 -58.41 21.64 22.91
N ASP E 294 -58.67 22.75 23.57
CA ASP E 294 -59.35 23.85 22.92
C ASP E 294 -58.37 24.98 22.72
N GLU E 295 -57.12 24.74 23.09
CA GLU E 295 -56.07 25.71 22.89
C GLU E 295 -55.57 25.63 21.44
N ILE E 296 -55.17 26.78 20.89
CA ILE E 296 -54.51 26.82 19.59
C ILE E 296 -53.25 27.65 19.72
N VAL E 297 -52.20 27.18 19.07
CA VAL E 297 -50.89 27.81 19.11
C VAL E 297 -50.47 28.25 17.71
N VAL E 298 -50.46 29.55 17.48
CA VAL E 298 -50.07 30.05 16.17
C VAL E 298 -48.63 30.52 16.26
N THR E 299 -47.77 29.92 15.45
CA THR E 299 -46.37 30.29 15.44
C THR E 299 -46.11 30.99 14.13
N VAL E 300 -45.58 32.20 14.19
CA VAL E 300 -45.30 32.93 12.97
C VAL E 300 -43.86 33.32 12.92
N ILE E 301 -43.21 33.04 11.81
CA ILE E 301 -41.81 33.34 11.62
C ILE E 301 -41.62 34.17 10.37
N ALA E 302 -41.06 35.36 10.52
CA ALA E 302 -40.92 36.27 9.40
C ALA E 302 -39.45 36.46 9.07
N THR E 303 -39.11 36.39 7.79
CA THR E 303 -37.73 36.53 7.37
C THR E 303 -37.54 37.71 6.39
N SER F 3 25.85 -1.03 1.87
CA SER F 3 26.06 -2.35 2.46
C SER F 3 27.19 -3.16 1.81
N ILE F 4 28.41 -3.01 2.30
CA ILE F 4 29.56 -3.72 1.72
C ILE F 4 30.38 -4.56 2.71
N LYS F 5 30.53 -5.85 2.41
CA LYS F 5 31.17 -6.79 3.32
C LYS F 5 32.53 -7.25 2.81
N VAL F 6 33.50 -7.31 3.71
CA VAL F 6 34.78 -7.87 3.35
C VAL F 6 34.94 -9.15 4.16
N ILE F 7 35.06 -10.27 3.46
CA ILE F 7 35.14 -11.57 4.11
C ILE F 7 36.54 -12.11 4.05
N GLY F 8 37.10 -12.32 5.24
CA GLY F 8 38.40 -12.93 5.34
C GLY F 8 38.24 -14.43 5.46
N VAL F 9 38.78 -15.15 4.49
CA VAL F 9 38.70 -16.60 4.48
C VAL F 9 40.05 -17.30 4.72
N GLY F 10 40.09 -18.08 5.79
CA GLY F 10 41.29 -18.78 6.16
C GLY F 10 42.24 -17.78 6.75
N GLY F 11 43.49 -18.21 6.92
CA GLY F 11 44.50 -17.39 7.55
C GLY F 11 44.89 -16.18 6.74
N GLY F 12 45.06 -16.37 5.43
CA GLY F 12 45.53 -15.29 4.59
C GLY F 12 44.58 -14.11 4.69
N GLY F 13 43.29 -14.40 4.61
CA GLY F 13 42.24 -13.41 4.76
C GLY F 13 42.06 -12.90 6.17
N ASN F 14 42.22 -13.82 7.12
CA ASN F 14 42.10 -13.50 8.53
C ASN F 14 43.05 -12.40 8.95
N ASN F 15 44.29 -12.53 8.51
CA ASN F 15 45.30 -11.55 8.82
C ASN F 15 44.97 -10.24 8.14
N ALA F 16 44.52 -10.35 6.89
CA ALA F 16 44.17 -9.18 6.07
C ALA F 16 43.04 -8.40 6.74
N VAL F 17 41.97 -9.08 7.09
CA VAL F 17 40.85 -8.41 7.75
C VAL F 17 41.31 -7.76 9.06
N ASN F 18 42.18 -8.44 9.81
CA ASN F 18 42.83 -7.82 10.95
C ASN F 18 43.63 -6.60 10.55
N ARG F 19 44.44 -6.76 9.53
CA ARG F 19 45.26 -5.67 9.09
C ARG F 19 44.34 -4.55 8.63
N MET F 20 43.19 -4.90 8.06
CA MET F 20 42.21 -3.87 7.70
C MET F 20 41.65 -3.19 8.91
N ILE F 21 41.32 -3.97 9.93
CA ILE F 21 40.89 -3.41 11.19
C ILE F 21 42.00 -2.65 11.90
N GLU F 22 43.22 -3.16 11.84
CA GLU F 22 44.33 -2.43 12.44
C GLU F 22 44.48 -1.03 11.83
N ASN F 23 44.13 -0.92 10.55
CA ASN F 23 44.12 0.35 9.83
C ASN F 23 42.79 1.08 9.83
N GLU F 24 41.85 0.63 10.66
CA GLU F 24 40.55 1.28 10.85
C GLU F 24 39.92 1.66 9.52
N VAL F 25 40.04 0.78 8.53
CA VAL F 25 39.40 0.99 7.24
C VAL F 25 37.93 1.03 7.54
N GLN F 26 37.29 2.13 7.22
CA GLN F 26 35.89 2.24 7.60
C GLN F 26 34.98 1.91 6.42
N GLY F 27 33.68 1.85 6.75
CA GLY F 27 32.60 1.72 5.80
C GLY F 27 32.30 0.33 5.31
N VAL F 28 33.03 -0.66 5.82
CA VAL F 28 32.77 -2.05 5.47
C VAL F 28 32.46 -2.82 6.71
N GLU F 29 31.64 -3.85 6.55
CA GLU F 29 31.39 -4.80 7.61
C GLU F 29 32.35 -5.95 7.39
N TYR F 30 33.09 -6.32 8.44
CA TYR F 30 34.06 -7.41 8.32
C TYR F 30 33.50 -8.76 8.72
N ILE F 31 33.84 -9.77 7.95
CA ILE F 31 33.46 -11.13 8.27
C ILE F 31 34.71 -11.98 8.18
N ALA F 32 35.08 -12.56 9.33
CA ALA F 32 36.20 -13.48 9.39
C ALA F 32 35.64 -14.88 9.28
N VAL F 33 36.16 -15.63 8.32
CA VAL F 33 35.71 -16.97 8.10
C VAL F 33 36.87 -17.91 8.16
N ASN F 34 36.75 -18.93 8.99
CA ASN F 34 37.81 -19.88 9.11
C ASN F 34 37.22 -21.21 9.53
N THR F 35 37.92 -22.28 9.17
CA THR F 35 37.56 -23.60 9.58
C THR F 35 38.28 -23.84 10.88
N ASP F 36 39.36 -23.08 11.04
CA ASP F 36 40.20 -23.15 12.22
C ASP F 36 39.66 -22.19 13.25
N ALA F 37 39.03 -22.73 14.29
CA ALA F 37 38.46 -21.89 15.32
C ALA F 37 39.56 -21.16 16.05
N GLN F 38 40.71 -21.80 16.18
CA GLN F 38 41.77 -21.18 16.95
C GLN F 38 42.10 -19.89 16.27
N ALA F 39 42.39 -19.98 14.97
CA ALA F 39 42.80 -18.81 14.21
C ALA F 39 41.66 -17.82 14.15
N LEU F 40 40.44 -18.31 13.96
CA LEU F 40 39.26 -17.46 13.87
C LEU F 40 39.12 -16.54 15.08
N ASN F 41 39.47 -17.07 16.25
CA ASN F 41 39.40 -16.34 17.53
C ASN F 41 40.45 -15.27 17.70
N LEU F 42 41.39 -15.20 16.75
CA LEU F 42 42.33 -14.10 16.68
C LEU F 42 41.76 -13.00 15.80
N SER F 43 40.68 -13.28 15.08
CA SER F 43 40.14 -12.26 14.22
C SER F 43 39.62 -11.10 15.07
N LYS F 44 39.89 -9.88 14.60
CA LYS F 44 39.37 -8.70 15.27
C LYS F 44 37.98 -8.38 14.75
N ALA F 45 37.49 -9.23 13.83
CA ALA F 45 36.20 -9.03 13.19
C ALA F 45 34.99 -9.21 14.12
N GLU F 46 33.97 -8.35 13.98
CA GLU F 46 32.80 -8.44 14.87
C GLU F 46 32.05 -9.73 14.63
N VAL F 47 31.90 -10.09 13.37
CA VAL F 47 31.34 -11.39 13.05
C VAL F 47 32.41 -12.38 12.61
N LYS F 48 32.59 -13.40 13.44
CA LYS F 48 33.60 -14.41 13.17
C LYS F 48 32.79 -15.61 12.80
N MET F 49 32.96 -16.10 11.60
CA MET F 49 32.15 -17.21 11.19
C MET F 49 33.00 -18.44 11.05
N GLN F 50 32.77 -19.39 11.95
CA GLN F 50 33.42 -20.69 11.81
C GLN F 50 32.65 -21.59 10.86
N ILE F 51 33.30 -22.02 9.79
CA ILE F 51 32.68 -22.94 8.82
C ILE F 51 33.33 -24.33 8.88
N GLY F 52 32.58 -25.34 8.45
CA GLY F 52 33.03 -26.72 8.51
C GLY F 52 33.24 -27.11 9.95
N ALA F 53 32.46 -26.49 10.82
CA ALA F 53 32.55 -26.79 12.22
C ALA F 53 32.26 -28.27 12.45
N LYS F 54 31.25 -28.81 11.78
CA LYS F 54 30.92 -30.24 11.89
C LYS F 54 32.01 -31.11 11.28
N LEU F 55 32.53 -30.66 10.16
CA LEU F 55 33.52 -31.39 9.41
C LEU F 55 34.87 -31.33 10.09
N THR F 56 35.29 -30.12 10.46
CA THR F 56 36.65 -29.92 10.94
C THR F 56 36.77 -29.72 12.45
N ARG F 57 35.63 -29.59 13.14
CA ARG F 57 35.63 -29.53 14.60
C ARG F 57 36.57 -28.46 15.16
N GLY F 58 36.63 -27.34 14.45
CA GLY F 58 37.39 -26.21 14.89
C GLY F 58 38.85 -26.38 14.58
N LEU F 59 39.20 -27.48 13.90
CA LEU F 59 40.62 -27.79 13.67
C LEU F 59 41.15 -27.32 12.32
N GLY F 60 40.30 -26.71 11.52
CA GLY F 60 40.79 -26.18 10.28
C GLY F 60 40.68 -27.17 9.16
N ALA F 61 41.21 -26.80 8.00
CA ALA F 61 41.06 -27.63 6.84
C ALA F 61 42.35 -28.37 6.63
N GLY F 62 43.29 -28.17 7.55
CA GLY F 62 44.57 -28.85 7.46
C GLY F 62 45.26 -28.60 6.12
N ALA F 63 45.13 -27.37 5.63
CA ALA F 63 45.74 -26.95 4.37
C ALA F 63 45.31 -27.82 3.20
N ASN F 64 44.12 -28.40 3.32
CA ASN F 64 43.54 -29.21 2.25
C ASN F 64 42.32 -28.54 1.68
N PRO F 65 42.43 -28.07 0.43
CA PRO F 65 41.35 -27.30 -0.17
C PRO F 65 40.02 -28.03 -0.21
N GLU F 66 39.97 -29.33 -0.42
CA GLU F 66 38.67 -29.99 -0.50
C GLU F 66 37.92 -29.84 0.81
N VAL F 67 38.65 -29.80 1.91
CA VAL F 67 37.97 -29.57 3.17
C VAL F 67 37.42 -28.17 3.24
N GLY F 68 38.23 -27.18 2.85
CA GLY F 68 37.78 -25.81 2.92
C GLY F 68 36.49 -25.67 2.14
N LYS F 69 36.49 -26.29 0.96
CA LYS F 69 35.34 -26.29 0.07
C LYS F 69 34.16 -26.98 0.77
N LYS F 70 34.37 -28.20 1.27
CA LYS F 70 33.30 -28.94 1.96
C LYS F 70 32.91 -28.25 3.25
N ALA F 71 33.89 -27.61 3.88
CA ALA F 71 33.63 -26.86 5.09
C ALA F 71 32.64 -25.78 4.78
N ALA F 72 32.91 -25.07 3.68
CA ALA F 72 32.04 -23.98 3.27
C ALA F 72 30.71 -24.53 2.79
N GLU F 73 30.77 -25.63 2.02
CA GLU F 73 29.58 -26.30 1.53
C GLU F 73 28.73 -26.68 2.72
N GLU F 74 29.37 -27.17 3.77
CA GLU F 74 28.66 -27.46 5.00
C GLU F 74 27.96 -26.22 5.51
N SER F 75 28.66 -25.10 5.49
CA SER F 75 28.13 -23.87 6.05
C SER F 75 27.51 -22.95 4.99
N LYS F 76 27.09 -23.54 3.88
CA LYS F 76 26.53 -22.76 2.79
C LYS F 76 25.30 -21.98 3.29
N GLU F 77 24.47 -22.60 4.11
CA GLU F 77 23.30 -21.93 4.65
C GLU F 77 23.65 -20.77 5.62
N GLN F 78 24.65 -20.93 6.47
CA GLN F 78 25.02 -19.86 7.41
C GLN F 78 25.62 -18.62 6.74
N ILE F 79 26.37 -18.86 5.67
CA ILE F 79 27.05 -17.80 4.94
C ILE F 79 26.09 -16.89 4.18
N GLU F 80 25.17 -17.47 3.42
CA GLU F 80 24.16 -16.67 2.75
C GLU F 80 23.45 -15.77 3.76
N GLU F 81 23.17 -16.29 4.96
CA GLU F 81 22.51 -15.50 6.01
C GLU F 81 23.34 -14.30 6.45
N ALA F 82 24.64 -14.47 6.55
CA ALA F 82 25.51 -13.35 6.89
C ALA F 82 25.77 -12.45 5.69
N LEU F 83 25.72 -13.03 4.49
CA LEU F 83 25.95 -12.26 3.26
C LEU F 83 24.69 -11.69 2.64
N LYS F 84 23.52 -12.20 2.99
CA LYS F 84 22.27 -11.62 2.53
C LYS F 84 22.30 -10.13 2.88
N GLY F 85 21.98 -9.32 1.87
CA GLY F 85 21.90 -7.88 2.03
C GLY F 85 23.12 -7.11 1.61
N ALA F 86 24.21 -7.81 1.39
CA ALA F 86 25.44 -7.15 0.97
C ALA F 86 25.36 -6.76 -0.50
N ASP F 87 25.63 -5.49 -0.77
CA ASP F 87 25.68 -4.99 -2.12
C ASP F 87 27.01 -5.32 -2.74
N MET F 88 28.07 -5.28 -1.94
CA MET F 88 29.37 -5.60 -2.46
C MET F 88 30.12 -6.44 -1.45
N VAL F 89 30.80 -7.48 -1.92
CA VAL F 89 31.54 -8.33 -1.01
C VAL F 89 32.95 -8.56 -1.52
N PHE F 90 33.92 -8.15 -0.70
CA PHE F 90 35.28 -8.53 -0.96
C PHE F 90 35.53 -9.88 -0.34
N VAL F 91 36.06 -10.79 -1.12
CA VAL F 91 36.49 -12.06 -0.59
C VAL F 91 38.01 -12.05 -0.57
N THR F 92 38.56 -11.91 0.61
CA THR F 92 39.99 -11.88 0.75
C THR F 92 40.35 -13.23 1.39
N ALA F 93 41.43 -13.83 0.90
CA ALA F 93 41.83 -15.16 1.32
C ALA F 93 43.29 -15.35 0.93
N GLY F 94 43.99 -16.26 1.60
CA GLY F 94 45.32 -16.62 1.13
C GLY F 94 45.17 -17.90 0.33
N MET F 95 45.57 -17.89 -0.94
CA MET F 95 45.46 -19.08 -1.77
C MET F 95 46.66 -19.98 -1.56
N GLY F 96 46.41 -21.28 -1.62
CA GLY F 96 47.45 -22.29 -1.43
C GLY F 96 47.06 -23.12 -0.24
N GLY F 97 46.29 -22.47 0.63
CA GLY F 97 45.88 -23.06 1.88
C GLY F 97 44.72 -24.00 1.64
N GLY F 98 43.95 -24.20 2.70
CA GLY F 98 42.84 -25.10 2.64
C GLY F 98 41.57 -24.32 2.74
N THR F 99 41.43 -23.55 3.82
CA THR F 99 40.24 -22.74 4.09
C THR F 99 40.03 -21.60 3.09
N GLY F 100 41.13 -20.90 2.79
CA GLY F 100 41.14 -19.88 1.79
C GLY F 100 40.85 -20.54 0.47
N THR F 101 41.75 -21.43 0.06
CA THR F 101 41.66 -22.01 -1.28
C THR F 101 40.34 -22.67 -1.62
N GLY F 102 39.79 -23.39 -0.65
CA GLY F 102 38.62 -24.21 -0.89
C GLY F 102 37.35 -23.47 -0.62
N ALA F 103 37.31 -22.71 0.45
CA ALA F 103 36.06 -22.10 0.88
C ALA F 103 35.73 -20.79 0.18
N ALA F 104 36.75 -19.97 -0.08
CA ALA F 104 36.51 -18.65 -0.65
C ALA F 104 35.70 -18.68 -1.97
N PRO F 105 36.01 -19.61 -2.91
CA PRO F 105 35.14 -19.65 -4.09
C PRO F 105 33.70 -19.97 -3.71
N VAL F 106 33.49 -20.91 -2.79
CA VAL F 106 32.12 -21.25 -2.40
C VAL F 106 31.42 -20.01 -1.88
N ILE F 107 32.15 -19.30 -1.05
CA ILE F 107 31.70 -18.07 -0.45
C ILE F 107 31.50 -17.01 -1.51
N ALA F 108 32.50 -16.82 -2.36
CA ALA F 108 32.40 -15.80 -3.41
C ALA F 108 31.19 -16.08 -4.27
N GLN F 109 31.08 -17.33 -4.72
CA GLN F 109 29.95 -17.72 -5.53
C GLN F 109 28.63 -17.49 -4.78
N ILE F 110 28.64 -17.66 -3.45
CA ILE F 110 27.46 -17.35 -2.66
C ILE F 110 27.15 -15.87 -2.75
N ALA F 111 28.19 -15.05 -2.66
CA ALA F 111 28.02 -13.60 -2.82
C ALA F 111 27.52 -13.23 -4.20
N LYS F 112 28.08 -13.86 -5.24
CA LYS F 112 27.68 -13.55 -6.61
C LYS F 112 26.23 -13.96 -6.85
N ASP F 113 25.83 -15.11 -6.27
CA ASP F 113 24.44 -15.60 -6.31
C ASP F 113 23.47 -14.69 -5.57
N LEU F 114 23.97 -13.95 -4.60
CA LEU F 114 23.21 -12.92 -3.91
C LEU F 114 23.03 -11.67 -4.75
N GLY F 115 23.76 -11.61 -5.87
CA GLY F 115 23.66 -10.51 -6.80
C GLY F 115 24.64 -9.43 -6.39
N ALA F 116 25.32 -9.67 -5.29
CA ALA F 116 26.32 -8.75 -4.77
C ALA F 116 27.55 -8.74 -5.66
N LEU F 117 28.18 -7.57 -5.78
CA LEU F 117 29.44 -7.44 -6.53
C LEU F 117 30.56 -8.20 -5.79
N THR F 118 31.07 -9.26 -6.40
CA THR F 118 32.00 -10.10 -5.66
C THR F 118 33.41 -9.86 -6.13
N VAL F 119 34.22 -9.31 -5.25
CA VAL F 119 35.54 -8.96 -5.64
C VAL F 119 36.44 -9.90 -4.91
N GLY F 120 37.20 -10.67 -5.65
CA GLY F 120 38.21 -11.50 -5.01
C GLY F 120 39.50 -10.75 -4.95
N VAL F 121 40.08 -10.70 -3.75
CA VAL F 121 41.42 -10.17 -3.59
C VAL F 121 42.16 -11.27 -2.85
N VAL F 122 43.05 -11.98 -3.52
CA VAL F 122 43.74 -13.13 -2.92
C VAL F 122 45.24 -13.03 -3.15
N THR F 123 46.01 -13.65 -2.29
CA THR F 123 47.44 -13.71 -2.56
C THR F 123 47.84 -15.07 -3.12
N ARG F 124 48.72 -15.05 -4.12
CA ARG F 124 49.30 -16.25 -4.67
C ARG F 124 50.54 -16.51 -3.83
N PRO F 125 50.67 -17.73 -3.29
CA PRO F 125 51.70 -18.05 -2.27
C PRO F 125 53.08 -17.76 -2.76
N PHE F 126 54.00 -17.56 -1.83
CA PHE F 126 55.40 -17.40 -2.15
C PHE F 126 55.81 -18.71 -2.82
N THR F 127 56.84 -18.67 -3.66
CA THR F 127 57.33 -19.92 -4.23
C THR F 127 57.92 -20.77 -3.12
N PHE F 128 58.50 -20.12 -2.11
CA PHE F 128 59.12 -20.90 -1.05
C PHE F 128 58.13 -21.81 -0.35
N GLU F 129 56.86 -21.47 -0.42
CA GLU F 129 55.82 -22.32 0.15
C GLU F 129 55.76 -23.68 -0.57
N GLY F 130 56.46 -23.81 -1.68
CA GLY F 130 56.62 -25.07 -2.39
C GLY F 130 55.65 -25.20 -3.54
N ARG F 131 55.82 -26.25 -4.34
CA ARG F 131 54.97 -26.44 -5.51
C ARG F 131 53.55 -26.84 -5.13
N LYS F 132 53.38 -27.58 -4.03
CA LYS F 132 52.05 -27.96 -3.56
C LYS F 132 51.16 -26.75 -3.37
N ARG F 133 51.70 -25.73 -2.71
CA ARG F 133 50.97 -24.49 -2.51
C ARG F 133 50.64 -23.90 -3.85
N GLN F 134 51.61 -23.92 -4.75
CA GLN F 134 51.39 -23.36 -6.07
C GLN F 134 50.27 -24.13 -6.75
N LEU F 135 50.31 -25.45 -6.65
CA LEU F 135 49.29 -26.28 -7.29
C LEU F 135 47.92 -25.99 -6.71
N GLN F 136 47.83 -26.00 -5.39
CA GLN F 136 46.54 -25.84 -4.76
C GLN F 136 46.00 -24.45 -5.00
N ALA F 137 46.90 -23.47 -4.95
CA ALA F 137 46.53 -22.06 -5.14
C ALA F 137 46.03 -21.79 -6.52
N ALA F 138 46.73 -22.33 -7.50
CA ALA F 138 46.32 -22.18 -8.88
C ALA F 138 44.90 -22.72 -9.02
N GLY F 139 44.66 -23.87 -8.40
CA GLY F 139 43.34 -24.46 -8.42
C GLY F 139 42.33 -23.50 -7.83
N GLY F 140 42.74 -22.83 -6.77
CA GLY F 140 41.89 -21.88 -6.08
C GLY F 140 41.64 -20.62 -6.87
N ILE F 141 42.69 -20.12 -7.50
CA ILE F 141 42.56 -18.91 -8.31
C ILE F 141 41.62 -19.19 -9.48
N SER F 142 41.79 -20.33 -10.13
CA SER F 142 40.86 -20.81 -11.14
C SER F 142 39.44 -20.93 -10.57
N ALA F 143 39.33 -21.45 -9.36
CA ALA F 143 38.03 -21.57 -8.72
C ALA F 143 37.48 -20.22 -8.28
N MET F 144 38.37 -19.30 -7.91
CA MET F 144 37.95 -17.97 -7.50
C MET F 144 37.42 -17.20 -8.72
N LYS F 145 38.11 -17.33 -9.85
CA LYS F 145 37.70 -16.66 -11.08
C LYS F 145 36.26 -17.01 -11.46
N GLU F 146 35.89 -18.27 -11.36
CA GLU F 146 34.53 -18.65 -11.66
C GLU F 146 33.54 -18.02 -10.67
N ALA F 147 34.03 -17.65 -9.50
CA ALA F 147 33.16 -17.21 -8.41
C ALA F 147 33.09 -15.71 -8.16
N VAL F 148 33.90 -14.94 -8.85
CA VAL F 148 33.89 -13.50 -8.63
C VAL F 148 33.58 -12.69 -9.89
N ASP F 149 33.33 -11.40 -9.71
CA ASP F 149 33.22 -10.49 -10.82
C ASP F 149 34.62 -10.07 -11.24
N THR F 150 35.41 -9.67 -10.25
CA THR F 150 36.81 -9.32 -10.46
C THR F 150 37.69 -10.06 -9.49
N LEU F 151 38.78 -10.62 -10.00
CA LEU F 151 39.69 -11.32 -9.14
C LEU F 151 41.08 -10.71 -9.15
N ILE F 152 41.43 -10.08 -8.04
CA ILE F 152 42.77 -9.55 -7.90
C ILE F 152 43.64 -10.61 -7.27
N VAL F 153 44.63 -11.09 -8.00
CA VAL F 153 45.51 -12.08 -7.42
C VAL F 153 46.85 -11.42 -7.15
N ILE F 154 47.26 -11.36 -5.90
CA ILE F 154 48.49 -10.71 -5.54
C ILE F 154 49.60 -11.73 -5.34
N PRO F 155 50.57 -11.79 -6.26
CA PRO F 155 51.65 -12.77 -6.11
C PRO F 155 52.59 -12.40 -4.98
N ASN F 156 52.59 -13.22 -3.93
CA ASN F 156 53.43 -12.99 -2.77
C ASN F 156 54.92 -12.94 -3.14
N ASP F 157 55.30 -13.66 -4.20
CA ASP F 157 56.69 -13.65 -4.67
C ASP F 157 57.15 -12.22 -4.98
N ARG F 158 56.23 -11.42 -5.50
CA ARG F 158 56.52 -10.05 -5.87
C ARG F 158 56.68 -9.15 -4.67
N ILE F 159 56.32 -9.65 -3.50
CA ILE F 159 56.60 -8.94 -2.26
C ILE F 159 58.11 -8.92 -1.96
N LEU F 160 58.81 -9.99 -2.32
CA LEU F 160 60.24 -10.13 -1.98
C LEU F 160 61.18 -9.18 -2.74
N GLU F 161 60.71 -8.74 -3.90
CA GLU F 161 61.43 -7.76 -4.71
C GLU F 161 61.37 -6.35 -4.11
N ILE F 162 60.29 -6.07 -3.38
CA ILE F 162 60.01 -4.76 -2.83
C ILE F 162 60.71 -4.60 -1.46
N VAL F 163 60.50 -5.58 -0.57
CA VAL F 163 61.13 -5.58 0.75
C VAL F 163 62.60 -5.92 0.64
N ASP F 164 63.37 -5.59 1.68
CA ASP F 164 64.80 -5.90 1.70
C ASP F 164 65.01 -7.39 1.52
N LYS F 165 66.07 -7.74 0.81
CA LYS F 165 66.35 -9.13 0.50
C LYS F 165 66.62 -9.95 1.76
N ASN F 166 66.92 -9.28 2.85
CA ASN F 166 67.21 -9.97 4.10
C ASN F 166 66.04 -9.94 5.11
N THR F 167 64.89 -9.42 4.70
CA THR F 167 63.72 -9.43 5.58
C THR F 167 63.31 -10.87 5.87
N PRO F 168 63.16 -11.20 7.15
CA PRO F 168 62.75 -12.54 7.58
C PRO F 168 61.38 -12.91 7.03
N MET F 169 61.19 -14.21 6.80
CA MET F 169 59.96 -14.79 6.27
C MET F 169 58.70 -14.35 7.00
N LEU F 170 58.76 -14.32 8.32
CA LEU F 170 57.61 -13.90 9.09
C LEU F 170 57.18 -12.52 8.61
N GLU F 171 58.15 -11.67 8.34
CA GLU F 171 57.82 -10.34 7.84
C GLU F 171 57.37 -10.37 6.39
N ALA F 172 57.92 -11.30 5.62
CA ALA F 172 57.56 -11.40 4.22
C ALA F 172 56.08 -11.69 4.19
N PHE F 173 55.65 -12.57 5.08
CA PHE F 173 54.23 -12.84 5.24
C PHE F 173 53.47 -11.59 5.71
N ARG F 174 54.02 -10.87 6.67
CA ARG F 174 53.29 -9.75 7.25
C ARG F 174 53.04 -8.77 6.15
N GLU F 175 54.05 -8.56 5.32
CA GLU F 175 53.93 -7.60 4.24
C GLU F 175 52.91 -8.14 3.26
N ALA F 176 52.86 -9.46 3.13
CA ALA F 176 51.85 -10.09 2.29
C ALA F 176 50.43 -9.84 2.81
N ASP F 177 50.19 -10.00 4.10
CA ASP F 177 48.86 -9.68 4.61
C ASP F 177 48.53 -8.22 4.37
N ASN F 178 49.51 -7.36 4.57
CA ASN F 178 49.32 -5.91 4.42
C ASN F 178 48.96 -5.55 3.00
N VAL F 179 49.63 -6.19 2.04
CA VAL F 179 49.34 -5.98 0.64
C VAL F 179 47.92 -6.42 0.27
N LEU F 180 47.50 -7.56 0.83
CA LEU F 180 46.13 -8.02 0.72
C LEU F 180 45.19 -6.94 1.25
N ARG F 181 45.59 -6.31 2.35
CA ARG F 181 44.84 -5.19 2.93
C ARG F 181 44.84 -4.01 1.97
N GLN F 182 46.02 -3.67 1.45
CA GLN F 182 46.21 -2.58 0.49
C GLN F 182 45.36 -2.81 -0.75
N GLY F 183 45.18 -4.08 -1.09
CA GLY F 183 44.33 -4.47 -2.18
C GLY F 183 42.85 -4.25 -1.89
N VAL F 184 42.38 -4.75 -0.76
CA VAL F 184 40.96 -4.63 -0.46
C VAL F 184 40.60 -3.18 -0.14
N GLN F 185 41.41 -2.56 0.71
CA GLN F 185 41.20 -1.19 1.15
C GLN F 185 41.31 -0.25 -0.01
N GLY F 186 42.27 -0.57 -0.89
CA GLY F 186 42.50 0.15 -2.12
C GLY F 186 41.22 0.40 -2.88
N ILE F 187 40.31 -0.58 -2.83
CA ILE F 187 38.99 -0.43 -3.44
C ILE F 187 37.92 0.06 -2.47
N SER F 188 37.85 -0.54 -1.28
CA SER F 188 36.76 -0.23 -0.35
C SER F 188 36.80 1.24 0.04
N ASP F 189 38.00 1.81 0.09
CA ASP F 189 38.19 3.21 0.50
C ASP F 189 37.48 4.14 -0.46
N LEU F 190 37.21 3.65 -1.68
CA LEU F 190 36.52 4.43 -2.71
C LEU F 190 35.02 4.25 -2.61
N ILE F 191 34.58 3.42 -1.68
CA ILE F 191 33.16 3.12 -1.53
C ILE F 191 32.79 3.14 -0.03
N ALA F 192 32.82 4.32 0.58
CA ALA F 192 32.49 4.46 2.01
C ALA F 192 31.66 5.71 2.27
N PHE F 201 28.22 5.02 -6.82
CA PHE F 201 27.08 4.16 -6.52
C PHE F 201 27.01 2.97 -7.50
N ALA F 202 26.65 3.22 -8.75
CA ALA F 202 26.64 2.16 -9.75
C ALA F 202 27.93 2.22 -10.56
N ASP F 203 28.05 1.50 -11.65
CA ASP F 203 29.10 1.82 -12.64
C ASP F 203 30.48 1.48 -12.09
N VAL F 204 30.50 1.05 -10.83
CA VAL F 204 31.58 0.29 -10.22
C VAL F 204 31.49 -1.09 -10.80
N LYS F 205 30.25 -1.57 -10.91
CA LYS F 205 29.95 -2.86 -11.48
C LYS F 205 30.44 -2.83 -12.93
N THR F 206 30.16 -1.74 -13.63
CA THR F 206 30.51 -1.58 -15.05
C THR F 206 32.01 -1.72 -15.30
N ILE F 207 32.82 -1.47 -14.27
CA ILE F 207 34.27 -1.65 -14.36
C ILE F 207 34.80 -2.98 -13.82
N MET F 208 34.28 -3.36 -12.66
CA MET F 208 34.73 -4.51 -11.90
C MET F 208 34.15 -5.88 -12.26
N SER F 209 32.99 -5.94 -12.92
CA SER F 209 32.46 -7.26 -13.29
C SER F 209 32.88 -7.66 -14.69
N ASN F 210 34.19 -7.79 -14.88
CA ASN F 210 34.76 -8.14 -16.17
C ASN F 210 35.72 -9.33 -16.10
N SER F 213 39.80 -11.55 -15.31
CA SER F 213 40.60 -11.34 -14.11
C SER F 213 41.27 -9.97 -14.13
N ALA F 214 41.84 -9.61 -12.99
CA ALA F 214 42.46 -8.31 -12.84
C ALA F 214 43.81 -8.41 -12.15
N LEU F 215 44.60 -7.36 -12.32
CA LEU F 215 45.92 -7.29 -11.70
C LEU F 215 46.03 -5.95 -10.99
N MET F 216 46.69 -5.91 -9.85
CA MET F 216 46.90 -4.63 -9.18
C MET F 216 48.36 -4.31 -8.95
N GLY F 217 48.62 -3.02 -8.73
CA GLY F 217 49.96 -2.54 -8.43
C GLY F 217 49.92 -1.46 -7.36
N ILE F 218 50.98 -1.36 -6.60
CA ILE F 218 51.05 -0.36 -5.53
C ILE F 218 52.41 0.34 -5.43
N GLY F 219 52.40 1.62 -5.03
CA GLY F 219 53.60 2.40 -4.76
C GLY F 219 53.50 3.26 -3.51
N ILE F 220 54.64 3.66 -2.93
CA ILE F 220 54.59 4.58 -1.78
C ILE F 220 55.49 5.81 -2.06
N ASN F 225 58.51 15.45 -5.66
CA ASN F 225 58.15 14.24 -6.40
C ASN F 225 57.91 13.01 -5.51
N ARG F 226 56.74 12.92 -4.90
CA ARG F 226 56.37 11.71 -4.17
C ARG F 226 55.18 11.03 -4.88
N ALA F 227 54.16 11.83 -5.18
CA ALA F 227 52.94 11.36 -5.79
C ALA F 227 53.23 10.83 -7.18
N ALA F 228 54.09 11.53 -7.89
CA ALA F 228 54.47 11.04 -9.19
C ALA F 228 55.31 9.77 -8.98
N GLU F 229 56.22 9.82 -8.01
CA GLU F 229 57.10 8.70 -7.72
C GLU F 229 56.32 7.47 -7.30
N ALA F 230 55.39 7.66 -6.37
CA ALA F 230 54.56 6.58 -5.84
C ALA F 230 53.73 5.91 -6.94
N ALA F 231 53.02 6.75 -7.69
CA ALA F 231 52.20 6.31 -8.79
C ALA F 231 53.04 5.69 -9.92
N LYS F 232 54.25 6.23 -10.13
CA LYS F 232 55.19 5.67 -11.10
C LYS F 232 55.63 4.29 -10.63
N LYS F 233 55.89 4.17 -9.34
CA LYS F 233 56.23 2.88 -8.76
C LYS F 233 55.05 1.93 -8.87
N ALA F 234 53.85 2.45 -8.61
CA ALA F 234 52.61 1.67 -8.70
C ALA F 234 52.34 1.05 -10.09
N ILE F 235 52.54 1.81 -11.16
CA ILE F 235 52.22 1.32 -12.50
C ILE F 235 53.22 0.27 -12.95
N SER F 236 54.39 0.33 -12.31
CA SER F 236 55.52 -0.55 -12.58
C SER F 236 55.64 -1.64 -11.52
N SER F 237 54.86 -1.49 -10.45
CA SER F 237 54.93 -2.35 -9.28
C SER F 237 55.00 -3.81 -9.63
N PRO F 238 55.85 -4.56 -8.92
CA PRO F 238 56.05 -6.00 -9.14
C PRO F 238 54.72 -6.76 -9.03
N LEU F 239 53.79 -6.23 -8.25
CA LEU F 239 52.46 -6.83 -8.14
C LEU F 239 51.71 -6.67 -9.48
N LEU F 240 52.01 -5.58 -10.20
CA LEU F 240 51.44 -5.34 -11.54
C LEU F 240 52.43 -5.86 -12.59
N GLU F 241 52.28 -7.13 -12.91
CA GLU F 241 53.22 -7.82 -13.76
C GLU F 241 52.88 -7.55 -15.21
N ALA F 242 51.78 -6.83 -15.43
CA ALA F 242 51.34 -6.56 -16.79
C ALA F 242 51.19 -5.08 -17.13
N ALA F 243 50.99 -4.84 -18.42
CA ALA F 243 50.79 -3.51 -18.97
C ALA F 243 49.36 -3.05 -18.74
N ILE F 244 49.21 -1.85 -18.21
CA ILE F 244 47.91 -1.26 -17.95
C ILE F 244 47.14 -0.97 -19.25
N ASP F 245 47.89 -0.83 -20.35
CA ASP F 245 47.33 -0.44 -21.64
C ASP F 245 46.27 -1.41 -22.18
N GLY F 246 46.23 -2.62 -21.63
CA GLY F 246 45.28 -3.62 -22.07
C GLY F 246 43.93 -3.56 -21.39
N ALA F 247 43.83 -2.71 -20.38
CA ALA F 247 42.65 -2.66 -19.53
C ALA F 247 41.47 -1.92 -20.14
N GLN F 248 40.28 -2.50 -20.00
CA GLN F 248 39.06 -1.80 -20.39
C GLN F 248 38.69 -0.90 -19.22
N GLY F 249 39.07 -1.34 -18.02
CA GLY F 249 38.85 -0.56 -16.82
C GLY F 249 40.04 -0.52 -15.88
N VAL F 250 40.27 0.64 -15.31
CA VAL F 250 41.30 0.81 -14.31
C VAL F 250 40.77 1.70 -13.18
N LEU F 251 40.92 1.18 -11.97
CA LEU F 251 40.50 1.83 -10.77
C LEU F 251 41.76 2.32 -10.07
N MET F 252 41.80 3.60 -9.75
CA MET F 252 42.98 4.17 -9.11
C MET F 252 42.67 4.83 -7.78
N ASN F 253 43.45 4.47 -6.78
CA ASN F 253 43.26 5.00 -5.46
C ASN F 253 44.49 5.79 -5.08
N ILE F 254 44.31 7.07 -4.80
CA ILE F 254 45.39 7.91 -4.30
C ILE F 254 45.18 8.19 -2.85
N THR F 255 46.12 7.81 -2.01
CA THR F 255 45.92 8.12 -0.62
C THR F 255 47.15 8.69 0.06
N GLY F 256 46.92 9.73 0.85
CA GLY F 256 47.98 10.40 1.57
C GLY F 256 47.51 11.11 2.84
N GLY F 257 48.41 11.87 3.46
CA GLY F 257 48.06 12.58 4.68
C GLY F 257 47.19 13.76 4.34
N THR F 258 46.89 14.59 5.32
CA THR F 258 46.05 15.76 5.08
C THR F 258 46.75 16.78 4.19
N ASN F 259 48.05 16.59 4.07
CA ASN F 259 48.94 17.41 3.28
C ASN F 259 48.92 17.05 1.80
N LEU F 260 47.98 16.20 1.43
CA LEU F 260 47.85 15.76 0.07
C LEU F 260 47.32 16.93 -0.75
N SER F 261 48.09 17.36 -1.75
CA SER F 261 47.72 18.48 -2.59
C SER F 261 47.24 17.96 -3.93
N LEU F 262 46.29 18.66 -4.55
CA LEU F 262 45.82 18.24 -5.87
C LEU F 262 46.87 18.30 -6.93
N TYR F 263 47.95 19.02 -6.70
CA TYR F 263 48.99 18.98 -7.70
C TYR F 263 49.52 17.55 -7.66
N GLU F 264 49.64 17.00 -6.45
CA GLU F 264 50.14 15.62 -6.27
C GLU F 264 49.21 14.58 -6.90
N VAL F 265 47.91 14.74 -6.64
CA VAL F 265 46.91 13.82 -7.17
C VAL F 265 46.93 13.74 -8.68
N GLN F 266 46.81 14.89 -9.34
CA GLN F 266 46.80 14.92 -10.79
C GLN F 266 48.17 14.53 -11.33
N GLU F 267 49.23 14.90 -10.61
CA GLU F 267 50.59 14.45 -10.97
C GLU F 267 50.66 12.92 -10.95
N ALA F 268 50.07 12.33 -9.91
CA ALA F 268 49.99 10.89 -9.83
C ALA F 268 49.09 10.31 -10.94
N ALA F 269 47.89 10.88 -11.04
CA ALA F 269 46.91 10.47 -12.04
C ALA F 269 47.44 10.61 -13.46
N ASP F 270 48.25 11.64 -13.72
CA ASP F 270 48.82 11.81 -15.05
C ASP F 270 49.64 10.59 -15.45
N ILE F 271 50.37 10.03 -14.51
CA ILE F 271 51.20 8.85 -14.77
C ILE F 271 50.40 7.58 -15.05
N VAL F 272 49.37 7.37 -14.26
CA VAL F 272 48.49 6.22 -14.46
C VAL F 272 47.71 6.32 -15.79
N ALA F 273 47.16 7.51 -16.08
CA ALA F 273 46.40 7.74 -17.31
C ALA F 273 47.25 7.63 -18.56
N SER F 274 48.47 8.17 -18.49
CA SER F 274 49.40 8.08 -19.61
C SER F 274 49.76 6.62 -19.89
N ALA F 275 49.89 5.83 -18.82
CA ALA F 275 50.24 4.42 -18.95
C ALA F 275 49.07 3.59 -19.46
N SER F 276 47.85 4.06 -19.20
CA SER F 276 46.65 3.35 -19.64
C SER F 276 46.16 3.81 -21.00
N ASP F 277 45.16 3.11 -21.52
CA ASP F 277 44.46 3.50 -22.74
C ASP F 277 43.70 4.83 -22.59
N GLN F 278 43.60 5.58 -23.69
CA GLN F 278 42.89 6.87 -23.72
C GLN F 278 41.38 6.79 -23.43
N ASP F 279 40.72 5.76 -23.95
CA ASP F 279 39.28 5.67 -23.84
C ASP F 279 38.89 4.82 -22.64
N VAL F 280 39.85 4.58 -21.76
CA VAL F 280 39.63 3.72 -20.58
C VAL F 280 38.49 4.21 -19.71
N ASN F 281 37.76 3.26 -19.14
CA ASN F 281 36.77 3.56 -18.12
C ASN F 281 37.54 3.57 -16.82
N MET F 282 37.26 4.56 -15.97
CA MET F 282 38.05 4.71 -14.76
C MET F 282 37.28 5.16 -13.54
N ILE F 283 37.55 4.50 -12.42
CA ILE F 283 37.10 4.96 -11.13
C ILE F 283 38.37 5.39 -10.42
N PHE F 284 38.42 6.65 -10.00
CA PHE F 284 39.65 7.17 -9.45
C PHE F 284 39.27 7.93 -8.22
N GLY F 285 40.01 7.74 -7.15
CA GLY F 285 39.70 8.48 -5.95
C GLY F 285 40.97 8.83 -5.25
N SER F 286 40.91 9.90 -4.47
CA SER F 286 42.03 10.24 -3.61
C SER F 286 41.42 10.28 -2.23
N VAL F 287 42.11 9.70 -1.27
CA VAL F 287 41.56 9.60 0.09
C VAL F 287 42.58 10.05 1.11
N ILE F 288 42.12 10.75 2.14
CA ILE F 288 43.05 11.22 3.16
C ILE F 288 43.12 10.33 4.40
N ASN F 289 44.32 9.82 4.68
CA ASN F 289 44.55 9.05 5.89
C ASN F 289 45.53 9.87 6.71
N GLU F 290 45.03 10.40 7.83
CA GLU F 290 45.77 11.39 8.61
C GLU F 290 47.12 10.84 9.07
N ASN F 291 47.19 9.51 9.11
CA ASN F 291 48.37 8.77 9.54
C ASN F 291 49.43 8.65 8.43
N ILE F 296 52.59 9.32 0.41
CA ILE F 296 51.49 8.94 -0.48
C ILE F 296 51.61 7.51 -1.01
N VAL F 297 50.49 6.79 -0.96
CA VAL F 297 50.43 5.42 -1.47
C VAL F 297 49.40 5.35 -2.60
N VAL F 298 49.86 4.93 -3.77
CA VAL F 298 49.03 4.86 -4.97
C VAL F 298 48.65 3.42 -5.26
N THR F 299 47.35 3.14 -5.26
CA THR F 299 46.86 1.80 -5.51
C THR F 299 46.26 1.80 -6.90
N VAL F 300 46.72 0.90 -7.76
CA VAL F 300 46.19 0.83 -9.11
C VAL F 300 45.67 -0.56 -9.39
N ILE F 301 44.45 -0.66 -9.91
CA ILE F 301 43.87 -1.95 -10.23
C ILE F 301 43.30 -1.95 -11.64
N ALA F 302 43.77 -2.87 -12.47
CA ALA F 302 43.38 -2.86 -13.87
C ALA F 302 42.55 -4.09 -14.19
N THR F 303 41.50 -3.91 -14.99
CA THR F 303 40.59 -5.02 -15.34
C THR F 303 40.41 -5.27 -16.87
N GLY F 304 41.29 -6.07 -17.46
CA GLY F 304 41.24 -6.37 -18.89
C GLY F 304 42.58 -6.79 -19.48
N ILE G 4 11.56 19.36 -44.68
CA ILE G 4 10.16 19.31 -44.27
C ILE G 4 9.21 19.84 -45.35
N LYS G 5 8.23 19.01 -45.70
CA LYS G 5 7.34 19.30 -46.80
C LYS G 5 5.92 19.63 -46.34
N VAL G 6 5.35 20.70 -46.91
CA VAL G 6 3.97 21.15 -46.66
C VAL G 6 3.10 20.84 -47.86
N ILE G 7 2.15 19.94 -47.69
CA ILE G 7 1.33 19.44 -48.78
C ILE G 7 -0.11 19.96 -48.75
N GLY G 8 -0.48 20.74 -49.75
CA GLY G 8 -1.84 21.21 -49.89
C GLY G 8 -2.67 20.24 -50.70
N VAL G 9 -3.71 19.70 -50.07
CA VAL G 9 -4.58 18.71 -50.68
C VAL G 9 -5.97 19.30 -50.97
N GLY G 10 -6.41 19.20 -52.22
CA GLY G 10 -7.71 19.69 -52.59
C GLY G 10 -7.83 21.19 -52.69
N GLY G 11 -9.06 21.69 -52.83
CA GLY G 11 -9.31 23.10 -53.08
C GLY G 11 -8.88 23.94 -51.92
N GLY G 12 -9.21 23.49 -50.71
CA GLY G 12 -8.83 24.20 -49.50
C GLY G 12 -7.33 24.26 -49.35
N GLY G 13 -6.68 23.11 -49.54
CA GLY G 13 -5.24 22.98 -49.42
C GLY G 13 -4.45 23.68 -50.51
N ASN G 14 -4.95 23.64 -51.75
CA ASN G 14 -4.30 24.31 -52.87
C ASN G 14 -4.18 25.79 -52.59
N ASN G 15 -5.29 26.37 -52.15
CA ASN G 15 -5.35 27.80 -51.86
C ASN G 15 -4.48 28.14 -50.68
N ALA G 16 -4.43 27.23 -49.70
CA ALA G 16 -3.65 27.44 -48.50
C ALA G 16 -2.19 27.61 -48.88
N VAL G 17 -1.70 26.65 -49.64
CA VAL G 17 -0.32 26.67 -50.10
C VAL G 17 -0.05 27.94 -50.92
N ASN G 18 -0.97 28.33 -51.77
CA ASN G 18 -0.80 29.59 -52.47
C ASN G 18 -0.66 30.74 -51.49
N ARG G 19 -1.48 30.74 -50.45
CA ARG G 19 -1.43 31.81 -49.49
C ARG G 19 -0.10 31.78 -48.74
N MET G 20 0.40 30.59 -48.47
CA MET G 20 1.70 30.49 -47.83
C MET G 20 2.76 31.06 -48.77
N ILE G 21 2.67 30.68 -50.03
CA ILE G 21 3.57 31.21 -51.04
C ILE G 21 3.38 32.72 -51.28
N GLU G 22 2.14 33.19 -51.26
CA GLU G 22 1.94 34.63 -51.36
C GLU G 22 2.56 35.35 -50.17
N ASN G 23 2.58 34.69 -49.01
CA ASN G 23 3.16 35.27 -47.80
C ASN G 23 4.64 34.93 -47.53
N GLU G 24 5.31 34.34 -48.52
CA GLU G 24 6.73 33.96 -48.45
C GLU G 24 7.07 33.17 -47.19
N VAL G 25 6.20 32.23 -46.83
CA VAL G 25 6.46 31.36 -45.69
C VAL G 25 7.67 30.51 -46.04
N GLN G 26 8.73 30.66 -45.25
CA GLN G 26 10.00 30.10 -45.63
C GLN G 26 10.21 28.69 -45.06
N GLY G 27 11.22 28.02 -45.59
CA GLY G 27 11.74 26.78 -45.01
C GLY G 27 10.96 25.51 -45.27
N VAL G 28 9.91 25.63 -46.05
CA VAL G 28 9.14 24.45 -46.34
C VAL G 28 9.08 24.23 -47.83
N GLU G 29 9.05 22.95 -48.21
CA GLU G 29 8.89 22.57 -49.60
C GLU G 29 7.40 22.41 -49.79
N TYR G 30 6.83 23.10 -50.77
CA TYR G 30 5.40 23.06 -50.99
C TYR G 30 5.02 22.04 -52.03
N ILE G 31 3.98 21.26 -51.74
CA ILE G 31 3.48 20.28 -52.67
C ILE G 31 1.99 20.50 -52.79
N ALA G 32 1.55 20.91 -53.97
CA ALA G 32 0.14 21.06 -54.17
C ALA G 32 -0.36 19.73 -54.71
N VAL G 33 -1.36 19.18 -54.05
CA VAL G 33 -1.92 17.94 -54.50
C VAL G 33 -3.39 18.19 -54.79
N ASN G 34 -3.83 17.77 -55.98
CA ASN G 34 -5.21 17.94 -56.35
C ASN G 34 -5.57 16.91 -57.40
N THR G 35 -6.84 16.52 -57.45
CA THR G 35 -7.31 15.68 -58.54
C THR G 35 -7.82 16.57 -59.68
N ASP G 36 -8.18 17.81 -59.33
CA ASP G 36 -8.68 18.76 -60.30
C ASP G 36 -7.48 19.41 -60.93
N ALA G 37 -7.14 18.90 -62.09
CA ALA G 37 -5.98 19.34 -62.81
C ALA G 37 -6.18 20.81 -63.14
N GLN G 38 -7.43 21.25 -63.30
CA GLN G 38 -7.65 22.66 -63.58
C GLN G 38 -7.17 23.52 -62.42
N ALA G 39 -7.53 23.11 -61.20
CA ALA G 39 -7.17 23.86 -60.00
C ALA G 39 -5.67 23.81 -59.75
N LEU G 40 -5.11 22.62 -59.91
CA LEU G 40 -3.70 22.37 -59.63
C LEU G 40 -2.83 23.33 -60.39
N ASN G 41 -3.24 23.65 -61.62
CA ASN G 41 -2.49 24.54 -62.46
C ASN G 41 -2.57 25.98 -62.02
N LEU G 42 -3.39 26.27 -61.02
CA LEU G 42 -3.41 27.63 -60.46
C LEU G 42 -2.50 27.74 -59.26
N SER G 43 -2.04 26.57 -58.80
CA SER G 43 -1.18 26.50 -57.64
C SER G 43 0.12 27.19 -57.94
N LYS G 44 0.59 27.97 -56.97
CA LYS G 44 1.88 28.64 -57.03
C LYS G 44 3.00 27.70 -56.59
N ALA G 45 2.64 26.44 -56.31
CA ALA G 45 3.56 25.43 -55.83
C ALA G 45 4.56 25.11 -56.91
N GLU G 46 5.77 24.79 -56.48
CA GLU G 46 6.81 24.43 -57.42
C GLU G 46 6.51 23.02 -57.93
N VAL G 47 6.17 22.13 -57.00
CA VAL G 47 5.72 20.79 -57.38
C VAL G 47 4.21 20.58 -57.27
N LYS G 48 3.57 20.32 -58.42
CA LYS G 48 2.12 20.14 -58.47
C LYS G 48 1.81 18.67 -58.73
N MET G 49 1.25 17.97 -57.75
CA MET G 49 1.08 16.53 -57.92
C MET G 49 -0.36 16.17 -58.19
N GLN G 50 -0.65 15.88 -59.45
CA GLN G 50 -1.99 15.45 -59.79
C GLN G 50 -2.15 14.01 -59.42
N ILE G 51 -3.13 13.74 -58.56
CA ILE G 51 -3.39 12.38 -58.16
C ILE G 51 -4.69 11.90 -58.78
N GLY G 52 -4.84 10.59 -58.90
CA GLY G 52 -6.05 10.04 -59.48
C GLY G 52 -6.26 10.47 -60.92
N ALA G 53 -5.19 10.61 -61.68
CA ALA G 53 -5.33 10.93 -63.09
C ALA G 53 -6.15 9.86 -63.81
N LYS G 54 -5.91 8.58 -63.49
CA LYS G 54 -6.71 7.50 -64.05
C LYS G 54 -8.12 7.50 -63.48
N LEU G 55 -8.23 7.76 -62.19
CA LEU G 55 -9.51 7.69 -61.49
C LEU G 55 -10.42 8.88 -61.80
N THR G 56 -9.83 10.08 -61.85
CA THR G 56 -10.62 11.29 -61.97
C THR G 56 -10.52 11.92 -63.36
N ARG G 57 -9.56 11.45 -64.13
CA ARG G 57 -9.35 11.96 -65.48
C ARG G 57 -9.23 13.50 -65.49
N GLY G 58 -8.61 14.01 -64.42
CA GLY G 58 -8.23 15.41 -64.30
C GLY G 58 -9.36 16.36 -63.95
N LEU G 59 -10.53 15.80 -63.69
CA LEU G 59 -11.72 16.63 -63.49
C LEU G 59 -12.03 16.94 -62.03
N GLY G 60 -11.16 16.46 -61.14
CA GLY G 60 -11.39 16.65 -59.73
C GLY G 60 -12.11 15.46 -59.18
N ALA G 61 -12.48 15.54 -57.91
CA ALA G 61 -13.10 14.42 -57.25
C ALA G 61 -14.61 14.62 -57.09
N GLY G 62 -15.11 15.74 -57.57
CA GLY G 62 -16.54 16.02 -57.46
C GLY G 62 -17.14 15.95 -56.06
N ALA G 63 -16.40 16.42 -55.05
CA ALA G 63 -16.89 16.36 -53.67
C ALA G 63 -17.20 14.93 -53.21
N ASN G 64 -16.48 13.97 -53.76
CA ASN G 64 -16.61 12.62 -53.30
C ASN G 64 -15.31 12.28 -52.62
N PRO G 65 -15.34 12.15 -51.29
CA PRO G 65 -14.14 11.87 -50.53
C PRO G 65 -13.56 10.54 -50.99
N GLU G 66 -14.44 9.58 -51.24
CA GLU G 66 -14.02 8.25 -51.65
C GLU G 66 -13.26 8.35 -52.96
N VAL G 67 -13.63 9.31 -53.79
CA VAL G 67 -12.85 9.57 -54.99
C VAL G 67 -11.50 10.16 -54.65
N GLY G 68 -11.49 11.11 -53.72
CA GLY G 68 -10.26 11.72 -53.25
C GLY G 68 -9.29 10.71 -52.65
N LYS G 69 -9.83 9.81 -51.84
CA LYS G 69 -9.03 8.77 -51.20
C LYS G 69 -8.38 7.86 -52.22
N LYS G 70 -9.20 7.24 -53.05
CA LYS G 70 -8.73 6.28 -54.03
C LYS G 70 -7.91 6.96 -55.11
N ALA G 71 -8.17 8.25 -55.31
CA ALA G 71 -7.28 9.04 -56.15
C ALA G 71 -5.89 9.15 -55.52
N ALA G 72 -5.85 9.31 -54.21
CA ALA G 72 -4.58 9.35 -53.53
C ALA G 72 -4.01 7.96 -53.61
N GLU G 73 -4.85 6.98 -53.31
CA GLU G 73 -4.46 5.58 -53.39
C GLU G 73 -3.93 5.21 -54.76
N GLU G 74 -4.56 5.73 -55.81
CA GLU G 74 -3.99 5.51 -57.13
C GLU G 74 -2.58 6.05 -57.18
N SER G 75 -2.35 7.24 -56.66
CA SER G 75 -1.03 7.83 -56.77
C SER G 75 -0.21 7.68 -55.50
N LYS G 76 -0.46 6.61 -54.74
CA LYS G 76 0.24 6.39 -53.46
C LYS G 76 1.76 6.32 -53.64
N GLU G 77 2.20 5.64 -54.68
CA GLU G 77 3.62 5.55 -54.99
C GLU G 77 4.16 6.94 -55.40
N GLN G 78 3.36 7.66 -56.20
CA GLN G 78 3.73 8.98 -56.71
C GLN G 78 3.92 9.99 -55.59
N ILE G 79 3.13 9.83 -54.55
CA ILE G 79 3.18 10.67 -53.37
C ILE G 79 4.43 10.43 -52.54
N GLU G 80 4.66 9.16 -52.17
CA GLU G 80 5.82 8.79 -51.37
C GLU G 80 7.09 9.30 -52.00
N GLU G 81 7.20 9.19 -53.32
CA GLU G 81 8.41 9.67 -53.97
C GLU G 81 8.64 11.16 -53.78
N ALA G 82 7.59 11.97 -53.90
CA ALA G 82 7.77 13.41 -53.70
C ALA G 82 7.86 13.76 -52.22
N LEU G 83 7.29 12.90 -51.37
CA LEU G 83 7.32 13.15 -49.93
C LEU G 83 8.45 12.40 -49.19
N LYS G 84 9.06 11.38 -49.80
CA LYS G 84 10.20 10.67 -49.19
C LYS G 84 11.35 11.59 -48.77
N GLY G 85 11.83 11.40 -47.54
CA GLY G 85 12.98 12.15 -47.07
C GLY G 85 12.68 13.40 -46.25
N ALA G 86 11.42 13.80 -46.22
CA ALA G 86 11.02 14.95 -45.43
C ALA G 86 10.98 14.51 -44.00
N ASP G 87 11.56 15.31 -43.12
CA ASP G 87 11.57 14.99 -41.70
C ASP G 87 10.18 15.23 -41.14
N MET G 88 9.51 16.26 -41.66
CA MET G 88 8.19 16.63 -41.17
C MET G 88 7.24 16.98 -42.31
N VAL G 89 5.99 16.57 -42.17
CA VAL G 89 5.00 16.80 -43.20
C VAL G 89 3.73 17.48 -42.71
N PHE G 90 3.49 18.68 -43.22
CA PHE G 90 2.20 19.33 -43.05
C PHE G 90 1.25 18.95 -44.17
N VAL G 91 0.11 18.38 -43.82
CA VAL G 91 -0.91 18.05 -44.78
C VAL G 91 -2.01 19.04 -44.56
N THR G 92 -2.17 20.00 -45.47
CA THR G 92 -3.21 21.01 -45.31
C THR G 92 -4.32 20.75 -46.32
N ALA G 93 -5.57 20.88 -45.89
CA ALA G 93 -6.70 20.51 -46.73
C ALA G 93 -7.97 21.22 -46.29
N GLY G 94 -8.94 21.34 -47.20
CA GLY G 94 -10.24 21.83 -46.82
C GLY G 94 -11.11 20.62 -46.65
N MET G 95 -11.63 20.41 -45.47
CA MET G 95 -12.45 19.24 -45.22
C MET G 95 -13.84 19.55 -45.70
N GLY G 96 -14.52 18.55 -46.23
CA GLY G 96 -15.87 18.69 -46.73
C GLY G 96 -15.87 18.39 -48.21
N GLY G 97 -14.72 18.62 -48.83
CA GLY G 97 -14.59 18.44 -50.25
C GLY G 97 -14.38 16.99 -50.61
N GLY G 98 -13.74 16.76 -51.75
CA GLY G 98 -13.49 15.42 -52.22
C GLY G 98 -12.02 15.12 -52.14
N THR G 99 -11.22 15.98 -52.76
CA THR G 99 -9.81 15.71 -52.88
C THR G 99 -9.23 15.80 -51.49
N GLY G 100 -9.50 16.90 -50.79
CA GLY G 100 -9.05 17.03 -49.42
C GLY G 100 -9.54 15.93 -48.51
N THR G 101 -10.85 15.83 -48.32
CA THR G 101 -11.40 14.85 -47.38
C THR G 101 -10.92 13.41 -47.59
N GLY G 102 -10.74 13.04 -48.85
CA GLY G 102 -10.36 11.68 -49.13
C GLY G 102 -8.86 11.50 -49.17
N ALA G 103 -8.16 12.40 -49.86
CA ALA G 103 -6.73 12.19 -50.15
C ALA G 103 -5.76 12.54 -49.03
N ALA G 104 -6.05 13.65 -48.37
CA ALA G 104 -5.21 14.14 -47.31
C ALA G 104 -4.97 13.10 -46.19
N PRO G 105 -5.99 12.31 -45.81
CA PRO G 105 -5.62 11.33 -44.81
C PRO G 105 -4.66 10.31 -45.38
N VAL G 106 -4.96 9.84 -46.58
CA VAL G 106 -4.15 8.82 -47.21
C VAL G 106 -2.74 9.38 -47.33
N ILE G 107 -2.66 10.65 -47.70
CA ILE G 107 -1.38 11.35 -47.81
C ILE G 107 -0.73 11.47 -46.41
N ALA G 108 -1.49 11.87 -45.40
CA ALA G 108 -0.92 11.98 -44.07
C ALA G 108 -0.38 10.62 -43.63
N GLN G 109 -1.17 9.56 -43.80
CA GLN G 109 -0.77 8.21 -43.44
C GLN G 109 0.49 7.78 -44.18
N ILE G 110 0.64 8.24 -45.42
CA ILE G 110 1.88 7.99 -46.14
C ILE G 110 3.02 8.65 -45.38
N ALA G 111 2.82 9.92 -45.01
CA ALA G 111 3.81 10.64 -44.22
C ALA G 111 4.03 9.99 -42.83
N LYS G 112 2.94 9.60 -42.17
CA LYS G 112 3.03 8.98 -40.85
C LYS G 112 3.71 7.61 -40.94
N ASP G 113 3.40 6.85 -41.99
CA ASP G 113 4.09 5.58 -42.21
C ASP G 113 5.57 5.81 -42.52
N LEU G 114 5.87 6.98 -43.10
CA LEU G 114 7.24 7.48 -43.31
C LEU G 114 7.99 7.99 -42.04
N GLY G 115 7.27 8.04 -40.93
CA GLY G 115 7.89 8.32 -39.64
C GLY G 115 8.05 9.81 -39.43
N ALA G 116 7.69 10.58 -40.45
CA ALA G 116 7.75 12.03 -40.40
C ALA G 116 6.69 12.52 -39.44
N LEU G 117 7.01 13.62 -38.76
CA LEU G 117 6.06 14.25 -37.88
C LEU G 117 4.96 14.83 -38.74
N THR G 118 3.76 14.29 -38.59
CA THR G 118 2.69 14.71 -39.46
C THR G 118 1.72 15.57 -38.69
N VAL G 119 1.63 16.81 -39.12
CA VAL G 119 0.69 17.73 -38.53
C VAL G 119 -0.27 17.94 -39.67
N GLY G 120 -1.54 17.61 -39.45
CA GLY G 120 -2.55 17.97 -40.41
C GLY G 120 -3.16 19.28 -39.97
N VAL G 121 -3.26 20.25 -40.89
CA VAL G 121 -3.98 21.47 -40.57
C VAL G 121 -5.08 21.69 -41.61
N VAL G 122 -6.33 21.47 -41.21
CA VAL G 122 -7.46 21.46 -42.13
C VAL G 122 -8.58 22.37 -41.68
N THR G 123 -9.37 22.88 -42.61
CA THR G 123 -10.49 23.69 -42.20
C THR G 123 -11.71 22.82 -42.19
N ARG G 124 -12.54 23.05 -41.18
CA ARG G 124 -13.87 22.51 -41.12
C ARG G 124 -14.73 23.49 -41.90
N PRO G 125 -15.46 22.97 -42.86
CA PRO G 125 -16.23 23.76 -43.82
C PRO G 125 -17.23 24.64 -43.11
N PHE G 126 -17.60 25.74 -43.74
CA PHE G 126 -18.58 26.64 -43.16
C PHE G 126 -19.86 25.88 -42.91
N THR G 127 -20.62 26.31 -41.93
CA THR G 127 -21.89 25.65 -41.73
C THR G 127 -22.71 25.83 -43.00
N PHE G 128 -22.65 27.04 -43.56
CA PHE G 128 -23.46 27.34 -44.74
C PHE G 128 -23.11 26.43 -45.91
N GLU G 129 -21.93 25.84 -45.92
CA GLU G 129 -21.56 24.93 -47.00
C GLU G 129 -22.50 23.71 -47.14
N GLY G 130 -23.40 23.54 -46.20
CA GLY G 130 -24.43 22.53 -46.35
C GLY G 130 -24.16 21.22 -45.67
N ARG G 131 -25.15 20.34 -45.72
CA ARG G 131 -25.14 19.10 -44.99
C ARG G 131 -24.11 18.17 -45.54
N LYS G 132 -23.99 18.08 -46.86
CA LYS G 132 -23.01 17.14 -47.40
C LYS G 132 -21.60 17.50 -47.01
N ARG G 133 -21.24 18.77 -47.10
CA ARG G 133 -19.89 19.20 -46.74
C ARG G 133 -19.62 18.87 -45.27
N GLN G 134 -20.59 19.17 -44.41
CA GLN G 134 -20.37 18.92 -43.00
C GLN G 134 -20.12 17.45 -42.72
N LEU G 135 -20.96 16.60 -43.31
CA LEU G 135 -20.87 15.15 -43.11
C LEU G 135 -19.56 14.62 -43.64
N GLN G 136 -19.18 15.05 -44.82
CA GLN G 136 -17.99 14.52 -45.44
C GLN G 136 -16.74 14.98 -44.69
N ALA G 137 -16.77 16.22 -44.19
CA ALA G 137 -15.67 16.76 -43.39
C ALA G 137 -15.58 16.03 -42.06
N ALA G 138 -16.72 15.76 -41.47
CA ALA G 138 -16.79 15.04 -40.21
C ALA G 138 -16.05 13.71 -40.38
N GLY G 139 -16.34 13.04 -41.48
CA GLY G 139 -15.68 11.79 -41.79
C GLY G 139 -14.19 11.94 -42.03
N GLY G 140 -13.81 12.98 -42.77
CA GLY G 140 -12.43 13.19 -43.16
C GLY G 140 -11.56 13.56 -41.99
N ILE G 141 -12.11 14.39 -41.13
CA ILE G 141 -11.43 14.78 -39.91
C ILE G 141 -11.22 13.58 -38.99
N SER G 142 -12.27 12.79 -38.83
CA SER G 142 -12.21 11.56 -38.06
C SER G 142 -11.05 10.70 -38.56
N ALA G 143 -10.93 10.57 -39.88
CA ALA G 143 -9.83 9.88 -40.54
C ALA G 143 -8.52 10.66 -40.56
N MET G 144 -8.59 11.99 -40.60
CA MET G 144 -7.37 12.80 -40.55
C MET G 144 -6.73 12.62 -39.19
N LYS G 145 -7.57 12.56 -38.15
CA LYS G 145 -7.08 12.35 -36.81
C LYS G 145 -6.23 11.07 -36.74
N GLU G 146 -6.71 10.01 -37.38
CA GLU G 146 -5.99 8.73 -37.36
C GLU G 146 -4.65 8.71 -38.13
N ALA G 147 -4.52 9.55 -39.15
CA ALA G 147 -3.37 9.45 -40.06
C ALA G 147 -2.29 10.52 -39.85
N VAL G 148 -2.50 11.37 -38.86
CA VAL G 148 -1.49 12.36 -38.52
C VAL G 148 -1.09 12.08 -37.07
N ASP G 149 -0.07 12.77 -36.62
CA ASP G 149 0.28 12.73 -35.20
C ASP G 149 -0.64 13.70 -34.49
N THR G 150 -0.67 14.92 -35.02
CA THR G 150 -1.51 16.00 -34.52
C THR G 150 -2.38 16.57 -35.62
N LEU G 151 -3.64 16.77 -35.30
CA LEU G 151 -4.54 17.34 -36.29
C LEU G 151 -5.09 18.66 -35.79
N ILE G 152 -4.77 19.72 -36.50
CA ILE G 152 -5.36 21.01 -36.27
C ILE G 152 -6.59 21.09 -37.15
N VAL G 153 -7.76 21.26 -36.54
CA VAL G 153 -9.01 21.42 -37.25
C VAL G 153 -9.48 22.85 -37.08
N ILE G 154 -9.55 23.60 -38.17
CA ILE G 154 -9.99 24.99 -38.07
C ILE G 154 -11.42 25.20 -38.52
N PRO G 155 -12.31 25.53 -37.57
CA PRO G 155 -13.69 25.81 -37.95
C PRO G 155 -13.82 27.11 -38.74
N ASN G 156 -14.12 26.98 -40.02
CA ASN G 156 -14.32 28.14 -40.86
C ASN G 156 -15.47 28.95 -40.30
N ASP G 157 -16.40 28.28 -39.65
CA ASP G 157 -17.54 28.95 -39.03
C ASP G 157 -17.12 30.09 -38.14
N ARG G 158 -15.96 29.91 -37.50
CA ARG G 158 -15.43 30.90 -36.59
C ARG G 158 -14.87 32.08 -37.34
N ILE G 159 -14.68 31.91 -38.65
CA ILE G 159 -14.32 33.05 -39.47
C ILE G 159 -15.49 34.02 -39.52
N LEU G 160 -16.71 33.50 -39.53
CA LEU G 160 -17.84 34.40 -39.70
C LEU G 160 -18.08 35.25 -38.47
N GLU G 161 -17.61 34.77 -37.31
CA GLU G 161 -17.68 35.58 -36.10
C GLU G 161 -16.67 36.70 -36.21
N ILE G 162 -15.57 36.40 -36.90
CA ILE G 162 -14.43 37.29 -36.98
C ILE G 162 -14.60 38.35 -38.05
N VAL G 163 -15.01 37.95 -39.25
CA VAL G 163 -15.22 38.90 -40.34
C VAL G 163 -16.47 39.75 -40.10
N ASP G 164 -16.55 40.89 -40.76
CA ASP G 164 -17.71 41.76 -40.65
C ASP G 164 -18.97 41.00 -41.09
N LYS G 165 -20.11 41.34 -40.48
CA LYS G 165 -21.35 40.61 -40.74
C LYS G 165 -21.76 40.65 -42.20
N ASN G 166 -21.24 41.65 -42.91
CA ASN G 166 -21.58 41.84 -44.30
C ASN G 166 -20.49 41.42 -45.30
N THR G 167 -19.39 40.83 -44.82
CA THR G 167 -18.34 40.42 -45.76
C THR G 167 -18.89 39.32 -46.67
N PRO G 168 -18.65 39.47 -47.97
CA PRO G 168 -19.12 38.52 -48.98
C PRO G 168 -18.52 37.14 -48.77
N MET G 169 -19.32 36.15 -49.10
CA MET G 169 -18.93 34.77 -48.98
C MET G 169 -17.57 34.54 -49.58
N LEU G 170 -17.34 35.24 -50.68
CA LEU G 170 -16.10 35.09 -51.38
C LEU G 170 -14.94 35.37 -50.47
N GLU G 171 -15.07 36.40 -49.65
CA GLU G 171 -14.00 36.76 -48.74
C GLU G 171 -13.90 35.85 -47.53
N ALA G 172 -15.04 35.36 -47.07
CA ALA G 172 -15.03 34.39 -45.99
C ALA G 172 -14.23 33.16 -46.40
N PHE G 173 -14.41 32.70 -47.62
CA PHE G 173 -13.59 31.60 -48.14
C PHE G 173 -12.12 31.94 -48.21
N ARG G 174 -11.83 33.17 -48.63
CA ARG G 174 -10.45 33.62 -48.77
C ARG G 174 -9.82 33.62 -47.40
N GLU G 175 -10.59 34.07 -46.42
CA GLU G 175 -10.09 34.14 -45.06
C GLU G 175 -9.79 32.76 -44.51
N ALA G 176 -10.59 31.79 -44.90
CA ALA G 176 -10.33 30.42 -44.49
C ALA G 176 -8.98 29.99 -45.00
N ASP G 177 -8.64 30.33 -46.25
CA ASP G 177 -7.30 29.97 -46.71
C ASP G 177 -6.23 30.61 -45.82
N ASN G 178 -6.44 31.88 -45.51
CA ASN G 178 -5.48 32.61 -44.70
C ASN G 178 -5.43 32.00 -43.31
N VAL G 179 -6.58 31.67 -42.76
CA VAL G 179 -6.61 31.01 -41.48
C VAL G 179 -6.00 29.61 -41.57
N LEU G 180 -6.24 28.91 -42.67
CA LEU G 180 -5.52 27.69 -42.96
C LEU G 180 -4.00 27.95 -43.08
N ARG G 181 -3.61 29.05 -43.72
CA ARG G 181 -2.20 29.39 -43.80
C ARG G 181 -1.64 29.72 -42.42
N GLN G 182 -2.35 30.57 -41.70
CA GLN G 182 -1.89 31.04 -40.39
C GLN G 182 -1.65 29.85 -39.43
N GLY G 183 -2.46 28.81 -39.59
CA GLY G 183 -2.33 27.58 -38.84
C GLY G 183 -1.06 26.83 -39.19
N VAL G 184 -0.80 26.67 -40.48
CA VAL G 184 0.40 25.97 -40.91
C VAL G 184 1.66 26.77 -40.60
N GLN G 185 1.65 28.05 -40.97
CA GLN G 185 2.82 28.90 -40.78
C GLN G 185 3.09 29.04 -39.29
N GLY G 186 2.02 29.09 -38.51
CA GLY G 186 2.11 29.18 -37.06
C GLY G 186 3.08 28.13 -36.54
N ILE G 187 3.05 26.95 -37.16
CA ILE G 187 3.94 25.84 -36.78
C ILE G 187 5.20 25.67 -37.65
N SER G 188 5.07 25.86 -38.97
CA SER G 188 6.19 25.67 -39.86
C SER G 188 7.24 26.75 -39.63
N ASP G 189 6.82 27.94 -39.22
CA ASP G 189 7.76 29.01 -38.97
C ASP G 189 8.72 28.66 -37.82
N LEU G 190 8.30 27.74 -36.97
CA LEU G 190 9.10 27.32 -35.82
C LEU G 190 10.01 26.13 -36.10
N ILE G 191 9.90 25.55 -37.29
CA ILE G 191 10.62 24.33 -37.58
C ILE G 191 11.30 24.34 -38.94
N ALA G 202 15.38 19.20 -31.16
CA ALA G 202 14.07 19.44 -31.78
C ALA G 202 13.25 18.15 -31.89
N ASP G 203 12.81 17.62 -30.74
CA ASP G 203 11.94 16.44 -30.71
C ASP G 203 10.52 16.79 -31.16
N VAL G 204 9.89 17.74 -30.45
CA VAL G 204 8.61 18.27 -30.86
C VAL G 204 7.56 17.21 -30.67
N LYS G 205 7.80 16.08 -31.32
CA LYS G 205 6.86 14.97 -31.41
C LYS G 205 6.12 14.69 -30.10
N THR G 206 6.81 14.78 -28.96
CA THR G 206 6.16 14.47 -27.67
C THR G 206 4.99 15.43 -27.42
N ILE G 207 5.08 16.61 -28.01
CA ILE G 207 4.03 17.62 -27.92
C ILE G 207 2.98 17.42 -29.01
N MET G 208 3.42 16.94 -30.18
CA MET G 208 2.55 16.73 -31.34
C MET G 208 1.69 15.47 -31.41
N SER G 209 2.01 14.38 -30.72
CA SER G 209 1.13 13.21 -30.83
C SER G 209 0.11 13.05 -29.69
N GLY G 212 -4.86 12.83 -28.66
CA GLY G 212 -6.10 13.29 -29.24
C GLY G 212 -5.88 14.31 -30.34
N SER G 213 -6.95 14.93 -30.81
CA SER G 213 -6.85 16.00 -31.81
C SER G 213 -6.52 17.31 -31.12
N ALA G 214 -6.13 18.32 -31.90
CA ALA G 214 -5.72 19.58 -31.31
C ALA G 214 -6.34 20.80 -31.97
N LEU G 215 -6.44 21.88 -31.21
CA LEU G 215 -7.07 23.07 -31.73
C LEU G 215 -6.18 24.26 -31.47
N MET G 216 -6.21 25.21 -32.38
CA MET G 216 -5.36 26.37 -32.27
C MET G 216 -6.15 27.63 -32.01
N GLY G 217 -5.45 28.71 -31.70
CA GLY G 217 -6.05 30.03 -31.52
C GLY G 217 -5.18 31.08 -32.16
N ILE G 218 -5.81 32.17 -32.59
CA ILE G 218 -5.03 33.26 -33.17
C ILE G 218 -5.50 34.64 -32.68
N GLY G 219 -4.55 35.53 -32.43
CA GLY G 219 -4.83 36.93 -32.14
C GLY G 219 -3.83 37.79 -32.88
N ILE G 220 -4.28 38.93 -33.41
CA ILE G 220 -3.33 39.84 -34.04
C ILE G 220 -3.61 41.26 -33.55
N ALA G 221 -2.58 42.07 -33.30
CA ALA G 221 -2.76 43.49 -32.99
C ALA G 221 -1.52 44.34 -33.35
N ALA G 228 0.95 41.15 -27.00
CA ALA G 228 0.34 40.80 -25.73
C ALA G 228 -1.15 40.98 -25.84
N GLU G 229 -1.56 41.98 -26.61
CA GLU G 229 -2.97 42.20 -26.88
C GLU G 229 -3.46 40.94 -27.61
N ALA G 230 -2.65 40.56 -28.59
CA ALA G 230 -2.90 39.42 -29.46
C ALA G 230 -3.06 38.14 -28.67
N ALA G 231 -2.15 37.92 -27.74
CA ALA G 231 -2.21 36.76 -26.87
C ALA G 231 -3.50 36.67 -26.07
N LYS G 232 -4.03 37.82 -25.63
CA LYS G 232 -5.28 37.78 -24.89
C LYS G 232 -6.38 37.24 -25.80
N LYS G 233 -6.40 37.76 -27.03
CA LYS G 233 -7.35 37.31 -28.04
C LYS G 233 -7.13 35.87 -28.47
N ALA G 234 -5.85 35.51 -28.65
CA ALA G 234 -5.46 34.18 -29.13
C ALA G 234 -5.98 33.01 -28.29
N ILE G 235 -5.92 33.12 -26.97
CA ILE G 235 -6.39 32.03 -26.13
C ILE G 235 -7.93 31.99 -26.09
N SER G 236 -8.54 33.13 -26.38
CA SER G 236 -9.99 33.24 -26.38
C SER G 236 -10.57 33.19 -27.79
N SER G 237 -9.69 33.28 -28.79
CA SER G 237 -10.03 33.37 -30.22
C SER G 237 -11.13 32.44 -30.70
N PRO G 238 -11.96 32.92 -31.66
CA PRO G 238 -13.04 32.09 -32.19
C PRO G 238 -12.50 30.81 -32.77
N LEU G 239 -11.29 30.87 -33.31
CA LEU G 239 -10.63 29.68 -33.83
C LEU G 239 -10.27 28.73 -32.68
N LEU G 240 -10.01 29.29 -31.49
CA LEU G 240 -9.75 28.49 -30.28
C LEU G 240 -11.01 28.25 -29.46
N GLU G 241 -11.62 27.10 -29.72
CA GLU G 241 -12.89 26.71 -29.13
C GLU G 241 -12.82 26.17 -27.71
N ALA G 242 -11.64 25.72 -27.29
CA ALA G 242 -11.52 25.12 -25.96
C ALA G 242 -10.50 25.74 -25.01
N ALA G 243 -10.72 25.46 -23.73
CA ALA G 243 -9.88 25.93 -22.64
C ALA G 243 -8.57 25.16 -22.62
N ILE G 244 -7.47 25.91 -22.62
CA ILE G 244 -6.12 25.37 -22.62
C ILE G 244 -5.64 24.65 -21.35
N ASP G 245 -6.22 25.00 -20.20
CA ASP G 245 -5.71 24.50 -18.91
C ASP G 245 -5.74 22.96 -18.75
N GLY G 246 -6.53 22.29 -19.59
CA GLY G 246 -6.59 20.84 -19.58
C GLY G 246 -5.55 20.21 -20.48
N ALA G 247 -4.91 21.03 -21.29
CA ALA G 247 -3.97 20.53 -22.29
C ALA G 247 -2.65 20.15 -21.67
N GLN G 248 -2.08 19.04 -22.15
CA GLN G 248 -0.74 18.63 -21.75
C GLN G 248 0.33 19.36 -22.56
N GLY G 249 -0.02 19.80 -23.76
CA GLY G 249 0.94 20.51 -24.59
C GLY G 249 0.44 21.76 -25.30
N VAL G 250 1.30 22.78 -25.39
CA VAL G 250 0.95 24.00 -26.12
C VAL G 250 2.09 24.57 -26.96
N LEU G 251 1.82 24.86 -28.21
CA LEU G 251 2.83 25.46 -29.03
C LEU G 251 2.39 26.89 -29.27
N MET G 252 3.27 27.85 -29.00
CA MET G 252 2.91 29.25 -29.14
C MET G 252 3.85 29.98 -30.06
N ASN G 253 3.29 30.69 -31.03
CA ASN G 253 4.10 31.46 -31.95
C ASN G 253 3.78 32.94 -31.85
N ILE G 254 4.76 33.75 -31.45
CA ILE G 254 4.60 35.21 -31.48
C ILE G 254 5.38 35.75 -32.63
N THR G 255 4.70 36.49 -33.50
CA THR G 255 5.38 37.11 -34.61
C THR G 255 4.95 38.57 -34.77
N GLY G 256 5.93 39.40 -35.12
CA GLY G 256 5.73 40.81 -35.37
C GLY G 256 6.88 41.28 -36.24
N GLY G 257 6.97 42.60 -36.44
CA GLY G 257 8.05 43.19 -37.21
C GLY G 257 9.34 43.20 -36.40
N THR G 258 10.34 43.97 -36.84
CA THR G 258 11.57 44.05 -36.07
C THR G 258 11.34 44.77 -34.73
N ASN G 259 10.20 45.44 -34.58
CA ASN G 259 9.90 46.15 -33.34
C ASN G 259 9.42 45.21 -32.24
N LEU G 260 9.55 43.92 -32.50
CA LEU G 260 9.19 42.89 -31.54
C LEU G 260 10.25 42.84 -30.44
N SER G 261 9.79 43.21 -29.25
CA SER G 261 10.64 43.32 -28.08
C SER G 261 10.41 42.11 -27.23
N LEU G 262 11.45 41.68 -26.53
CA LEU G 262 11.33 40.54 -25.63
C LEU G 262 10.39 40.88 -24.50
N TYR G 263 10.12 42.17 -24.29
CA TYR G 263 9.13 42.58 -23.31
C TYR G 263 7.74 42.15 -23.79
N GLU G 264 7.46 42.43 -25.06
CA GLU G 264 6.17 42.10 -25.66
C GLU G 264 5.99 40.60 -25.69
N VAL G 265 7.06 39.91 -26.10
CA VAL G 265 7.07 38.47 -26.25
C VAL G 265 6.70 37.74 -24.96
N GLN G 266 7.41 38.09 -23.89
CA GLN G 266 7.19 37.49 -22.59
C GLN G 266 5.84 37.91 -22.01
N GLU G 267 5.42 39.15 -22.30
CA GLU G 267 4.13 39.65 -21.83
C GLU G 267 3.04 38.73 -22.34
N ALA G 268 3.15 38.41 -23.62
CA ALA G 268 2.23 37.48 -24.25
C ALA G 268 2.31 36.08 -23.64
N ALA G 269 3.54 35.57 -23.58
CA ALA G 269 3.80 34.22 -23.10
C ALA G 269 3.31 34.01 -21.67
N ASP G 270 3.40 35.04 -20.85
CA ASP G 270 2.88 34.94 -19.48
C ASP G 270 1.38 34.64 -19.50
N ILE G 271 0.67 35.25 -20.44
CA ILE G 271 -0.79 35.07 -20.56
C ILE G 271 -1.11 33.65 -20.96
N VAL G 272 -0.37 33.20 -21.96
CA VAL G 272 -0.55 31.87 -22.50
C VAL G 272 -0.22 30.80 -21.46
N ALA G 273 0.87 31.02 -20.71
CA ALA G 273 1.32 30.09 -19.67
C ALA G 273 0.40 30.01 -18.46
N SER G 274 -0.15 31.15 -18.05
CA SER G 274 -1.12 31.17 -16.95
C SER G 274 -2.37 30.43 -17.37
N ALA G 275 -2.76 30.63 -18.62
CA ALA G 275 -3.97 30.05 -19.19
C ALA G 275 -3.79 28.56 -19.43
N SER G 276 -2.55 28.14 -19.65
CA SER G 276 -2.23 26.74 -19.82
C SER G 276 -1.83 26.21 -18.46
N ASP G 277 -1.72 24.89 -18.33
CA ASP G 277 -1.28 24.29 -17.08
C ASP G 277 0.14 24.76 -16.78
N GLN G 278 0.46 24.85 -15.49
CA GLN G 278 1.79 25.22 -15.07
C GLN G 278 2.84 24.19 -15.51
N ASP G 279 2.48 22.91 -15.44
CA ASP G 279 3.42 21.82 -15.70
C ASP G 279 3.30 21.39 -17.18
N VAL G 280 2.65 22.23 -17.97
CA VAL G 280 2.44 21.99 -19.41
C VAL G 280 3.75 21.85 -20.21
N ASN G 281 3.73 20.99 -21.21
CA ASN G 281 4.84 20.87 -22.14
C ASN G 281 4.68 21.87 -23.28
N MET G 282 5.72 22.60 -23.62
CA MET G 282 5.55 23.70 -24.56
C MET G 282 6.67 24.00 -25.55
N ILE G 283 6.26 24.31 -26.78
CA ILE G 283 7.17 24.79 -27.78
C ILE G 283 6.76 26.23 -27.93
N PHE G 284 7.73 27.12 -27.95
CA PHE G 284 7.42 28.52 -28.01
C PHE G 284 8.42 29.12 -28.94
N GLY G 285 7.97 30.06 -29.76
CA GLY G 285 8.89 30.74 -30.64
C GLY G 285 8.51 32.18 -30.83
N SER G 286 9.47 33.00 -31.24
CA SER G 286 9.17 34.33 -31.66
C SER G 286 9.82 34.42 -33.03
N VAL G 287 9.14 35.03 -33.99
CA VAL G 287 9.70 35.15 -35.33
C VAL G 287 9.55 36.56 -35.89
N ILE G 288 10.57 37.00 -36.61
CA ILE G 288 10.60 38.34 -37.17
C ILE G 288 10.06 38.39 -38.59
N ASN G 289 9.01 39.16 -38.80
CA ASN G 289 8.45 39.35 -40.12
C ASN G 289 8.55 40.84 -40.48
N GLU G 290 9.43 41.19 -41.41
CA GLU G 290 9.70 42.61 -41.69
C GLU G 290 8.48 43.40 -42.16
N ASN G 291 7.52 42.68 -42.72
CA ASN G 291 6.32 43.30 -43.28
C ASN G 291 5.25 43.69 -42.26
N LEU G 292 5.36 43.24 -41.02
CA LEU G 292 4.42 43.68 -39.99
C LEU G 292 4.79 45.00 -39.31
N VAL G 297 0.57 39.39 -33.93
CA VAL G 297 0.09 38.09 -34.39
C VAL G 297 0.63 36.96 -33.52
N VAL G 298 -0.21 36.50 -32.59
CA VAL G 298 0.16 35.41 -31.71
C VAL G 298 -0.59 34.15 -32.11
N THR G 299 0.14 33.08 -32.45
CA THR G 299 -0.48 31.79 -32.80
C THR G 299 -0.29 30.79 -31.67
N VAL G 300 -1.38 30.28 -31.14
CA VAL G 300 -1.31 29.31 -30.05
C VAL G 300 -1.98 28.04 -30.49
N ILE G 301 -1.35 26.90 -30.26
CA ILE G 301 -1.91 25.62 -30.65
C ILE G 301 -1.93 24.63 -29.50
N ALA G 302 -3.12 24.20 -29.08
CA ALA G 302 -3.16 23.42 -27.87
C ALA G 302 -3.47 21.98 -28.19
N THR G 303 -2.74 21.06 -27.54
CA THR G 303 -2.87 19.64 -27.83
C THR G 303 -3.22 18.75 -26.61
N GLY G 304 -4.52 18.50 -26.42
CA GLY G 304 -5.02 17.70 -25.31
C GLY G 304 -6.47 18.09 -25.09
N SER H 3 62.73 -10.92 35.85
CA SER H 3 62.54 -11.34 34.46
C SER H 3 61.80 -12.66 34.22
N ILE H 4 60.50 -12.61 33.99
CA ILE H 4 59.74 -13.83 33.80
C ILE H 4 59.01 -13.85 32.47
N LYS H 5 59.23 -14.90 31.66
CA LYS H 5 58.69 -14.95 30.30
C LYS H 5 57.54 -15.91 30.08
N VAL H 6 56.52 -15.44 29.38
CA VAL H 6 55.40 -16.27 29.01
C VAL H 6 55.52 -16.57 27.51
N ILE H 7 55.66 -17.85 27.15
CA ILE H 7 55.80 -18.24 25.75
C ILE H 7 54.56 -18.94 25.19
N GLY H 8 53.95 -18.34 24.19
CA GLY H 8 52.85 -19.00 23.52
C GLY H 8 53.41 -19.80 22.38
N VAL H 9 53.21 -21.10 22.43
CA VAL H 9 53.75 -21.96 21.41
C VAL H 9 52.65 -22.47 20.53
N GLY H 10 52.76 -22.16 19.25
CA GLY H 10 51.76 -22.56 18.29
C GLY H 10 50.48 -21.80 18.57
N GLY H 11 49.42 -22.24 17.90
CA GLY H 11 48.13 -21.58 17.93
C GLY H 11 47.47 -21.64 19.29
N GLY H 12 47.58 -22.75 19.98
CA GLY H 12 46.92 -22.82 21.26
C GLY H 12 47.49 -21.76 22.19
N GLY H 13 48.82 -21.71 22.25
CA GLY H 13 49.48 -20.77 23.10
C GLY H 13 49.30 -19.36 22.61
N ASN H 14 49.30 -19.22 21.30
CA ASN H 14 49.25 -17.92 20.66
C ASN H 14 48.09 -17.12 21.16
N ASN H 15 46.93 -17.75 21.17
CA ASN H 15 45.71 -17.07 21.58
C ASN H 15 45.75 -16.76 23.04
N ALA H 16 46.24 -17.70 23.84
CA ALA H 16 46.30 -17.51 25.29
C ALA H 16 47.15 -16.30 25.61
N VAL H 17 48.33 -16.26 25.00
CA VAL H 17 49.19 -15.13 25.24
C VAL H 17 48.49 -13.87 24.83
N ASN H 18 47.87 -13.85 23.65
CA ASN H 18 47.10 -12.69 23.23
C ASN H 18 46.09 -12.33 24.27
N ARG H 19 45.41 -13.35 24.80
CA ARG H 19 44.39 -13.14 25.81
C ARG H 19 45.01 -12.57 27.06
N MET H 20 46.22 -13.01 27.37
CA MET H 20 46.90 -12.45 28.52
C MET H 20 47.20 -10.99 28.26
N ILE H 21 47.66 -10.71 27.06
CA ILE H 21 47.93 -9.35 26.62
C ILE H 21 46.66 -8.50 26.58
N GLU H 22 45.56 -9.08 26.08
CA GLU H 22 44.29 -8.38 26.05
C GLU H 22 43.82 -8.00 27.45
N ASN H 23 44.23 -8.79 28.44
CA ASN H 23 43.95 -8.47 29.84
C ASN H 23 45.04 -7.67 30.52
N GLU H 24 46.01 -7.20 29.74
CA GLU H 24 47.11 -6.39 30.26
C GLU H 24 47.71 -7.05 31.50
N VAL H 25 47.94 -8.38 31.45
CA VAL H 25 48.61 -9.09 32.56
C VAL H 25 50.05 -8.58 32.67
N GLN H 26 50.39 -8.03 33.84
CA GLN H 26 51.63 -7.28 33.99
C GLN H 26 52.79 -8.18 34.42
N GLY H 27 54.00 -7.63 34.30
CA GLY H 27 55.20 -8.25 34.83
C GLY H 27 55.84 -9.36 34.03
N VAL H 28 55.29 -9.67 32.85
CA VAL H 28 55.89 -10.73 32.04
C VAL H 28 56.22 -10.29 30.61
N GLU H 29 57.30 -10.84 30.06
CA GLU H 29 57.62 -10.62 28.68
C GLU H 29 56.97 -11.73 27.89
N TYR H 30 56.16 -11.38 26.91
CA TYR H 30 55.51 -12.42 26.15
C TYR H 30 56.33 -12.74 24.92
N ILE H 31 56.44 -14.03 24.63
CA ILE H 31 57.09 -14.43 23.41
C ILE H 31 56.13 -15.39 22.72
N ALA H 32 55.62 -15.03 21.55
CA ALA H 32 54.78 -15.94 20.81
C ALA H 32 55.64 -16.67 19.80
N VAL H 33 55.57 -18.00 19.85
CA VAL H 33 56.33 -18.87 18.97
C VAL H 33 55.39 -19.76 18.21
N ASN H 34 55.50 -19.76 16.89
CA ASN H 34 54.61 -20.55 16.08
C ASN H 34 55.34 -20.98 14.84
N THR H 35 54.92 -22.06 14.22
CA THR H 35 55.49 -22.40 12.93
C THR H 35 54.61 -21.77 11.84
N ASP H 36 53.35 -21.54 12.19
CA ASP H 36 52.35 -21.02 11.27
C ASP H 36 52.51 -19.53 11.31
N ALA H 37 53.17 -19.01 10.29
CA ALA H 37 53.54 -17.60 10.24
C ALA H 37 52.31 -16.71 10.15
N GLN H 38 51.28 -17.20 9.49
CA GLN H 38 50.06 -16.45 9.34
C GLN H 38 49.49 -16.20 10.73
N ALA H 39 49.40 -17.26 11.52
CA ALA H 39 48.81 -17.19 12.85
C ALA H 39 49.64 -16.35 13.81
N LEU H 40 50.96 -16.48 13.71
CA LEU H 40 51.89 -15.70 14.52
C LEU H 40 51.77 -14.19 14.30
N ASN H 41 51.52 -13.77 13.07
CA ASN H 41 51.48 -12.33 12.80
C ASN H 41 50.28 -11.70 13.47
N LEU H 42 49.39 -12.53 13.97
CA LEU H 42 48.23 -12.04 14.70
C LEU H 42 48.51 -11.90 16.17
N SER H 43 49.63 -12.45 16.58
CA SER H 43 49.97 -12.43 17.99
C SER H 43 50.21 -11.00 18.40
N LYS H 44 49.69 -10.63 19.56
CA LYS H 44 49.95 -9.32 20.09
C LYS H 44 51.28 -9.27 20.83
N ALA H 45 52.01 -10.38 20.87
CA ALA H 45 53.25 -10.46 21.62
C ALA H 45 54.29 -9.57 20.99
N GLU H 46 55.11 -8.97 21.84
CA GLU H 46 56.06 -7.97 21.41
C GLU H 46 57.09 -8.64 20.53
N VAL H 47 57.55 -9.77 21.01
CA VAL H 47 58.45 -10.61 20.25
C VAL H 47 57.76 -11.83 19.63
N LYS H 48 57.79 -11.92 18.30
CA LYS H 48 57.16 -13.03 17.61
C LYS H 48 58.25 -13.88 16.98
N MET H 49 58.41 -15.11 17.44
CA MET H 49 59.48 -15.96 16.93
C MET H 49 58.93 -17.07 16.09
N GLN H 50 59.14 -16.99 14.78
CA GLN H 50 58.77 -18.09 13.90
C GLN H 50 59.85 -19.14 13.96
N ILE H 51 59.43 -20.36 14.26
CA ILE H 51 60.35 -21.48 14.30
C ILE H 51 60.13 -22.42 13.13
N GLY H 52 61.18 -23.15 12.80
CA GLY H 52 61.11 -24.12 11.73
C GLY H 52 60.76 -23.40 10.46
N ALA H 53 61.24 -22.17 10.36
CA ALA H 53 61.06 -21.37 9.17
C ALA H 53 61.60 -22.12 7.95
N LYS H 54 62.72 -22.79 8.14
CA LYS H 54 63.33 -23.62 7.10
C LYS H 54 62.52 -24.89 6.87
N LEU H 55 62.05 -25.46 7.98
CA LEU H 55 61.33 -26.73 7.95
C LEU H 55 59.93 -26.57 7.38
N THR H 56 59.20 -25.58 7.90
CA THR H 56 57.78 -25.45 7.62
C THR H 56 57.50 -24.39 6.59
N ARG H 57 58.50 -23.57 6.32
CA ARG H 57 58.37 -22.51 5.33
C ARG H 57 57.13 -21.66 5.64
N GLY H 58 56.91 -21.44 6.94
CA GLY H 58 55.91 -20.52 7.45
C GLY H 58 54.48 -21.04 7.41
N LEU H 59 54.35 -22.30 7.05
CA LEU H 59 53.03 -22.85 6.80
C LEU H 59 52.48 -23.61 8.01
N GLY H 60 53.20 -23.60 9.11
CA GLY H 60 52.72 -24.30 10.28
C GLY H 60 53.24 -25.72 10.31
N ALA H 61 52.83 -26.48 11.32
CA ALA H 61 53.35 -27.82 11.52
C ALA H 61 52.41 -28.89 11.04
N GLY H 62 51.28 -28.48 10.46
CA GLY H 62 50.30 -29.42 9.97
C GLY H 62 49.81 -30.43 11.00
N ALA H 63 49.66 -29.97 12.23
CA ALA H 63 49.18 -30.81 13.32
C ALA H 63 50.08 -32.03 13.54
N ASN H 64 51.34 -31.89 13.15
CA ASN H 64 52.29 -32.97 13.30
C ASN H 64 53.29 -32.55 14.33
N PRO H 65 53.21 -33.14 15.53
CA PRO H 65 54.14 -32.81 16.60
C PRO H 65 55.56 -33.03 16.16
N GLU H 66 55.83 -33.99 15.27
CA GLU H 66 57.20 -34.13 14.78
C GLU H 66 57.69 -32.87 14.08
N VAL H 67 56.83 -32.26 13.27
CA VAL H 67 57.22 -31.03 12.62
C VAL H 67 57.41 -29.95 13.65
N GLY H 68 56.51 -29.88 14.62
CA GLY H 68 56.65 -28.93 15.70
C GLY H 68 57.95 -29.13 16.48
N LYS H 69 58.25 -30.36 16.84
CA LYS H 69 59.46 -30.62 17.60
C LYS H 69 60.63 -30.24 16.72
N LYS H 70 60.67 -30.76 15.50
CA LYS H 70 61.81 -30.54 14.65
C LYS H 70 61.96 -29.08 14.30
N ALA H 71 60.84 -28.37 14.25
CA ALA H 71 60.83 -26.91 14.06
C ALA H 71 61.52 -26.17 15.21
N ALA H 72 61.21 -26.56 16.43
CA ALA H 72 61.80 -25.90 17.57
C ALA H 72 63.28 -26.23 17.60
N GLU H 73 63.62 -27.48 17.31
CA GLU H 73 65.02 -27.89 17.24
C GLU H 73 65.80 -27.08 16.19
N GLU H 74 65.20 -26.88 15.03
CA GLU H 74 65.80 -26.03 14.00
C GLU H 74 66.11 -24.64 14.55
N SER H 75 65.16 -24.10 15.29
CA SER H 75 65.29 -22.73 15.82
C SER H 75 65.68 -22.74 17.30
N LYS H 76 66.41 -23.76 17.72
CA LYS H 76 66.78 -23.89 19.14
C LYS H 76 67.65 -22.71 19.61
N GLU H 77 68.58 -22.26 18.77
CA GLU H 77 69.40 -21.12 19.12
C GLU H 77 68.53 -19.87 19.14
N GLN H 78 67.56 -19.78 18.21
CA GLN H 78 66.66 -18.62 18.17
C GLN H 78 65.97 -18.53 19.52
N ILE H 79 65.64 -19.70 20.07
CA ILE H 79 64.98 -19.78 21.36
C ILE H 79 65.88 -19.43 22.53
N GLU H 80 67.01 -20.14 22.65
CA GLU H 80 67.95 -19.92 23.76
C GLU H 80 68.37 -18.46 23.84
N GLU H 81 68.60 -17.85 22.68
CA GLU H 81 68.98 -16.45 22.63
C GLU H 81 67.88 -15.58 23.19
N ALA H 82 66.63 -15.92 22.87
CA ALA H 82 65.51 -15.15 23.38
C ALA H 82 65.25 -15.44 24.84
N LEU H 83 65.61 -16.64 25.29
CA LEU H 83 65.30 -17.05 26.64
C LEU H 83 66.41 -16.71 27.64
N LYS H 84 67.60 -16.44 27.13
CA LYS H 84 68.71 -16.00 27.98
C LYS H 84 68.23 -14.83 28.84
N GLY H 85 68.57 -14.89 30.13
CA GLY H 85 68.21 -13.83 31.05
C GLY H 85 66.94 -14.13 31.82
N ALA H 86 66.24 -15.16 31.38
CA ALA H 86 64.98 -15.55 32.00
C ALA H 86 65.12 -16.25 33.34
N ASP H 87 64.50 -15.66 34.35
CA ASP H 87 64.45 -16.26 35.65
C ASP H 87 63.35 -17.30 35.58
N MET H 88 62.26 -16.95 34.93
CA MET H 88 61.17 -17.89 34.84
C MET H 88 60.53 -17.82 33.46
N VAL H 89 60.20 -18.99 32.92
CA VAL H 89 59.60 -19.08 31.61
C VAL H 89 58.32 -19.88 31.72
N PHE H 90 57.20 -19.23 31.47
CA PHE H 90 55.98 -19.96 31.33
C PHE H 90 55.92 -20.41 29.89
N VAL H 91 55.75 -21.71 29.67
CA VAL H 91 55.55 -22.25 28.33
C VAL H 91 54.11 -22.67 28.28
N THR H 92 53.30 -21.85 27.61
CA THR H 92 51.88 -22.12 27.48
C THR H 92 51.58 -22.52 26.03
N ALA H 93 50.74 -23.55 25.85
CA ALA H 93 50.52 -24.11 24.53
C ALA H 93 49.23 -24.90 24.48
N GLY H 94 48.76 -25.17 23.27
CA GLY H 94 47.63 -26.07 23.12
C GLY H 94 48.17 -27.43 22.78
N MET H 95 47.84 -28.44 23.56
CA MET H 95 48.35 -29.75 23.26
C MET H 95 47.43 -30.42 22.25
N GLY H 96 48.02 -31.20 21.37
CA GLY H 96 47.23 -31.87 20.35
C GLY H 96 47.66 -31.38 19.00
N GLY H 97 48.25 -30.19 18.96
CA GLY H 97 48.62 -29.63 17.68
C GLY H 97 49.93 -30.21 17.19
N GLY H 98 50.60 -29.46 16.32
CA GLY H 98 51.86 -29.87 15.77
C GLY H 98 52.86 -28.98 16.45
N THR H 99 52.61 -27.68 16.42
CA THR H 99 53.54 -26.71 16.97
C THR H 99 53.50 -26.71 18.49
N GLY H 100 52.31 -26.67 19.07
CA GLY H 100 52.21 -26.73 20.52
C GLY H 100 52.82 -28.00 21.06
N THR H 101 52.24 -29.11 20.68
CA THR H 101 52.64 -30.43 21.16
C THR H 101 54.11 -30.75 20.99
N GLY H 102 54.65 -30.34 19.86
CA GLY H 102 56.01 -30.67 19.49
C GLY H 102 57.06 -29.67 19.89
N ALA H 103 56.76 -28.39 19.73
CA ALA H 103 57.76 -27.37 20.00
C ALA H 103 57.80 -27.02 21.48
N ALA H 104 56.66 -27.08 22.17
CA ALA H 104 56.64 -26.65 23.58
C ALA H 104 57.64 -27.40 24.46
N PRO H 105 57.70 -28.76 24.37
CA PRO H 105 58.76 -29.41 25.15
C PRO H 105 60.16 -28.99 24.75
N VAL H 106 60.49 -28.86 23.47
CA VAL H 106 61.84 -28.44 23.11
C VAL H 106 62.11 -27.11 23.75
N ILE H 107 61.13 -26.21 23.65
CA ILE H 107 61.23 -24.87 24.22
C ILE H 107 61.30 -24.91 25.72
N ALA H 108 60.35 -25.61 26.34
CA ALA H 108 60.35 -25.72 27.79
C ALA H 108 61.67 -26.31 28.27
N GLN H 109 62.14 -27.34 27.58
CA GLN H 109 63.41 -27.97 27.93
C GLN H 109 64.55 -27.00 27.73
N ILE H 110 64.46 -26.15 26.72
CA ILE H 110 65.49 -25.14 26.55
C ILE H 110 65.49 -24.19 27.73
N ALA H 111 64.31 -23.72 28.12
CA ALA H 111 64.23 -22.84 29.29
C ALA H 111 64.74 -23.52 30.57
N LYS H 112 64.41 -24.79 30.77
CA LYS H 112 64.80 -25.52 31.98
C LYS H 112 66.33 -25.75 32.05
N ASP H 113 66.92 -26.06 30.90
CA ASP H 113 68.37 -26.23 30.78
C ASP H 113 69.07 -24.92 31.06
N LEU H 114 68.38 -23.81 30.80
CA LEU H 114 68.84 -22.49 31.18
C LEU H 114 68.75 -22.24 32.69
N GLY H 115 68.11 -23.16 33.42
CA GLY H 115 68.04 -23.03 34.87
C GLY H 115 66.85 -22.17 35.28
N ALA H 116 66.12 -21.68 34.28
CA ALA H 116 64.93 -20.90 34.55
C ALA H 116 63.85 -21.83 35.10
N LEU H 117 63.08 -21.35 36.06
CA LEU H 117 61.94 -22.10 36.56
C LEU H 117 60.89 -22.16 35.48
N THR H 118 60.64 -23.37 34.95
CA THR H 118 59.76 -23.54 33.80
C THR H 118 58.41 -24.10 34.19
N VAL H 119 57.38 -23.31 33.94
CA VAL H 119 56.04 -23.74 34.25
C VAL H 119 55.36 -23.90 32.89
N GLY H 120 54.91 -25.11 32.61
CA GLY H 120 54.08 -25.32 31.44
C GLY H 120 52.66 -25.16 31.89
N VAL H 121 51.89 -24.36 31.15
CA VAL H 121 50.47 -24.32 31.38
C VAL H 121 49.87 -24.60 30.02
N VAL H 122 49.33 -25.80 29.85
CA VAL H 122 48.80 -26.24 28.56
C VAL H 122 47.39 -26.77 28.71
N THR H 123 46.65 -26.71 27.61
CA THR H 123 45.32 -27.27 27.62
C THR H 123 45.35 -28.61 26.94
N ARG H 124 44.56 -29.53 27.47
CA ARG H 124 44.32 -30.80 26.84
C ARG H 124 43.10 -30.54 26.01
N PRO H 125 43.18 -30.89 24.71
CA PRO H 125 42.18 -30.60 23.69
C PRO H 125 40.81 -31.08 24.07
N PHE H 126 39.81 -30.49 23.44
CA PHE H 126 38.48 -30.97 23.64
C PHE H 126 38.43 -32.41 23.16
N THR H 127 37.53 -33.20 23.73
CA THR H 127 37.35 -34.54 23.26
C THR H 127 36.94 -34.49 21.80
N PHE H 128 36.04 -33.58 21.49
CA PHE H 128 35.52 -33.50 20.15
C PHE H 128 36.57 -33.20 19.08
N GLU H 129 37.72 -32.67 19.49
CA GLU H 129 38.82 -32.40 18.57
C GLU H 129 39.30 -33.72 17.94
N GLY H 130 38.84 -34.84 18.47
CA GLY H 130 39.08 -36.14 17.86
C GLY H 130 40.22 -36.98 18.42
N ARG H 131 40.38 -38.18 17.87
CA ARG H 131 41.35 -39.14 18.38
C ARG H 131 42.79 -38.73 18.13
N LYS H 132 43.09 -38.23 16.94
CA LYS H 132 44.46 -37.80 16.69
C LYS H 132 44.84 -36.70 17.66
N ARG H 133 43.93 -35.73 17.86
CA ARG H 133 44.22 -34.63 18.77
C ARG H 133 44.41 -35.11 20.20
N GLN H 134 43.53 -36.00 20.66
CA GLN H 134 43.67 -36.51 22.03
C GLN H 134 44.96 -37.29 22.27
N LEU H 135 45.27 -38.18 21.34
CA LEU H 135 46.48 -39.00 21.42
C LEU H 135 47.70 -38.11 21.43
N GLN H 136 47.78 -37.23 20.44
CA GLN H 136 48.98 -36.42 20.25
C GLN H 136 49.19 -35.54 21.45
N ALA H 137 48.10 -35.04 22.02
CA ALA H 137 48.14 -34.20 23.20
C ALA H 137 48.70 -34.98 24.39
N ALA H 138 48.28 -36.23 24.52
CA ALA H 138 48.77 -37.07 25.59
C ALA H 138 50.27 -37.15 25.40
N GLY H 139 50.67 -37.44 24.17
CA GLY H 139 52.08 -37.54 23.86
C GLY H 139 52.88 -36.29 24.16
N GLY H 140 52.30 -35.13 23.86
CA GLY H 140 52.98 -33.88 24.11
C GLY H 140 53.04 -33.61 25.60
N ILE H 141 51.93 -33.90 26.28
CA ILE H 141 51.89 -33.67 27.72
C ILE H 141 52.91 -34.53 28.47
N SER H 142 52.99 -35.81 28.13
CA SER H 142 54.02 -36.65 28.70
C SER H 142 55.39 -36.06 28.37
N ALA H 143 55.56 -35.58 27.14
CA ALA H 143 56.81 -34.94 26.75
C ALA H 143 57.00 -33.60 27.44
N MET H 144 55.91 -32.91 27.76
CA MET H 144 56.00 -31.64 28.50
C MET H 144 56.45 -31.87 29.92
N LYS H 145 55.92 -32.91 30.55
CA LYS H 145 56.26 -33.21 31.92
C LYS H 145 57.77 -33.31 32.06
N GLU H 146 58.43 -33.96 31.12
CA GLU H 146 59.88 -34.12 31.20
C GLU H 146 60.60 -32.80 31.04
N ALA H 147 59.95 -31.84 30.39
CA ALA H 147 60.62 -30.62 29.96
C ALA H 147 60.36 -29.38 30.81
N VAL H 148 59.45 -29.50 31.79
CA VAL H 148 59.16 -28.37 32.66
C VAL H 148 59.46 -28.75 34.11
N ASP H 149 59.51 -27.77 34.99
CA ASP H 149 59.58 -28.08 36.41
C ASP H 149 58.17 -28.40 36.83
N THR H 150 57.24 -27.53 36.48
CA THR H 150 55.86 -27.81 36.83
C THR H 150 54.92 -27.63 35.62
N LEU H 151 54.06 -28.63 35.41
CA LEU H 151 53.18 -28.64 34.23
C LEU H 151 51.74 -28.60 34.60
N ILE H 152 51.07 -27.49 34.33
CA ILE H 152 49.65 -27.43 34.57
C ILE H 152 48.94 -27.83 33.29
N VAL H 153 48.15 -28.89 33.36
CA VAL H 153 47.40 -29.36 32.21
C VAL H 153 45.95 -29.04 32.39
N ILE H 154 45.42 -28.23 31.47
CA ILE H 154 44.04 -27.84 31.61
C ILE H 154 43.17 -28.56 30.59
N PRO H 155 42.28 -29.44 31.07
CA PRO H 155 41.40 -30.17 30.17
C PRO H 155 40.29 -29.31 29.61
N ASN H 156 40.38 -28.95 28.33
CA ASN H 156 39.36 -28.12 27.75
C ASN H 156 38.01 -28.77 27.86
N ASP H 157 37.97 -30.09 27.81
CA ASP H 157 36.71 -30.80 27.90
C ASP H 157 35.87 -30.29 29.04
N ARG H 158 36.56 -29.86 30.10
CA ARG H 158 35.91 -29.36 31.29
C ARG H 158 35.34 -27.96 31.09
N ILE H 159 35.75 -27.28 30.03
CA ILE H 159 35.14 -25.98 29.67
C ILE H 159 33.69 -26.19 29.39
N LEU H 160 33.34 -27.30 28.77
CA LEU H 160 31.97 -27.55 28.37
C LEU H 160 31.04 -27.88 29.54
N GLU H 161 31.59 -28.42 30.62
CA GLU H 161 30.79 -28.65 31.82
C GLU H 161 30.44 -27.30 32.43
N ILE H 162 31.35 -26.35 32.20
CA ILE H 162 31.30 -25.02 32.79
C ILE H 162 30.38 -24.09 32.00
N VAL H 163 30.56 -24.03 30.67
CA VAL H 163 29.76 -23.18 29.78
C VAL H 163 28.33 -23.66 29.57
N ASP H 164 27.51 -22.74 29.04
CA ASP H 164 26.14 -23.04 28.70
C ASP H 164 26.20 -24.19 27.72
N LYS H 165 25.26 -25.12 27.82
CA LYS H 165 25.27 -26.35 27.02
C LYS H 165 25.15 -26.11 25.52
N ASN H 166 24.67 -24.92 25.16
CA ASN H 166 24.46 -24.55 23.77
C ASN H 166 25.48 -23.58 23.17
N THR H 167 26.49 -23.21 23.94
CA THR H 167 27.51 -22.28 23.43
C THR H 167 28.22 -22.87 22.22
N PRO H 168 28.34 -22.05 21.16
CA PRO H 168 28.98 -22.52 19.93
C PRO H 168 30.43 -22.90 20.18
N MET H 169 30.89 -23.89 19.43
CA MET H 169 32.23 -24.41 19.52
C MET H 169 33.26 -23.33 19.48
N LEU H 170 33.04 -22.37 18.61
CA LEU H 170 34.00 -21.29 18.46
C LEU H 170 34.28 -20.63 19.81
N GLU H 171 33.23 -20.47 20.62
CA GLU H 171 33.35 -19.86 21.94
C GLU H 171 34.00 -20.82 22.91
N ALA H 172 33.74 -22.11 22.73
CA ALA H 172 34.32 -23.12 23.60
C ALA H 172 35.80 -23.05 23.45
N PHE H 173 36.29 -22.95 22.22
CA PHE H 173 37.71 -22.71 22.01
C PHE H 173 38.09 -21.40 22.65
N ARG H 174 37.23 -20.42 22.53
CA ARG H 174 37.54 -19.10 23.03
C ARG H 174 37.70 -19.16 24.53
N GLU H 175 36.80 -19.84 25.22
CA GLU H 175 36.89 -19.92 26.67
C GLU H 175 38.14 -20.70 27.06
N ALA H 176 38.50 -21.68 26.26
CA ALA H 176 39.72 -22.44 26.53
C ALA H 176 40.96 -21.54 26.52
N ASP H 177 41.10 -20.65 25.55
CA ASP H 177 42.25 -19.73 25.56
C ASP H 177 42.18 -18.92 26.85
N ASN H 178 40.98 -18.54 27.23
CA ASN H 178 40.82 -17.75 28.42
C ASN H 178 41.28 -18.55 29.59
N VAL H 179 40.87 -19.80 29.64
CA VAL H 179 41.27 -20.64 30.74
C VAL H 179 42.78 -20.90 30.76
N LEU H 180 43.37 -21.11 29.60
CA LEU H 180 44.80 -21.14 29.53
C LEU H 180 45.41 -19.90 30.14
N ARG H 181 44.80 -18.76 29.81
CA ARG H 181 45.26 -17.48 30.30
C ARG H 181 45.12 -17.42 31.81
N GLN H 182 43.98 -17.84 32.33
CA GLN H 182 43.73 -17.83 33.76
C GLN H 182 44.81 -18.67 34.45
N GLY H 183 45.25 -19.71 33.75
CA GLY H 183 46.29 -20.61 34.20
C GLY H 183 47.65 -19.95 34.30
N VAL H 184 48.05 -19.22 33.26
CA VAL H 184 49.34 -18.57 33.30
C VAL H 184 49.30 -17.41 34.29
N GLN H 185 48.22 -16.65 34.22
CA GLN H 185 48.03 -15.50 35.07
C GLN H 185 47.89 -15.89 36.54
N GLY H 186 47.26 -17.04 36.81
CA GLY H 186 47.11 -17.55 38.16
C GLY H 186 48.45 -17.54 38.89
N ILE H 187 49.49 -17.88 38.16
CA ILE H 187 50.85 -17.86 38.68
C ILE H 187 51.58 -16.54 38.38
N SER H 188 51.55 -16.09 37.13
CA SER H 188 52.31 -14.89 36.79
C SER H 188 51.86 -13.68 37.61
N ASP H 189 50.58 -13.64 38.00
CA ASP H 189 50.06 -12.55 38.83
C ASP H 189 50.74 -12.45 40.19
N LEU H 190 51.41 -13.52 40.60
CA LEU H 190 52.10 -13.52 41.88
C LEU H 190 53.53 -12.98 41.74
N ILE H 191 53.96 -12.68 40.51
CA ILE H 191 55.34 -12.22 40.31
C ILE H 191 55.46 -11.00 39.39
N ALA H 202 62.93 -15.03 44.79
CA ALA H 202 62.25 -15.81 43.76
C ALA H 202 62.70 -17.27 43.82
N ASP H 203 63.53 -17.58 44.81
CA ASP H 203 63.96 -18.94 45.08
C ASP H 203 62.91 -19.77 45.83
N VAL H 204 62.38 -19.18 46.91
CA VAL H 204 61.27 -19.75 47.68
C VAL H 204 60.22 -20.50 46.82
N LYS H 205 59.83 -19.89 45.71
CA LYS H 205 58.83 -20.45 44.79
C LYS H 205 59.30 -21.80 44.23
N THR H 206 60.58 -21.84 43.86
CA THR H 206 61.20 -23.00 43.22
C THR H 206 61.01 -24.28 44.03
N ILE H 207 60.67 -24.15 45.30
CA ILE H 207 60.41 -25.32 46.12
C ILE H 207 58.98 -25.85 45.94
N MET H 208 57.99 -24.95 45.83
CA MET H 208 56.61 -25.38 45.67
C MET H 208 56.22 -25.68 44.22
N SER H 209 56.86 -25.01 43.26
CA SER H 209 56.58 -25.27 41.84
C SER H 209 57.66 -26.13 41.15
N ASN H 210 57.86 -27.36 41.64
CA ASN H 210 58.84 -28.29 41.08
C ASN H 210 58.31 -29.72 40.88
N LYS H 211 59.21 -30.60 40.44
CA LYS H 211 58.93 -32.04 40.31
C LYS H 211 57.76 -32.40 39.38
N GLY H 212 56.82 -33.17 39.92
CA GLY H 212 55.73 -33.77 39.17
C GLY H 212 54.81 -32.88 38.36
N SER H 213 53.70 -33.44 37.91
CA SER H 213 52.70 -32.66 37.18
C SER H 213 51.84 -31.96 38.21
N ALA H 214 51.01 -31.02 37.77
CA ALA H 214 50.22 -30.25 38.70
C ALA H 214 48.77 -30.25 38.28
N LEU H 215 47.91 -30.02 39.25
CA LEU H 215 46.49 -30.02 39.00
C LEU H 215 45.98 -28.71 39.53
N MET H 216 45.42 -27.86 38.66
CA MET H 216 44.88 -26.61 39.17
C MET H 216 43.38 -26.74 39.27
N GLY H 217 42.79 -25.80 40.00
CA GLY H 217 41.35 -25.72 40.11
C GLY H 217 41.00 -24.26 40.07
N ILE H 218 39.82 -23.94 39.57
CA ILE H 218 39.39 -22.56 39.52
C ILE H 218 37.95 -22.45 39.99
N GLY H 219 37.64 -21.33 40.64
CA GLY H 219 36.29 -20.95 41.02
C GLY H 219 36.12 -19.48 40.70
N ILE H 220 34.93 -19.07 40.31
CA ILE H 220 34.71 -17.64 40.09
C ILE H 220 33.43 -17.19 40.79
N ARG H 226 30.69 -14.90 48.94
CA ARG H 226 31.31 -15.16 47.64
C ARG H 226 32.61 -15.97 47.71
N ALA H 227 33.46 -15.59 48.64
CA ALA H 227 34.79 -16.17 48.78
C ALA H 227 34.74 -17.67 49.02
N ALA H 228 33.76 -18.09 49.82
CA ALA H 228 33.63 -19.51 50.12
C ALA H 228 33.26 -20.31 48.88
N GLU H 229 32.37 -19.77 48.07
CA GLU H 229 31.95 -20.46 46.86
C GLU H 229 33.14 -20.61 45.93
N ALA H 230 33.86 -19.51 45.73
CA ALA H 230 34.98 -19.50 44.80
C ALA H 230 36.08 -20.49 45.19
N ALA H 231 36.58 -20.40 46.42
CA ALA H 231 37.62 -21.31 46.90
C ALA H 231 37.18 -22.78 46.99
N LYS H 232 35.95 -23.02 47.42
CA LYS H 232 35.45 -24.38 47.45
C LYS H 232 35.35 -24.93 46.02
N LYS H 233 34.90 -24.09 45.09
CA LYS H 233 34.76 -24.48 43.68
C LYS H 233 36.09 -24.85 43.02
N ALA H 234 37.12 -24.06 43.28
CA ALA H 234 38.44 -24.34 42.74
C ALA H 234 38.94 -25.70 43.22
N ILE H 235 38.72 -25.97 44.50
CA ILE H 235 39.16 -27.21 45.10
C ILE H 235 38.28 -28.38 44.61
N SER H 236 37.09 -28.07 44.09
CA SER H 236 36.20 -29.10 43.57
C SER H 236 36.23 -29.25 42.04
N SER H 237 36.16 -28.12 41.31
CA SER H 237 36.14 -28.14 39.84
C SER H 237 37.26 -28.97 39.20
N PRO H 238 38.42 -29.00 39.84
CA PRO H 238 39.57 -29.77 39.35
C PRO H 238 39.33 -31.27 39.45
N GLU H 241 41.60 -33.16 42.81
CA GLU H 241 41.25 -33.13 44.24
C GLU H 241 41.92 -31.98 45.01
N ALA H 242 42.48 -32.28 46.19
CA ALA H 242 43.11 -31.25 47.05
C ALA H 242 44.55 -31.55 47.51
N ALA H 243 44.74 -32.49 48.43
CA ALA H 243 46.08 -32.82 48.86
C ALA H 243 46.75 -33.65 47.77
N GLN H 248 51.77 -31.90 48.65
CA GLN H 248 52.99 -31.41 49.32
C GLN H 248 53.18 -29.92 49.07
N GLY H 249 52.69 -29.45 47.91
CA GLY H 249 52.73 -28.04 47.59
C GLY H 249 51.42 -27.58 46.98
N VAL H 250 50.95 -26.41 47.39
CA VAL H 250 49.75 -25.82 46.80
C VAL H 250 49.91 -24.31 46.63
N LEU H 251 49.62 -23.77 45.44
CA LEU H 251 49.74 -22.34 45.17
C LEU H 251 48.36 -21.69 45.04
N MET H 252 48.10 -20.62 45.77
CA MET H 252 46.79 -19.99 45.70
C MET H 252 46.85 -18.51 45.35
N ASN H 253 46.08 -18.13 44.35
CA ASN H 253 45.95 -16.75 43.89
C ASN H 253 44.52 -16.30 44.09
N ILE H 254 44.30 -15.29 44.91
CA ILE H 254 42.95 -14.74 45.09
C ILE H 254 42.87 -13.42 44.36
N THR H 255 41.93 -13.31 43.43
CA THR H 255 41.80 -12.04 42.74
C THR H 255 40.36 -11.59 42.48
N ASN H 259 38.24 -3.88 46.32
CA ASN H 259 37.07 -4.12 47.16
C ASN H 259 37.12 -5.51 47.79
N LEU H 260 38.22 -6.20 47.56
CA LEU H 260 38.49 -7.50 48.13
C LEU H 260 38.88 -7.29 49.57
N SER H 261 38.23 -7.97 50.50
CA SER H 261 38.52 -7.81 51.91
C SER H 261 39.36 -8.97 52.40
N LEU H 262 40.21 -8.73 53.41
CA LEU H 262 40.96 -9.84 53.99
C LEU H 262 40.10 -10.89 54.65
N TYR H 263 38.87 -10.53 55.02
CA TYR H 263 37.93 -11.51 55.54
C TYR H 263 37.56 -12.50 54.46
N GLU H 264 37.25 -11.98 53.27
CA GLU H 264 36.91 -12.83 52.14
C GLU H 264 38.16 -13.66 51.80
N VAL H 265 39.31 -12.99 51.76
CA VAL H 265 40.59 -13.64 51.50
C VAL H 265 40.96 -14.73 52.52
N GLN H 266 40.93 -14.41 53.80
CA GLN H 266 41.30 -15.42 54.80
C GLN H 266 40.24 -16.51 54.91
N GLU H 267 38.97 -16.15 54.70
CA GLU H 267 37.91 -17.15 54.67
C GLU H 267 38.26 -18.13 53.56
N ALA H 268 38.73 -17.59 52.44
CA ALA H 268 39.21 -18.40 51.32
C ALA H 268 40.45 -19.23 51.67
N ALA H 269 41.45 -18.61 52.29
CA ALA H 269 42.66 -19.34 52.65
C ALA H 269 42.35 -20.54 53.57
N ASP H 270 41.46 -20.35 54.54
CA ASP H 270 41.08 -21.44 55.46
C ASP H 270 40.45 -22.64 54.78
N ILE H 271 39.64 -22.39 53.75
CA ILE H 271 38.96 -23.48 53.05
C ILE H 271 40.01 -24.38 52.40
N VAL H 272 40.92 -23.73 51.70
CA VAL H 272 41.99 -24.41 51.00
C VAL H 272 42.90 -25.11 51.98
N ALA H 273 43.25 -24.45 53.08
CA ALA H 273 44.17 -25.04 54.05
C ALA H 273 43.61 -26.27 54.73
N SER H 274 42.33 -26.22 55.11
CA SER H 274 41.68 -27.35 55.75
C SER H 274 41.66 -28.49 54.74
N ALA H 275 41.44 -28.14 53.47
CA ALA H 275 41.37 -29.11 52.39
C ALA H 275 42.75 -29.65 52.01
N SER H 276 43.79 -28.87 52.24
CA SER H 276 45.15 -29.29 51.94
C SER H 276 45.81 -29.91 53.14
N ASP H 277 46.95 -30.56 52.89
CA ASP H 277 47.81 -31.02 53.96
C ASP H 277 48.41 -29.80 54.67
N GLN H 278 48.71 -29.95 55.96
CA GLN H 278 49.33 -28.88 56.74
C GLN H 278 50.69 -28.48 56.18
N ASN H 281 53.55 -27.37 52.29
CA ASN H 281 53.96 -26.02 51.90
C ASN H 281 52.78 -25.33 51.24
N MET H 282 53.02 -24.06 50.85
CA MET H 282 52.12 -23.21 50.07
C MET H 282 52.81 -21.95 49.51
N ILE H 283 52.17 -21.32 48.51
CA ILE H 283 52.43 -19.95 48.07
C ILE H 283 51.04 -19.32 47.99
N PHE H 284 50.85 -18.08 48.47
CA PHE H 284 49.49 -17.52 48.47
C PHE H 284 49.54 -16.04 48.10
N GLY H 285 48.57 -15.58 47.32
CA GLY H 285 48.53 -14.18 46.95
C GLY H 285 47.13 -13.65 46.80
N SER H 286 46.98 -12.35 46.93
CA SER H 286 45.71 -11.67 46.70
C SER H 286 45.94 -10.57 45.66
N VAL H 287 45.02 -10.43 44.72
CA VAL H 287 45.14 -9.38 43.70
C VAL H 287 43.79 -8.66 43.44
N ILE H 288 43.82 -7.33 43.34
CA ILE H 288 42.63 -6.50 43.07
C ILE H 288 42.52 -6.06 41.61
N ASN H 289 41.37 -6.29 40.99
CA ASN H 289 41.17 -5.86 39.59
C ASN H 289 40.05 -4.80 39.43
N VAL H 297 37.29 -14.53 42.51
CA VAL H 297 37.91 -15.58 41.66
C VAL H 297 39.25 -16.16 42.22
N VAL H 298 39.18 -17.42 42.64
CA VAL H 298 40.29 -18.13 43.28
C VAL H 298 41.04 -19.11 42.36
N THR H 299 42.35 -18.96 42.20
CA THR H 299 43.14 -19.91 41.42
C THR H 299 43.96 -20.79 42.37
N VAL H 300 43.75 -22.09 42.34
CA VAL H 300 44.47 -22.96 43.26
C VAL H 300 45.24 -23.98 42.44
N ILE H 301 46.54 -24.12 42.69
CA ILE H 301 47.41 -25.03 41.96
C ILE H 301 48.16 -25.92 42.93
N ALA H 302 47.97 -27.24 42.80
CA ALA H 302 48.53 -28.19 43.78
C ALA H 302 49.57 -29.11 43.16
N THR H 303 50.62 -29.41 43.90
CA THR H 303 51.71 -30.27 43.45
C THR H 303 52.03 -31.49 44.34
N GLY H 304 51.40 -32.63 44.03
CA GLY H 304 51.59 -33.88 44.76
C GLY H 304 50.40 -34.80 44.60
N SER I 3 -38.54 12.43 58.00
CA SER I 3 -38.18 13.51 57.06
C SER I 3 -36.74 13.50 56.58
N ILE I 4 -36.50 12.88 55.43
CA ILE I 4 -35.15 12.84 54.90
C ILE I 4 -35.10 13.48 53.51
N LYS I 5 -34.31 14.55 53.39
CA LYS I 5 -34.21 15.33 52.15
C LYS I 5 -32.83 15.14 51.52
N VAL I 6 -32.80 14.90 50.21
CA VAL I 6 -31.55 14.73 49.48
C VAL I 6 -31.28 15.96 48.64
N ILE I 7 -30.21 16.69 48.92
CA ILE I 7 -29.95 17.93 48.20
C ILE I 7 -28.81 17.84 47.21
N GLY I 8 -29.13 18.01 45.93
CA GLY I 8 -28.11 18.07 44.91
C GLY I 8 -27.70 19.50 44.74
N VAL I 9 -26.42 19.76 44.99
CA VAL I 9 -25.92 21.11 44.92
C VAL I 9 -25.02 21.27 43.71
N GLY I 10 -25.37 22.23 42.84
CA GLY I 10 -24.57 22.48 41.67
C GLY I 10 -24.70 21.32 40.71
N GLY I 11 -23.83 21.27 39.71
CA GLY I 11 -23.92 20.30 38.64
C GLY I 11 -23.72 18.86 39.07
N GLY I 12 -22.71 18.61 39.89
CA GLY I 12 -22.43 17.25 40.31
C GLY I 12 -23.60 16.64 41.06
N GLY I 13 -24.16 17.41 41.98
CA GLY I 13 -25.32 16.98 42.75
C GLY I 13 -26.61 16.92 41.97
N ASN I 14 -26.81 17.89 41.09
CA ASN I 14 -28.00 17.97 40.28
C ASN I 14 -28.14 16.69 39.48
N ASN I 15 -27.04 16.27 38.86
CA ASN I 15 -27.03 15.04 38.06
C ASN I 15 -27.26 13.83 38.93
N ALA I 16 -26.69 13.85 40.14
CA ALA I 16 -26.86 12.74 41.05
C ALA I 16 -28.34 12.61 41.42
N VAL I 17 -28.92 13.71 41.87
CA VAL I 17 -30.30 13.72 42.30
C VAL I 17 -31.21 13.27 41.19
N ASN I 18 -30.94 13.71 39.98
CA ASN I 18 -31.69 13.20 38.85
C ASN I 18 -31.54 11.70 38.73
N ARG I 19 -30.32 11.20 38.94
CA ARG I 19 -30.07 9.77 38.82
C ARG I 19 -30.86 9.03 39.85
N MET I 20 -30.97 9.64 41.02
CA MET I 20 -31.75 9.08 42.10
C MET I 20 -33.22 9.01 41.75
N ILE I 21 -33.73 10.09 41.20
CA ILE I 21 -35.12 10.10 40.76
C ILE I 21 -35.32 9.12 39.61
N GLU I 22 -34.34 9.03 38.71
CA GLU I 22 -34.42 8.06 37.61
C GLU I 22 -34.50 6.63 38.14
N ASN I 23 -33.90 6.39 39.30
CA ASN I 23 -33.99 5.08 39.93
C ASN I 23 -35.13 4.99 40.92
N GLU I 24 -35.99 6.00 40.93
CA GLU I 24 -37.15 6.07 41.83
C GLU I 24 -36.75 5.67 43.24
N VAL I 25 -35.63 6.22 43.71
CA VAL I 25 -35.24 6.05 45.09
C VAL I 25 -36.31 6.69 45.96
N GLN I 26 -37.00 5.87 46.75
CA GLN I 26 -38.20 6.35 47.40
C GLN I 26 -37.94 6.86 48.79
N GLY I 27 -38.95 7.51 49.36
CA GLY I 27 -38.91 7.89 50.75
C GLY I 27 -38.07 9.12 51.01
N VAL I 28 -37.53 9.73 49.96
CA VAL I 28 -36.76 10.94 50.18
C VAL I 28 -37.37 12.08 49.39
N GLU I 29 -37.29 13.27 49.96
CA GLU I 29 -37.70 14.46 49.24
C GLU I 29 -36.45 15.04 48.60
N TYR I 30 -36.52 15.31 47.32
CA TYR I 30 -35.38 15.85 46.61
C TYR I 30 -35.40 17.36 46.49
N ILE I 31 -34.23 17.96 46.68
CA ILE I 31 -34.03 19.38 46.49
C ILE I 31 -32.80 19.56 45.61
N ALA I 32 -32.96 20.13 44.43
CA ALA I 32 -31.80 20.47 43.62
C ALA I 32 -31.47 21.93 43.88
N VAL I 33 -30.21 22.20 44.18
CA VAL I 33 -29.83 23.56 44.48
C VAL I 33 -28.79 23.96 43.46
N ASN I 34 -29.00 25.08 42.78
CA ASN I 34 -28.01 25.47 41.80
C ASN I 34 -28.03 26.95 41.61
N THR I 35 -26.89 27.50 41.19
CA THR I 35 -26.82 28.92 40.84
C THR I 35 -27.09 29.07 39.33
N ASP I 36 -26.85 27.97 38.60
CA ASP I 36 -27.04 27.94 37.15
C ASP I 36 -28.52 27.57 36.97
N ALA I 37 -29.33 28.57 36.69
CA ALA I 37 -30.76 28.33 36.55
C ALA I 37 -30.97 27.48 35.31
N GLN I 38 -30.07 27.61 34.35
CA GLN I 38 -30.18 26.82 33.12
C GLN I 38 -30.06 25.34 33.43
N ALA I 39 -29.02 24.98 34.18
CA ALA I 39 -28.78 23.58 34.57
C ALA I 39 -29.86 23.08 35.52
N LEU I 40 -30.25 23.96 36.42
CA LEU I 40 -31.26 23.70 37.44
C LEU I 40 -32.62 23.32 36.87
N ASN I 41 -32.99 23.93 35.74
CA ASN I 41 -34.27 23.67 35.09
C ASN I 41 -34.33 22.30 34.44
N LEU I 42 -33.17 21.64 34.42
CA LEU I 42 -33.02 20.24 34.00
C LEU I 42 -33.14 19.25 35.18
N SER I 43 -33.21 19.80 36.39
CA SER I 43 -33.35 18.99 37.57
C SER I 43 -34.68 18.26 37.53
N LYS I 44 -34.66 16.98 37.90
CA LYS I 44 -35.89 16.23 38.05
C LYS I 44 -36.48 16.39 39.46
N ALA I 45 -35.83 17.24 40.25
CA ALA I 45 -36.25 17.45 41.64
C ALA I 45 -37.56 18.16 41.69
N GLU I 46 -38.39 17.76 42.63
CA GLU I 46 -39.71 18.33 42.75
C GLU I 46 -39.54 19.78 43.11
N VAL I 47 -38.64 20.05 44.04
CA VAL I 47 -38.26 21.43 44.36
C VAL I 47 -36.92 21.86 43.78
N LYS I 48 -36.94 22.91 42.97
CA LYS I 48 -35.71 23.41 42.38
C LYS I 48 -35.49 24.76 43.03
N MET I 49 -34.37 24.91 43.73
CA MET I 49 -34.10 26.16 44.41
C MET I 49 -32.94 26.85 43.77
N GLN I 50 -33.22 27.97 43.14
CA GLN I 50 -32.13 28.75 42.59
C GLN I 50 -31.56 29.63 43.69
N ILE I 51 -30.25 29.51 43.91
CA ILE I 51 -29.56 30.34 44.88
C ILE I 51 -28.65 31.36 44.19
N GLY I 52 -28.37 32.44 44.89
CA GLY I 52 -27.49 33.49 44.38
C GLY I 52 -28.10 34.09 43.14
N ALA I 53 -29.42 34.17 43.13
CA ALA I 53 -30.15 34.76 42.02
C ALA I 53 -29.73 36.21 41.77
N LYS I 54 -29.58 37.00 42.84
CA LYS I 54 -29.10 38.36 42.69
C LYS I 54 -27.64 38.35 42.26
N LEU I 55 -26.90 37.47 42.92
CA LEU I 55 -25.46 37.39 42.77
C LEU I 55 -25.00 36.87 41.41
N THR I 56 -25.54 35.73 41.00
CA THR I 56 -25.03 35.06 39.82
C THR I 56 -25.94 35.35 38.64
N ARG I 57 -27.10 35.92 38.96
CA ARG I 57 -28.10 36.23 37.97
C ARG I 57 -28.42 34.93 37.23
N GLY I 58 -28.33 33.82 37.96
CA GLY I 58 -28.76 32.53 37.45
C GLY I 58 -27.76 31.96 36.48
N LEU I 59 -26.62 32.61 36.36
CA LEU I 59 -25.66 32.21 35.34
C LEU I 59 -24.69 31.18 35.85
N GLY I 60 -24.92 30.71 37.08
CA GLY I 60 -24.05 29.70 37.66
C GLY I 60 -22.94 30.33 38.45
N ALA I 61 -22.03 29.50 38.96
CA ALA I 61 -20.99 30.05 39.80
C ALA I 61 -19.67 30.22 39.07
N GLY I 62 -19.61 29.76 37.83
CA GLY I 62 -18.38 29.86 37.08
C GLY I 62 -17.19 29.21 37.77
N ALA I 63 -17.42 28.06 38.40
CA ALA I 63 -16.33 27.31 39.02
C ALA I 63 -15.56 28.12 40.07
N ASN I 64 -16.26 29.08 40.65
CA ASN I 64 -15.73 29.90 41.76
C ASN I 64 -16.46 29.53 43.02
N PRO I 65 -15.79 28.78 43.91
CA PRO I 65 -16.48 28.31 45.11
C PRO I 65 -16.97 29.49 45.90
N GLU I 66 -16.21 30.59 45.94
CA GLU I 66 -16.66 31.75 46.70
C GLU I 66 -18.01 32.25 46.18
N VAL I 67 -18.22 32.13 44.88
CA VAL I 67 -19.52 32.48 44.30
C VAL I 67 -20.62 31.53 44.74
N GLY I 68 -20.30 30.24 44.70
CA GLY I 68 -21.22 29.23 45.18
C GLY I 68 -21.55 29.44 46.63
N LYS I 69 -20.52 29.72 47.42
CA LYS I 69 -20.66 29.94 48.85
C LYS I 69 -21.51 31.15 49.11
N LYS I 70 -21.12 32.26 48.50
CA LYS I 70 -21.80 33.51 48.74
C LYS I 70 -23.21 33.50 48.14
N ALA I 71 -23.40 32.68 47.12
CA ALA I 71 -24.74 32.42 46.56
C ALA I 71 -25.66 31.74 47.56
N ALA I 72 -25.14 30.75 48.24
CA ALA I 72 -25.92 30.04 49.23
C ALA I 72 -26.17 30.97 50.41
N GLU I 73 -25.18 31.76 50.78
CA GLU I 73 -25.35 32.71 51.88
C GLU I 73 -26.58 33.59 51.62
N GLU I 74 -26.70 34.07 50.39
CA GLU I 74 -27.86 34.87 49.98
C GLU I 74 -29.20 34.17 50.19
N SER I 75 -29.28 32.89 49.82
CA SER I 75 -30.53 32.15 49.94
C SER I 75 -30.51 31.28 51.17
N LYS I 76 -29.79 31.71 52.19
CA LYS I 76 -29.69 30.95 53.44
C LYS I 76 -31.08 30.77 54.06
N GLU I 77 -31.90 31.83 53.99
CA GLU I 77 -33.26 31.79 54.50
C GLU I 77 -34.08 30.83 53.65
N GLN I 78 -33.86 30.89 52.33
CA GLN I 78 -34.58 30.03 51.40
C GLN I 78 -34.27 28.58 51.74
N ILE I 79 -33.02 28.35 52.11
CA ILE I 79 -32.58 27.01 52.42
C ILE I 79 -33.18 26.45 53.70
N GLU I 80 -33.10 27.19 54.81
CA GLU I 80 -33.69 26.71 56.06
C GLU I 80 -35.16 26.38 55.91
N GLU I 81 -35.90 27.21 55.18
CA GLU I 81 -37.33 26.99 54.96
C GLU I 81 -37.59 25.67 54.24
N ALA I 82 -36.74 25.35 53.26
CA ALA I 82 -36.88 24.09 52.55
C ALA I 82 -36.39 22.95 53.44
N LEU I 83 -35.48 23.26 54.36
CA LEU I 83 -34.89 22.25 55.23
C LEU I 83 -35.56 22.10 56.59
N LYS I 84 -36.26 23.13 57.05
CA LYS I 84 -36.96 23.07 58.34
C LYS I 84 -37.81 21.83 58.50
N GLY I 85 -37.63 21.12 59.61
CA GLY I 85 -38.43 19.95 59.86
C GLY I 85 -37.77 18.67 59.40
N ALA I 86 -36.69 18.79 58.64
CA ALA I 86 -36.02 17.61 58.11
C ALA I 86 -35.32 16.85 59.21
N ASP I 87 -35.57 15.55 59.26
CA ASP I 87 -34.90 14.70 60.22
C ASP I 87 -33.49 14.33 59.75
N MET I 88 -33.32 14.08 58.46
CA MET I 88 -31.99 13.75 57.95
C MET I 88 -31.79 14.40 56.58
N VAL I 89 -30.60 14.95 56.32
CA VAL I 89 -30.37 15.63 55.05
C VAL I 89 -29.13 15.12 54.31
N PHE I 90 -29.33 14.56 53.12
CA PHE I 90 -28.22 14.26 52.26
C PHE I 90 -27.90 15.46 51.41
N VAL I 91 -26.65 15.92 51.49
CA VAL I 91 -26.17 17.00 50.67
C VAL I 91 -25.18 16.42 49.69
N THR I 92 -25.62 16.25 48.46
CA THR I 92 -24.82 15.61 47.45
C THR I 92 -24.36 16.68 46.48
N ALA I 93 -23.09 16.62 46.05
CA ALA I 93 -22.51 17.68 45.24
C ALA I 93 -21.24 17.23 44.50
N GLY I 94 -20.87 17.95 43.47
CA GLY I 94 -19.60 17.65 42.85
C GLY I 94 -18.60 18.65 43.38
N MET I 95 -17.54 18.14 44.00
CA MET I 95 -16.52 19.05 44.51
C MET I 95 -15.55 19.37 43.41
N GLY I 96 -15.05 20.59 43.43
CA GLY I 96 -14.13 21.09 42.42
C GLY I 96 -14.80 22.28 41.78
N GLY I 97 -16.12 22.27 41.82
CA GLY I 97 -16.91 23.26 41.13
C GLY I 97 -17.02 24.58 41.85
N GLY I 98 -18.09 25.28 41.55
CA GLY I 98 -18.40 26.55 42.16
C GLY I 98 -19.61 26.40 43.05
N THR I 99 -20.70 25.89 42.51
CA THR I 99 -21.94 25.86 43.28
C THR I 99 -21.82 24.78 44.31
N GLY I 100 -21.47 23.59 43.84
CA GLY I 100 -21.29 22.47 44.74
C GLY I 100 -20.26 22.80 45.79
N THR I 101 -19.04 23.09 45.35
CA THR I 101 -17.91 23.31 46.25
C THR I 101 -18.15 24.39 47.31
N GLY I 102 -18.75 25.49 46.90
CA GLY I 102 -18.93 26.64 47.77
C GLY I 102 -20.21 26.60 48.61
N ALA I 103 -21.32 26.19 47.99
CA ALA I 103 -22.65 26.24 48.64
C ALA I 103 -22.97 25.05 49.55
N ALA I 104 -22.56 23.86 49.12
CA ALA I 104 -22.88 22.65 49.87
C ALA I 104 -22.44 22.72 51.35
N PRO I 105 -21.23 23.24 51.63
CA PRO I 105 -20.91 23.41 53.05
C PRO I 105 -21.87 24.38 53.74
N VAL I 106 -22.22 25.47 53.07
CA VAL I 106 -23.13 26.44 53.65
C VAL I 106 -24.45 25.77 53.88
N ILE I 107 -24.88 25.02 52.88
CA ILE I 107 -26.13 24.28 52.94
C ILE I 107 -26.12 23.19 54.00
N ALA I 108 -25.06 22.37 53.99
CA ALA I 108 -24.89 21.30 54.97
C ALA I 108 -24.87 21.88 56.37
N GLN I 109 -24.15 22.98 56.56
CA GLN I 109 -24.11 23.60 57.87
C GLN I 109 -25.51 23.98 58.33
N ILE I 110 -26.32 24.46 57.39
CA ILE I 110 -27.72 24.80 57.66
C ILE I 110 -28.53 23.56 58.01
N ALA I 111 -28.31 22.47 57.30
CA ALA I 111 -28.92 21.20 57.69
C ALA I 111 -28.40 20.73 59.07
N LYS I 112 -27.10 20.92 59.32
CA LYS I 112 -26.47 20.51 60.58
C LYS I 112 -26.98 21.27 61.79
N ASP I 113 -27.08 22.59 61.63
CA ASP I 113 -27.56 23.46 62.69
C ASP I 113 -29.04 23.25 63.00
N LEU I 114 -29.80 22.87 61.96
CA LEU I 114 -31.20 22.48 62.12
C LEU I 114 -31.37 21.13 62.83
N GLY I 115 -30.25 20.48 63.09
CA GLY I 115 -30.27 19.31 63.93
C GLY I 115 -30.56 18.04 63.18
N ALA I 116 -30.79 18.18 61.88
CA ALA I 116 -31.01 17.01 61.05
C ALA I 116 -29.68 16.28 60.94
N LEU I 117 -29.70 14.95 60.91
CA LEU I 117 -28.47 14.20 60.67
C LEU I 117 -28.05 14.48 59.24
N THR I 118 -26.94 15.18 59.07
CA THR I 118 -26.54 15.68 57.77
C THR I 118 -25.40 14.84 57.21
N VAL I 119 -25.65 14.19 56.08
CA VAL I 119 -24.63 13.37 55.49
C VAL I 119 -24.19 13.99 54.17
N GLY I 120 -22.92 14.35 54.09
CA GLY I 120 -22.39 14.83 52.83
C GLY I 120 -21.94 13.64 52.01
N VAL I 121 -22.38 13.62 50.77
CA VAL I 121 -21.92 12.63 49.82
C VAL I 121 -21.51 13.41 48.60
N VAL I 122 -20.20 13.51 48.37
CA VAL I 122 -19.67 14.35 47.29
C VAL I 122 -18.67 13.56 46.48
N THR I 123 -18.41 13.98 45.28
CA THR I 123 -17.35 13.36 44.54
C THR I 123 -16.11 14.21 44.66
N ARG I 124 -14.95 13.56 44.69
CA ARG I 124 -13.69 14.24 44.48
C ARG I 124 -13.44 14.12 43.00
N PRO I 125 -13.23 15.26 42.34
CA PRO I 125 -13.16 15.42 40.89
C PRO I 125 -12.12 14.54 40.25
N PHE I 126 -12.27 14.23 38.98
CA PHE I 126 -11.26 13.46 38.30
C PHE I 126 -9.96 14.23 38.34
N THR I 127 -8.84 13.55 38.26
CA THR I 127 -7.60 14.28 38.24
C THR I 127 -7.54 15.12 36.97
N PHE I 128 -8.02 14.56 35.86
CA PHE I 128 -7.99 15.28 34.57
C PHE I 128 -8.77 16.58 34.54
N GLU I 129 -9.69 16.78 35.49
CA GLU I 129 -10.40 18.05 35.63
C GLU I 129 -9.39 19.17 35.89
N GLY I 130 -8.14 18.81 36.12
CA GLY I 130 -7.07 19.80 36.16
C GLY I 130 -6.75 20.22 37.56
N ARG I 131 -5.80 21.15 37.70
CA ARG I 131 -5.34 21.55 39.02
C ARG I 131 -6.41 22.32 39.78
N LYS I 132 -7.04 23.30 39.15
CA LYS I 132 -8.02 24.11 39.86
C LYS I 132 -9.16 23.30 40.43
N ARG I 133 -9.72 22.38 39.65
CA ARG I 133 -10.82 21.58 40.16
C ARG I 133 -10.32 20.80 41.36
N GLN I 134 -9.11 20.25 41.26
CA GLN I 134 -8.52 19.48 42.33
C GLN I 134 -8.27 20.27 43.60
N LEU I 135 -7.71 21.47 43.45
CA LEU I 135 -7.42 22.35 44.59
C LEU I 135 -8.70 22.74 45.29
N GLN I 136 -9.67 23.18 44.49
CA GLN I 136 -10.92 23.70 45.02
C GLN I 136 -11.69 22.62 45.74
N ALA I 137 -11.58 21.41 45.21
CA ALA I 137 -12.33 20.32 45.78
C ALA I 137 -11.78 20.01 47.14
N ALA I 138 -10.46 19.94 47.20
CA ALA I 138 -9.76 19.66 48.43
C ALA I 138 -10.21 20.72 49.40
N GLY I 139 -10.26 21.95 48.91
CA GLY I 139 -10.74 23.04 49.72
C GLY I 139 -12.19 22.89 50.14
N GLY I 140 -13.03 22.49 49.18
CA GLY I 140 -14.47 22.39 49.40
C GLY I 140 -14.82 21.27 50.34
N ILE I 141 -14.11 20.16 50.19
CA ILE I 141 -14.26 18.98 51.02
C ILE I 141 -13.89 19.26 52.48
N SER I 142 -12.79 19.97 52.72
CA SER I 142 -12.47 20.37 54.10
C SER I 142 -13.62 21.18 54.70
N ALA I 143 -14.19 22.09 53.92
CA ALA I 143 -15.33 22.88 54.38
C ALA I 143 -16.59 22.04 54.60
N MET I 144 -16.74 20.96 53.83
CA MET I 144 -17.88 20.06 53.98
C MET I 144 -17.78 19.29 55.28
N LYS I 145 -16.58 18.76 55.55
CA LYS I 145 -16.33 17.95 56.74
C LYS I 145 -16.73 18.71 57.98
N GLU I 146 -16.32 19.98 58.04
CA GLU I 146 -16.63 20.84 59.18
C GLU I 146 -18.13 21.07 59.26
N ALA I 147 -18.80 20.89 58.14
CA ALA I 147 -20.20 21.29 57.98
C ALA I 147 -21.21 20.16 58.03
N VAL I 148 -20.74 18.92 58.10
CA VAL I 148 -21.65 17.78 58.19
C VAL I 148 -21.39 16.91 59.41
N ASP I 149 -22.27 15.92 59.59
CA ASP I 149 -22.03 14.87 60.56
C ASP I 149 -21.12 13.78 59.95
N THR I 150 -21.50 13.24 58.79
CA THR I 150 -20.65 12.27 58.08
C THR I 150 -20.47 12.63 56.60
N LEU I 151 -19.22 12.59 56.13
CA LEU I 151 -18.91 12.94 54.74
C LEU I 151 -18.33 11.81 53.94
N ILE I 152 -19.08 11.34 52.97
CA ILE I 152 -18.55 10.35 52.06
C ILE I 152 -17.92 11.08 50.87
N VAL I 153 -16.63 10.93 50.66
CA VAL I 153 -15.96 11.56 49.53
C VAL I 153 -15.62 10.51 48.49
N ILE I 154 -16.24 10.61 47.32
CA ILE I 154 -16.07 9.58 46.30
C ILE I 154 -15.08 10.02 45.28
N PRO I 155 -13.93 9.37 45.24
CA PRO I 155 -12.90 9.77 44.29
C PRO I 155 -13.32 9.39 42.89
N ASN I 156 -13.62 10.38 42.06
CA ASN I 156 -13.99 10.09 40.70
C ASN I 156 -12.85 9.41 40.02
N ASP I 157 -11.62 9.69 40.49
CA ASP I 157 -10.46 9.06 39.87
C ASP I 157 -10.58 7.55 39.85
N ARG I 158 -11.21 7.01 40.90
CA ARG I 158 -11.42 5.58 41.07
C ARG I 158 -12.54 5.04 40.20
N ILE I 159 -13.35 5.95 39.65
CA ILE I 159 -14.38 5.61 38.65
C ILE I 159 -13.72 5.17 37.35
N LEU I 160 -12.57 5.75 37.02
CA LEU I 160 -11.87 5.34 35.79
C LEU I 160 -11.24 3.94 35.93
N GLU I 161 -10.97 3.50 37.16
CA GLU I 161 -10.43 2.16 37.39
C GLU I 161 -11.46 1.09 37.10
N ILE I 162 -12.72 1.43 37.34
CA ILE I 162 -13.81 0.48 37.27
C ILE I 162 -14.30 0.29 35.84
N VAL I 163 -14.51 1.41 35.13
CA VAL I 163 -14.98 1.44 33.73
C VAL I 163 -13.89 0.98 32.74
N ASP I 164 -14.29 0.62 31.51
CA ASP I 164 -13.34 0.15 30.49
C ASP I 164 -12.28 1.21 30.29
N LYS I 165 -11.06 0.78 29.96
CA LYS I 165 -9.94 1.72 29.88
C LYS I 165 -10.13 2.81 28.83
N ASN I 166 -10.95 2.52 27.84
CA ASN I 166 -11.18 3.46 26.75
C ASN I 166 -12.56 4.12 26.75
N THR I 167 -13.36 3.96 27.80
CA THR I 167 -14.72 4.53 27.80
C THR I 167 -14.62 6.03 27.60
N PRO I 168 -15.50 6.57 26.75
CA PRO I 168 -15.45 8.01 26.48
C PRO I 168 -15.60 8.77 27.80
N MET I 169 -14.99 9.94 27.87
CA MET I 169 -15.05 10.78 29.06
C MET I 169 -16.45 11.03 29.56
N LEU I 170 -17.37 11.24 28.61
CA LEU I 170 -18.74 11.59 28.96
C LEU I 170 -19.38 10.59 29.93
N GLU I 171 -19.14 9.30 29.70
CA GLU I 171 -19.71 8.23 30.53
C GLU I 171 -19.03 8.15 31.88
N ALA I 172 -17.75 8.52 31.93
CA ALA I 172 -17.07 8.56 33.21
C ALA I 172 -17.81 9.55 34.05
N PHE I 173 -18.11 10.71 33.50
CA PHE I 173 -18.92 11.67 34.23
C PHE I 173 -20.25 11.07 34.57
N ARG I 174 -20.85 10.35 33.62
CA ARG I 174 -22.16 9.78 33.85
C ARG I 174 -22.03 8.82 35.00
N GLU I 175 -20.97 8.02 34.98
CA GLU I 175 -20.74 7.01 36.01
C GLU I 175 -20.47 7.65 37.35
N ALA I 176 -19.75 8.76 37.33
CA ALA I 176 -19.48 9.50 38.54
C ALA I 176 -20.80 9.94 39.15
N ASP I 177 -21.72 10.43 38.31
CA ASP I 177 -23.05 10.83 38.79
C ASP I 177 -23.72 9.64 39.46
N ASN I 178 -23.57 8.48 38.87
CA ASN I 178 -24.21 7.29 39.41
C ASN I 178 -23.66 6.88 40.76
N VAL I 179 -22.33 6.91 40.87
CA VAL I 179 -21.65 6.56 42.10
C VAL I 179 -21.98 7.56 43.19
N LEU I 180 -22.09 8.81 42.79
CA LEU I 180 -22.65 9.81 43.68
C LEU I 180 -24.07 9.40 44.14
N ARG I 181 -24.86 8.80 43.24
CA ARG I 181 -26.17 8.25 43.58
C ARG I 181 -26.09 6.94 44.37
N GLN I 182 -25.24 6.02 43.91
CA GLN I 182 -25.07 4.71 44.55
C GLN I 182 -24.75 4.92 46.02
N GLY I 183 -24.02 6.01 46.28
CA GLY I 183 -23.67 6.48 47.61
C GLY I 183 -24.79 7.02 48.48
N VAL I 184 -25.62 7.92 47.93
CA VAL I 184 -26.75 8.47 48.67
C VAL I 184 -27.83 7.40 48.85
N GLN I 185 -28.13 6.69 47.76
CA GLN I 185 -29.12 5.64 47.80
C GLN I 185 -28.66 4.55 48.77
N GLY I 186 -27.34 4.31 48.81
CA GLY I 186 -26.75 3.34 49.72
C GLY I 186 -27.19 3.52 51.14
N ILE I 187 -27.32 4.76 51.57
CA ILE I 187 -27.78 5.10 52.91
C ILE I 187 -29.28 5.40 52.99
N SER I 188 -29.77 6.18 52.04
CA SER I 188 -31.16 6.61 52.07
C SER I 188 -32.10 5.41 52.03
N ASP I 189 -31.66 4.35 51.36
CA ASP I 189 -32.43 3.12 51.21
C ASP I 189 -32.72 2.41 52.53
N LEU I 190 -31.96 2.76 53.57
CA LEU I 190 -32.09 2.13 54.86
C LEU I 190 -33.12 2.84 55.72
N ILE I 191 -33.74 3.90 55.20
CA ILE I 191 -34.67 4.66 56.04
C ILE I 191 -35.99 4.98 55.32
N LYS I 205 -28.48 4.81 63.98
CA LYS I 205 -27.87 5.27 62.73
C LYS I 205 -27.17 6.62 62.95
N THR I 206 -27.85 7.54 63.62
CA THR I 206 -27.28 8.87 63.88
C THR I 206 -26.01 8.76 64.72
N ILE I 207 -25.93 7.70 65.51
CA ILE I 207 -24.77 7.48 66.36
C ILE I 207 -23.67 6.88 65.51
N MET I 208 -24.06 6.05 64.56
CA MET I 208 -23.09 5.40 63.68
C MET I 208 -22.59 6.30 62.57
N SER I 209 -23.42 7.25 62.17
CA SER I 209 -23.04 8.19 61.12
C SER I 209 -22.61 9.56 61.69
N ASN I 210 -21.55 9.58 62.50
CA ASN I 210 -21.04 10.85 63.06
C ASN I 210 -19.52 11.06 62.89
N LYS I 211 -19.02 12.18 63.44
CA LYS I 211 -17.60 12.54 63.46
C LYS I 211 -16.95 12.71 62.09
N GLY I 212 -15.81 12.02 61.88
CA GLY I 212 -14.95 12.20 60.72
C GLY I 212 -15.49 12.06 59.31
N SER I 213 -14.56 11.98 58.35
CA SER I 213 -14.93 11.73 56.97
C SER I 213 -15.14 10.23 56.79
N ALA I 214 -15.78 9.87 55.69
CA ALA I 214 -16.11 8.48 55.43
C ALA I 214 -15.78 8.15 54.00
N LEU I 215 -15.62 6.86 53.74
CA LEU I 215 -15.35 6.43 52.40
C LEU I 215 -16.28 5.27 52.19
N MET I 216 -16.79 5.14 50.98
CA MET I 216 -17.64 4.01 50.67
C MET I 216 -17.02 3.15 49.59
N GLY I 217 -17.55 1.95 49.44
CA GLY I 217 -17.14 1.04 48.41
C GLY I 217 -18.40 0.41 47.86
N ILE I 218 -18.36 -0.01 46.61
CA ILE I 218 -19.52 -0.67 46.04
C ILE I 218 -19.17 -1.89 45.21
N GLY I 219 -20.04 -2.89 45.24
CA GLY I 219 -19.91 -4.05 44.37
C GLY I 219 -21.24 -4.47 43.75
N ILE I 220 -21.18 -4.88 42.48
CA ILE I 220 -22.37 -5.40 41.81
C ILE I 220 -22.05 -6.71 41.11
N ALA I 221 -22.92 -7.70 41.26
CA ALA I 221 -22.84 -8.95 40.50
C ALA I 221 -24.22 -9.57 40.47
N THR I 222 -24.47 -10.41 39.48
CA THR I 222 -25.74 -11.13 39.41
C THR I 222 -25.47 -12.60 39.10
N ALA I 230 -19.90 -10.63 45.58
CA ALA I 230 -20.36 -9.26 45.42
C ALA I 230 -19.87 -8.37 46.55
N ALA I 231 -20.05 -8.84 47.79
CA ALA I 231 -19.53 -8.15 48.97
C ALA I 231 -18.01 -8.08 48.89
N LYS I 232 -17.43 -9.09 48.26
CA LYS I 232 -16.00 -9.11 48.01
C LYS I 232 -15.59 -7.95 47.12
N LYS I 233 -16.39 -7.65 46.10
CA LYS I 233 -16.11 -6.50 45.22
C LYS I 233 -16.18 -5.17 45.98
N ALA I 234 -17.18 -5.04 46.84
CA ALA I 234 -17.41 -3.85 47.65
C ALA I 234 -16.24 -3.49 48.59
N ILE I 235 -15.66 -4.48 49.25
CA ILE I 235 -14.59 -4.22 50.19
C ILE I 235 -13.29 -3.89 49.46
N SER I 236 -13.21 -4.36 48.22
CA SER I 236 -12.03 -4.19 47.38
C SER I 236 -12.20 -3.04 46.41
N SER I 237 -13.43 -2.53 46.35
CA SER I 237 -13.83 -1.46 45.43
C SER I 237 -12.82 -0.34 45.32
N PRO I 238 -12.44 0.03 44.09
CA PRO I 238 -11.51 1.13 43.89
C PRO I 238 -11.98 2.40 44.58
N LEU I 239 -13.30 2.53 44.75
CA LEU I 239 -13.87 3.65 45.49
C LEU I 239 -13.51 3.57 46.97
N LEU I 240 -13.32 2.36 47.49
CA LEU I 240 -12.99 2.15 48.90
C LEU I 240 -11.48 2.14 49.13
N GLU I 241 -10.93 3.32 49.42
CA GLU I 241 -9.50 3.54 49.40
C GLU I 241 -8.73 3.09 50.63
N ALA I 242 -9.41 2.94 51.77
CA ALA I 242 -8.66 2.54 52.94
C ALA I 242 -9.14 1.24 53.54
N ALA I 243 -8.43 0.83 54.60
CA ALA I 243 -8.72 -0.38 55.34
C ALA I 243 -9.91 -0.14 56.25
N ILE I 244 -10.88 -1.04 56.15
CA ILE I 244 -12.14 -0.98 56.88
C ILE I 244 -11.99 -1.15 58.41
N ASP I 245 -10.90 -1.82 58.81
CA ASP I 245 -10.67 -2.19 60.21
C ASP I 245 -10.57 -1.02 61.18
N GLY I 246 -10.37 0.18 60.66
CA GLY I 246 -10.23 1.35 61.50
C GLY I 246 -11.53 2.00 61.92
N ALA I 247 -12.63 1.58 61.30
CA ALA I 247 -13.92 2.21 61.53
C ALA I 247 -14.58 1.81 62.84
N GLN I 248 -15.15 2.78 63.53
CA GLN I 248 -15.99 2.49 64.69
C GLN I 248 -17.37 2.11 64.17
N GLY I 249 -17.69 2.63 62.98
CA GLY I 249 -18.94 2.31 62.33
C GLY I 249 -18.80 2.01 60.85
N VAL I 250 -19.52 0.98 60.42
CA VAL I 250 -19.61 0.62 59.01
C VAL I 250 -21.04 0.26 58.66
N LEU I 251 -21.55 0.90 57.62
CA LEU I 251 -22.92 0.73 57.23
C LEU I 251 -22.97 -0.09 55.94
N MET I 252 -23.82 -1.12 55.91
CA MET I 252 -23.88 -2.00 54.74
C MET I 252 -25.27 -2.15 54.08
N ASN I 253 -25.28 -2.04 52.75
CA ASN I 253 -26.50 -2.19 51.98
C ASN I 253 -26.41 -3.34 50.97
N ILE I 254 -27.34 -4.29 51.06
CA ILE I 254 -27.46 -5.34 50.02
C ILE I 254 -28.67 -5.06 49.13
N THR I 255 -28.40 -4.92 47.83
CA THR I 255 -29.46 -4.64 46.87
C THR I 255 -29.28 -5.50 45.63
N LEU I 262 -32.92 -14.89 52.48
CA LEU I 262 -31.93 -14.26 53.35
C LEU I 262 -30.64 -15.09 53.41
N TYR I 263 -30.61 -16.13 52.59
CA TYR I 263 -29.41 -16.95 52.44
C TYR I 263 -28.32 -16.14 51.76
N GLU I 264 -28.71 -15.42 50.70
CA GLU I 264 -27.80 -14.60 49.91
C GLU I 264 -27.17 -13.41 50.68
N VAL I 265 -27.99 -12.70 51.46
CA VAL I 265 -27.55 -11.54 52.25
C VAL I 265 -26.43 -11.90 53.22
N GLN I 266 -26.58 -13.05 53.87
CA GLN I 266 -25.62 -13.48 54.89
C GLN I 266 -24.22 -13.76 54.36
N GLU I 267 -24.12 -14.35 53.18
CA GLU I 267 -22.82 -14.64 52.57
C GLU I 267 -22.05 -13.33 52.38
N ALA I 268 -22.75 -12.31 51.92
CA ALA I 268 -22.17 -10.99 51.76
C ALA I 268 -21.75 -10.36 53.11
N ALA I 269 -22.66 -10.38 54.07
CA ALA I 269 -22.42 -9.81 55.40
C ALA I 269 -21.22 -10.43 56.08
N ASP I 270 -21.02 -11.73 55.85
CA ASP I 270 -19.88 -12.44 56.42
C ASP I 270 -18.56 -11.85 55.95
N ILE I 271 -18.51 -11.49 54.66
CA ILE I 271 -17.31 -10.93 54.06
C ILE I 271 -17.03 -9.56 54.65
N VAL I 272 -18.07 -8.75 54.76
CA VAL I 272 -17.95 -7.40 55.32
C VAL I 272 -17.63 -7.44 56.83
N ALA I 273 -18.35 -8.30 57.58
CA ALA I 273 -18.19 -8.41 59.03
C ALA I 273 -16.81 -8.92 59.43
N SER I 274 -16.30 -9.87 58.65
CA SER I 274 -14.97 -10.41 58.89
C SER I 274 -13.92 -9.31 58.72
N ALA I 275 -14.14 -8.45 57.73
CA ALA I 275 -13.21 -7.37 57.41
C ALA I 275 -13.24 -6.18 58.38
N SER I 276 -14.37 -5.95 59.06
CA SER I 276 -14.48 -4.85 60.01
C SER I 276 -14.05 -5.33 61.39
N ASP I 277 -13.88 -4.41 62.34
CA ASP I 277 -13.56 -4.78 63.72
C ASP I 277 -14.66 -5.68 64.23
N GLN I 278 -14.32 -6.61 65.11
CA GLN I 278 -15.32 -7.54 65.62
C GLN I 278 -16.40 -6.79 66.39
N ASP I 279 -16.01 -5.75 67.12
CA ASP I 279 -16.93 -5.04 67.98
C ASP I 279 -17.51 -3.81 67.28
N VAL I 280 -17.38 -3.78 65.96
CA VAL I 280 -17.86 -2.68 65.12
C VAL I 280 -19.37 -2.40 65.23
N ASN I 281 -19.74 -1.12 65.13
CA ASN I 281 -21.13 -0.72 64.96
C ASN I 281 -21.47 -0.88 63.48
N MET I 282 -22.62 -1.48 63.20
CA MET I 282 -23.03 -1.78 61.83
C MET I 282 -24.51 -1.60 61.57
N ILE I 283 -24.84 -1.00 60.42
CA ILE I 283 -26.23 -0.99 59.97
C ILE I 283 -26.21 -1.82 58.70
N PHE I 284 -27.17 -2.73 58.57
CA PHE I 284 -27.19 -3.67 57.46
C PHE I 284 -28.61 -3.63 56.97
N GLY I 285 -28.77 -3.68 55.66
CA GLY I 285 -30.09 -3.69 55.10
C GLY I 285 -30.04 -4.52 53.86
N SER I 286 -31.19 -5.02 53.49
CA SER I 286 -31.34 -5.71 52.22
C SER I 286 -32.50 -5.04 51.49
N VAL I 287 -32.32 -4.80 50.20
CA VAL I 287 -33.38 -4.21 49.38
C VAL I 287 -33.50 -5.00 48.09
N ILE I 288 -34.74 -5.26 47.69
CA ILE I 288 -35.01 -5.96 46.44
C ILE I 288 -35.57 -5.02 45.35
N ASN I 289 -34.89 -4.98 44.20
CA ASN I 289 -35.41 -4.34 42.98
C ASN I 289 -35.54 -5.39 41.88
N GLU I 290 -36.59 -5.31 41.08
CA GLU I 290 -36.87 -6.36 40.11
C GLU I 290 -35.72 -6.54 39.12
N ASN I 291 -34.88 -5.52 38.96
CA ASN I 291 -33.75 -5.57 38.05
C ASN I 291 -32.53 -6.34 38.60
N VAL I 297 -25.05 -4.76 43.34
CA VAL I 297 -26.00 -5.13 44.38
C VAL I 297 -25.54 -4.65 45.77
N VAL I 298 -24.23 -4.70 46.04
CA VAL I 298 -23.70 -4.45 47.39
C VAL I 298 -23.08 -3.06 47.65
N THR I 299 -23.62 -2.35 48.65
CA THR I 299 -23.09 -1.03 49.06
C THR I 299 -22.46 -1.05 50.46
N VAL I 300 -21.21 -0.64 50.60
CA VAL I 300 -20.55 -0.62 51.91
C VAL I 300 -20.05 0.78 52.26
N ILE I 301 -20.39 1.30 53.43
CA ILE I 301 -19.91 2.62 53.84
C ILE I 301 -19.29 2.63 55.23
N ALA I 302 -18.03 3.02 55.31
CA ALA I 302 -17.29 2.95 56.57
C ALA I 302 -17.03 4.36 57.05
N THR I 303 -17.11 4.58 58.36
CA THR I 303 -16.93 5.91 58.91
C THR I 303 -15.73 6.00 59.88
N LYS J 22 -47.26 9.43 0.08
CA LYS J 22 -47.62 10.65 -0.69
C LYS J 22 -48.75 10.44 -1.71
N VAL J 23 -49.87 11.14 -1.52
CA VAL J 23 -51.02 11.04 -2.43
C VAL J 23 -51.43 12.41 -2.98
N HIS J 24 -51.27 12.61 -4.30
CA HIS J 24 -51.55 13.89 -4.94
C HIS J 24 -52.90 13.93 -5.68
N ARG J 25 -53.83 14.72 -5.19
CA ARG J 25 -55.04 15.01 -5.92
C ARG J 25 -54.68 16.14 -6.85
N MET J 26 -55.15 16.06 -8.08
CA MET J 26 -54.94 17.11 -9.06
C MET J 26 -56.25 17.14 -9.80
N PRO J 27 -56.51 18.19 -10.59
CA PRO J 27 -57.79 18.10 -11.31
C PRO J 27 -57.74 16.95 -12.32
N LYS J 28 -58.88 16.31 -12.54
CA LYS J 28 -58.99 15.22 -13.51
C LYS J 28 -58.18 13.95 -13.16
N GLY J 29 -57.61 13.89 -11.97
CA GLY J 29 -56.87 12.70 -11.57
C GLY J 29 -56.27 12.73 -10.18
N VAL J 30 -55.74 11.59 -9.76
CA VAL J 30 -55.02 11.45 -8.47
C VAL J 30 -53.78 10.64 -8.65
N VAL J 31 -52.67 11.06 -8.06
CA VAL J 31 -51.44 10.30 -8.21
C VAL J 31 -50.92 9.85 -6.84
N LEU J 32 -50.80 8.55 -6.64
CA LEU J 32 -50.27 8.00 -5.40
C LEU J 32 -48.82 7.67 -5.60
N VAL J 33 -47.97 8.07 -4.67
CA VAL J 33 -46.58 7.70 -4.76
C VAL J 33 -46.19 6.82 -3.57
N GLY J 34 -45.35 5.83 -3.79
CA GLY J 34 -44.89 5.01 -2.68
C GLY J 34 -44.75 3.56 -3.09
N LYS J 35 -44.36 2.70 -2.16
CA LYS J 35 -44.22 1.27 -2.46
C LYS J 35 -45.54 0.72 -3.03
N ALA J 36 -45.46 -0.32 -3.84
CA ALA J 36 -46.64 -0.86 -4.51
C ALA J 36 -47.77 -1.22 -3.54
N TRP J 37 -47.41 -1.94 -2.49
CA TRP J 37 -48.34 -2.37 -1.47
C TRP J 37 -48.95 -1.17 -0.73
N GLU J 38 -48.14 -0.14 -0.51
CA GLU J 38 -48.60 1.08 0.15
C GLU J 38 -49.76 1.70 -0.61
N ILE J 39 -49.68 1.62 -1.93
CA ILE J 39 -50.67 2.18 -2.80
C ILE J 39 -51.89 1.29 -2.82
N ARG J 40 -51.69 -0.01 -3.04
CA ARG J 40 -52.79 -0.97 -3.13
C ARG J 40 -53.72 -0.80 -1.95
N ALA J 41 -53.09 -0.60 -0.80
CA ALA J 41 -53.76 -0.41 0.47
C ALA J 41 -54.47 0.92 0.55
N LYS J 42 -53.78 1.98 0.10
CA LYS J 42 -54.36 3.32 0.06
C LYS J 42 -55.54 3.34 -0.88
N LEU J 43 -55.43 2.57 -1.94
CA LEU J 43 -56.52 2.51 -2.92
C LEU J 43 -57.75 1.83 -2.32
N LYS J 44 -57.51 0.77 -1.54
CA LYS J 44 -58.59 0.06 -0.83
C LYS J 44 -59.26 1.01 0.17
N GLU J 45 -58.47 1.80 0.88
CA GLU J 45 -58.99 2.78 1.82
C GLU J 45 -59.87 3.75 1.08
N TYR J 46 -59.36 4.23 -0.03
CA TYR J 46 -60.13 5.11 -0.90
C TYR J 46 -61.25 4.32 -1.56
N GLY J 47 -61.08 3.00 -1.69
CA GLY J 47 -62.12 2.13 -2.20
C GLY J 47 -63.32 2.02 -1.26
N ARG J 48 -63.09 2.28 0.01
CA ARG J 48 -64.17 2.29 0.98
C ARG J 48 -64.83 3.67 1.04
N THR J 49 -64.09 4.74 0.77
CA THR J 49 -64.67 6.08 0.90
C THR J 49 -65.10 6.78 -0.40
N PHE J 50 -64.60 6.34 -1.56
CA PHE J 50 -65.03 6.90 -2.84
C PHE J 50 -65.46 5.82 -3.81
N GLN J 51 -66.63 6.01 -4.41
CA GLN J 51 -67.16 4.99 -5.30
C GLN J 51 -66.43 5.14 -6.62
N TYR J 52 -66.45 6.38 -7.11
CA TYR J 52 -65.84 6.71 -8.39
C TYR J 52 -64.73 7.74 -8.18
N VAL J 53 -63.71 7.64 -9.02
CA VAL J 53 -62.60 8.56 -8.98
C VAL J 53 -63.12 9.95 -9.30
N LYS J 54 -64.25 10.05 -9.99
CA LYS J 54 -64.86 11.36 -10.26
C LYS J 54 -65.15 12.07 -8.95
N ASP J 55 -65.79 11.36 -8.04
CA ASP J 55 -66.22 11.91 -6.76
C ASP J 55 -65.01 12.15 -5.90
N TRP J 56 -63.98 11.33 -6.12
CA TRP J 56 -62.74 11.40 -5.36
C TRP J 56 -62.09 12.76 -5.43
N ILE J 57 -62.00 13.30 -6.63
CA ILE J 57 -61.40 14.62 -6.82
C ILE J 57 -62.37 15.79 -6.70
N VAL K 30 -11.11 -44.87 -36.26
CA VAL K 30 -11.92 -44.24 -35.23
C VAL K 30 -11.14 -43.17 -34.46
N VAL K 31 -11.69 -42.79 -33.31
CA VAL K 31 -11.12 -41.74 -32.48
C VAL K 31 -10.79 -42.27 -31.08
N LEU K 32 -9.58 -41.94 -30.62
CA LEU K 32 -9.10 -42.31 -29.28
C LEU K 32 -9.09 -41.11 -28.31
N VAL K 33 -9.64 -41.32 -27.11
CA VAL K 33 -9.75 -40.27 -26.10
C VAL K 33 -9.02 -40.67 -24.80
N ALA K 36 -3.46 -38.73 -22.70
CA ALA K 36 -2.72 -38.12 -23.81
C ALA K 36 -1.65 -39.08 -24.33
N TRP K 37 -1.03 -39.78 -23.39
CA TRP K 37 -0.07 -40.83 -23.69
C TRP K 37 -0.87 -42.12 -23.73
N GLU K 38 -2.02 -42.07 -23.07
CA GLU K 38 -2.89 -43.24 -22.98
C GLU K 38 -3.29 -43.63 -24.38
N ILE K 39 -3.42 -42.61 -25.24
CA ILE K 39 -3.71 -42.80 -26.65
C ILE K 39 -2.42 -43.21 -27.37
N ARG K 40 -1.32 -42.50 -27.10
CA ARG K 40 -0.04 -42.75 -27.78
C ARG K 40 0.39 -44.21 -27.65
N ALA K 41 -0.02 -44.82 -26.53
CA ALA K 41 0.28 -46.20 -26.22
C ALA K 41 -0.75 -47.20 -26.77
N LYS K 42 -2.03 -46.86 -26.67
CA LYS K 42 -3.06 -47.72 -27.24
C LYS K 42 -2.85 -47.88 -28.76
N LEU K 43 -2.19 -46.89 -29.37
CA LEU K 43 -1.86 -46.99 -30.79
C LEU K 43 -0.92 -48.15 -31.05
N LYS K 44 0.20 -48.20 -30.31
CA LYS K 44 1.15 -49.31 -30.49
C LYS K 44 0.52 -50.63 -30.10
N GLU K 45 -0.16 -50.65 -28.95
CA GLU K 45 -0.75 -51.87 -28.39
C GLU K 45 -1.86 -52.43 -29.32
N TYR K 46 -2.19 -51.67 -30.36
CA TYR K 46 -3.18 -52.10 -31.35
C TYR K 46 -2.55 -52.48 -32.69
N GLY L 29 24.98 26.90 2.17
CA GLY L 29 23.95 26.60 1.19
C GLY L 29 23.59 27.79 0.32
N VAL L 30 22.70 27.59 -0.67
CA VAL L 30 22.23 28.70 -1.52
C VAL L 30 20.72 28.84 -1.52
N VAL L 31 20.27 30.09 -1.65
CA VAL L 31 18.84 30.44 -1.61
C VAL L 31 18.42 31.27 -2.82
N LEU L 32 17.35 30.83 -3.49
CA LEU L 32 16.77 31.56 -4.63
C LEU L 32 15.53 32.35 -4.29
N VAL L 33 15.46 33.59 -4.77
CA VAL L 33 14.28 34.44 -4.63
C VAL L 33 13.71 34.81 -6.01
N GLY L 34 12.39 34.81 -6.11
CA GLY L 34 11.71 35.20 -7.34
C GLY L 34 10.46 34.37 -7.50
N LYS L 35 9.68 34.63 -8.55
CA LYS L 35 8.47 33.83 -8.75
C LYS L 35 8.86 32.35 -8.83
N ALA L 36 7.93 31.46 -8.49
CA ALA L 36 8.21 30.02 -8.38
C ALA L 36 8.87 29.41 -9.61
N TRP L 37 8.37 29.78 -10.79
CA TRP L 37 8.94 29.25 -12.01
C TRP L 37 10.38 29.68 -12.21
N GLU L 38 10.69 30.94 -11.94
CA GLU L 38 12.07 31.41 -12.12
C GLU L 38 12.99 30.51 -11.33
N ILE L 39 12.48 30.06 -10.19
CA ILE L 39 13.25 29.21 -9.31
C ILE L 39 13.32 27.79 -9.84
N ARG L 40 12.16 27.20 -10.11
CA ARG L 40 12.07 25.81 -10.60
C ARG L 40 12.97 25.64 -11.83
N ALA L 41 13.01 26.71 -12.61
CA ALA L 41 13.84 26.80 -13.81
C ALA L 41 15.32 26.95 -13.53
N LYS L 42 15.68 27.82 -12.59
CA LYS L 42 17.09 28.03 -12.20
C LYS L 42 17.69 26.75 -11.60
N LEU L 43 16.85 25.96 -10.96
CA LEU L 43 17.24 24.69 -10.39
C LEU L 43 17.56 23.65 -11.45
N LYS L 44 16.76 23.61 -12.52
CA LYS L 44 17.06 22.70 -13.63
C LYS L 44 18.40 23.09 -14.24
N GLU L 45 18.61 24.39 -14.40
CA GLU L 45 19.83 24.94 -15.01
C GLU L 45 21.10 24.57 -14.27
N TYR L 46 21.11 24.83 -12.97
CA TYR L 46 22.24 24.44 -12.16
C TYR L 46 22.25 22.92 -12.04
N GLY L 47 21.07 22.33 -12.24
CA GLY L 47 20.94 20.88 -12.24
C GLY L 47 21.70 20.29 -13.42
N ARG L 48 21.91 21.11 -14.45
CA ARG L 48 22.71 20.73 -15.62
C ARG L 48 24.21 21.01 -15.41
N THR L 49 24.53 22.02 -14.61
CA THR L 49 25.92 22.43 -14.40
C THR L 49 26.51 21.96 -13.07
N PHE L 50 25.64 21.58 -12.14
CA PHE L 50 26.05 21.06 -10.81
C PHE L 50 25.34 19.76 -10.44
N GLN L 51 26.08 18.77 -9.94
CA GLN L 51 25.44 17.53 -9.53
C GLN L 51 24.85 17.70 -8.14
N TYR L 52 25.67 18.23 -7.23
CA TYR L 52 25.29 18.41 -5.83
C TYR L 52 25.33 19.88 -5.38
N VAL L 53 24.53 20.19 -4.37
CA VAL L 53 24.46 21.56 -3.85
C VAL L 53 25.79 21.95 -3.26
N LYS L 54 26.55 20.95 -2.82
CA LYS L 54 27.90 21.18 -2.33
C LYS L 54 28.72 21.87 -3.41
N ASP L 55 28.61 21.36 -4.63
CA ASP L 55 29.36 21.90 -5.74
C ASP L 55 28.80 23.24 -6.16
N TRP L 56 27.49 23.39 -6.02
CA TRP L 56 26.77 24.59 -6.43
C TRP L 56 27.21 25.86 -5.70
N ILE L 57 27.34 25.79 -4.39
CA ILE L 57 27.78 26.96 -3.64
C ILE L 57 29.32 27.06 -3.71
N SER L 58 29.80 27.41 -4.91
CA SER L 58 31.23 27.66 -5.14
C SER L 58 31.47 28.42 -6.47
N VAL M 30 6.93 -58.41 -11.21
CA VAL M 30 6.17 -57.36 -11.86
C VAL M 30 6.98 -56.09 -12.18
N VAL M 31 7.89 -56.17 -13.14
CA VAL M 31 8.69 -54.99 -13.46
C VAL M 31 8.61 -54.66 -14.97
N LEU M 32 8.13 -53.46 -15.29
CA LEU M 32 7.95 -52.98 -16.66
C LEU M 32 9.17 -52.20 -17.10
N VAL M 33 9.57 -52.33 -18.36
CA VAL M 33 10.70 -51.54 -18.82
C VAL M 33 10.19 -50.54 -19.87
N ALA M 36 8.61 -45.25 -21.02
CA ALA M 36 8.27 -44.55 -19.77
C ALA M 36 6.80 -44.17 -19.71
N TRP M 37 6.33 -43.50 -20.76
CA TRP M 37 4.90 -43.22 -20.96
C TRP M 37 4.24 -44.54 -21.27
N GLU M 38 4.99 -45.37 -22.00
CA GLU M 38 4.62 -46.74 -22.28
C GLU M 38 4.41 -47.44 -20.95
N ILE M 39 5.19 -47.04 -19.95
CA ILE M 39 5.05 -47.64 -18.63
C ILE M 39 3.73 -47.17 -18.00
N ARG M 40 3.49 -45.86 -17.97
CA ARG M 40 2.26 -45.32 -17.36
C ARG M 40 1.00 -45.94 -17.96
N ALA M 41 1.01 -46.13 -19.28
CA ALA M 41 -0.13 -46.65 -20.02
C ALA M 41 -0.41 -48.11 -19.74
N LYS M 42 0.67 -48.90 -19.74
CA LYS M 42 0.61 -50.33 -19.43
C LYS M 42 0.14 -50.51 -17.99
N LEU M 43 0.49 -49.54 -17.15
CA LEU M 43 0.11 -49.55 -15.74
C LEU M 43 -1.39 -49.40 -15.61
N LYS M 44 -1.98 -48.55 -16.45
CA LYS M 44 -3.42 -48.38 -16.43
C LYS M 44 -4.16 -49.67 -16.83
N GLU M 45 -3.69 -50.32 -17.91
CA GLU M 45 -4.33 -51.54 -18.44
C GLU M 45 -4.36 -52.72 -17.46
N TYR M 46 -3.21 -53.07 -16.92
CA TYR M 46 -3.12 -54.12 -15.93
C TYR M 46 -3.80 -53.63 -14.66
N GLY M 47 -3.91 -52.31 -14.55
CA GLY M 47 -4.67 -51.63 -13.51
C GLY M 47 -6.19 -51.76 -13.57
N ARG M 48 -6.72 -52.05 -14.76
CA ARG M 48 -8.16 -52.28 -14.95
C ARG M 48 -8.51 -53.75 -14.69
N THR M 49 -7.59 -54.65 -15.02
CA THR M 49 -7.87 -56.08 -14.94
C THR M 49 -7.37 -56.77 -13.66
N PHE M 50 -6.48 -56.12 -12.90
CA PHE M 50 -5.94 -56.70 -11.67
C PHE M 50 -6.03 -55.77 -10.45
N TYR M 52 -5.03 -55.73 -7.39
CA TYR M 52 -3.82 -55.72 -6.58
C TYR M 52 -2.68 -56.40 -7.34
N VAL M 53 -1.44 -56.00 -7.06
CA VAL M 53 -0.26 -56.58 -7.70
C VAL M 53 -0.05 -58.01 -7.30
N LYS M 54 -0.64 -58.41 -6.17
CA LYS M 54 -0.60 -59.80 -5.76
C LYS M 54 -1.16 -60.66 -6.90
N ASP M 55 -2.29 -60.23 -7.45
CA ASP M 55 -2.98 -60.97 -8.49
C ASP M 55 -2.28 -60.94 -9.85
N TRP M 56 -1.69 -59.79 -10.20
CA TRP M 56 -0.99 -59.59 -11.48
C TRP M 56 0.21 -60.53 -11.66
N ILE M 57 0.99 -60.72 -10.59
CA ILE M 57 2.14 -61.62 -10.61
C ILE M 57 1.75 -63.06 -10.25
N GLY N 29 -49.91 16.05 10.04
CA GLY N 29 -50.29 17.37 9.61
C GLY N 29 -50.41 17.56 8.10
N VAL N 30 -50.85 18.76 7.70
CA VAL N 30 -50.95 19.19 6.30
C VAL N 30 -50.29 20.57 6.13
N VAL N 31 -49.32 20.67 5.22
CA VAL N 31 -48.56 21.90 5.03
C VAL N 31 -48.46 22.26 3.54
N LEU N 32 -48.98 23.44 3.16
CA LEU N 32 -48.84 23.99 1.80
C LEU N 32 -47.97 25.26 1.78
N VAL N 33 -47.09 25.38 0.80
CA VAL N 33 -46.22 26.56 0.70
C VAL N 33 -46.93 27.60 -0.15
N ALA N 36 -48.98 33.11 -1.13
CA ALA N 36 -49.45 33.65 0.16
C ALA N 36 -50.95 33.84 0.17
N TRP N 37 -51.44 34.51 -0.87
CA TRP N 37 -52.84 34.53 -1.17
C TRP N 37 -53.20 33.15 -1.74
N GLU N 38 -52.26 32.56 -2.50
CA GLU N 38 -52.43 31.21 -3.12
C GLU N 38 -52.69 30.21 -2.01
N ILE N 39 -52.13 30.49 -0.83
CA ILE N 39 -52.35 29.68 0.35
C ILE N 39 -53.76 29.95 0.87
N ARG N 40 -54.10 31.21 1.10
CA ARG N 40 -55.42 31.62 1.63
C ARG N 40 -56.57 31.02 0.82
N ALA N 41 -56.36 30.99 -0.50
CA ALA N 41 -57.32 30.48 -1.46
C ALA N 41 -57.48 28.97 -1.36
N LYS N 42 -56.35 28.28 -1.23
CA LYS N 42 -56.34 26.83 -1.04
C LYS N 42 -57.02 26.51 0.29
N LEU N 43 -56.86 27.41 1.26
CA LEU N 43 -57.49 27.25 2.55
C LEU N 43 -58.99 27.47 2.48
N LYS N 44 -59.41 28.44 1.68
CA LYS N 44 -60.84 28.64 1.45
C LYS N 44 -61.43 27.45 0.67
N GLU N 45 -60.74 27.03 -0.38
CA GLU N 45 -61.15 25.92 -1.25
C GLU N 45 -61.28 24.61 -0.46
N TYR N 46 -60.23 24.29 0.29
CA TYR N 46 -60.27 23.15 1.19
C TYR N 46 -61.23 23.43 2.34
N GLY N 47 -61.51 24.71 2.61
CA GLY N 47 -62.47 25.09 3.62
C GLY N 47 -63.88 24.70 3.26
N ARG N 48 -64.13 24.54 1.96
CA ARG N 48 -65.42 24.08 1.46
C ARG N 48 -65.54 22.56 1.36
N THR N 49 -64.43 21.88 1.07
CA THR N 49 -64.48 20.43 0.85
C THR N 49 -64.08 19.60 2.09
N PHE N 50 -63.47 20.28 3.06
CA PHE N 50 -63.10 19.70 4.35
C PHE N 50 -63.62 20.56 5.51
N GLN N 51 -64.20 19.91 6.50
CA GLN N 51 -64.65 20.62 7.69
C GLN N 51 -63.44 20.77 8.60
N TYR N 52 -62.74 19.67 8.82
CA TYR N 52 -61.61 19.63 9.74
C TYR N 52 -60.29 19.20 9.10
N VAL N 53 -59.19 19.73 9.62
CA VAL N 53 -57.87 19.43 9.07
C VAL N 53 -57.54 17.94 9.22
N LYS N 54 -58.13 17.30 10.23
CA LYS N 54 -57.93 15.87 10.43
C LYS N 54 -58.36 15.07 9.20
N ASP N 55 -59.54 15.39 8.65
CA ASP N 55 -60.05 14.64 7.52
C ASP N 55 -59.18 14.98 6.33
N TRP N 56 -58.72 16.23 6.32
CA TRP N 56 -57.83 16.75 5.31
C TRP N 56 -56.48 16.02 5.24
N ILE N 57 -55.88 15.76 6.41
CA ILE N 57 -54.58 15.09 6.45
C ILE N 57 -54.72 13.56 6.35
N GLY O 29 38.27 11.37 2.28
CA GLY O 29 38.60 11.48 0.85
C GLY O 29 37.50 11.58 -0.23
N VAL O 30 37.90 11.79 -1.50
CA VAL O 30 36.96 11.88 -2.64
C VAL O 30 37.30 10.98 -3.84
N VAL O 31 36.27 10.54 -4.56
CA VAL O 31 36.45 9.61 -5.67
C VAL O 31 35.74 10.03 -6.95
N LEU O 32 36.48 10.17 -8.05
CA LEU O 32 35.84 10.49 -9.34
C LEU O 32 35.66 9.28 -10.27
N VAL O 33 34.48 9.19 -10.88
CA VAL O 33 34.20 8.15 -11.84
C VAL O 33 34.01 8.76 -13.22
N GLY O 34 34.57 8.12 -14.24
CA GLY O 34 34.43 8.58 -15.62
C GLY O 34 35.69 8.28 -16.42
N LYS O 35 35.68 8.58 -17.72
CA LYS O 35 36.85 8.32 -18.54
C LYS O 35 38.09 9.02 -17.95
N ALA O 36 39.26 8.46 -18.21
CA ALA O 36 40.52 8.94 -17.64
C ALA O 36 40.70 10.44 -17.85
N TRP O 37 40.38 10.90 -19.06
CA TRP O 37 40.46 12.32 -19.40
C TRP O 37 39.45 13.20 -18.67
N GLU O 38 38.23 12.72 -18.50
CA GLU O 38 37.23 13.50 -17.78
C GLU O 38 37.79 13.82 -16.43
N ILE O 39 38.49 12.83 -15.88
CA ILE O 39 39.03 12.95 -14.54
C ILE O 39 40.20 13.90 -14.49
N ARG O 40 41.22 13.69 -15.32
CA ARG O 40 42.39 14.57 -15.30
C ARG O 40 41.97 16.02 -15.37
N ALA O 41 40.94 16.29 -16.16
CA ALA O 41 40.47 17.65 -16.30
C ALA O 41 39.84 18.11 -14.99
N LYS O 42 39.00 17.26 -14.41
CA LYS O 42 38.33 17.61 -13.15
C LYS O 42 39.39 17.78 -12.06
N LEU O 43 40.47 17.02 -12.18
CA LEU O 43 41.59 17.17 -11.28
C LEU O 43 42.31 18.48 -11.58
N LYS O 44 42.48 18.79 -12.86
CA LYS O 44 43.10 20.05 -13.24
C LYS O 44 42.22 21.18 -12.75
N GLU O 45 40.91 21.04 -12.95
CA GLU O 45 39.97 22.05 -12.51
C GLU O 45 39.95 22.25 -11.00
N TYR O 46 39.83 21.17 -10.23
CA TYR O 46 39.80 21.30 -8.76
C TYR O 46 41.15 21.73 -8.15
N GLY O 47 42.26 21.38 -8.79
CA GLY O 47 43.57 21.84 -8.38
C GLY O 47 43.78 23.33 -8.61
N ARG O 48 43.00 23.89 -9.53
CA ARG O 48 43.08 25.30 -9.85
C ARG O 48 42.28 26.12 -8.86
N THR O 49 41.64 25.44 -7.92
CA THR O 49 40.82 26.11 -6.93
C THR O 49 41.00 25.56 -5.49
N PHE O 50 41.67 24.40 -5.37
CA PHE O 50 42.02 23.81 -4.07
C PHE O 50 43.50 23.45 -3.98
N GLN O 51 44.16 23.85 -2.90
CA GLN O 51 45.58 23.56 -2.74
C GLN O 51 45.74 22.14 -2.24
N TYR O 52 45.01 21.80 -1.17
CA TYR O 52 45.08 20.48 -0.58
C TYR O 52 43.71 19.81 -0.66
N VAL O 53 43.69 18.48 -0.74
CA VAL O 53 42.43 17.74 -0.76
C VAL O 53 41.65 17.90 0.55
N LYS O 54 42.39 18.20 1.61
CA LYS O 54 41.81 18.46 2.93
C LYS O 54 40.76 19.57 2.79
N ASP O 55 41.12 20.61 2.04
CA ASP O 55 40.22 21.74 1.83
C ASP O 55 39.09 21.31 0.88
N TRP O 56 39.42 20.41 -0.03
CA TRP O 56 38.46 19.91 -1.00
C TRP O 56 37.28 19.19 -0.33
N VAL P 30 13.86 31.92 -33.47
CA VAL P 30 14.09 31.68 -32.04
C VAL P 30 13.07 30.72 -31.44
N VAL P 31 13.44 29.47 -31.19
CA VAL P 31 12.44 28.53 -30.67
C VAL P 31 12.85 27.85 -29.36
N LEU P 32 12.11 28.11 -28.27
CA LEU P 32 12.40 27.45 -26.99
C LEU P 32 11.51 26.22 -26.73
N VAL P 33 11.92 25.32 -25.85
CA VAL P 33 11.08 24.18 -25.49
C VAL P 33 11.13 23.81 -24.01
N GLY P 34 10.62 22.63 -23.69
CA GLY P 34 10.60 22.15 -22.31
C GLY P 34 9.26 22.46 -21.68
N LYS P 35 9.25 22.71 -20.36
CA LYS P 35 8.01 23.11 -19.68
C LYS P 35 7.78 24.62 -19.82
N ALA P 36 6.53 25.05 -19.70
CA ALA P 36 6.19 26.45 -19.95
C ALA P 36 6.95 27.40 -19.02
N TRP P 37 7.21 26.95 -17.79
CA TRP P 37 7.95 27.77 -16.83
C TRP P 37 9.36 28.02 -17.32
N GLU P 38 10.04 26.92 -17.64
CA GLU P 38 11.36 26.94 -18.24
C GLU P 38 11.45 28.00 -19.35
N ILE P 39 10.41 28.08 -20.17
CA ILE P 39 10.39 29.07 -21.22
C ILE P 39 10.17 30.49 -20.70
N ARG P 40 9.23 30.66 -19.76
CA ARG P 40 8.98 31.98 -19.19
C ARG P 40 10.24 32.49 -18.52
N ALA P 41 11.01 31.56 -17.99
CA ALA P 41 12.28 31.87 -17.37
C ALA P 41 13.27 32.40 -18.41
N LYS P 42 13.59 31.57 -19.40
CA LYS P 42 14.58 31.94 -20.42
C LYS P 42 14.16 33.23 -21.10
N LEU P 43 12.85 33.49 -21.07
CA LEU P 43 12.29 34.65 -21.74
C LEU P 43 12.40 35.86 -20.84
N LYS P 44 12.67 35.64 -19.54
CA LYS P 44 13.05 36.74 -18.64
C LYS P 44 14.55 36.97 -18.73
N GLU P 45 15.32 35.89 -18.78
CA GLU P 45 16.76 35.96 -18.89
C GLU P 45 17.17 36.70 -20.16
N TYR P 46 16.64 36.25 -21.30
CA TYR P 46 16.85 36.90 -22.59
C TYR P 46 16.14 38.24 -22.62
N GLY P 47 14.99 38.28 -21.94
CA GLY P 47 14.16 39.48 -21.85
C GLY P 47 14.83 40.59 -21.06
N ARG P 48 15.88 40.23 -20.34
CA ARG P 48 16.73 41.20 -19.67
C ARG P 48 17.73 41.74 -20.68
N THR P 49 18.51 40.83 -21.26
CA THR P 49 19.63 41.21 -22.12
C THR P 49 19.26 42.03 -23.39
N PHE P 50 18.25 41.58 -24.16
CA PHE P 50 17.76 42.33 -25.34
C PHE P 50 16.37 42.89 -25.15
N LYS Q 28 50.19 -4.31 42.31
CA LYS Q 28 48.73 -4.46 42.20
C LYS Q 28 48.17 -5.56 43.12
N GLY Q 29 49.07 -6.13 43.92
CA GLY Q 29 48.69 -7.21 44.82
C GLY Q 29 49.83 -7.64 45.73
N VAL Q 30 49.51 -8.52 46.66
CA VAL Q 30 50.46 -8.99 47.67
C VAL Q 30 50.51 -10.51 47.73
N VAL Q 31 51.71 -11.07 47.64
CA VAL Q 31 51.85 -12.50 47.62
C VAL Q 31 52.80 -12.95 48.70
N LEU Q 32 52.31 -13.73 49.67
CA LEU Q 32 53.17 -14.31 50.74
C LEU Q 32 53.45 -15.83 50.60
N VAL Q 33 54.69 -16.22 50.84
CA VAL Q 33 55.06 -17.63 50.72
C VAL Q 33 55.35 -18.24 52.08
N GLY Q 34 55.00 -19.50 52.25
CA GLY Q 34 55.31 -20.23 53.48
C GLY Q 34 54.23 -21.23 53.78
N LYS Q 35 54.39 -22.02 54.84
CA LYS Q 35 53.39 -23.03 55.16
C LYS Q 35 52.01 -22.38 55.26
N ALA Q 36 50.99 -23.20 55.07
CA ALA Q 36 49.62 -22.71 55.10
C ALA Q 36 49.30 -21.96 56.40
N TRP Q 37 49.63 -22.58 57.54
CA TRP Q 37 49.37 -21.96 58.83
C TRP Q 37 50.14 -20.67 59.01
N GLU Q 38 51.39 -20.68 58.58
CA GLU Q 38 52.24 -19.49 58.62
C GLU Q 38 51.56 -18.39 57.81
N ILE Q 39 50.89 -18.79 56.73
CA ILE Q 39 50.20 -17.83 55.88
C ILE Q 39 48.89 -17.34 56.48
N ARG Q 40 48.02 -18.27 56.86
CA ARG Q 40 46.71 -17.93 57.40
C ARG Q 40 46.87 -16.95 58.56
N ALA Q 41 47.96 -17.12 59.32
CA ALA Q 41 48.27 -16.27 60.47
C ALA Q 41 48.65 -14.84 60.05
N LYS Q 42 49.48 -14.70 59.01
CA LYS Q 42 49.87 -13.38 58.50
C LYS Q 42 48.64 -12.62 58.00
N LEU Q 43 47.67 -13.36 57.49
CA LEU Q 43 46.41 -12.83 56.98
C LEU Q 43 45.49 -12.25 58.07
N LYS Q 44 45.57 -12.80 59.28
CA LYS Q 44 44.80 -12.27 60.43
C LYS Q 44 45.22 -10.82 60.69
N GLU Q 45 46.53 -10.55 60.57
CA GLU Q 45 47.07 -9.20 60.73
C GLU Q 45 46.46 -8.14 59.77
N PHE Q 50 43.57 -4.41 58.34
CA PHE Q 50 43.01 -3.97 57.05
C PHE Q 50 41.64 -4.58 56.77
N GLN Q 51 40.70 -3.76 56.30
CA GLN Q 51 39.39 -4.26 55.95
C GLN Q 51 39.48 -4.89 54.56
N TYR Q 52 40.07 -4.15 53.62
CA TYR Q 52 40.22 -4.58 52.24
C TYR Q 52 41.70 -4.66 51.78
N VAL Q 53 41.99 -5.52 50.79
CA VAL Q 53 43.37 -5.71 50.28
C VAL Q 53 43.96 -4.52 49.52
N LYS Q 54 43.08 -3.72 48.91
CA LYS Q 54 43.50 -2.49 48.24
C LYS Q 54 44.27 -1.64 49.25
N ASP Q 55 43.74 -1.61 50.48
CA ASP Q 55 44.40 -0.93 51.59
C ASP Q 55 45.58 -1.76 52.08
N TRP Q 56 45.48 -3.09 52.01
CA TRP Q 56 46.57 -3.97 52.44
C TRP Q 56 47.80 -3.64 51.59
N ILE Q 57 47.59 -3.45 50.30
CA ILE Q 57 48.68 -2.96 49.46
C ILE Q 57 48.69 -1.41 49.53
N SER Q 58 48.91 -0.87 50.73
CA SER Q 58 49.05 0.58 50.98
C SER Q 58 49.68 0.85 52.36
N VAL R 30 -35.02 -5.96 54.27
CA VAL R 30 -35.27 -5.07 55.40
C VAL R 30 -33.95 -4.58 56.01
N VAL R 31 -34.04 -3.96 57.18
CA VAL R 31 -32.86 -3.43 57.84
C VAL R 31 -32.65 -4.02 59.22
N LEU R 32 -31.46 -4.59 59.41
CA LEU R 32 -31.02 -5.12 60.70
C LEU R 32 -29.98 -4.10 61.22
N VAL R 33 -30.12 -3.66 62.46
CA VAL R 33 -29.24 -2.60 62.96
C VAL R 33 -28.47 -2.94 64.25
N GLY R 34 -27.29 -2.33 64.42
CA GLY R 34 -26.46 -2.53 65.59
C GLY R 34 -25.38 -3.59 65.39
N LYS R 35 -24.32 -3.49 66.20
CA LYS R 35 -23.10 -4.35 66.20
C LYS R 35 -22.98 -5.55 65.22
N ALA R 36 -21.78 -5.73 64.68
CA ALA R 36 -21.53 -6.67 63.58
C ALA R 36 -22.10 -8.08 63.79
N TRP R 37 -22.03 -8.57 65.02
CA TRP R 37 -22.46 -9.94 65.31
C TRP R 37 -23.95 -10.02 65.60
N GLU R 38 -24.51 -8.93 66.13
CA GLU R 38 -25.94 -8.89 66.41
C GLU R 38 -26.64 -9.02 65.05
N ILE R 39 -25.99 -8.50 64.02
CA ILE R 39 -26.53 -8.55 62.65
C ILE R 39 -26.38 -9.90 61.95
N ARG R 40 -25.20 -10.51 62.03
CA ARG R 40 -24.98 -11.79 61.36
C ARG R 40 -25.91 -12.88 61.86
N ALA R 41 -26.34 -12.77 63.12
CA ALA R 41 -27.10 -13.82 63.77
C ALA R 41 -28.57 -13.85 63.38
N LYS R 42 -29.22 -12.69 63.38
CA LYS R 42 -30.57 -12.60 62.82
C LYS R 42 -30.48 -12.90 61.31
N LEU R 43 -29.32 -12.61 60.71
CA LEU R 43 -29.10 -12.96 59.30
C LEU R 43 -29.15 -14.46 59.10
N LYS R 44 -28.39 -15.19 59.92
CA LYS R 44 -28.38 -16.64 59.90
C LYS R 44 -29.73 -17.21 60.34
N GLU R 45 -30.28 -16.63 61.41
CA GLU R 45 -31.51 -17.10 62.03
C GLU R 45 -32.74 -17.04 61.10
N TYR R 46 -32.59 -16.36 59.96
CA TYR R 46 -33.68 -16.20 59.01
C TYR R 46 -33.54 -17.08 57.75
N GLY R 47 -32.45 -17.82 57.64
CA GLY R 47 -32.22 -18.70 56.50
C GLY R 47 -32.54 -20.15 56.81
P PO4 S . -36.35 12.56 -38.78
O1 PO4 S . -36.25 11.93 -40.15
O2 PO4 S . -36.91 13.95 -38.87
O3 PO4 S . -37.19 11.69 -37.87
O4 PO4 S . -34.94 12.68 -38.25
P PO4 T . -31.75 -0.46 -46.24
O1 PO4 T . -32.98 -0.60 -47.10
O2 PO4 T . -30.57 0.01 -47.06
O3 PO4 T . -32.03 0.55 -45.14
O4 PO4 T . -31.43 -1.80 -45.65
P PO4 U . -20.81 -11.45 -44.47
O1 PO4 U . -21.41 -10.07 -44.65
O2 PO4 U . -21.45 -12.45 -45.40
O3 PO4 U . -21.07 -11.93 -43.06
O4 PO4 U . -19.34 -11.31 -44.77
P PO4 V . -8.16 0.71 -45.30
O1 PO4 V . -8.45 -0.01 -46.59
O2 PO4 V . -9.19 1.81 -45.12
O3 PO4 V . -6.79 1.34 -45.38
O4 PO4 V . -8.22 -0.28 -44.17
P PO4 W . 5.71 30.90 29.79
O1 PO4 W . 5.52 30.48 28.34
O2 PO4 W . 5.24 32.32 29.94
O3 PO4 W . 7.17 30.78 30.21
O4 PO4 W . 4.89 30.02 30.68
P PO4 X . -8.46 24.97 32.02
O1 PO4 X . -9.45 24.69 30.93
O2 PO4 X . -9.13 25.76 33.13
O3 PO4 X . -7.23 25.67 31.47
O4 PO4 X . -8.08 23.61 32.51
P PO4 Y . 36.16 -49.99 5.96
O1 PO4 Y . 35.21 -49.77 4.79
O2 PO4 Y . 35.59 -49.31 7.18
O3 PO4 Y . 37.52 -49.46 5.58
O4 PO4 Y . 36.33 -51.46 6.33
P PO4 Z . 39.69 -35.51 11.00
O1 PO4 Z . 39.05 -34.18 10.73
O2 PO4 Z . 38.77 -36.63 10.57
O3 PO4 Z . 41.04 -35.62 10.33
O4 PO4 Z . 39.81 -35.57 12.50
P PO4 AA . -23.30 27.97 27.57
O1 PO4 AA . -24.25 28.65 26.59
O2 PO4 AA . -21.97 27.76 26.92
O3 PO4 AA . -23.14 28.87 28.77
O4 PO4 AA . -23.85 26.65 28.08
P PO4 BA . 44.24 -21.48 5.03
O1 PO4 BA . 44.27 -20.51 3.88
O2 PO4 BA . 43.37 -22.66 4.69
O3 PO4 BA . 43.66 -20.80 6.25
O4 PO4 BA . 45.66 -21.95 5.31
P PO4 CA . -11.69 19.84 -52.70
O1 PO4 CA . -11.08 20.53 -53.91
O2 PO4 CA . -12.89 19.04 -53.15
O3 PO4 CA . -12.07 20.87 -51.66
O4 PO4 CA . -10.70 18.85 -52.11
P PO4 DA . -26.60 19.91 -48.86
O1 PO4 DA . -27.23 19.75 -50.21
O2 PO4 DA . -27.37 20.98 -48.11
O3 PO4 DA . -25.15 20.30 -49.01
O4 PO4 DA . -26.64 18.56 -48.17
P PO4 EA . 49.21 -25.91 17.03
O1 PO4 EA . 49.43 -26.73 15.76
O2 PO4 EA . 47.76 -25.86 17.45
O3 PO4 EA . 49.78 -24.55 16.71
O4 PO4 EA . 49.94 -26.46 18.23
P PO4 FA . 40.33 -38.26 14.43
O1 PO4 FA . 41.19 -38.13 13.20
O2 PO4 FA . 38.99 -37.59 14.27
O3 PO4 FA . 41.07 -37.60 15.57
O4 PO4 FA . 40.08 -39.72 14.66
P PO4 GA . -20.69 23.02 39.95
O1 PO4 GA . -21.76 23.89 39.35
O2 PO4 GA . -19.86 22.39 38.84
O3 PO4 GA . -19.87 23.93 40.82
O4 PO4 GA . -21.28 21.96 40.85
P PO4 HA . -5.95 23.65 35.35
O1 PO4 HA . -5.76 25.09 34.93
O2 PO4 HA . -7.25 23.43 36.11
O3 PO4 HA . -4.79 23.20 36.18
O4 PO4 HA . -5.88 22.78 34.14
#